data_1KFL
#
_entry.id   1KFL
#
_cell.length_a   290.097
_cell.length_b   90.097
_cell.length_c   155.798
_cell.angle_alpha   90.00
_cell.angle_beta   120.77
_cell.angle_gamma   90.00
#
_symmetry.space_group_name_H-M   'C 1 2 1'
#
loop_
_entity.id
_entity.type
_entity.pdbx_description
1 polymer '3-deoxy-D-arabino-heptulosonate-7-phosphate synthase'
2 non-polymer 'MANGANESE (II) ION'
3 non-polymer 'SULFATE ION'
4 non-polymer PHENYLALANINE
5 non-polymer PHOSPHOENOLPYRUVATE
#
_entity_poly.entity_id   1
_entity_poly.type   'polypeptide(L)'
_entity_poly.pdbx_seq_one_letter_code
;(MSE)NYQNDDLRIKEIKELLPPVALLEKFPATENAANTVAHARKAIHKILKGNDDRLLVVIGPCSIHDPVAAKEYATRL
LALREELKDELEIV(MSE)RVYFEKPRTTVGWKGLINDPH(MSE)DNSFQINDGLRIARKLLLDINDSGLPAAGEFLD
(MSE)ITPQYLADL(MSE)SWGAIGARTTESQVHRELASGLSCPVGFKNGTDGTIKVAIDAINAAGAPHCFLSVTKWGHS
AIVNTSGNGDCHIILRGGKEPNYSAKHVAEVKEGLNKAGLPAQV(MSE)IDFSHANSSKQFKKQ(MSE)DVCADVCQQIA
GGEKAIIGV(MSE)VESHLVEGNQSLESGEPLAYGKSITDACIGWEDTDALLRQLANAVKARRG
;
_entity_poly.pdbx_strand_id   A,B,C,D,E,F,G,H
#
# COMPACT_ATOMS: atom_id res chain seq x y z
N ASN A 2 26.43 -29.71 32.35
CA ASN A 2 26.62 -31.12 31.99
C ASN A 2 25.92 -32.08 32.96
N TYR A 3 25.04 -32.93 32.43
CA TYR A 3 24.33 -33.90 33.28
C TYR A 3 24.72 -35.33 32.98
N GLN A 4 24.65 -36.18 34.01
CA GLN A 4 25.00 -37.58 33.87
C GLN A 4 24.09 -38.26 32.87
N ASN A 5 24.64 -39.19 32.09
CA ASN A 5 23.86 -39.96 31.12
C ASN A 5 22.88 -39.13 30.31
N ASP A 6 23.27 -37.91 29.95
CA ASP A 6 22.36 -37.05 29.24
C ASP A 6 22.83 -36.68 27.86
N ASP A 7 21.85 -36.45 26.98
CA ASP A 7 22.09 -36.09 25.59
C ASP A 7 23.15 -36.87 24.82
N LEU A 8 23.33 -38.15 25.13
CA LEU A 8 24.32 -38.97 24.45
C LEU A 8 24.17 -39.09 22.93
N ARG A 9 22.95 -38.99 22.42
CA ARG A 9 22.78 -39.06 20.98
C ARG A 9 22.31 -37.75 20.41
N ILE A 10 22.72 -36.65 21.05
CA ILE A 10 22.34 -35.32 20.56
C ILE A 10 23.55 -34.61 19.91
N LYS A 11 23.47 -34.39 18.61
CA LYS A 11 24.56 -33.73 17.91
C LYS A 11 24.54 -32.31 18.36
N GLU A 12 23.35 -31.73 18.39
CA GLU A 12 23.23 -30.34 18.74
C GLU A 12 21.78 -29.95 19.02
N ILE A 13 21.59 -28.86 19.77
CA ILE A 13 20.26 -28.36 20.12
C ILE A 13 20.37 -26.86 20.34
N LYS A 14 19.58 -26.08 19.63
CA LYS A 14 19.66 -24.64 19.77
C LYS A 14 18.29 -23.98 19.93
N GLU A 15 18.27 -22.84 20.60
CA GLU A 15 17.04 -22.09 20.84
C GLU A 15 16.36 -21.78 19.51
N LEU A 16 15.04 -21.80 19.53
CA LEU A 16 14.24 -21.51 18.35
C LEU A 16 13.50 -20.21 18.69
N LEU A 17 13.46 -19.27 17.74
CA LEU A 17 12.73 -18.04 17.97
C LEU A 17 11.44 -18.37 18.73
N PRO A 18 11.10 -17.60 19.75
CA PRO A 18 9.86 -17.95 20.45
C PRO A 18 8.67 -17.55 19.56
N PRO A 19 7.52 -18.25 19.70
CA PRO A 19 6.37 -17.90 18.88
C PRO A 19 6.13 -16.40 18.86
N VAL A 20 6.10 -15.79 20.04
CA VAL A 20 5.84 -14.35 20.12
C VAL A 20 6.69 -13.51 19.16
N ALA A 21 7.90 -13.98 18.83
CA ALA A 21 8.75 -13.20 17.91
C ALA A 21 8.15 -13.23 16.50
N LEU A 22 7.68 -14.41 16.08
CA LEU A 22 7.07 -14.52 14.75
C LEU A 22 5.77 -13.72 14.71
N LEU A 23 4.97 -13.85 15.76
CA LEU A 23 3.69 -13.12 15.81
C LEU A 23 3.93 -11.62 15.84
N GLU A 24 5.00 -11.19 16.50
CA GLU A 24 5.29 -9.75 16.57
C GLU A 24 5.75 -9.24 15.23
N LYS A 25 6.66 -9.99 14.59
CA LYS A 25 7.14 -9.58 13.28
C LYS A 25 6.11 -9.70 12.18
N PHE A 26 5.29 -10.75 12.22
CA PHE A 26 4.27 -10.96 11.20
C PHE A 26 2.90 -11.09 11.83
N PRO A 27 2.33 -9.96 12.23
CA PRO A 27 1.01 -10.04 12.82
C PRO A 27 -0.02 -10.13 11.69
N ALA A 28 -1.15 -10.73 12.00
CA ALA A 28 -2.19 -10.87 11.02
C ALA A 28 -2.72 -9.51 10.66
N THR A 29 -2.80 -9.20 9.38
CA THR A 29 -3.40 -7.93 8.94
C THR A 29 -4.90 -8.13 9.17
N GLU A 30 -5.70 -7.08 8.99
CA GLU A 30 -7.13 -7.24 9.21
C GLU A 30 -7.69 -8.26 8.23
N ASN A 31 -7.34 -8.10 6.94
CA ASN A 31 -7.82 -9.03 5.92
C ASN A 31 -7.47 -10.47 6.29
N ALA A 32 -6.19 -10.73 6.54
CA ALA A 32 -5.77 -12.08 6.92
C ALA A 32 -6.65 -12.61 8.05
N ALA A 33 -6.81 -11.81 9.10
CA ALA A 33 -7.62 -12.25 10.22
C ALA A 33 -9.04 -12.62 9.77
N ASN A 34 -9.63 -11.80 8.91
CA ASN A 34 -10.98 -12.04 8.38
C ASN A 34 -11.02 -13.31 7.57
N THR A 35 -10.12 -13.39 6.58
CA THR A 35 -10.02 -14.56 5.74
C THR A 35 -10.08 -15.80 6.63
N VAL A 36 -9.18 -15.87 7.60
CA VAL A 36 -9.13 -16.99 8.52
C VAL A 36 -10.43 -17.20 9.31
N ALA A 37 -10.95 -16.14 9.91
CA ALA A 37 -12.18 -16.28 10.69
C ALA A 37 -13.34 -16.78 9.83
N HIS A 38 -13.52 -16.17 8.66
CA HIS A 38 -14.60 -16.53 7.74
C HIS A 38 -14.51 -17.96 7.19
N ALA A 39 -13.33 -18.35 6.74
CA ALA A 39 -13.17 -19.68 6.19
C ALA A 39 -13.40 -20.73 7.25
N ARG A 40 -13.11 -20.40 8.51
CA ARG A 40 -13.32 -21.39 9.56
C ARG A 40 -14.81 -21.49 9.80
N LYS A 41 -15.48 -20.35 9.78
CA LYS A 41 -16.91 -20.33 9.99
C LYS A 41 -17.60 -21.12 8.87
N ALA A 42 -17.15 -20.88 7.64
CA ALA A 42 -17.71 -21.56 6.48
C ALA A 42 -17.58 -23.06 6.60
N ILE A 43 -16.37 -23.53 6.82
CA ILE A 43 -16.14 -24.95 6.93
C ILE A 43 -16.94 -25.52 8.08
N HIS A 44 -17.29 -24.66 9.04
CA HIS A 44 -18.06 -25.16 10.17
C HIS A 44 -19.48 -25.41 9.71
N LYS A 45 -20.08 -24.44 8.99
CA LYS A 45 -21.44 -24.62 8.50
C LYS A 45 -21.54 -25.87 7.64
N ILE A 46 -20.52 -26.11 6.81
CA ILE A 46 -20.52 -27.31 5.99
C ILE A 46 -20.60 -28.54 6.89
N LEU A 47 -19.61 -28.76 7.72
CA LEU A 47 -19.62 -29.93 8.61
C LEU A 47 -20.90 -30.05 9.45
N LYS A 48 -21.51 -28.91 9.78
CA LYS A 48 -22.71 -28.87 10.60
C LYS A 48 -23.90 -29.36 9.78
N GLY A 49 -23.72 -29.40 8.46
CA GLY A 49 -24.77 -29.85 7.59
C GLY A 49 -25.64 -28.71 7.13
N ASN A 50 -25.21 -27.47 7.32
CA ASN A 50 -26.01 -26.33 6.93
C ASN A 50 -25.50 -25.65 5.68
N ASP A 51 -24.78 -26.38 4.85
CA ASP A 51 -24.30 -25.77 3.61
C ASP A 51 -23.94 -26.89 2.66
N ASP A 52 -24.54 -26.83 1.47
CA ASP A 52 -24.33 -27.84 0.45
C ASP A 52 -23.07 -27.65 -0.35
N ARG A 53 -22.29 -26.61 -0.05
CA ARG A 53 -21.06 -26.41 -0.81
C ARG A 53 -20.01 -27.45 -0.45
N LEU A 54 -18.99 -27.54 -1.30
CA LEU A 54 -17.91 -28.51 -1.14
C LEU A 54 -16.58 -27.84 -0.71
N LEU A 55 -15.98 -28.36 0.36
CA LEU A 55 -14.70 -27.81 0.81
C LEU A 55 -13.64 -28.39 -0.12
N VAL A 56 -12.78 -27.54 -0.66
CA VAL A 56 -11.74 -28.05 -1.55
C VAL A 56 -10.37 -27.58 -1.09
N VAL A 57 -9.58 -28.53 -0.61
CA VAL A 57 -8.22 -28.24 -0.16
C VAL A 57 -7.35 -28.67 -1.32
N ILE A 58 -6.92 -27.71 -2.13
CA ILE A 58 -6.11 -28.00 -3.29
C ILE A 58 -4.86 -27.12 -3.30
N GLY A 59 -3.72 -27.70 -3.71
CA GLY A 59 -2.48 -26.97 -3.79
C GLY A 59 -1.26 -27.90 -3.85
N PRO A 60 -0.05 -27.33 -3.99
CA PRO A 60 1.16 -28.13 -4.07
C PRO A 60 1.27 -29.17 -2.97
N CYS A 61 1.97 -30.27 -3.28
CA CYS A 61 2.19 -31.35 -2.34
C CYS A 61 2.92 -30.76 -1.14
N SER A 62 3.91 -29.95 -1.44
CA SER A 62 4.73 -29.27 -0.44
C SER A 62 5.17 -27.94 -1.09
N ILE A 63 5.50 -26.96 -0.26
CA ILE A 63 5.93 -25.68 -0.78
C ILE A 63 7.42 -25.48 -0.54
N HIS A 64 8.16 -25.21 -1.61
CA HIS A 64 9.60 -25.01 -1.51
C HIS A 64 10.02 -23.64 -2.07
N ASP A 65 9.07 -22.93 -2.66
CA ASP A 65 9.34 -21.60 -3.22
C ASP A 65 8.17 -20.63 -3.08
N PRO A 66 8.31 -19.66 -2.16
CA PRO A 66 7.32 -18.63 -1.86
C PRO A 66 6.83 -17.91 -3.10
N VAL A 67 7.74 -17.66 -4.05
CA VAL A 67 7.35 -16.92 -5.24
C VAL A 67 6.33 -17.65 -6.10
N ALA A 68 6.56 -18.93 -6.34
CA ALA A 68 5.63 -19.71 -7.15
C ALA A 68 4.35 -19.94 -6.35
N ALA A 69 4.51 -20.21 -5.05
CA ALA A 69 3.35 -20.45 -4.19
C ALA A 69 2.40 -19.27 -4.21
N LYS A 70 2.96 -18.08 -4.37
CA LYS A 70 2.17 -16.86 -4.41
C LYS A 70 1.51 -16.67 -5.76
N GLU A 71 2.15 -17.18 -6.82
CA GLU A 71 1.57 -17.07 -8.16
C GLU A 71 0.42 -18.07 -8.16
N TYR A 72 0.70 -19.27 -7.67
CA TYR A 72 -0.34 -20.29 -7.60
C TYR A 72 -1.51 -19.67 -6.88
N ALA A 73 -1.22 -19.17 -5.67
CA ALA A 73 -2.24 -18.55 -4.85
C ALA A 73 -3.05 -17.54 -5.65
N THR A 74 -2.38 -16.70 -6.43
CA THR A 74 -3.15 -15.72 -7.18
C THR A 74 -4.11 -16.35 -8.19
N ARG A 75 -3.64 -17.36 -8.91
CA ARG A 75 -4.49 -18.04 -9.88
C ARG A 75 -5.66 -18.65 -9.13
N LEU A 76 -5.35 -19.46 -8.12
CA LEU A 76 -6.39 -20.13 -7.35
C LEU A 76 -7.36 -19.20 -6.66
N LEU A 77 -6.91 -18.00 -6.32
CA LEU A 77 -7.82 -17.09 -5.65
C LEU A 77 -8.91 -16.69 -6.62
N ALA A 78 -8.53 -16.52 -7.90
CA ALA A 78 -9.50 -16.14 -8.93
C ALA A 78 -10.60 -17.19 -9.06
N LEU A 79 -10.21 -18.45 -9.16
CA LEU A 79 -11.21 -19.52 -9.27
C LEU A 79 -12.02 -19.57 -7.97
N ARG A 80 -11.37 -19.25 -6.86
CA ARG A 80 -12.06 -19.24 -5.58
C ARG A 80 -13.24 -18.26 -5.63
N GLU A 81 -13.03 -17.12 -6.25
CA GLU A 81 -14.07 -16.11 -6.34
C GLU A 81 -15.16 -16.51 -7.29
N GLU A 82 -14.76 -17.06 -8.43
CA GLU A 82 -15.70 -17.50 -9.48
C GLU A 82 -16.65 -18.63 -9.00
N LEU A 83 -16.07 -19.76 -8.66
CA LEU A 83 -16.79 -20.94 -8.21
C LEU A 83 -17.24 -20.88 -6.75
N LYS A 84 -17.15 -19.71 -6.13
CA LYS A 84 -17.47 -19.61 -4.71
C LYS A 84 -18.85 -20.08 -4.26
N ASP A 85 -19.85 -20.08 -5.16
CA ASP A 85 -21.18 -20.51 -4.72
C ASP A 85 -21.30 -22.03 -4.68
N GLU A 86 -20.31 -22.71 -5.24
CA GLU A 86 -20.31 -24.15 -5.27
C GLU A 86 -19.21 -24.68 -4.37
N LEU A 87 -18.02 -24.10 -4.54
CA LEU A 87 -16.86 -24.51 -3.79
C LEU A 87 -16.31 -23.50 -2.79
N GLU A 88 -15.72 -24.02 -1.71
CA GLU A 88 -15.09 -23.23 -0.66
C GLU A 88 -13.62 -23.61 -0.85
N ILE A 89 -12.94 -22.90 -1.75
CA ILE A 89 -11.56 -23.23 -2.05
C ILE A 89 -10.59 -22.75 -0.97
N VAL A 90 -9.71 -23.66 -0.58
CA VAL A 90 -8.71 -23.40 0.44
C VAL A 90 -7.40 -23.97 -0.10
N ARG A 92 -3.75 -25.58 -0.22
CA ARG A 92 -2.98 -26.55 0.54
C ARG A 92 -1.57 -26.00 0.71
N VAL A 93 -1.28 -25.47 1.88
CA VAL A 93 0.04 -24.94 2.16
C VAL A 93 0.76 -25.85 3.14
N TYR A 94 1.41 -26.90 2.62
CA TYR A 94 2.17 -27.86 3.45
C TYR A 94 3.66 -27.62 3.23
N PHE A 95 4.45 -27.64 4.29
CA PHE A 95 5.86 -27.34 4.14
C PHE A 95 6.79 -28.53 4.13
N GLU A 96 6.27 -29.68 4.50
CA GLU A 96 7.10 -30.85 4.54
C GLU A 96 6.30 -32.15 4.42
N LYS A 97 6.92 -33.15 3.82
CA LYS A 97 6.30 -34.44 3.68
C LYS A 97 7.13 -35.43 4.49
N PRO A 98 6.47 -36.17 5.40
CA PRO A 98 7.16 -37.15 6.25
C PRO A 98 7.85 -38.21 5.40
N ARG A 99 9.12 -38.47 5.67
CA ARG A 99 9.85 -39.47 4.90
C ARG A 99 10.52 -40.41 5.88
N THR A 100 10.60 -41.67 5.52
CA THR A 100 11.23 -42.62 6.42
C THR A 100 12.69 -42.26 6.79
N THR A 101 13.45 -41.62 5.91
CA THR A 101 14.83 -41.25 6.26
C THR A 101 15.46 -40.13 5.45
N VAL A 102 15.72 -40.39 4.18
CA VAL A 102 16.36 -39.41 3.31
C VAL A 102 15.38 -38.48 2.59
N GLY A 103 15.81 -37.25 2.36
CA GLY A 103 14.97 -36.29 1.67
C GLY A 103 14.98 -34.93 2.30
N TRP A 104 14.61 -33.93 1.51
CA TRP A 104 14.52 -32.55 1.96
C TRP A 104 13.57 -32.48 3.14
N LYS A 105 13.99 -31.83 4.21
CA LYS A 105 13.13 -31.75 5.39
C LYS A 105 12.05 -30.66 5.36
N GLY A 106 11.85 -30.02 4.22
CA GLY A 106 10.81 -29.02 4.12
C GLY A 106 11.21 -27.57 4.20
N LEU A 107 10.26 -26.70 3.86
CA LEU A 107 10.49 -25.26 3.87
C LEU A 107 10.85 -24.73 5.25
N ILE A 108 10.27 -25.31 6.30
CA ILE A 108 10.53 -24.84 7.66
C ILE A 108 11.87 -25.33 8.19
N ASN A 109 12.07 -26.64 8.19
CA ASN A 109 13.31 -27.23 8.67
C ASN A 109 14.54 -26.91 7.83
N ASP A 110 14.34 -26.66 6.54
CA ASP A 110 15.47 -26.40 5.68
C ASP A 110 15.06 -25.51 4.51
N PRO A 111 14.76 -24.24 4.79
CA PRO A 111 14.34 -23.25 3.80
C PRO A 111 15.20 -23.22 2.54
N HIS A 112 16.51 -23.34 2.73
CA HIS A 112 17.42 -23.25 1.61
C HIS A 112 17.75 -24.52 0.84
N ASP A 114 19.51 -26.78 1.12
CA ASP A 114 20.94 -27.08 1.04
C ASP A 114 21.45 -27.69 2.34
N ASN A 115 20.53 -28.20 3.15
CA ASN A 115 20.87 -28.82 4.43
C ASN A 115 21.47 -27.86 5.46
N SER A 116 21.33 -26.56 5.21
CA SER A 116 21.85 -25.55 6.15
C SER A 116 20.99 -25.59 7.43
N PHE A 117 19.75 -26.02 7.26
CA PHE A 117 18.78 -26.14 8.35
C PHE A 117 18.49 -24.85 9.09
N GLN A 118 18.31 -23.78 8.34
CA GLN A 118 18.01 -22.46 8.89
C GLN A 118 16.53 -22.47 9.26
N ILE A 119 16.18 -23.20 10.32
CA ILE A 119 14.80 -23.29 10.74
C ILE A 119 14.16 -21.96 11.18
N ASN A 120 14.93 -21.05 11.76
CA ASN A 120 14.34 -19.78 12.15
C ASN A 120 13.97 -19.01 10.88
N ASP A 121 14.73 -19.22 9.82
CA ASP A 121 14.43 -18.59 8.54
C ASP A 121 13.18 -19.30 8.01
N GLY A 122 13.07 -20.58 8.35
CA GLY A 122 11.92 -21.36 7.93
C GLY A 122 10.65 -20.73 8.47
N LEU A 123 10.60 -20.61 9.78
CA LEU A 123 9.42 -20.03 10.40
C LEU A 123 9.10 -18.66 9.80
N ARG A 124 10.11 -17.80 9.67
CA ARG A 124 9.85 -16.49 9.10
C ARG A 124 9.27 -16.61 7.69
N ILE A 125 9.92 -17.42 6.84
CA ILE A 125 9.45 -17.61 5.48
C ILE A 125 8.06 -18.21 5.43
N ALA A 126 7.86 -19.31 6.16
CA ALA A 126 6.55 -19.97 6.19
C ALA A 126 5.47 -19.02 6.67
N ARG A 127 5.67 -18.45 7.85
CA ARG A 127 4.68 -17.54 8.40
C ARG A 127 4.41 -16.36 7.49
N LYS A 128 5.44 -15.78 6.90
CA LYS A 128 5.18 -14.63 6.02
C LYS A 128 4.37 -15.07 4.81
N LEU A 129 4.65 -16.28 4.30
CA LEU A 129 3.92 -16.79 3.15
C LEU A 129 2.45 -16.94 3.48
N LEU A 130 2.16 -17.66 4.58
CA LEU A 130 0.77 -17.82 4.98
C LEU A 130 0.15 -16.44 5.19
N LEU A 131 0.90 -15.53 5.81
CA LEU A 131 0.36 -14.20 6.04
C LEU A 131 -0.02 -13.50 4.76
N ASP A 132 0.83 -13.55 3.73
CA ASP A 132 0.51 -12.90 2.47
C ASP A 132 -0.65 -13.59 1.76
N ILE A 133 -0.64 -14.93 1.76
CA ILE A 133 -1.71 -15.67 1.11
C ILE A 133 -3.05 -15.29 1.72
N ASN A 134 -3.15 -15.35 3.06
CA ASN A 134 -4.39 -15.01 3.75
C ASN A 134 -4.76 -13.55 3.50
N ASP A 135 -3.77 -12.66 3.54
CA ASP A 135 -4.05 -11.25 3.34
C ASP A 135 -4.71 -11.00 2.00
N SER A 136 -4.36 -11.79 0.99
CA SER A 136 -4.93 -11.61 -0.35
C SER A 136 -6.37 -12.10 -0.42
N GLY A 137 -6.80 -12.87 0.59
CA GLY A 137 -8.17 -13.36 0.61
C GLY A 137 -8.30 -14.86 0.44
N LEU A 138 -7.19 -15.54 0.26
CA LEU A 138 -7.24 -16.96 0.07
C LEU A 138 -6.93 -17.68 1.36
N PRO A 139 -7.86 -18.50 1.86
CA PRO A 139 -7.66 -19.25 3.12
C PRO A 139 -6.57 -20.28 2.87
N ALA A 140 -5.96 -20.79 3.94
CA ALA A 140 -4.89 -21.77 3.80
C ALA A 140 -5.11 -23.00 4.66
N ALA A 141 -4.72 -24.16 4.15
CA ALA A 141 -4.87 -25.41 4.89
C ALA A 141 -3.47 -25.96 5.08
N GLY A 142 -3.18 -26.45 6.28
CA GLY A 142 -1.85 -26.98 6.53
C GLY A 142 -1.93 -28.28 7.31
N GLU A 143 -0.79 -28.88 7.56
CA GLU A 143 -0.75 -30.12 8.31
C GLU A 143 0.05 -29.82 9.57
N PHE A 144 -0.10 -30.62 10.62
CA PHE A 144 0.65 -30.36 11.83
C PHE A 144 1.30 -31.67 12.20
N LEU A 145 2.62 -31.69 12.12
CA LEU A 145 3.35 -32.92 12.42
C LEU A 145 3.81 -33.02 13.86
N ASP A 146 3.89 -31.88 14.56
CA ASP A 146 4.28 -31.87 15.98
C ASP A 146 3.42 -30.91 16.79
N ILE A 148 4.43 -28.35 18.59
CA ILE A 148 5.05 -27.05 18.80
C ILE A 148 4.87 -26.09 17.66
N THR A 149 4.90 -26.61 16.45
CA THR A 149 4.75 -25.77 15.30
C THR A 149 3.45 -24.99 15.31
N PRO A 150 2.33 -25.63 15.74
CA PRO A 150 1.06 -24.92 15.77
C PRO A 150 1.15 -23.51 16.36
N GLN A 151 1.93 -23.39 17.45
CA GLN A 151 2.07 -22.09 18.12
C GLN A 151 2.55 -20.98 17.20
N TYR A 152 3.34 -21.32 16.18
CA TYR A 152 3.84 -20.32 15.24
C TYR A 152 2.93 -20.06 14.05
N LEU A 153 2.06 -21.00 13.68
CA LEU A 153 1.23 -20.77 12.47
C LEU A 153 -0.29 -21.03 12.53
N ALA A 154 -0.76 -21.77 13.54
CA ALA A 154 -2.19 -22.09 13.62
C ALA A 154 -3.13 -20.92 13.41
N ASP A 155 -2.71 -19.71 13.82
CA ASP A 155 -3.61 -18.57 13.67
C ASP A 155 -3.79 -18.14 12.22
N LEU A 156 -3.06 -18.78 11.32
CA LEU A 156 -3.20 -18.45 9.89
C LEU A 156 -3.79 -19.62 9.10
N SER A 158 -6.89 -22.08 8.21
CA SER A 158 -8.34 -22.11 8.25
C SER A 158 -8.83 -23.55 8.33
N TRP A 159 -7.90 -24.50 8.16
CA TRP A 159 -8.24 -25.92 8.22
C TRP A 159 -6.91 -26.65 8.32
N GLY A 160 -6.86 -27.76 9.04
CA GLY A 160 -5.60 -28.47 9.19
C GLY A 160 -5.79 -29.97 9.13
N ALA A 161 -4.71 -30.72 8.95
CA ALA A 161 -4.83 -32.16 8.85
C ALA A 161 -3.81 -32.95 9.65
N ILE A 162 -4.26 -34.08 10.22
CA ILE A 162 -3.39 -34.96 10.96
C ILE A 162 -3.16 -36.13 10.01
N GLY A 163 -1.96 -36.21 9.44
CA GLY A 163 -1.64 -37.26 8.49
C GLY A 163 -1.84 -38.70 8.92
N ALA A 164 -1.90 -39.58 7.92
CA ALA A 164 -2.12 -41.00 8.10
C ALA A 164 -1.23 -41.66 9.13
N ARG A 165 0.05 -41.30 9.10
CA ARG A 165 1.02 -41.88 10.05
C ARG A 165 0.86 -41.44 11.51
N THR A 166 0.11 -40.38 11.74
CA THR A 166 -0.08 -39.89 13.11
C THR A 166 -1.53 -39.91 13.64
N THR A 167 -2.50 -40.17 12.77
CA THR A 167 -3.91 -40.23 13.16
C THR A 167 -4.16 -41.09 14.39
N GLU A 168 -3.41 -42.17 14.53
CA GLU A 168 -3.62 -43.03 15.67
C GLU A 168 -2.80 -42.61 16.91
N SER A 169 -1.92 -41.61 16.75
CA SER A 169 -1.08 -41.10 17.84
C SER A 169 -1.93 -40.30 18.83
N GLN A 170 -1.91 -40.68 20.10
CA GLN A 170 -2.74 -39.98 21.09
C GLN A 170 -2.41 -38.51 21.21
N VAL A 171 -1.11 -38.20 21.24
CA VAL A 171 -0.67 -36.81 21.36
C VAL A 171 -1.19 -35.96 20.22
N HIS A 172 -1.24 -36.53 19.02
CA HIS A 172 -1.75 -35.75 17.90
C HIS A 172 -3.26 -35.61 17.96
N ARG A 173 -3.93 -36.56 18.62
CA ARG A 173 -5.37 -36.46 18.78
C ARG A 173 -5.61 -35.34 19.81
N GLU A 174 -4.91 -35.42 20.93
CA GLU A 174 -5.00 -34.36 21.95
C GLU A 174 -4.77 -32.99 21.30
N LEU A 175 -3.64 -32.85 20.59
CA LEU A 175 -3.33 -31.60 19.88
C LEU A 175 -4.49 -31.14 19.02
N ALA A 176 -5.14 -32.06 18.30
CA ALA A 176 -6.23 -31.64 17.41
C ALA A 176 -7.39 -31.14 18.23
N SER A 177 -7.57 -31.72 19.41
CA SER A 177 -8.66 -31.31 20.27
C SER A 177 -8.47 -29.89 20.78
N GLY A 178 -7.30 -29.30 20.50
CA GLY A 178 -7.00 -27.93 20.93
C GLY A 178 -6.84 -26.93 19.78
N LEU A 179 -6.75 -27.41 18.54
CA LEU A 179 -6.58 -26.47 17.44
C LEU A 179 -7.80 -25.59 17.22
N SER A 180 -7.55 -24.36 16.82
CA SER A 180 -8.63 -23.42 16.62
C SER A 180 -9.29 -23.55 15.28
N CYS A 181 -8.95 -24.59 14.54
CA CYS A 181 -9.51 -24.78 13.20
C CYS A 181 -10.01 -26.21 12.98
N PRO A 182 -10.90 -26.40 11.98
CA PRO A 182 -11.43 -27.73 11.68
C PRO A 182 -10.24 -28.63 11.38
N VAL A 183 -10.30 -29.88 11.80
CA VAL A 183 -9.21 -30.81 11.57
C VAL A 183 -9.68 -32.05 10.82
N GLY A 184 -8.82 -32.53 9.91
CA GLY A 184 -9.15 -33.71 9.15
C GLY A 184 -8.18 -34.83 9.45
N PHE A 185 -8.69 -35.99 9.85
CA PHE A 185 -7.81 -37.13 10.13
C PHE A 185 -7.81 -38.06 8.92
N LYS A 186 -6.62 -38.48 8.50
CA LYS A 186 -6.49 -39.37 7.35
C LYS A 186 -6.58 -40.83 7.77
N ASN A 187 -7.20 -41.67 6.95
CA ASN A 187 -7.29 -43.09 7.32
C ASN A 187 -5.89 -43.68 7.36
N GLY A 188 -5.72 -44.79 8.05
CA GLY A 188 -4.42 -45.40 8.14
C GLY A 188 -3.75 -45.66 6.79
N THR A 189 -2.44 -45.90 6.85
CA THR A 189 -1.67 -46.17 5.65
C THR A 189 -2.23 -47.33 4.83
N ASP A 190 -2.52 -48.45 5.49
CA ASP A 190 -3.04 -49.64 4.85
C ASP A 190 -4.53 -49.51 4.50
N GLY A 191 -5.13 -48.37 4.80
CA GLY A 191 -6.53 -48.17 4.48
C GLY A 191 -7.47 -48.22 5.66
N THR A 192 -6.97 -48.65 6.82
CA THR A 192 -7.78 -48.72 8.03
C THR A 192 -8.59 -47.45 8.29
N ILE A 193 -9.87 -47.64 8.55
CA ILE A 193 -10.78 -46.54 8.80
C ILE A 193 -10.99 -46.30 10.30
N LYS A 194 -10.97 -47.37 11.09
CA LYS A 194 -11.21 -47.24 12.52
C LYS A 194 -10.37 -46.17 13.20
N VAL A 195 -9.05 -46.20 12.95
CA VAL A 195 -8.15 -45.23 13.54
C VAL A 195 -8.57 -43.77 13.36
N ALA A 196 -9.11 -43.42 12.19
CA ALA A 196 -9.55 -42.04 11.97
C ALA A 196 -10.87 -41.79 12.63
N ILE A 197 -11.69 -42.83 12.76
CA ILE A 197 -12.99 -42.62 13.39
C ILE A 197 -12.73 -42.40 14.86
N ASP A 198 -11.93 -43.27 15.48
CA ASP A 198 -11.63 -43.08 16.89
C ASP A 198 -11.04 -41.70 17.11
N ALA A 199 -10.14 -41.29 16.22
CA ALA A 199 -9.50 -39.99 16.33
C ALA A 199 -10.53 -38.85 16.41
N ILE A 200 -11.47 -38.86 15.48
CA ILE A 200 -12.50 -37.84 15.45
C ILE A 200 -13.20 -37.75 16.81
N ASN A 201 -13.50 -38.89 17.41
CA ASN A 201 -14.15 -38.89 18.71
C ASN A 201 -13.25 -38.36 19.79
N ALA A 202 -12.01 -38.83 19.81
CA ALA A 202 -11.04 -38.37 20.79
C ALA A 202 -10.86 -36.85 20.68
N ALA A 203 -10.57 -36.35 19.49
CA ALA A 203 -10.37 -34.92 19.35
C ALA A 203 -11.59 -34.15 19.79
N GLY A 204 -12.68 -34.87 20.07
CA GLY A 204 -13.87 -34.13 20.46
C GLY A 204 -13.91 -33.81 21.93
N ALA A 205 -13.06 -34.48 22.69
CA ALA A 205 -12.98 -34.33 24.13
C ALA A 205 -11.84 -33.45 24.57
N PRO A 206 -11.87 -32.99 25.83
CA PRO A 206 -10.84 -32.13 26.43
C PRO A 206 -9.65 -33.01 26.73
N HIS A 207 -8.43 -32.48 26.53
CA HIS A 207 -7.22 -33.25 26.82
C HIS A 207 -6.10 -32.34 27.30
N CYS A 208 -5.00 -32.97 27.72
CA CYS A 208 -3.77 -32.29 28.18
C CYS A 208 -2.60 -32.72 27.27
N PHE A 209 -1.76 -31.79 26.86
CA PHE A 209 -0.57 -32.18 26.11
C PHE A 209 0.49 -31.11 26.35
N LEU A 210 1.76 -31.48 26.28
CA LEU A 210 2.84 -30.54 26.53
C LEU A 210 3.22 -29.88 25.22
N SER A 211 3.68 -28.63 25.29
CA SER A 211 4.07 -27.85 24.14
C SER A 211 4.74 -26.60 24.71
N VAL A 212 4.53 -25.43 24.11
CA VAL A 212 5.15 -24.24 24.66
C VAL A 212 4.26 -23.01 24.66
N THR A 213 4.43 -22.16 25.66
CA THR A 213 3.64 -20.94 25.73
C THR A 213 4.03 -20.08 24.55
N LYS A 214 3.27 -19.04 24.28
CA LYS A 214 3.59 -18.17 23.16
C LYS A 214 4.96 -17.54 23.36
N TRP A 215 5.40 -17.53 24.62
CA TRP A 215 6.70 -16.96 24.96
C TRP A 215 7.81 -17.99 24.76
N GLY A 216 7.45 -19.18 24.29
CA GLY A 216 8.46 -20.20 24.06
C GLY A 216 8.82 -21.10 25.22
N HIS A 217 8.07 -21.08 26.30
CA HIS A 217 8.45 -21.92 27.44
C HIS A 217 7.66 -23.20 27.57
N SER A 218 8.37 -24.27 27.90
CA SER A 218 7.77 -25.58 28.08
C SER A 218 6.51 -25.34 28.93
N ALA A 219 5.36 -25.83 28.45
CA ALA A 219 4.07 -25.62 29.12
C ALA A 219 3.11 -26.80 28.95
N ILE A 220 2.08 -26.85 29.79
CA ILE A 220 1.07 -27.90 29.68
C ILE A 220 -0.18 -27.23 29.16
N VAL A 221 -0.75 -27.81 28.10
CA VAL A 221 -1.94 -27.25 27.48
C VAL A 221 -3.17 -28.05 27.82
N ASN A 222 -4.26 -27.34 28.16
CA ASN A 222 -5.52 -28.00 28.48
C ASN A 222 -6.49 -27.53 27.41
N THR A 223 -6.91 -28.45 26.54
CA THR A 223 -7.83 -28.11 25.43
C THR A 223 -9.28 -28.23 25.87
N SER A 224 -10.19 -27.81 25.00
CA SER A 224 -11.61 -27.90 25.33
C SER A 224 -12.36 -28.86 24.41
N GLY A 225 -11.64 -29.58 23.55
CA GLY A 225 -12.27 -30.51 22.64
C GLY A 225 -12.57 -29.84 21.32
N ASN A 226 -12.43 -30.56 20.21
CA ASN A 226 -12.70 -29.98 18.88
C ASN A 226 -13.84 -30.76 18.22
N GLY A 227 -14.92 -30.07 17.90
CA GLY A 227 -16.05 -30.75 17.29
C GLY A 227 -16.10 -30.68 15.78
N ASP A 228 -15.17 -29.92 15.17
CA ASP A 228 -15.13 -29.80 13.72
C ASP A 228 -14.06 -30.68 13.07
N CYS A 229 -14.05 -31.95 13.43
CA CYS A 229 -13.11 -32.92 12.86
C CYS A 229 -13.90 -33.89 11.98
N HIS A 230 -13.25 -34.34 10.91
CA HIS A 230 -13.87 -35.26 9.97
C HIS A 230 -12.81 -36.17 9.41
N ILE A 231 -13.22 -37.24 8.74
CA ILE A 231 -12.25 -38.19 8.17
C ILE A 231 -11.79 -37.72 6.81
N ILE A 232 -10.65 -38.26 6.37
CA ILE A 232 -10.15 -37.92 5.05
C ILE A 232 -9.77 -39.27 4.48
N LEU A 233 -10.40 -39.64 3.37
CA LEU A 233 -10.11 -40.92 2.71
C LEU A 233 -8.99 -40.65 1.73
N ARG A 234 -7.86 -41.33 1.92
CA ARG A 234 -6.71 -41.15 1.03
C ARG A 234 -6.20 -42.51 0.54
N GLY A 235 -7.09 -43.50 0.58
CA GLY A 235 -6.79 -44.84 0.12
C GLY A 235 -5.80 -45.61 0.95
N GLY A 236 -5.84 -46.93 0.81
CA GLY A 236 -4.93 -47.81 1.53
C GLY A 236 -4.10 -48.56 0.50
N LYS A 237 -4.14 -49.89 0.54
CA LYS A 237 -3.39 -50.67 -0.44
C LYS A 237 -4.08 -50.51 -1.79
N GLU A 238 -5.32 -50.05 -1.75
CA GLU A 238 -6.14 -49.81 -2.94
C GLU A 238 -7.05 -48.62 -2.62
N PRO A 239 -7.41 -47.83 -3.62
CA PRO A 239 -8.27 -46.65 -3.43
C PRO A 239 -9.51 -46.76 -2.52
N ASN A 240 -9.87 -45.63 -1.91
CA ASN A 240 -10.99 -45.50 -0.98
C ASN A 240 -12.12 -44.68 -1.54
N TYR A 241 -11.94 -44.08 -2.71
CA TYR A 241 -12.96 -43.18 -3.25
C TYR A 241 -14.24 -43.75 -3.82
N SER A 242 -14.25 -45.04 -4.19
CA SER A 242 -15.45 -45.66 -4.76
C SER A 242 -16.65 -45.54 -3.84
N ALA A 243 -17.82 -45.35 -4.44
CA ALA A 243 -19.05 -45.23 -3.66
C ALA A 243 -19.25 -46.43 -2.73
N LYS A 244 -18.61 -47.55 -3.05
CA LYS A 244 -18.70 -48.76 -2.24
C LYS A 244 -18.12 -48.47 -0.88
N HIS A 245 -16.90 -47.94 -0.89
CA HIS A 245 -16.16 -47.59 0.32
C HIS A 245 -16.88 -46.44 1.03
N VAL A 246 -17.12 -45.35 0.31
CA VAL A 246 -17.81 -44.23 0.92
C VAL A 246 -19.03 -44.77 1.68
N ALA A 247 -19.64 -45.84 1.19
CA ALA A 247 -20.80 -46.38 1.86
C ALA A 247 -20.40 -47.04 3.19
N GLU A 248 -19.30 -47.79 3.18
CA GLU A 248 -18.84 -48.42 4.43
C GLU A 248 -18.48 -47.36 5.47
N VAL A 249 -17.70 -46.38 5.05
CA VAL A 249 -17.27 -45.32 5.93
C VAL A 249 -18.49 -44.64 6.58
N LYS A 250 -19.45 -44.20 5.77
CA LYS A 250 -20.61 -43.55 6.33
C LYS A 250 -21.22 -44.41 7.43
N GLU A 251 -21.18 -45.73 7.29
CA GLU A 251 -21.75 -46.58 8.34
C GLU A 251 -20.87 -46.53 9.58
N GLY A 252 -19.56 -46.65 9.36
CA GLY A 252 -18.60 -46.62 10.45
C GLY A 252 -18.77 -45.38 11.29
N LEU A 253 -18.97 -44.25 10.63
CA LEU A 253 -19.15 -43.00 11.33
C LEU A 253 -20.43 -43.05 12.15
N ASN A 254 -21.54 -43.40 11.50
CA ASN A 254 -22.83 -43.46 12.18
C ASN A 254 -22.78 -44.47 13.31
N LYS A 255 -22.04 -45.55 13.10
CA LYS A 255 -21.89 -46.58 14.12
C LYS A 255 -21.18 -46.00 15.34
N ALA A 256 -20.34 -44.99 15.12
CA ALA A 256 -19.61 -44.39 16.22
C ALA A 256 -20.25 -43.12 16.74
N GLY A 257 -21.45 -42.82 16.27
CA GLY A 257 -22.15 -41.64 16.73
C GLY A 257 -21.79 -40.37 16.01
N LEU A 258 -21.06 -40.49 14.90
CA LEU A 258 -20.64 -39.31 14.15
C LEU A 258 -21.37 -39.14 12.83
N PRO A 259 -21.62 -37.88 12.43
CA PRO A 259 -22.31 -37.55 11.19
C PRO A 259 -21.55 -38.24 10.06
N ALA A 260 -22.27 -38.82 9.11
CA ALA A 260 -21.58 -39.50 8.01
C ALA A 260 -21.17 -38.51 6.94
N GLN A 261 -19.93 -38.06 7.01
CA GLN A 261 -19.42 -37.12 6.03
C GLN A 261 -17.95 -37.39 5.88
N VAL A 262 -17.45 -37.23 4.65
CA VAL A 262 -16.06 -37.51 4.40
C VAL A 262 -15.44 -36.54 3.43
N ILE A 264 -12.52 -36.64 0.43
CA ILE A 264 -11.82 -37.62 -0.38
C ILE A 264 -10.55 -37.04 -1.01
N ASP A 265 -9.43 -37.67 -0.72
CA ASP A 265 -8.16 -37.21 -1.26
C ASP A 265 -7.97 -37.87 -2.63
N PHE A 266 -8.03 -37.07 -3.69
CA PHE A 266 -7.84 -37.64 -5.02
C PHE A 266 -6.40 -38.10 -5.21
N SER A 267 -5.49 -37.59 -4.40
CA SER A 267 -4.07 -37.93 -4.57
C SER A 267 -3.57 -39.08 -3.72
N HIS A 268 -2.24 -39.21 -3.63
CA HIS A 268 -1.63 -40.28 -2.84
C HIS A 268 -2.15 -41.68 -3.18
N ALA A 269 -2.46 -42.48 -2.19
CA ALA A 269 -2.94 -43.85 -2.41
C ALA A 269 -4.21 -43.99 -3.28
N ASN A 270 -5.08 -42.99 -3.30
CA ASN A 270 -6.28 -43.07 -4.13
C ASN A 270 -5.91 -42.85 -5.58
N SER A 271 -4.78 -42.22 -5.81
CA SER A 271 -4.30 -41.91 -7.14
C SER A 271 -3.23 -42.91 -7.53
N SER A 272 -2.96 -43.85 -6.63
CA SER A 272 -1.94 -44.87 -6.86
C SER A 272 -0.62 -44.19 -7.21
N LYS A 273 -0.35 -43.07 -6.54
CA LYS A 273 0.87 -42.31 -6.75
C LYS A 273 1.08 -41.85 -8.20
N GLN A 274 0.00 -41.73 -8.96
CA GLN A 274 0.06 -41.32 -10.36
C GLN A 274 -0.73 -40.04 -10.55
N PHE A 275 -0.06 -38.90 -10.45
CA PHE A 275 -0.74 -37.62 -10.54
C PHE A 275 -1.81 -37.51 -11.60
N LYS A 276 -1.63 -38.23 -12.70
CA LYS A 276 -2.60 -38.19 -13.78
C LYS A 276 -3.95 -38.74 -13.33
N LYS A 277 -3.90 -39.85 -12.58
CA LYS A 277 -5.10 -40.52 -12.11
C LYS A 277 -6.01 -39.68 -11.23
N GLN A 278 -5.50 -38.57 -10.72
CA GLN A 278 -6.34 -37.71 -9.90
C GLN A 278 -7.54 -37.27 -10.72
N ASP A 280 -9.06 -39.10 -12.88
CA ASP A 280 -9.99 -40.23 -12.92
C ASP A 280 -10.82 -40.25 -11.65
N VAL A 281 -10.14 -40.16 -10.51
CA VAL A 281 -10.83 -40.17 -9.24
C VAL A 281 -11.87 -39.06 -9.25
N CYS A 282 -11.49 -37.93 -9.84
CA CYS A 282 -12.40 -36.80 -9.94
C CYS A 282 -13.67 -37.19 -10.67
N ALA A 283 -13.51 -38.04 -11.68
CA ALA A 283 -14.65 -38.51 -12.49
C ALA A 283 -15.64 -39.27 -11.61
N ASP A 284 -15.17 -40.36 -11.00
CA ASP A 284 -16.00 -41.17 -10.10
C ASP A 284 -16.61 -40.33 -8.97
N VAL A 285 -15.82 -39.43 -8.39
CA VAL A 285 -16.33 -38.63 -7.28
C VAL A 285 -17.36 -37.59 -7.71
N CYS A 286 -17.09 -36.84 -8.79
CA CYS A 286 -18.06 -35.85 -9.27
C CYS A 286 -19.34 -36.62 -9.59
N GLN A 287 -19.16 -37.89 -9.91
CA GLN A 287 -20.26 -38.79 -10.24
C GLN A 287 -21.16 -38.89 -9.03
N GLN A 288 -20.59 -39.42 -7.94
CA GLN A 288 -21.31 -39.62 -6.68
C GLN A 288 -21.96 -38.33 -6.20
N ILE A 289 -21.19 -37.25 -6.21
CA ILE A 289 -21.71 -35.96 -5.78
C ILE A 289 -22.91 -35.57 -6.63
N ALA A 290 -22.71 -35.56 -7.94
CA ALA A 290 -23.80 -35.19 -8.86
C ALA A 290 -25.01 -36.11 -8.64
N GLY A 291 -24.74 -37.40 -8.40
CA GLY A 291 -25.79 -38.36 -8.18
C GLY A 291 -26.52 -38.16 -6.87
N GLY A 292 -26.22 -37.07 -6.16
CA GLY A 292 -26.88 -36.80 -4.90
C GLY A 292 -26.18 -37.21 -3.61
N GLU A 293 -24.89 -37.58 -3.64
CA GLU A 293 -24.17 -37.95 -2.41
C GLU A 293 -23.89 -36.73 -1.57
N LYS A 294 -24.56 -36.63 -0.43
CA LYS A 294 -24.39 -35.49 0.43
C LYS A 294 -23.30 -35.73 1.49
N ALA A 295 -22.77 -36.94 1.52
CA ALA A 295 -21.75 -37.29 2.50
C ALA A 295 -20.36 -36.78 2.12
N ILE A 296 -20.18 -36.40 0.88
CA ILE A 296 -18.88 -35.92 0.47
C ILE A 296 -18.82 -34.41 0.66
N ILE A 297 -18.33 -33.96 1.83
CA ILE A 297 -18.27 -32.52 2.11
C ILE A 297 -16.99 -31.90 1.62
N GLY A 298 -16.04 -32.72 1.18
CA GLY A 298 -14.83 -32.12 0.67
C GLY A 298 -13.92 -33.05 -0.09
N VAL A 299 -12.98 -32.47 -0.81
CA VAL A 299 -12.00 -33.24 -1.58
C VAL A 299 -10.65 -32.55 -1.41
N VAL A 301 -6.82 -32.13 -3.49
CA VAL A 301 -6.08 -32.35 -4.73
C VAL A 301 -4.66 -31.77 -4.72
N GLU A 302 -3.68 -32.58 -5.06
CA GLU A 302 -2.32 -32.10 -5.14
C GLU A 302 -2.14 -31.50 -6.53
N SER A 303 -2.02 -30.19 -6.63
CA SER A 303 -1.85 -29.53 -7.92
C SER A 303 -0.89 -28.33 -7.80
N HIS A 304 -0.15 -28.06 -8.87
CA HIS A 304 0.81 -26.95 -8.89
C HIS A 304 0.64 -26.17 -10.20
N LEU A 305 1.54 -25.24 -10.46
CA LEU A 305 1.44 -24.47 -11.69
C LEU A 305 1.77 -25.39 -12.87
N VAL A 306 2.73 -26.28 -12.66
CA VAL A 306 3.20 -27.22 -13.67
C VAL A 306 3.07 -28.66 -13.19
N GLU A 307 2.50 -29.52 -14.02
CA GLU A 307 2.29 -30.92 -13.64
C GLU A 307 3.57 -31.69 -13.45
N GLY A 308 3.43 -32.88 -12.87
CA GLY A 308 4.58 -33.74 -12.61
C GLY A 308 5.32 -33.30 -11.37
N ASN A 309 6.58 -33.69 -11.29
CA ASN A 309 7.43 -33.35 -10.16
C ASN A 309 8.88 -33.41 -10.63
N GLN A 310 9.83 -33.08 -9.75
CA GLN A 310 11.25 -33.05 -10.13
C GLN A 310 12.13 -33.31 -8.91
N SER A 311 13.37 -33.71 -9.14
CA SER A 311 14.29 -34.00 -8.04
C SER A 311 15.24 -32.88 -7.69
N LEU A 312 15.62 -32.86 -6.41
CA LEU A 312 16.54 -31.86 -5.90
C LEU A 312 17.91 -32.49 -6.16
N GLU A 313 17.96 -33.78 -5.86
CA GLU A 313 19.15 -34.62 -6.02
C GLU A 313 19.62 -34.71 -7.46
N SER A 314 18.82 -34.19 -8.40
CA SER A 314 19.20 -34.25 -9.80
C SER A 314 20.38 -33.34 -10.04
N GLY A 315 20.28 -32.09 -9.59
CA GLY A 315 21.37 -31.16 -9.77
C GLY A 315 21.20 -30.19 -10.93
N GLU A 316 19.98 -30.00 -11.39
CA GLU A 316 19.70 -29.07 -12.48
C GLU A 316 18.85 -27.94 -11.90
N PRO A 317 18.93 -26.74 -12.49
CA PRO A 317 18.12 -25.65 -11.94
C PRO A 317 16.67 -26.16 -11.85
N LEU A 318 16.03 -25.93 -10.71
CA LEU A 318 14.66 -26.38 -10.53
C LEU A 318 13.68 -25.64 -11.42
N ALA A 319 12.67 -26.37 -11.88
CA ALA A 319 11.64 -25.77 -12.72
C ALA A 319 10.73 -24.92 -11.82
N TYR A 320 10.29 -23.80 -12.35
CA TYR A 320 9.40 -22.93 -11.60
C TYR A 320 8.03 -23.59 -11.58
N GLY A 321 7.34 -23.51 -10.45
CA GLY A 321 6.02 -24.08 -10.32
C GLY A 321 5.93 -25.59 -10.49
N LYS A 322 6.92 -26.31 -9.96
CA LYS A 322 6.92 -27.74 -10.09
C LYS A 322 7.33 -28.44 -8.79
N SER A 323 6.44 -29.29 -8.29
CA SER A 323 6.68 -30.02 -7.05
C SER A 323 8.04 -30.68 -7.00
N ILE A 324 8.59 -30.84 -5.80
CA ILE A 324 9.88 -31.51 -5.64
C ILE A 324 9.64 -32.66 -4.70
N THR A 325 8.37 -32.96 -4.48
CA THR A 325 7.96 -34.08 -3.65
C THR A 325 6.98 -34.88 -4.54
N ASP A 326 5.76 -35.13 -4.07
CA ASP A 326 4.81 -35.87 -4.87
C ASP A 326 4.46 -35.13 -6.15
N ALA A 327 4.14 -35.89 -7.20
CA ALA A 327 3.77 -35.32 -8.49
C ALA A 327 2.39 -34.68 -8.39
N CYS A 328 2.19 -33.54 -9.05
CA CYS A 328 0.91 -32.85 -9.00
C CYS A 328 0.38 -32.59 -10.41
N ILE A 329 -0.93 -32.46 -10.55
CA ILE A 329 -1.47 -32.13 -11.85
C ILE A 329 -1.13 -30.65 -12.04
N GLY A 330 -0.85 -30.24 -13.27
CA GLY A 330 -0.50 -28.85 -13.52
C GLY A 330 -1.70 -27.93 -13.40
N TRP A 331 -1.55 -26.68 -13.82
CA TRP A 331 -2.65 -25.73 -13.71
C TRP A 331 -3.85 -25.97 -14.62
N GLU A 332 -3.61 -26.30 -15.88
CA GLU A 332 -4.71 -26.51 -16.82
C GLU A 332 -5.70 -27.56 -16.32
N ASP A 333 -5.18 -28.70 -15.83
CA ASP A 333 -6.07 -29.73 -15.30
C ASP A 333 -6.80 -29.24 -14.05
N THR A 334 -6.17 -28.33 -13.30
CA THR A 334 -6.79 -27.80 -12.11
C THR A 334 -8.03 -27.01 -12.48
N ASP A 335 -7.89 -25.98 -13.31
CA ASP A 335 -9.07 -25.21 -13.69
C ASP A 335 -10.15 -26.17 -14.19
N ALA A 336 -9.71 -27.25 -14.84
CA ALA A 336 -10.64 -28.22 -15.36
C ALA A 336 -11.38 -28.93 -14.23
N LEU A 337 -10.60 -29.62 -13.41
CA LEU A 337 -11.09 -30.39 -12.28
C LEU A 337 -11.97 -29.56 -11.30
N LEU A 338 -11.69 -28.28 -11.15
CA LEU A 338 -12.49 -27.48 -10.24
C LEU A 338 -13.84 -27.22 -10.86
N ARG A 339 -13.82 -26.74 -12.09
CA ARG A 339 -15.05 -26.44 -12.82
C ARG A 339 -15.96 -27.66 -12.87
N GLN A 340 -15.37 -28.86 -12.95
CA GLN A 340 -16.18 -30.06 -12.93
C GLN A 340 -16.85 -30.11 -11.55
N LEU A 341 -16.05 -30.31 -10.50
CA LEU A 341 -16.53 -30.35 -9.11
C LEU A 341 -17.63 -29.31 -8.83
N ALA A 342 -17.44 -28.10 -9.33
CA ALA A 342 -18.44 -27.05 -9.11
C ALA A 342 -19.77 -27.53 -9.66
N ASN A 343 -19.80 -27.97 -10.92
CA ASN A 343 -21.04 -28.46 -11.52
C ASN A 343 -21.65 -29.63 -10.75
N ALA A 344 -20.82 -30.56 -10.29
CA ALA A 344 -21.33 -31.70 -9.54
C ALA A 344 -22.10 -31.21 -8.31
N VAL A 345 -21.51 -30.24 -7.62
CA VAL A 345 -22.12 -29.65 -6.44
C VAL A 345 -23.40 -28.98 -6.87
N LYS A 346 -23.38 -28.38 -8.04
CA LYS A 346 -24.57 -27.70 -8.57
C LYS A 346 -25.62 -28.81 -8.84
N ALA A 347 -25.14 -29.92 -9.40
CA ALA A 347 -25.98 -31.06 -9.70
C ALA A 347 -26.67 -31.49 -8.42
N ARG A 348 -25.91 -32.11 -7.51
CA ARG A 348 -26.46 -32.57 -6.24
C ARG A 348 -27.47 -31.60 -5.61
N ARG A 349 -27.25 -30.32 -5.81
CA ARG A 349 -28.13 -29.31 -5.23
C ARG A 349 -29.55 -29.42 -5.77
N GLY A 350 -29.68 -29.71 -7.07
CA GLY A 350 -31.00 -29.82 -7.66
C GLY A 350 -31.32 -31.21 -8.18
N ASN B 2 -2.90 -10.45 23.35
CA ASN B 2 -4.09 -10.93 22.64
C ASN B 2 -3.92 -10.99 21.12
N TYR B 3 -3.92 -12.20 20.57
CA TYR B 3 -3.77 -12.42 19.13
C TYR B 3 -5.07 -12.86 18.48
N GLN B 4 -5.34 -12.38 17.26
CA GLN B 4 -6.57 -12.75 16.57
C GLN B 4 -6.59 -14.23 16.14
N ASN B 5 -7.78 -14.81 16.12
CA ASN B 5 -7.98 -16.21 15.72
C ASN B 5 -7.09 -17.17 16.52
N ASP B 6 -6.62 -16.73 17.69
CA ASP B 6 -5.73 -17.57 18.48
C ASP B 6 -6.35 -18.30 19.66
N ASP B 7 -5.77 -19.44 20.00
CA ASP B 7 -6.21 -20.27 21.10
C ASP B 7 -7.70 -20.47 21.33
N LEU B 8 -8.52 -20.42 20.28
CA LEU B 8 -9.96 -20.61 20.45
C LEU B 8 -10.37 -21.85 21.24
N ARG B 9 -9.57 -22.91 21.25
CA ARG B 9 -9.99 -24.11 22.00
C ARG B 9 -9.10 -24.46 23.18
N ILE B 10 -8.40 -23.46 23.69
CA ILE B 10 -7.52 -23.69 24.83
C ILE B 10 -8.19 -23.24 26.12
N LYS B 11 -8.56 -24.19 26.97
CA LYS B 11 -9.18 -23.84 28.22
C LYS B 11 -8.14 -23.13 29.07
N GLU B 12 -6.90 -23.56 28.95
CA GLU B 12 -5.86 -22.96 29.75
C GLU B 12 -4.49 -23.50 29.40
N ILE B 13 -3.46 -22.68 29.57
CA ILE B 13 -2.08 -23.10 29.31
C ILE B 13 -1.14 -22.46 30.32
N LYS B 14 -0.40 -23.27 31.06
CA LYS B 14 0.51 -22.70 32.05
C LYS B 14 1.94 -23.21 31.99
N GLU B 15 2.89 -22.34 32.32
CA GLU B 15 4.30 -22.69 32.35
C GLU B 15 4.52 -23.93 33.18
N LEU B 16 5.49 -24.71 32.78
CA LEU B 16 5.82 -25.95 33.45
C LEU B 16 7.22 -25.74 34.04
N LEU B 17 7.51 -26.31 35.21
CA LEU B 17 8.86 -26.19 35.76
C LEU B 17 9.84 -26.52 34.64
N PRO B 18 10.87 -25.71 34.43
CA PRO B 18 11.82 -26.04 33.36
C PRO B 18 12.56 -27.30 33.75
N PRO B 19 12.98 -28.12 32.78
CA PRO B 19 13.69 -29.36 33.11
C PRO B 19 14.82 -29.14 34.13
N VAL B 20 15.61 -28.09 33.93
CA VAL B 20 16.72 -27.81 34.83
C VAL B 20 16.29 -27.77 36.29
N ALA B 21 15.09 -27.27 36.57
CA ALA B 21 14.58 -27.23 37.94
C ALA B 21 14.48 -28.65 38.47
N LEU B 22 13.85 -29.55 37.71
CA LEU B 22 13.74 -30.94 38.18
C LEU B 22 15.10 -31.61 38.33
N LEU B 23 16.02 -31.32 37.42
CA LEU B 23 17.37 -31.91 37.47
C LEU B 23 18.13 -31.39 38.67
N GLU B 24 18.01 -30.09 38.93
CA GLU B 24 18.68 -29.50 40.08
C GLU B 24 18.14 -30.04 41.39
N LYS B 25 16.82 -30.18 41.49
CA LYS B 25 16.24 -30.67 42.73
C LYS B 25 16.45 -32.15 42.95
N PHE B 26 16.42 -32.92 41.87
CA PHE B 26 16.57 -34.37 41.98
C PHE B 26 17.70 -34.86 41.11
N PRO B 27 18.92 -34.45 41.41
CA PRO B 27 20.03 -34.91 40.59
C PRO B 27 20.22 -36.39 40.82
N ALA B 28 20.80 -37.06 39.83
CA ALA B 28 21.02 -38.48 39.97
C ALA B 28 22.17 -38.67 40.95
N THR B 29 21.94 -39.53 41.93
CA THR B 29 22.99 -39.84 42.89
C THR B 29 23.99 -40.70 42.13
N GLU B 30 25.13 -40.99 42.74
CA GLU B 30 26.13 -41.83 42.12
C GLU B 30 25.42 -43.11 41.73
N ASN B 31 25.00 -43.87 42.74
CA ASN B 31 24.29 -45.13 42.52
C ASN B 31 23.22 -45.04 41.43
N ALA B 32 22.51 -43.92 41.36
CA ALA B 32 21.48 -43.84 40.35
C ALA B 32 22.15 -43.76 38.98
N ALA B 33 23.07 -42.81 38.84
CA ALA B 33 23.77 -42.63 37.57
C ALA B 33 24.46 -43.89 37.06
N ASN B 34 25.09 -44.66 37.95
CA ASN B 34 25.77 -45.88 37.53
C ASN B 34 24.76 -46.90 37.09
N THR B 35 23.74 -47.09 37.92
CA THR B 35 22.71 -48.06 37.61
C THR B 35 22.20 -47.89 36.21
N VAL B 36 22.11 -46.64 35.77
CA VAL B 36 21.66 -46.34 34.42
C VAL B 36 22.79 -46.62 33.40
N ALA B 37 24.01 -46.21 33.73
CA ALA B 37 25.11 -46.41 32.81
C ALA B 37 25.37 -47.88 32.57
N HIS B 38 25.30 -48.69 33.62
CA HIS B 38 25.54 -50.13 33.51
C HIS B 38 24.39 -50.84 32.79
N ALA B 39 23.16 -50.49 33.14
CA ALA B 39 22.02 -51.13 32.50
C ALA B 39 22.04 -50.86 31.00
N ARG B 40 22.36 -49.64 30.59
CA ARG B 40 22.39 -49.35 29.16
C ARG B 40 23.47 -50.19 28.50
N LYS B 41 24.72 -50.08 28.96
CA LYS B 41 25.79 -50.90 28.37
C LYS B 41 25.35 -52.36 28.29
N ALA B 42 24.85 -52.91 29.39
CA ALA B 42 24.39 -54.30 29.42
C ALA B 42 23.33 -54.66 28.37
N ILE B 43 22.36 -53.77 28.18
CA ILE B 43 21.32 -54.03 27.21
C ILE B 43 21.95 -53.91 25.84
N HIS B 44 22.90 -53.00 25.71
CA HIS B 44 23.60 -52.83 24.46
C HIS B 44 24.38 -54.09 24.12
N LYS B 45 25.04 -54.65 25.12
CA LYS B 45 25.82 -55.85 24.95
C LYS B 45 24.91 -56.95 24.41
N ILE B 46 23.69 -57.04 24.94
CA ILE B 46 22.71 -58.03 24.48
C ILE B 46 22.29 -57.78 23.02
N LEU B 47 21.92 -56.56 22.69
CA LEU B 47 21.51 -56.24 21.32
C LEU B 47 22.67 -56.44 20.34
N LYS B 48 23.87 -56.41 20.89
CA LYS B 48 25.13 -56.58 20.16
C LYS B 48 25.25 -58.06 19.80
N GLY B 49 24.75 -58.91 20.68
CA GLY B 49 24.80 -60.33 20.48
C GLY B 49 25.86 -60.99 21.34
N ASN B 50 26.39 -60.28 22.34
CA ASN B 50 27.43 -60.86 23.18
C ASN B 50 26.94 -61.23 24.55
N ASP B 51 25.63 -61.38 24.70
CA ASP B 51 25.06 -61.75 25.99
C ASP B 51 23.86 -62.65 25.72
N ASP B 52 23.94 -63.89 26.17
CA ASP B 52 22.85 -64.82 25.96
C ASP B 52 21.74 -64.53 26.94
N ARG B 53 21.99 -63.62 27.88
CA ARG B 53 20.98 -63.30 28.86
C ARG B 53 19.78 -62.64 28.21
N LEU B 54 18.71 -62.57 28.97
CA LEU B 54 17.46 -62.04 28.47
C LEU B 54 17.09 -60.67 29.12
N LEU B 55 16.70 -59.70 28.31
CA LEU B 55 16.29 -58.41 28.85
C LEU B 55 14.85 -58.59 29.29
N VAL B 56 14.55 -58.30 30.55
CA VAL B 56 13.17 -58.50 31.03
C VAL B 56 12.58 -57.22 31.59
N VAL B 57 11.75 -56.55 30.80
CA VAL B 57 11.11 -55.32 31.26
C VAL B 57 9.80 -55.74 31.92
N ILE B 58 9.81 -55.84 33.24
CA ILE B 58 8.62 -56.27 33.95
C ILE B 58 8.23 -55.26 35.04
N GLY B 59 6.94 -55.01 35.17
CA GLY B 59 6.49 -54.09 36.19
C GLY B 59 5.03 -53.73 36.02
N PRO B 60 4.47 -52.89 36.91
CA PRO B 60 3.07 -52.47 36.84
C PRO B 60 2.71 -51.90 35.47
N CYS B 61 1.46 -52.06 35.08
CA CYS B 61 1.00 -51.52 33.79
C CYS B 61 1.29 -50.01 33.78
N SER B 62 0.86 -49.35 34.85
CA SER B 62 1.07 -47.92 35.04
C SER B 62 1.25 -47.73 36.54
N ILE B 63 2.04 -46.73 36.91
CA ILE B 63 2.29 -46.45 38.31
C ILE B 63 1.41 -45.31 38.83
N HIS B 64 0.71 -45.56 39.94
CA HIS B 64 -0.17 -44.54 40.53
C HIS B 64 0.17 -44.28 41.99
N ASP B 65 1.01 -45.10 42.58
CA ASP B 65 1.39 -44.90 43.96
C ASP B 65 2.87 -45.19 44.23
N PRO B 66 3.62 -44.13 44.55
CA PRO B 66 5.05 -44.24 44.84
C PRO B 66 5.38 -45.26 45.91
N VAL B 67 4.50 -45.42 46.89
CA VAL B 67 4.76 -46.36 47.98
C VAL B 67 4.74 -47.82 47.50
N ALA B 68 3.67 -48.20 46.81
CA ALA B 68 3.55 -49.57 46.30
C ALA B 68 4.65 -49.79 45.26
N ALA B 69 4.90 -48.75 44.48
CA ALA B 69 5.92 -48.80 43.44
C ALA B 69 7.29 -49.11 44.06
N LYS B 70 7.61 -48.48 45.18
CA LYS B 70 8.91 -48.75 45.77
C LYS B 70 8.96 -50.08 46.49
N GLU B 71 7.80 -50.60 46.88
CA GLU B 71 7.79 -51.88 47.55
C GLU B 71 8.04 -52.91 46.48
N TYR B 72 7.31 -52.74 45.38
CA TYR B 72 7.41 -53.60 44.23
C TYR B 72 8.90 -53.65 43.84
N ALA B 73 9.48 -52.47 43.66
CA ALA B 73 10.88 -52.36 43.29
C ALA B 73 11.77 -53.17 44.22
N THR B 74 11.56 -53.03 45.52
CA THR B 74 12.36 -53.76 46.48
C THR B 74 12.36 -55.25 46.21
N ARG B 75 11.19 -55.79 45.93
CA ARG B 75 11.07 -57.21 45.65
C ARG B 75 11.70 -57.58 44.32
N LEU B 76 11.35 -56.84 43.28
CA LEU B 76 11.91 -57.11 41.98
C LEU B 76 13.44 -57.01 42.03
N LEU B 77 13.95 -56.13 42.87
CA LEU B 77 15.40 -55.96 42.97
C LEU B 77 16.08 -57.21 43.48
N ALA B 78 15.44 -57.91 44.41
CA ALA B 78 16.01 -59.12 44.96
C ALA B 78 16.19 -60.14 43.84
N LEU B 79 15.09 -60.41 43.13
CA LEU B 79 15.12 -61.34 42.01
C LEU B 79 16.14 -60.89 40.98
N ARG B 80 16.13 -59.60 40.67
CA ARG B 80 17.08 -59.06 39.72
C ARG B 80 18.47 -59.59 40.06
N GLU B 81 18.78 -59.63 41.35
CA GLU B 81 20.07 -60.11 41.80
C GLU B 81 20.20 -61.62 41.74
N GLU B 82 19.15 -62.31 42.12
CA GLU B 82 19.17 -63.77 42.11
C GLU B 82 19.29 -64.38 40.72
N LEU B 83 18.56 -63.84 39.74
CA LEU B 83 18.59 -64.38 38.37
C LEU B 83 19.53 -63.57 37.50
N LYS B 84 20.39 -62.79 38.15
CA LYS B 84 21.37 -61.94 37.49
C LYS B 84 22.15 -62.62 36.35
N ASP B 85 22.39 -63.91 36.48
CA ASP B 85 23.14 -64.66 35.48
C ASP B 85 22.39 -65.01 34.20
N GLU B 86 21.06 -65.10 34.28
CA GLU B 86 20.27 -65.45 33.10
C GLU B 86 19.43 -64.30 32.55
N LEU B 87 18.92 -63.47 33.46
CA LEU B 87 18.06 -62.34 33.09
C LEU B 87 18.63 -60.97 33.48
N GLU B 88 18.39 -59.99 32.62
CA GLU B 88 18.78 -58.60 32.91
C GLU B 88 17.43 -57.95 33.22
N ILE B 89 17.03 -57.99 34.50
CA ILE B 89 15.73 -57.44 34.92
C ILE B 89 15.70 -55.91 35.07
N VAL B 90 14.69 -55.30 34.45
CA VAL B 90 14.50 -53.86 34.42
C VAL B 90 13.04 -53.59 34.75
N ARG B 92 9.43 -51.81 34.81
CA ARG B 92 8.59 -51.05 33.91
C ARG B 92 7.98 -49.94 34.74
N VAL B 93 8.50 -48.73 34.59
CA VAL B 93 7.99 -47.59 35.33
C VAL B 93 7.27 -46.66 34.37
N TYR B 94 6.02 -46.99 34.06
CA TYR B 94 5.21 -46.18 33.14
C TYR B 94 4.24 -45.34 33.97
N PHE B 95 4.07 -44.08 33.58
CA PHE B 95 3.21 -43.18 34.34
C PHE B 95 1.81 -43.01 33.79
N GLU B 96 1.63 -43.33 32.52
CA GLU B 96 0.33 -43.17 31.89
C GLU B 96 0.07 -44.13 30.74
N LYS B 97 -1.19 -44.46 30.53
CA LYS B 97 -1.58 -45.30 29.42
C LYS B 97 -2.48 -44.48 28.48
N PRO B 98 -2.11 -44.38 27.20
CA PRO B 98 -2.88 -43.62 26.19
C PRO B 98 -4.30 -44.20 26.04
N ARG B 99 -5.31 -43.37 26.26
CA ARG B 99 -6.69 -43.83 26.16
C ARG B 99 -7.44 -43.02 25.10
N THR B 100 -8.07 -43.72 24.15
CA THR B 100 -8.85 -43.05 23.12
C THR B 100 -9.87 -42.28 23.94
N THR B 101 -10.50 -43.07 24.82
CA THR B 101 -11.54 -42.64 25.74
C THR B 101 -11.02 -41.69 26.81
N VAL B 102 -11.73 -41.69 27.94
CA VAL B 102 -11.39 -40.84 29.08
C VAL B 102 -10.58 -41.70 30.07
N GLY B 103 -10.54 -41.26 31.33
CA GLY B 103 -9.79 -42.00 32.31
C GLY B 103 -8.68 -41.17 32.91
N TRP B 104 -8.09 -41.68 33.99
CA TRP B 104 -6.98 -41.02 34.68
C TRP B 104 -5.84 -40.67 33.72
N LYS B 105 -5.37 -39.44 33.78
CA LYS B 105 -4.29 -39.03 32.88
C LYS B 105 -2.87 -39.36 33.35
N GLY B 106 -2.76 -40.25 34.35
CA GLY B 106 -1.45 -40.66 34.81
C GLY B 106 -0.84 -39.87 35.97
N LEU B 107 0.17 -40.48 36.57
CA LEU B 107 0.89 -39.90 37.69
C LEU B 107 1.44 -38.51 37.41
N ILE B 108 2.01 -38.28 36.23
CA ILE B 108 2.58 -36.97 35.91
C ILE B 108 1.51 -35.92 35.61
N ASN B 109 0.58 -36.23 34.72
CA ASN B 109 -0.46 -35.27 34.36
C ASN B 109 -1.44 -34.98 35.50
N ASP B 110 -1.67 -35.97 36.36
CA ASP B 110 -2.61 -35.80 37.46
C ASP B 110 -2.19 -36.70 38.63
N PRO B 111 -1.16 -36.26 39.39
CA PRO B 111 -0.60 -36.99 40.54
C PRO B 111 -1.63 -37.41 41.56
N HIS B 112 -2.61 -36.55 41.78
CA HIS B 112 -3.60 -36.82 42.80
C HIS B 112 -4.88 -37.57 42.41
N ASP B 114 -7.39 -36.91 41.09
CA ASP B 114 -8.62 -36.20 41.42
C ASP B 114 -8.88 -35.11 40.41
N ASN B 115 -8.26 -35.22 39.25
CA ASN B 115 -8.43 -34.25 38.19
C ASN B 115 -7.95 -32.83 38.52
N SER B 116 -7.12 -32.72 39.55
CA SER B 116 -6.55 -31.43 39.96
C SER B 116 -5.46 -31.02 38.95
N PHE B 117 -4.93 -32.01 38.23
CA PHE B 117 -3.91 -31.80 37.21
C PHE B 117 -2.71 -30.97 37.67
N GLN B 118 -2.11 -31.39 38.78
CA GLN B 118 -0.94 -30.73 39.34
C GLN B 118 0.26 -31.35 38.62
N ILE B 119 0.50 -30.96 37.39
CA ILE B 119 1.60 -31.59 36.64
C ILE B 119 2.98 -31.34 37.23
N ASN B 120 3.22 -30.15 37.76
CA ASN B 120 4.52 -29.90 38.35
C ASN B 120 4.78 -30.83 39.54
N ASP B 121 3.72 -31.29 40.19
CA ASP B 121 3.89 -32.23 41.29
C ASP B 121 4.19 -33.58 40.67
N GLY B 122 3.53 -33.83 39.53
CA GLY B 122 3.72 -35.08 38.83
C GLY B 122 5.19 -35.24 38.47
N LEU B 123 5.74 -34.21 37.82
CA LEU B 123 7.13 -34.26 37.45
C LEU B 123 7.99 -34.55 38.67
N ARG B 124 7.79 -33.81 39.75
CA ARG B 124 8.59 -34.07 40.94
C ARG B 124 8.42 -35.49 41.48
N ILE B 125 7.18 -35.93 41.62
CA ILE B 125 6.90 -37.27 42.13
C ILE B 125 7.51 -38.33 41.24
N ALA B 126 7.26 -38.21 39.93
CA ALA B 126 7.74 -39.15 38.94
C ALA B 126 9.25 -39.16 38.97
N ARG B 127 9.86 -38.01 38.78
CA ARG B 127 11.33 -37.98 38.78
C ARG B 127 11.95 -38.51 40.07
N LYS B 128 11.37 -38.16 41.21
CA LYS B 128 11.93 -38.64 42.47
C LYS B 128 11.79 -40.15 42.57
N LEU B 129 10.69 -40.69 42.06
CA LEU B 129 10.44 -42.14 42.09
C LEU B 129 11.46 -42.90 41.28
N LEU B 130 11.74 -42.40 40.07
CA LEU B 130 12.71 -43.05 39.21
C LEU B 130 14.06 -42.93 39.91
N LEU B 131 14.34 -41.74 40.42
CA LEU B 131 15.61 -41.53 41.11
C LEU B 131 15.81 -42.53 42.25
N ASP B 132 14.79 -42.72 43.10
CA ASP B 132 14.94 -43.66 44.21
C ASP B 132 15.15 -45.07 43.72
N ILE B 133 14.31 -45.48 42.77
CA ILE B 133 14.40 -46.82 42.20
C ILE B 133 15.81 -47.09 41.73
N ASN B 134 16.30 -46.24 40.83
CA ASN B 134 17.65 -46.36 40.31
C ASN B 134 18.65 -46.39 41.47
N ASP B 135 18.60 -45.39 42.34
CA ASP B 135 19.52 -45.32 43.49
C ASP B 135 19.57 -46.65 44.24
N SER B 136 18.49 -47.43 44.19
CA SER B 136 18.48 -48.70 44.89
C SER B 136 19.18 -49.80 44.07
N GLY B 137 19.46 -49.52 42.80
CA GLY B 137 20.14 -50.51 41.97
C GLY B 137 19.29 -51.08 40.86
N LEU B 138 17.98 -50.85 40.93
CA LEU B 138 17.05 -51.34 39.93
C LEU B 138 16.94 -50.39 38.73
N PRO B 139 17.36 -50.83 37.52
CA PRO B 139 17.24 -49.92 36.37
C PRO B 139 15.75 -49.74 36.13
N ALA B 140 15.38 -48.76 35.30
CA ALA B 140 13.96 -48.53 35.01
C ALA B 140 13.75 -48.39 33.52
N ALA B 141 12.56 -48.80 33.07
CA ALA B 141 12.21 -48.71 31.67
C ALA B 141 10.94 -47.88 31.61
N GLY B 142 10.89 -46.96 30.66
CA GLY B 142 9.71 -46.12 30.55
C GLY B 142 9.29 -45.99 29.12
N GLU B 143 8.20 -45.28 28.89
CA GLU B 143 7.69 -45.09 27.55
C GLU B 143 7.70 -43.62 27.26
N PHE B 144 7.89 -43.25 26.01
CA PHE B 144 7.92 -41.84 25.71
C PHE B 144 6.80 -41.50 24.75
N LEU B 145 5.80 -40.79 25.28
CA LEU B 145 4.64 -40.43 24.48
C LEU B 145 4.77 -39.11 23.77
N ASP B 146 5.64 -38.22 24.24
CA ASP B 146 5.81 -36.92 23.57
C ASP B 146 7.29 -36.54 23.46
N ILE B 148 8.69 -33.78 24.76
CA ILE B 148 9.14 -32.89 25.81
C ILE B 148 9.46 -33.60 27.12
N THR B 149 8.58 -34.51 27.53
CA THR B 149 8.82 -35.23 28.76
C THR B 149 10.24 -35.82 28.85
N PRO B 150 10.78 -36.35 27.74
CA PRO B 150 12.13 -36.90 27.83
C PRO B 150 13.11 -35.98 28.55
N GLN B 151 13.03 -34.68 28.27
CA GLN B 151 13.94 -33.72 28.91
C GLN B 151 13.90 -33.77 30.45
N TYR B 152 12.79 -34.22 31.01
CA TYR B 152 12.69 -34.33 32.46
C TYR B 152 13.05 -35.67 33.04
N LEU B 153 13.00 -36.74 32.25
CA LEU B 153 13.27 -38.05 32.84
C LEU B 153 14.20 -39.03 32.11
N ALA B 154 14.44 -38.82 30.82
CA ALA B 154 15.27 -39.72 30.04
C ALA B 154 16.55 -40.18 30.74
N ASP B 155 17.21 -39.26 31.45
CA ASP B 155 18.48 -39.57 32.14
C ASP B 155 18.37 -40.63 33.24
N LEU B 156 17.14 -41.03 33.56
CA LEU B 156 16.94 -42.06 34.57
C LEU B 156 16.40 -43.34 33.93
N SER B 158 16.86 -46.54 31.54
CA SER B 158 17.89 -47.42 30.99
C SER B 158 17.39 -48.06 29.69
N TRP B 159 16.08 -47.98 29.47
CA TRP B 159 15.44 -48.55 28.29
C TRP B 159 14.09 -47.89 28.09
N GLY B 160 13.72 -47.64 26.83
CA GLY B 160 12.44 -46.99 26.59
C GLY B 160 11.67 -47.64 25.45
N ALA B 161 10.38 -47.36 25.36
CA ALA B 161 9.55 -47.95 24.32
C ALA B 161 8.67 -46.94 23.59
N ILE B 162 8.56 -47.07 22.27
CA ILE B 162 7.68 -46.21 21.49
C ILE B 162 6.49 -47.14 21.20
N GLY B 163 5.34 -46.83 21.81
CA GLY B 163 4.17 -47.67 21.65
C GLY B 163 3.58 -47.88 20.28
N ALA B 164 2.78 -48.94 20.16
CA ALA B 164 2.12 -49.32 18.92
C ALA B 164 1.49 -48.17 18.17
N ARG B 165 0.69 -47.35 18.86
CA ARG B 165 0.00 -46.23 18.22
C ARG B 165 0.90 -45.10 17.74
N THR B 166 2.19 -45.14 18.08
CA THR B 166 3.06 -44.07 17.60
C THR B 166 4.27 -44.55 16.82
N THR B 167 4.47 -45.86 16.77
CA THR B 167 5.61 -46.46 16.06
C THR B 167 5.80 -45.95 14.64
N GLU B 168 4.71 -45.62 13.97
CA GLU B 168 4.80 -45.14 12.61
C GLU B 168 4.84 -43.61 12.54
N SER B 169 4.78 -42.96 13.69
CA SER B 169 4.81 -41.49 13.76
C SER B 169 6.22 -40.99 13.46
N GLN B 170 6.38 -40.10 12.47
CA GLN B 170 7.73 -39.64 12.15
C GLN B 170 8.43 -38.99 13.35
N VAL B 171 7.72 -38.08 14.02
CA VAL B 171 8.29 -37.36 15.16
C VAL B 171 8.79 -38.30 16.24
N HIS B 172 8.01 -39.31 16.58
CA HIS B 172 8.45 -40.26 17.58
C HIS B 172 9.66 -41.06 17.11
N ARG B 173 9.78 -41.26 15.80
CA ARG B 173 10.94 -41.96 15.27
C ARG B 173 12.15 -41.02 15.42
N GLU B 174 11.98 -39.78 14.99
CA GLU B 174 13.03 -38.79 15.12
C GLU B 174 13.45 -38.70 16.60
N LEU B 175 12.47 -38.66 17.50
CA LEU B 175 12.75 -38.62 18.93
C LEU B 175 13.62 -39.81 19.33
N ALA B 176 13.21 -41.01 18.96
CA ALA B 176 13.97 -42.20 19.33
C ALA B 176 15.39 -42.20 18.82
N SER B 177 15.61 -41.46 17.73
CA SER B 177 16.95 -41.41 17.17
C SER B 177 17.86 -40.53 17.99
N GLY B 178 17.30 -39.88 19.03
CA GLY B 178 18.08 -38.99 19.89
C GLY B 178 18.07 -39.36 21.36
N LEU B 179 17.30 -40.39 21.71
CA LEU B 179 17.25 -40.82 23.09
C LEU B 179 18.57 -41.45 23.47
N SER B 180 18.97 -41.28 24.72
CA SER B 180 20.23 -41.80 25.18
C SER B 180 20.15 -43.23 25.60
N CYS B 181 19.05 -43.89 25.27
CA CYS B 181 18.94 -45.29 25.69
C CYS B 181 18.38 -46.21 24.63
N PRO B 182 18.53 -47.50 24.84
CA PRO B 182 17.99 -48.43 23.83
C PRO B 182 16.48 -48.16 23.74
N VAL B 183 15.93 -48.15 22.53
CA VAL B 183 14.50 -47.93 22.36
C VAL B 183 13.86 -49.15 21.72
N GLY B 184 12.64 -49.46 22.11
CA GLY B 184 11.93 -50.60 21.55
C GLY B 184 10.63 -50.17 20.89
N PHE B 185 10.49 -50.43 19.58
CA PHE B 185 9.26 -50.09 18.86
C PHE B 185 8.31 -51.29 18.84
N LYS B 186 7.04 -51.04 19.14
CA LYS B 186 6.05 -52.11 19.15
C LYS B 186 5.41 -52.19 17.77
N ASN B 187 4.90 -53.36 17.42
CA ASN B 187 4.28 -53.51 16.10
C ASN B 187 2.94 -52.85 16.17
N GLY B 188 2.42 -52.42 15.01
CA GLY B 188 1.13 -51.77 14.92
C GLY B 188 0.02 -52.46 15.70
N THR B 189 -1.08 -51.73 15.91
CA THR B 189 -2.24 -52.25 16.66
C THR B 189 -2.81 -53.54 16.09
N ASP B 190 -3.00 -53.57 14.78
CA ASP B 190 -3.55 -54.74 14.11
C ASP B 190 -2.54 -55.87 13.91
N GLY B 191 -1.30 -55.66 14.35
CA GLY B 191 -0.28 -56.70 14.20
C GLY B 191 0.78 -56.42 13.14
N THR B 192 0.60 -55.35 12.38
CA THR B 192 1.56 -54.95 11.33
C THR B 192 3.01 -54.90 11.85
N ILE B 193 3.92 -55.52 11.12
CA ILE B 193 5.32 -55.56 11.50
C ILE B 193 6.19 -54.55 10.74
N LYS B 194 5.79 -54.25 9.51
CA LYS B 194 6.53 -53.33 8.68
C LYS B 194 6.80 -52.00 9.38
N VAL B 195 5.77 -51.40 9.96
CA VAL B 195 5.93 -50.12 10.65
C VAL B 195 7.06 -50.11 11.67
N ALA B 196 7.15 -51.15 12.50
CA ALA B 196 8.18 -51.23 13.50
C ALA B 196 9.55 -51.41 12.87
N ILE B 197 9.60 -52.09 11.73
CA ILE B 197 10.89 -52.32 11.08
C ILE B 197 11.37 -51.01 10.47
N ASP B 198 10.49 -50.29 9.79
CA ASP B 198 10.92 -49.03 9.22
C ASP B 198 11.39 -48.12 10.35
N ALA B 199 10.67 -48.13 11.46
CA ALA B 199 11.01 -47.28 12.60
C ALA B 199 12.44 -47.57 13.05
N ILE B 200 12.75 -48.84 13.26
CA ILE B 200 14.11 -49.20 13.68
C ILE B 200 15.15 -48.64 12.70
N ASN B 201 14.83 -48.64 11.40
CA ASN B 201 15.77 -48.08 10.43
C ASN B 201 15.86 -46.58 10.62
N ALA B 202 14.74 -45.88 10.52
CA ALA B 202 14.71 -44.43 10.68
C ALA B 202 15.40 -43.95 11.96
N ALA B 203 15.15 -44.64 13.07
CA ALA B 203 15.76 -44.26 14.33
C ALA B 203 17.28 -44.43 14.28
N GLY B 204 17.75 -45.20 13.32
CA GLY B 204 19.18 -45.42 13.25
C GLY B 204 19.86 -44.23 12.60
N ALA B 205 19.08 -43.38 11.96
CA ALA B 205 19.62 -42.19 11.28
C ALA B 205 19.51 -40.93 12.10
N PRO B 206 20.31 -39.93 11.77
CA PRO B 206 20.22 -38.69 12.54
C PRO B 206 19.01 -37.90 12.03
N HIS B 207 18.33 -37.18 12.93
CA HIS B 207 17.17 -36.38 12.52
C HIS B 207 17.11 -35.06 13.27
N CYS B 208 16.07 -34.29 12.96
CA CYS B 208 15.76 -33.00 13.55
C CYS B 208 14.35 -33.06 14.17
N PHE B 209 14.15 -32.51 15.36
CA PHE B 209 12.80 -32.43 15.90
C PHE B 209 12.73 -31.29 16.90
N LEU B 210 11.55 -30.71 17.03
CA LEU B 210 11.34 -29.60 17.95
C LEU B 210 11.06 -30.12 19.37
N SER B 211 11.51 -29.38 20.38
CA SER B 211 11.31 -29.75 21.78
C SER B 211 11.70 -28.54 22.60
N VAL B 212 12.31 -28.75 23.76
CA VAL B 212 12.77 -27.61 24.57
C VAL B 212 14.13 -27.86 25.17
N THR B 213 14.88 -26.79 25.35
CA THR B 213 16.21 -26.89 25.93
C THR B 213 16.03 -27.28 27.38
N LYS B 214 17.11 -27.62 28.06
CA LYS B 214 16.99 -27.99 29.47
C LYS B 214 16.50 -26.77 30.25
N TRP B 215 16.60 -25.58 29.65
CA TRP B 215 16.14 -24.36 30.29
C TRP B 215 14.66 -24.11 30.03
N GLY B 216 13.99 -24.97 29.27
CA GLY B 216 12.57 -24.77 28.99
C GLY B 216 12.21 -23.92 27.78
N HIS B 217 13.17 -23.54 26.94
CA HIS B 217 12.83 -22.73 25.76
C HIS B 217 12.61 -23.63 24.54
N SER B 218 11.74 -23.19 23.63
CA SER B 218 11.47 -24.01 22.46
C SER B 218 12.80 -24.12 21.72
N ALA B 219 13.12 -25.34 21.29
CA ALA B 219 14.38 -25.59 20.61
C ALA B 219 14.31 -26.59 19.47
N ILE B 220 15.36 -26.61 18.64
CA ILE B 220 15.51 -27.55 17.53
C ILE B 220 16.54 -28.57 17.99
N VAL B 221 16.18 -29.84 18.02
CA VAL B 221 17.15 -30.87 18.42
C VAL B 221 17.68 -31.63 17.19
N ASN B 222 18.98 -31.85 17.12
CA ASN B 222 19.59 -32.59 16.00
C ASN B 222 20.16 -33.84 16.62
N THR B 223 19.59 -35.00 16.29
CA THR B 223 20.12 -36.24 16.88
C THR B 223 21.28 -36.80 16.10
N SER B 224 21.83 -37.90 16.60
CA SER B 224 22.97 -38.53 15.95
C SER B 224 22.64 -39.95 15.48
N GLY B 225 21.40 -40.38 15.63
CA GLY B 225 21.05 -41.72 15.23
C GLY B 225 21.18 -42.62 16.44
N ASN B 226 20.35 -43.63 16.53
CA ASN B 226 20.36 -44.56 17.66
C ASN B 226 20.32 -45.97 17.09
N GLY B 227 21.41 -46.71 17.31
CA GLY B 227 21.49 -48.07 16.81
C GLY B 227 21.02 -49.12 17.78
N ASP B 228 20.60 -48.73 18.97
CA ASP B 228 20.13 -49.73 19.91
C ASP B 228 18.61 -49.86 19.96
N CYS B 229 18.00 -49.96 18.79
CA CYS B 229 16.56 -50.12 18.70
C CYS B 229 16.25 -51.54 18.26
N HIS B 230 15.10 -52.06 18.68
CA HIS B 230 14.68 -53.40 18.33
C HIS B 230 13.18 -53.39 18.31
N ILE B 231 12.58 -54.45 17.78
CA ILE B 231 11.13 -54.54 17.69
C ILE B 231 10.53 -55.18 18.93
N ILE B 232 9.27 -54.88 19.20
CA ILE B 232 8.58 -55.49 20.34
C ILE B 232 7.29 -56.09 19.78
N LEU B 233 7.14 -57.40 19.94
CA LEU B 233 5.94 -58.10 19.47
C LEU B 233 4.92 -58.11 20.59
N ARG B 234 3.83 -57.39 20.39
CA ARG B 234 2.77 -57.29 21.39
C ARG B 234 1.45 -57.79 20.83
N GLY B 235 1.54 -58.56 19.75
CA GLY B 235 0.35 -59.10 19.12
C GLY B 235 -0.47 -58.09 18.34
N GLY B 236 -1.39 -58.60 17.53
CA GLY B 236 -2.26 -57.75 16.74
C GLY B 236 -3.66 -58.21 17.06
N LYS B 237 -4.43 -58.57 16.03
CA LYS B 237 -5.79 -59.05 16.26
C LYS B 237 -5.70 -60.43 16.93
N GLU B 238 -4.53 -61.04 16.79
CA GLU B 238 -4.23 -62.35 17.38
C GLU B 238 -2.76 -62.36 17.77
N PRO B 239 -2.41 -63.01 18.89
CA PRO B 239 -1.04 -63.09 19.37
C PRO B 239 0.09 -63.22 18.31
N ASN B 240 1.27 -62.70 18.67
CA ASN B 240 2.48 -62.67 17.85
C ASN B 240 3.58 -63.55 18.40
N TYR B 241 3.44 -64.06 19.63
CA TYR B 241 4.50 -64.82 20.25
C TYR B 241 4.90 -66.19 19.70
N SER B 242 4.01 -66.85 18.96
CA SER B 242 4.31 -68.16 18.40
C SER B 242 5.57 -68.16 17.52
N ALA B 243 6.27 -69.27 17.55
CA ALA B 243 7.50 -69.44 16.77
C ALA B 243 7.23 -69.18 15.29
N LYS B 244 5.98 -69.37 14.88
CA LYS B 244 5.58 -69.16 13.49
C LYS B 244 5.86 -67.70 13.13
N HIS B 245 5.33 -66.79 13.95
CA HIS B 245 5.50 -65.35 13.75
C HIS B 245 6.96 -64.95 13.95
N VAL B 246 7.54 -65.36 15.08
CA VAL B 246 8.94 -65.03 15.36
C VAL B 246 9.76 -65.26 14.10
N ALA B 247 9.56 -66.42 13.48
CA ALA B 247 10.28 -66.80 12.26
C ALA B 247 10.08 -65.81 11.13
N GLU B 248 8.84 -65.37 10.93
CA GLU B 248 8.56 -64.41 9.87
C GLU B 248 9.21 -63.09 10.18
N VAL B 249 9.19 -62.70 11.46
CA VAL B 249 9.76 -61.42 11.89
C VAL B 249 11.26 -61.42 11.67
N LYS B 250 11.94 -62.46 12.14
CA LYS B 250 13.39 -62.53 11.94
C LYS B 250 13.72 -62.33 10.47
N GLU B 251 12.89 -62.89 9.60
CA GLU B 251 13.13 -62.77 8.18
C GLU B 251 12.90 -61.36 7.67
N GLY B 252 11.81 -60.74 8.12
CA GLY B 252 11.53 -59.37 7.69
C GLY B 252 12.69 -58.49 8.10
N LEU B 253 13.20 -58.71 9.30
CA LEU B 253 14.31 -57.91 9.80
C LEU B 253 15.55 -58.07 8.91
N ASN B 254 15.96 -59.31 8.66
CA ASN B 254 17.13 -59.52 7.82
C ASN B 254 16.88 -58.92 6.45
N LYS B 255 15.68 -59.14 5.95
CA LYS B 255 15.32 -58.62 4.65
C LYS B 255 15.52 -57.12 4.64
N ALA B 256 15.25 -56.45 5.76
CA ALA B 256 15.41 -55.00 5.84
C ALA B 256 16.85 -54.61 6.23
N GLY B 257 17.69 -55.62 6.44
CA GLY B 257 19.07 -55.37 6.78
C GLY B 257 19.31 -55.05 8.24
N LEU B 258 18.49 -55.63 9.11
CA LEU B 258 18.60 -55.39 10.55
C LEU B 258 18.76 -56.73 11.25
N PRO B 259 19.42 -56.72 12.42
CA PRO B 259 19.62 -57.96 13.17
C PRO B 259 18.28 -58.61 13.44
N ALA B 260 18.24 -59.94 13.37
CA ALA B 260 17.01 -60.65 13.63
C ALA B 260 16.91 -60.91 15.13
N GLN B 261 16.40 -59.91 15.85
CA GLN B 261 16.22 -60.02 17.29
C GLN B 261 14.86 -59.41 17.62
N VAL B 262 14.17 -59.98 18.60
CA VAL B 262 12.87 -59.46 18.99
C VAL B 262 12.59 -59.57 20.48
N ILE B 264 9.45 -60.01 23.22
CA ILE B 264 8.06 -60.46 23.21
C ILE B 264 7.25 -59.98 24.40
N ASP B 265 6.15 -59.30 24.11
CA ASP B 265 5.27 -58.76 25.15
C ASP B 265 4.21 -59.80 25.53
N PHE B 266 4.38 -60.44 26.68
CA PHE B 266 3.43 -61.43 27.14
C PHE B 266 2.06 -60.82 27.42
N SER B 267 2.02 -59.53 27.71
CA SER B 267 0.76 -58.89 28.02
C SER B 267 0.06 -58.31 26.80
N HIS B 268 -0.92 -57.43 27.06
CA HIS B 268 -1.72 -56.79 26.02
C HIS B 268 -2.29 -57.74 24.98
N ALA B 269 -2.09 -57.42 23.70
CA ALA B 269 -2.65 -58.24 22.63
C ALA B 269 -2.16 -59.68 22.62
N ASN B 270 -0.96 -59.96 23.11
CA ASN B 270 -0.46 -61.33 23.12
C ASN B 270 -1.10 -62.13 24.25
N SER B 271 -1.67 -61.41 25.21
CA SER B 271 -2.32 -62.01 26.36
C SER B 271 -3.83 -61.99 26.17
N SER B 272 -4.27 -61.34 25.09
CA SER B 272 -5.69 -61.22 24.79
C SER B 272 -6.37 -60.45 25.92
N LYS B 273 -5.62 -59.53 26.52
CA LYS B 273 -6.12 -58.71 27.62
C LYS B 273 -6.56 -59.56 28.81
N GLN B 274 -5.93 -60.72 28.97
CA GLN B 274 -6.22 -61.66 30.07
C GLN B 274 -4.94 -61.83 30.88
N PHE B 275 -4.74 -60.99 31.90
CA PHE B 275 -3.52 -61.06 32.70
C PHE B 275 -3.06 -62.48 33.07
N LYS B 276 -4.01 -63.41 33.19
CA LYS B 276 -3.69 -64.79 33.53
C LYS B 276 -2.91 -65.46 32.38
N LYS B 277 -3.34 -65.16 31.16
CA LYS B 277 -2.74 -65.73 29.96
C LYS B 277 -1.27 -65.37 29.75
N GLN B 278 -0.75 -64.46 30.58
CA GLN B 278 0.65 -64.09 30.46
C GLN B 278 1.51 -65.29 30.86
N ASP B 280 0.72 -68.37 30.22
CA ASP B 280 0.66 -69.30 29.09
C ASP B 280 1.67 -68.87 28.03
N VAL B 281 1.65 -67.58 27.68
CA VAL B 281 2.58 -67.05 26.70
C VAL B 281 4.00 -67.39 27.17
N CYS B 282 4.21 -67.29 28.48
CA CYS B 282 5.51 -67.57 29.11
C CYS B 282 5.92 -68.99 28.80
N ALA B 283 4.95 -69.89 28.79
CA ALA B 283 5.20 -71.29 28.48
C ALA B 283 5.67 -71.47 27.03
N ASP B 284 4.92 -70.92 26.09
CA ASP B 284 5.30 -71.04 24.68
C ASP B 284 6.66 -70.43 24.38
N VAL B 285 6.90 -69.24 24.95
CA VAL B 285 8.15 -68.53 24.75
C VAL B 285 9.35 -69.18 25.46
N CYS B 286 9.17 -69.58 26.72
CA CYS B 286 10.27 -70.25 27.44
C CYS B 286 10.70 -71.45 26.60
N GLN B 287 9.73 -72.05 25.92
CA GLN B 287 9.95 -73.20 25.07
C GLN B 287 10.92 -72.85 23.93
N GLN B 288 10.54 -71.87 23.11
CA GLN B 288 11.39 -71.45 21.99
C GLN B 288 12.79 -71.13 22.51
N ILE B 289 12.87 -70.38 23.60
CA ILE B 289 14.16 -70.02 24.14
C ILE B 289 14.96 -71.24 24.54
N ALA B 290 14.38 -72.08 25.39
CA ALA B 290 15.08 -73.29 25.83
C ALA B 290 15.45 -74.15 24.63
N GLY B 291 14.68 -74.02 23.55
CA GLY B 291 14.95 -74.82 22.36
C GLY B 291 15.97 -74.22 21.41
N GLY B 292 16.83 -73.35 21.92
CA GLY B 292 17.84 -72.74 21.08
C GLY B 292 17.46 -71.48 20.30
N GLU B 293 16.28 -70.92 20.54
CA GLU B 293 15.89 -69.69 19.84
C GLU B 293 16.73 -68.50 20.35
N LYS B 294 17.59 -67.98 19.50
CA LYS B 294 18.44 -66.87 19.92
C LYS B 294 17.98 -65.49 19.54
N ALA B 295 16.99 -65.39 18.65
CA ALA B 295 16.51 -64.09 18.23
C ALA B 295 15.69 -63.40 19.34
N ILE B 296 15.26 -64.15 20.34
CA ILE B 296 14.50 -63.60 21.45
C ILE B 296 15.48 -63.02 22.46
N ILE B 297 15.64 -61.70 22.45
CA ILE B 297 16.56 -61.00 23.36
C ILE B 297 15.86 -60.52 24.62
N GLY B 298 14.53 -60.47 24.60
CA GLY B 298 13.85 -60.01 25.78
C GLY B 298 12.35 -60.22 25.80
N VAL B 299 11.75 -60.00 26.96
CA VAL B 299 10.32 -60.14 27.14
C VAL B 299 9.77 -58.98 27.98
N VAL B 301 6.55 -58.08 30.70
CA VAL B 301 5.46 -58.61 31.50
C VAL B 301 4.87 -57.54 32.40
N GLU B 302 3.53 -57.47 32.42
CA GLU B 302 2.85 -56.52 33.28
C GLU B 302 2.51 -57.27 34.56
N SER B 303 3.15 -56.88 35.66
CA SER B 303 2.93 -57.53 36.96
C SER B 303 3.01 -56.53 38.08
N HIS B 304 2.26 -56.77 39.16
CA HIS B 304 2.27 -55.90 40.32
C HIS B 304 2.36 -56.77 41.58
N LEU B 305 2.23 -56.13 42.74
CA LEU B 305 2.27 -56.83 44.01
C LEU B 305 1.00 -57.67 44.11
N VAL B 306 -0.13 -57.04 43.76
CA VAL B 306 -1.43 -57.69 43.77
C VAL B 306 -1.89 -57.81 42.32
N GLU B 307 -2.34 -59.01 41.94
CA GLU B 307 -2.81 -59.25 40.57
C GLU B 307 -4.13 -58.56 40.24
N GLY B 308 -4.54 -58.67 38.99
CA GLY B 308 -5.77 -58.05 38.56
C GLY B 308 -5.62 -56.56 38.43
N ASN B 309 -6.74 -55.86 38.27
CA ASN B 309 -6.72 -54.41 38.15
C ASN B 309 -7.98 -53.83 38.80
N GLN B 310 -7.92 -52.56 39.17
CA GLN B 310 -9.06 -51.91 39.81
C GLN B 310 -9.43 -50.62 39.06
N SER B 311 -10.63 -50.11 39.31
CA SER B 311 -11.09 -48.89 38.64
C SER B 311 -10.95 -47.62 39.48
N LEU B 312 -10.47 -46.57 38.84
CA LEU B 312 -10.30 -45.30 39.51
C LEU B 312 -11.64 -44.59 39.54
N GLU B 313 -12.23 -44.39 38.35
CA GLU B 313 -13.52 -43.72 38.24
C GLU B 313 -14.66 -44.51 38.89
N SER B 314 -14.32 -45.58 39.59
CA SER B 314 -15.32 -46.39 40.28
C SER B 314 -15.63 -45.70 41.60
N GLY B 315 -14.89 -44.65 41.89
CA GLY B 315 -15.09 -43.90 43.13
C GLY B 315 -14.57 -44.66 44.33
N GLU B 316 -14.71 -45.97 44.29
CA GLU B 316 -14.26 -46.83 45.37
C GLU B 316 -12.82 -46.57 45.76
N PRO B 317 -12.48 -46.80 47.05
CA PRO B 317 -11.11 -46.59 47.50
C PRO B 317 -10.20 -47.52 46.69
N LEU B 318 -8.90 -47.30 46.76
CA LEU B 318 -8.00 -48.15 45.99
C LEU B 318 -7.33 -49.21 46.84
N ALA B 319 -7.13 -50.39 46.26
CA ALA B 319 -6.46 -51.49 46.95
C ALA B 319 -4.96 -51.30 46.74
N TYR B 320 -4.20 -51.44 47.81
CA TYR B 320 -2.75 -51.26 47.73
C TYR B 320 -2.07 -52.26 46.81
N GLY B 321 -1.12 -51.76 46.01
CA GLY B 321 -0.35 -52.58 45.10
C GLY B 321 -1.11 -53.33 44.02
N LYS B 322 -2.15 -52.70 43.49
CA LYS B 322 -2.98 -53.30 42.46
C LYS B 322 -3.17 -52.28 41.35
N SER B 323 -2.90 -52.71 40.11
CA SER B 323 -3.02 -51.83 38.94
C SER B 323 -4.40 -51.15 38.81
N ILE B 324 -4.42 -49.91 38.28
CA ILE B 324 -5.68 -49.20 38.07
C ILE B 324 -5.89 -48.98 36.57
N THR B 325 -5.09 -49.69 35.77
CA THR B 325 -5.18 -49.66 34.32
C THR B 325 -5.31 -51.12 33.89
N ASP B 326 -4.35 -51.64 33.11
CA ASP B 326 -4.41 -53.03 32.66
C ASP B 326 -4.14 -54.00 33.79
N ALA B 327 -4.80 -55.16 33.74
CA ALA B 327 -4.63 -56.18 34.75
C ALA B 327 -3.21 -56.76 34.69
N CYS B 328 -2.60 -56.95 35.86
CA CYS B 328 -1.25 -57.51 35.96
C CYS B 328 -1.26 -58.80 36.78
N ILE B 329 -0.32 -59.70 36.51
CA ILE B 329 -0.24 -60.93 37.29
C ILE B 329 0.26 -60.48 38.66
N GLY B 330 -0.04 -61.28 39.70
CA GLY B 330 0.40 -60.93 41.04
C GLY B 330 1.87 -61.15 41.25
N TRP B 331 2.37 -60.90 42.46
CA TRP B 331 3.79 -61.10 42.73
C TRP B 331 4.18 -62.58 42.77
N GLU B 332 3.23 -63.44 43.09
CA GLU B 332 3.51 -64.87 43.16
C GLU B 332 3.84 -65.40 41.78
N ASP B 333 2.94 -65.13 40.82
CA ASP B 333 3.14 -65.59 39.46
C ASP B 333 4.43 -65.01 38.89
N THR B 334 4.68 -63.76 39.24
CA THR B 334 5.87 -63.05 38.79
C THR B 334 7.11 -63.85 39.14
N ASP B 335 7.35 -64.05 40.44
CA ASP B 335 8.51 -64.80 40.88
C ASP B 335 8.59 -66.15 40.16
N ALA B 336 7.44 -66.77 39.95
CA ALA B 336 7.39 -68.05 39.27
C ALA B 336 7.82 -67.90 37.82
N LEU B 337 7.16 -66.99 37.11
CA LEU B 337 7.45 -66.74 35.70
C LEU B 337 8.90 -66.35 35.44
N LEU B 338 9.45 -65.51 36.31
CA LEU B 338 10.83 -65.06 36.15
C LEU B 338 11.79 -66.23 36.20
N ARG B 339 11.60 -67.09 37.20
CA ARG B 339 12.44 -68.27 37.37
C ARG B 339 12.34 -69.20 36.13
N GLN B 340 11.14 -69.36 35.59
CA GLN B 340 10.98 -70.18 34.40
C GLN B 340 11.90 -69.66 33.33
N LEU B 341 11.73 -68.38 33.01
CA LEU B 341 12.55 -67.73 32.00
C LEU B 341 14.04 -67.95 32.33
N ALA B 342 14.40 -67.84 33.60
CA ALA B 342 15.80 -68.02 34.00
C ALA B 342 16.28 -69.36 33.49
N ASN B 343 15.49 -70.41 33.76
CA ASN B 343 15.84 -71.76 33.34
C ASN B 343 15.84 -71.92 31.84
N ALA B 344 14.84 -71.33 31.18
CA ALA B 344 14.76 -71.41 29.73
C ALA B 344 16.06 -70.84 29.13
N VAL B 345 16.57 -69.78 29.75
CA VAL B 345 17.81 -69.14 29.31
C VAL B 345 19.01 -70.04 29.56
N LYS B 346 18.95 -70.84 30.62
CA LYS B 346 20.01 -71.78 30.94
C LYS B 346 20.01 -72.85 29.85
N ALA B 347 18.80 -73.32 29.52
CA ALA B 347 18.61 -74.31 28.49
C ALA B 347 19.26 -73.83 27.20
N ARG B 348 18.73 -72.75 26.65
CA ARG B 348 19.27 -72.20 25.40
C ARG B 348 20.80 -72.13 25.44
N ARG B 349 21.34 -71.99 26.64
CA ARG B 349 22.79 -71.87 26.83
C ARG B 349 23.52 -73.19 26.91
N GLY B 350 23.75 -73.64 28.14
CA GLY B 350 24.45 -74.90 28.36
C GLY B 350 23.98 -76.01 27.45
N ASN C 2 4.19 -20.83 45.15
CA ASN C 2 4.21 -19.98 46.35
C ASN C 2 5.40 -20.29 47.25
N TYR C 3 6.26 -19.28 47.44
CA TYR C 3 7.44 -19.44 48.28
C TYR C 3 7.27 -18.65 49.58
N GLN C 4 7.80 -19.17 50.68
CA GLN C 4 7.69 -18.48 51.96
C GLN C 4 8.58 -17.25 51.99
N ASN C 5 8.15 -16.25 52.77
CA ASN C 5 8.87 -14.97 52.92
C ASN C 5 9.28 -14.37 51.58
N ASP C 6 8.52 -14.68 50.53
CA ASP C 6 8.87 -14.17 49.22
C ASP C 6 7.94 -13.11 48.69
N ASP C 7 8.49 -12.25 47.85
CA ASP C 7 7.74 -11.15 47.23
C ASP C 7 6.77 -10.32 48.06
N LEU C 8 7.02 -10.18 49.36
CA LEU C 8 6.16 -9.38 50.24
C LEU C 8 5.85 -7.96 49.76
N ARG C 9 6.82 -7.25 49.20
CA ARG C 9 6.52 -5.88 48.77
C ARG C 9 6.33 -5.71 47.27
N ILE C 10 5.91 -6.79 46.59
CA ILE C 10 5.70 -6.75 45.13
C ILE C 10 4.22 -6.66 44.74
N LYS C 11 3.80 -5.52 44.20
CA LYS C 11 2.40 -5.39 43.80
C LYS C 11 2.11 -6.34 42.65
N GLU C 12 3.05 -6.44 41.72
CA GLU C 12 2.88 -7.30 40.55
C GLU C 12 4.13 -7.43 39.72
N ILE C 13 4.29 -8.58 39.06
CA ILE C 13 5.46 -8.80 38.20
C ILE C 13 5.03 -9.58 36.96
N LYS C 14 5.28 -9.03 35.77
CA LYS C 14 4.88 -9.71 34.54
C LYS C 14 5.95 -9.80 33.45
N GLU C 15 5.94 -10.91 32.70
CA GLU C 15 6.88 -11.14 31.61
C GLU C 15 6.93 -9.94 30.69
N LEU C 16 8.10 -9.69 30.14
CA LEU C 16 8.32 -8.57 29.23
C LEU C 16 8.66 -9.23 27.88
N LEU C 17 8.30 -8.60 26.76
CA LEU C 17 8.64 -9.19 25.46
C LEU C 17 10.13 -9.50 25.47
N PRO C 18 10.55 -10.69 24.99
CA PRO C 18 11.99 -10.97 25.01
C PRO C 18 12.67 -10.06 24.00
N PRO C 19 13.95 -9.70 24.24
CA PRO C 19 14.65 -8.83 23.30
C PRO C 19 14.41 -9.27 21.84
N VAL C 20 14.66 -10.55 21.60
CA VAL C 20 14.51 -11.09 20.25
C VAL C 20 13.18 -10.68 19.59
N ALA C 21 12.08 -10.68 20.34
CA ALA C 21 10.81 -10.24 19.76
C ALA C 21 10.97 -8.82 19.20
N LEU C 22 11.49 -7.89 20.00
CA LEU C 22 11.66 -6.51 19.51
C LEU C 22 12.62 -6.41 18.32
N LEU C 23 13.68 -7.22 18.35
CA LEU C 23 14.65 -7.20 17.26
C LEU C 23 14.03 -7.75 15.98
N GLU C 24 13.25 -8.81 16.13
CA GLU C 24 12.58 -9.45 15.00
C GLU C 24 11.54 -8.57 14.37
N LYS C 25 10.83 -7.79 15.17
CA LYS C 25 9.81 -6.93 14.61
C LYS C 25 10.39 -5.65 14.05
N PHE C 26 11.43 -5.11 14.68
CA PHE C 26 12.04 -3.87 14.22
C PHE C 26 13.51 -4.04 14.00
N PRO C 27 13.86 -4.81 12.96
CA PRO C 27 15.27 -5.03 12.69
C PRO C 27 15.85 -3.74 12.10
N ALA C 28 17.16 -3.60 12.23
CA ALA C 28 17.83 -2.42 11.71
C ALA C 28 17.90 -2.47 10.18
N THR C 29 17.34 -1.46 9.52
CA THR C 29 17.41 -1.39 8.06
C THR C 29 18.88 -1.25 7.70
N GLU C 30 19.21 -1.19 6.42
CA GLU C 30 20.61 -1.08 6.04
C GLU C 30 21.11 0.32 6.36
N ASN C 31 20.26 1.32 6.19
CA ASN C 31 20.64 2.68 6.52
C ASN C 31 20.87 2.78 8.02
N ALA C 32 19.83 2.47 8.79
CA ALA C 32 19.91 2.52 10.23
C ALA C 32 21.20 1.83 10.71
N ALA C 33 21.47 0.64 10.21
CA ALA C 33 22.68 -0.05 10.60
C ALA C 33 23.92 0.76 10.28
N ASN C 34 23.92 1.43 9.13
CA ASN C 34 25.07 2.25 8.72
C ASN C 34 25.21 3.42 9.67
N THR C 35 24.17 4.25 9.71
CA THR C 35 24.12 5.41 10.57
C THR C 35 24.76 5.11 11.92
N VAL C 36 24.37 3.99 12.51
CA VAL C 36 24.91 3.56 13.78
C VAL C 36 26.39 3.27 13.69
N ALA C 37 26.78 2.37 12.79
CA ALA C 37 28.18 1.99 12.62
C ALA C 37 29.09 3.18 12.33
N HIS C 38 28.66 4.05 11.43
CA HIS C 38 29.44 5.22 11.08
C HIS C 38 29.58 6.21 12.22
N ALA C 39 28.46 6.54 12.86
CA ALA C 39 28.48 7.50 13.96
C ALA C 39 29.33 6.98 15.11
N ARG C 40 29.39 5.68 15.29
CA ARG C 40 30.21 5.13 16.35
C ARG C 40 31.67 5.30 15.98
N LYS C 41 32.03 4.92 14.75
CA LYS C 41 33.40 5.03 14.26
C LYS C 41 33.87 6.49 14.31
N ALA C 42 32.96 7.42 13.99
CA ALA C 42 33.24 8.86 13.99
C ALA C 42 33.57 9.37 15.39
N ILE C 43 32.74 8.99 16.36
CA ILE C 43 32.94 9.41 17.73
C ILE C 43 34.25 8.81 18.24
N HIS C 44 34.58 7.63 17.74
CA HIS C 44 35.82 6.96 18.15
C HIS C 44 37.05 7.77 17.77
N LYS C 45 37.01 8.35 16.58
CA LYS C 45 38.13 9.14 16.10
C LYS C 45 38.25 10.42 16.90
N ILE C 46 37.13 11.13 17.06
CA ILE C 46 37.16 12.35 17.83
C ILE C 46 37.78 12.09 19.22
N LEU C 47 37.45 10.95 19.81
CA LEU C 47 37.99 10.60 21.14
C LEU C 47 39.43 10.15 21.04
N LYS C 48 39.80 9.62 19.87
CA LYS C 48 41.14 9.15 19.64
C LYS C 48 41.98 10.36 19.20
N GLY C 49 41.30 11.48 18.96
CA GLY C 49 41.97 12.69 18.53
C GLY C 49 42.07 12.83 17.02
N ASN C 50 42.08 11.70 16.33
CA ASN C 50 42.20 11.67 14.88
C ASN C 50 41.09 12.39 14.13
N ASP C 51 40.51 13.42 14.75
CA ASP C 51 39.45 14.20 14.13
C ASP C 51 39.29 15.46 14.98
N ASP C 52 39.17 16.60 14.32
CA ASP C 52 39.07 17.86 15.02
C ASP C 52 37.66 18.35 15.28
N ARG C 53 36.66 17.58 14.88
CA ARG C 53 35.26 17.99 15.07
C ARG C 53 34.70 17.84 16.49
N LEU C 54 33.54 18.45 16.69
CA LEU C 54 32.88 18.44 17.99
C LEU C 54 31.64 17.52 18.02
N LEU C 55 31.61 16.60 18.98
CA LEU C 55 30.46 15.70 19.12
C LEU C 55 29.37 16.53 19.79
N VAL C 56 28.17 16.54 19.21
CA VAL C 56 27.10 17.33 19.79
C VAL C 56 25.83 16.52 20.03
N VAL C 57 25.62 16.14 21.29
CA VAL C 57 24.45 15.40 21.70
C VAL C 57 23.38 16.41 22.10
N ILE C 58 22.52 16.73 21.16
CA ILE C 58 21.49 17.71 21.42
C ILE C 58 20.11 17.12 21.12
N GLY C 59 19.14 17.42 21.98
CA GLY C 59 17.80 16.91 21.78
C GLY C 59 16.93 17.08 23.01
N PRO C 60 15.61 16.81 22.91
CA PRO C 60 14.67 16.94 24.03
C PRO C 60 15.16 16.32 25.32
N CYS C 61 14.79 16.90 26.44
CA CYS C 61 15.18 16.38 27.76
C CYS C 61 14.77 14.91 27.82
N SER C 62 13.51 14.65 27.49
CA SER C 62 12.94 13.32 27.47
C SER C 62 11.93 13.30 26.31
N ILE C 63 11.75 12.14 25.69
CA ILE C 63 10.80 12.04 24.59
C ILE C 63 9.48 11.45 25.08
N HIS C 64 8.38 12.13 24.77
CA HIS C 64 7.06 11.67 25.18
C HIS C 64 6.09 11.57 24.00
N ASP C 65 6.53 12.02 22.82
CA ASP C 65 5.70 11.96 21.63
C ASP C 65 6.51 11.72 20.37
N PRO C 66 6.38 10.52 19.79
CA PRO C 66 7.08 10.10 18.57
C PRO C 66 6.85 11.06 17.42
N VAL C 67 5.66 11.66 17.35
CA VAL C 67 5.36 12.59 16.28
C VAL C 67 6.25 13.82 16.32
N ALA C 68 6.32 14.45 17.49
CA ALA C 68 7.14 15.64 17.65
C ALA C 68 8.59 15.23 17.53
N ALA C 69 8.93 14.10 18.13
CA ALA C 69 10.29 13.58 18.11
C ALA C 69 10.83 13.40 16.70
N LYS C 70 9.98 12.93 15.78
CA LYS C 70 10.43 12.72 14.41
C LYS C 70 10.45 14.03 13.65
N GLU C 71 9.65 14.99 14.06
CA GLU C 71 9.66 16.29 13.39
C GLU C 71 10.96 16.96 13.79
N TYR C 72 11.24 16.89 15.09
CA TYR C 72 12.45 17.47 15.64
C TYR C 72 13.60 16.82 14.91
N ALA C 73 13.60 15.50 14.84
CA ALA C 73 14.67 14.77 14.19
C ALA C 73 14.86 15.24 12.73
N THR C 74 13.76 15.53 12.05
CA THR C 74 13.87 15.99 10.66
C THR C 74 14.67 17.27 10.56
N ARG C 75 14.37 18.23 11.44
CA ARG C 75 15.06 19.51 11.46
C ARG C 75 16.52 19.32 11.84
N LEU C 76 16.76 18.62 12.94
CA LEU C 76 18.13 18.39 13.38
C LEU C 76 18.96 17.68 12.32
N LEU C 77 18.30 16.89 11.48
CA LEU C 77 19.01 16.16 10.43
C LEU C 77 19.54 17.10 9.35
N ALA C 78 18.80 18.16 9.10
CA ALA C 78 19.20 19.16 8.10
C ALA C 78 20.48 19.84 8.57
N LEU C 79 20.46 20.35 9.80
CA LEU C 79 21.63 21.00 10.37
C LEU C 79 22.80 20.05 10.45
N ARG C 80 22.52 18.78 10.77
CA ARG C 80 23.56 17.77 10.85
C ARG C 80 24.35 17.74 9.55
N GLU C 81 23.64 17.97 8.46
CA GLU C 81 24.24 17.97 7.13
C GLU C 81 25.03 19.24 6.86
N GLU C 82 24.36 20.38 7.06
CA GLU C 82 24.96 21.68 6.86
C GLU C 82 26.28 21.79 7.61
N LEU C 83 26.23 21.73 8.94
CA LEU C 83 27.43 21.84 9.77
C LEU C 83 28.25 20.54 9.83
N LYS C 84 27.91 19.61 8.95
CA LYS C 84 28.59 18.33 8.88
C LYS C 84 30.11 18.41 8.98
N ASP C 85 30.69 19.42 8.32
CA ASP C 85 32.14 19.58 8.31
C ASP C 85 32.82 19.97 9.62
N GLU C 86 32.07 20.56 10.54
CA GLU C 86 32.63 20.97 11.82
C GLU C 86 32.13 20.13 13.00
N LEU C 87 30.83 19.84 12.98
CA LEU C 87 30.17 19.07 14.03
C LEU C 87 29.71 17.67 13.64
N GLU C 88 29.57 16.81 14.64
CA GLU C 88 29.09 15.45 14.48
C GLU C 88 27.82 15.41 15.34
N ILE C 89 26.72 15.93 14.79
CA ILE C 89 25.45 15.99 15.50
C ILE C 89 24.76 14.63 15.73
N VAL C 90 24.36 14.41 16.98
CA VAL C 90 23.70 13.17 17.40
C VAL C 90 22.49 13.53 18.25
N ARG C 92 19.64 13.37 21.06
CA ARG C 92 19.48 12.94 22.43
C ARG C 92 18.08 12.33 22.52
N VAL C 93 18.02 11.02 22.45
CA VAL C 93 16.75 10.31 22.53
C VAL C 93 16.66 9.62 23.90
N TYR C 94 16.22 10.36 24.91
CA TYR C 94 16.09 9.82 26.27
C TYR C 94 14.62 9.58 26.52
N PHE C 95 14.29 8.46 27.14
CA PHE C 95 12.88 8.14 27.38
C PHE C 95 12.35 8.43 28.76
N GLU C 96 13.26 8.58 29.72
CA GLU C 96 12.85 8.84 31.09
C GLU C 96 13.90 9.60 31.88
N LYS C 97 13.45 10.38 32.87
CA LYS C 97 14.36 11.11 33.74
C LYS C 97 14.17 10.54 35.14
N PRO C 98 15.26 10.06 35.78
CA PRO C 98 15.20 9.50 37.14
C PRO C 98 14.67 10.51 38.14
N ARG C 99 13.56 10.19 38.79
CA ARG C 99 12.98 11.10 39.75
C ARG C 99 13.00 10.52 41.15
N THR C 100 13.68 11.24 42.05
CA THR C 100 13.74 10.84 43.45
C THR C 100 12.26 10.74 43.82
N THR C 101 11.53 11.81 43.47
CA THR C 101 10.09 11.96 43.71
C THR C 101 9.21 11.07 42.82
N VAL C 102 8.04 11.59 42.47
CA VAL C 102 7.08 10.88 41.63
C VAL C 102 7.16 11.51 40.23
N GLY C 103 6.12 11.29 39.42
CA GLY C 103 6.11 11.83 38.07
C GLY C 103 6.00 10.74 37.03
N TRP C 104 5.88 11.16 35.77
CA TRP C 104 5.76 10.25 34.63
C TRP C 104 6.99 9.35 34.58
N LYS C 105 6.78 8.05 34.36
CA LYS C 105 7.89 7.12 34.31
C LYS C 105 8.53 6.95 32.93
N GLY C 106 8.21 7.85 32.00
CA GLY C 106 8.81 7.77 30.69
C GLY C 106 8.08 6.98 29.62
N LEU C 107 8.51 7.19 28.38
CA LEU C 107 7.93 6.56 27.20
C LEU C 107 7.90 5.05 27.28
N ILE C 108 8.98 4.43 27.74
CA ILE C 108 9.04 2.97 27.85
C ILE C 108 8.18 2.40 28.96
N ASN C 109 8.35 2.92 30.17
CA ASN C 109 7.60 2.43 31.32
C ASN C 109 6.12 2.76 31.31
N ASP C 110 5.75 3.87 30.67
CA ASP C 110 4.35 4.27 30.63
C ASP C 110 4.09 5.12 29.38
N PRO C 111 4.11 4.48 28.21
CA PRO C 111 3.92 5.09 26.89
C PRO C 111 2.77 6.07 26.80
N HIS C 112 1.67 5.71 27.45
CA HIS C 112 0.45 6.50 27.38
C HIS C 112 0.26 7.60 28.43
N ASP C 114 -0.57 7.73 31.22
CA ASP C 114 -1.80 7.61 31.99
C ASP C 114 -1.68 6.55 33.08
N ASN C 115 -0.45 6.24 33.47
CA ASN C 115 -0.20 5.25 34.51
C ASN C 115 -0.68 3.85 34.18
N SER C 116 -0.93 3.61 32.90
CA SER C 116 -1.38 2.31 32.41
C SER C 116 -0.19 1.34 32.45
N PHE C 117 1.02 1.89 32.36
CA PHE C 117 2.26 1.12 32.38
C PHE C 117 2.32 -0.04 31.39
N GLN C 118 2.02 0.29 30.13
CA GLN C 118 2.06 -0.65 29.01
C GLN C 118 3.52 -0.69 28.56
N ILE C 119 4.40 -1.31 29.34
CA ILE C 119 5.80 -1.30 28.98
C ILE C 119 6.15 -2.02 27.67
N ASN C 120 5.43 -3.09 27.33
CA ASN C 120 5.71 -3.77 26.06
C ASN C 120 5.38 -2.85 24.89
N ASP C 121 4.47 -1.90 25.12
CA ASP C 121 4.13 -0.94 24.09
C ASP C 121 5.25 0.09 24.08
N GLY C 122 5.80 0.34 25.26
CA GLY C 122 6.90 1.28 25.41
C GLY C 122 8.04 0.80 24.55
N LEU C 123 8.50 -0.43 24.82
CA LEU C 123 9.59 -0.99 24.04
C LEU C 123 9.31 -0.88 22.54
N ARG C 124 8.11 -1.25 22.12
CA ARG C 124 7.81 -1.17 20.69
C ARG C 124 7.95 0.26 20.20
N ILE C 125 7.21 1.17 20.82
CA ILE C 125 7.26 2.57 20.44
C ILE C 125 8.68 3.14 20.46
N ALA C 126 9.38 2.89 21.56
CA ALA C 126 10.75 3.38 21.73
C ALA C 126 11.64 2.84 20.62
N ARG C 127 11.71 1.51 20.51
CA ARG C 127 12.55 0.92 19.47
C ARG C 127 12.22 1.35 18.05
N LYS C 128 10.94 1.45 17.73
CA LYS C 128 10.58 1.87 16.39
C LYS C 128 11.07 3.29 16.15
N LEU C 129 10.87 4.16 17.14
CA LEU C 129 11.32 5.56 17.03
C LEU C 129 12.82 5.63 16.74
N LEU C 130 13.62 4.91 17.53
CA LEU C 130 15.05 4.91 17.32
C LEU C 130 15.33 4.40 15.93
N LEU C 131 14.66 3.30 15.57
CA LEU C 131 14.85 2.72 14.25
C LEU C 131 14.59 3.75 13.16
N ASP C 132 13.46 4.44 13.22
CA ASP C 132 13.12 5.44 12.23
C ASP C 132 14.15 6.56 12.14
N ILE C 133 14.52 7.11 13.30
CA ILE C 133 15.50 8.18 13.34
C ILE C 133 16.79 7.73 12.69
N ASN C 134 17.33 6.60 13.13
CA ASN C 134 18.57 6.09 12.56
C ASN C 134 18.41 5.84 11.07
N ASP C 135 17.25 5.32 10.67
CA ASP C 135 17.03 5.05 9.26
C ASP C 135 17.17 6.32 8.44
N SER C 136 16.66 7.43 8.96
CA SER C 136 16.74 8.70 8.24
C SER C 136 18.17 9.24 8.15
N GLY C 137 19.10 8.59 8.85
CA GLY C 137 20.49 9.00 8.82
C GLY C 137 20.98 9.79 10.02
N LEU C 138 20.09 10.03 10.99
CA LEU C 138 20.43 10.78 12.19
C LEU C 138 20.80 9.85 13.36
N PRO C 139 22.07 9.82 13.78
CA PRO C 139 22.46 8.95 14.90
C PRO C 139 21.72 9.35 16.16
N ALA C 140 21.61 8.44 17.12
CA ALA C 140 20.90 8.72 18.36
C ALA C 140 21.75 8.41 19.57
N ALA C 141 21.56 9.22 20.61
CA ALA C 141 22.27 9.07 21.88
C ALA C 141 21.21 8.80 22.93
N GLY C 142 21.46 7.83 23.79
CA GLY C 142 20.49 7.52 24.82
C GLY C 142 21.20 7.27 26.13
N GLU C 143 20.44 7.14 27.20
CA GLU C 143 21.00 6.90 28.51
C GLU C 143 20.67 5.48 28.91
N PHE C 144 21.48 4.89 29.79
CA PHE C 144 21.20 3.54 30.21
C PHE C 144 21.08 3.49 31.72
N LEU C 145 19.85 3.41 32.20
CA LEU C 145 19.59 3.38 33.63
C LEU C 145 19.69 2.00 34.27
N ASP C 146 19.48 0.93 33.49
CA ASP C 146 19.58 -0.43 34.05
C ASP C 146 20.39 -1.36 33.16
N ILE C 148 19.25 -4.24 31.77
CA ILE C 148 18.41 -5.03 30.90
C ILE C 148 17.95 -4.27 29.67
N THR C 149 17.58 -3.01 29.83
CA THR C 149 17.12 -2.25 28.68
C THR C 149 18.10 -2.27 27.50
N PRO C 150 19.42 -2.23 27.76
CA PRO C 150 20.37 -2.25 26.63
C PRO C 150 20.05 -3.36 25.61
N GLN C 151 19.76 -4.56 26.11
CA GLN C 151 19.44 -5.67 25.21
C GLN C 151 18.36 -5.33 24.16
N TYR C 152 17.43 -4.44 24.51
CA TYR C 152 16.39 -4.06 23.55
C TYR C 152 16.72 -2.88 22.68
N LEU C 153 17.70 -2.06 23.03
CA LEU C 153 17.96 -0.87 22.22
C LEU C 153 19.39 -0.47 21.90
N ALA C 154 20.37 -1.02 22.61
CA ALA C 154 21.76 -0.63 22.39
C ALA C 154 22.18 -0.64 20.94
N ASP C 155 21.74 -1.63 20.18
CA ASP C 155 22.12 -1.72 18.76
C ASP C 155 21.69 -0.53 17.89
N LEU C 156 20.89 0.37 18.44
CA LEU C 156 20.48 1.55 17.69
C LEU C 156 21.11 2.80 18.32
N SER C 158 24.29 5.09 19.12
CA SER C 158 25.61 5.39 18.59
C SER C 158 26.48 5.93 19.74
N TRP C 159 25.83 6.37 20.82
CA TRP C 159 26.50 6.94 21.99
C TRP C 159 25.57 6.86 23.18
N GLY C 160 26.13 6.54 24.35
CA GLY C 160 25.31 6.46 25.53
C GLY C 160 25.93 7.10 26.76
N ALA C 161 25.08 7.51 27.69
CA ALA C 161 25.54 8.17 28.90
C ALA C 161 25.11 7.52 30.21
N ILE C 162 26.04 7.39 31.14
CA ILE C 162 25.74 6.86 32.47
C ILE C 162 25.57 8.10 33.34
N GLY C 163 24.34 8.40 33.73
CA GLY C 163 24.07 9.58 34.52
C GLY C 163 24.85 9.78 35.81
N ALA C 164 24.78 11.01 36.31
CA ALA C 164 25.46 11.42 37.53
C ALA C 164 25.22 10.52 38.72
N ARG C 165 23.93 10.27 39.01
N ARG C 165 23.94 10.27 39.01
CA ARG C 165 23.55 9.45 40.15
CA ARG C 165 23.55 9.44 40.14
C ARG C 165 23.98 7.98 40.09
C ARG C 165 24.01 7.99 40.09
N THR C 166 24.45 7.51 38.94
CA THR C 166 24.90 6.11 38.80
C THR C 166 26.36 5.91 38.39
N THR C 167 27.04 7.00 38.06
CA THR C 167 28.44 6.95 37.63
C THR C 167 29.34 6.18 38.56
N GLU C 168 29.02 6.22 39.85
CA GLU C 168 29.83 5.54 40.84
C GLU C 168 29.38 4.11 41.10
N SER C 169 28.22 3.74 40.56
CA SER C 169 27.66 2.39 40.71
C SER C 169 28.52 1.36 39.97
N GLN C 170 29.00 0.35 40.69
CA GLN C 170 29.85 -0.65 40.03
C GLN C 170 29.14 -1.34 38.86
N VAL C 171 27.91 -1.80 39.09
CA VAL C 171 27.14 -2.48 38.06
C VAL C 171 27.05 -1.64 36.78
N HIS C 172 26.69 -0.36 36.93
CA HIS C 172 26.61 0.50 35.76
C HIS C 172 27.96 0.66 35.08
N ARG C 173 29.03 0.56 35.85
CA ARG C 173 30.35 0.68 35.25
C ARG C 173 30.57 -0.57 34.43
N GLU C 174 30.37 -1.72 35.07
CA GLU C 174 30.52 -3.00 34.41
C GLU C 174 29.67 -3.02 33.13
N LEU C 175 28.45 -2.50 33.22
CA LEU C 175 27.58 -2.47 32.06
C LEU C 175 28.26 -1.69 30.95
N ALA C 176 28.78 -0.51 31.29
CA ALA C 176 29.45 0.36 30.32
C ALA C 176 30.64 -0.32 29.66
N SER C 177 31.28 -1.23 30.38
CA SER C 177 32.42 -1.93 29.84
C SER C 177 32.02 -2.97 28.82
N GLY C 178 30.71 -3.12 28.59
CA GLY C 178 30.22 -4.10 27.64
C GLY C 178 29.37 -3.50 26.54
N LEU C 179 29.02 -2.23 26.68
CA LEU C 179 28.19 -1.56 25.66
C LEU C 179 28.98 -1.46 24.37
N SER C 180 28.28 -1.60 23.24
CA SER C 180 28.92 -1.55 21.95
C SER C 180 29.14 -0.15 21.42
N CYS C 181 28.90 0.84 22.26
CA CYS C 181 29.09 2.22 21.81
C CYS C 181 29.88 3.07 22.80
N PRO C 182 30.26 4.28 22.39
CA PRO C 182 31.01 5.13 23.29
C PRO C 182 30.11 5.52 24.48
N VAL C 183 30.68 5.51 25.69
CA VAL C 183 29.93 5.85 26.89
C VAL C 183 30.49 7.11 27.54
N GLY C 184 29.59 7.97 28.01
CA GLY C 184 30.01 9.19 28.67
C GLY C 184 29.52 9.18 30.12
N PHE C 185 30.44 9.29 31.09
CA PHE C 185 30.06 9.31 32.49
C PHE C 185 29.95 10.73 33.00
N LYS C 186 28.85 11.05 33.68
CA LYS C 186 28.67 12.38 34.24
C LYS C 186 29.36 12.51 35.61
N ASN C 187 29.73 13.73 35.99
CA ASN C 187 30.38 13.93 37.28
C ASN C 187 29.31 13.88 38.36
N GLY C 188 29.72 13.53 39.58
CA GLY C 188 28.79 13.45 40.70
C GLY C 188 27.82 14.60 40.80
N THR C 189 26.73 14.39 41.56
CA THR C 189 25.70 15.40 41.73
C THR C 189 26.24 16.73 42.27
N ASP C 190 27.02 16.63 43.35
CA ASP C 190 27.60 17.80 43.99
C ASP C 190 28.72 18.44 43.15
N GLY C 191 29.16 17.74 42.10
CA GLY C 191 30.24 18.27 41.27
C GLY C 191 31.48 17.40 41.27
N THR C 192 31.51 16.41 42.17
CA THR C 192 32.65 15.49 42.28
C THR C 192 33.10 14.96 40.90
N ILE C 193 34.41 15.07 40.64
CA ILE C 193 34.99 14.61 39.38
C ILE C 193 35.62 13.22 39.50
N LYS C 194 36.16 12.90 40.68
CA LYS C 194 36.81 11.62 40.87
C LYS C 194 35.98 10.42 40.44
N VAL C 195 34.71 10.38 40.86
CA VAL C 195 33.83 9.28 40.52
C VAL C 195 33.82 8.96 39.02
N ALA C 196 33.64 10.00 38.20
CA ALA C 196 33.61 9.84 36.75
C ALA C 196 34.94 9.33 36.20
N ILE C 197 36.04 9.81 36.78
CA ILE C 197 37.37 9.39 36.33
C ILE C 197 37.56 7.93 36.66
N ASP C 198 37.23 7.52 37.87
CA ASP C 198 37.39 6.11 38.23
C ASP C 198 36.52 5.27 37.31
N ALA C 199 35.32 5.77 37.05
CA ALA C 199 34.38 5.08 36.19
C ALA C 199 35.08 4.79 34.88
N ILE C 200 35.59 5.86 34.25
CA ILE C 200 36.28 5.72 32.98
C ILE C 200 37.35 4.64 33.01
N ASN C 201 38.08 4.56 34.11
CA ASN C 201 39.11 3.54 34.24
C ASN C 201 38.48 2.17 34.38
N ALA C 202 37.42 2.08 35.16
CA ALA C 202 36.75 0.80 35.35
C ALA C 202 36.13 0.29 34.04
N ALA C 203 35.43 1.18 33.34
CA ALA C 203 34.80 0.82 32.08
C ALA C 203 35.80 0.22 31.09
N GLY C 204 37.06 0.64 31.23
CA GLY C 204 38.08 0.15 30.34
C GLY C 204 38.47 -1.29 30.54
N ALA C 205 38.15 -1.88 31.68
CA ALA C 205 38.52 -3.28 31.96
C ALA C 205 37.39 -4.27 31.68
N PRO C 206 37.70 -5.58 31.72
CA PRO C 206 36.73 -6.66 31.49
C PRO C 206 35.97 -6.89 32.78
N HIS C 207 34.66 -7.14 32.66
CA HIS C 207 33.83 -7.36 33.83
C HIS C 207 32.73 -8.41 33.62
N CYS C 208 32.07 -8.76 34.72
CA CYS C 208 30.96 -9.71 34.76
C CYS C 208 29.73 -9.03 35.35
N PHE C 209 28.58 -9.14 34.69
CA PHE C 209 27.37 -8.60 35.27
C PHE C 209 26.17 -9.43 34.84
N LEU C 210 25.12 -9.43 35.64
CA LEU C 210 23.92 -10.20 35.34
C LEU C 210 22.95 -9.37 34.51
N SER C 211 22.27 -10.03 33.56
CA SER C 211 21.28 -9.38 32.69
C SER C 211 20.47 -10.50 32.05
N VAL C 212 20.03 -10.30 30.81
CA VAL C 212 19.29 -11.39 30.14
C VAL C 212 19.79 -11.62 28.72
N THR C 213 19.75 -12.88 28.29
CA THR C 213 20.17 -13.25 26.94
C THR C 213 19.16 -12.61 26.00
N LYS C 214 19.45 -12.61 24.70
CA LYS C 214 18.54 -12.00 23.75
C LYS C 214 17.20 -12.77 23.76
N TRP C 215 17.22 -14.00 24.30
CA TRP C 215 16.01 -14.81 24.38
C TRP C 215 15.27 -14.50 25.66
N GLY C 216 15.78 -13.54 26.44
CA GLY C 216 15.12 -13.14 27.68
C GLY C 216 15.38 -13.92 28.96
N HIS C 217 16.28 -14.91 28.95
CA HIS C 217 16.55 -15.66 30.19
C HIS C 217 17.65 -14.93 31.01
N SER C 218 17.63 -15.13 32.33
CA SER C 218 18.62 -14.48 33.16
C SER C 218 19.99 -15.03 32.74
N ALA C 219 20.97 -14.15 32.66
CA ALA C 219 22.30 -14.54 32.20
C ALA C 219 23.48 -13.77 32.81
N ILE C 220 24.69 -14.34 32.68
CA ILE C 220 25.91 -13.70 33.14
C ILE C 220 26.61 -13.17 31.90
N VAL C 221 26.87 -11.87 31.87
CA VAL C 221 27.56 -11.25 30.76
C VAL C 221 29.03 -10.98 31.12
N ASN C 222 29.96 -11.43 30.28
CA ASN C 222 31.40 -11.20 30.49
C ASN C 222 31.81 -10.18 29.44
N THR C 223 32.12 -8.96 29.86
CA THR C 223 32.51 -7.93 28.89
C THR C 223 33.99 -8.01 28.49
N SER C 224 34.35 -7.24 27.47
CA SER C 224 35.72 -7.21 26.99
C SER C 224 36.43 -5.99 27.56
N GLY C 225 35.70 -4.87 27.64
CA GLY C 225 36.27 -3.63 28.16
C GLY C 225 35.90 -2.56 27.16
N ASN C 226 35.77 -1.33 27.62
CA ASN C 226 35.40 -0.26 26.70
C ASN C 226 36.38 0.91 26.87
N GLY C 227 37.08 1.23 25.79
CA GLY C 227 38.03 2.31 25.81
C GLY C 227 37.44 3.64 25.37
N ASP C 228 36.26 3.61 24.75
CA ASP C 228 35.66 4.85 24.28
C ASP C 228 34.81 5.60 25.29
N CYS C 229 35.29 5.69 26.53
CA CYS C 229 34.53 6.40 27.56
C CYS C 229 35.20 7.72 27.88
N HIS C 230 34.39 8.71 28.18
CA HIS C 230 34.92 10.02 28.50
C HIS C 230 34.06 10.64 29.57
N ILE C 231 34.50 11.75 30.13
CA ILE C 231 33.73 12.40 31.19
C ILE C 231 32.76 13.43 30.62
N ILE C 232 31.72 13.75 31.39
CA ILE C 232 30.72 14.73 30.97
C ILE C 232 30.53 15.70 32.14
N LEU C 233 30.88 16.97 31.93
CA LEU C 233 30.76 17.98 32.98
C LEU C 233 29.39 18.60 32.95
N ARG C 234 28.58 18.31 33.97
CA ARG C 234 27.22 18.82 34.04
C ARG C 234 27.01 19.69 35.26
N GLY C 235 28.12 20.18 35.81
CA GLY C 235 28.05 21.03 36.97
C GLY C 235 27.77 20.30 38.26
N GLY C 236 27.85 21.04 39.36
CA GLY C 236 27.59 20.49 40.68
C GLY C 236 26.75 21.53 41.39
N LYS C 237 27.22 22.02 42.52
CA LYS C 237 26.49 23.04 43.26
C LYS C 237 26.64 24.34 42.50
N GLU C 238 27.67 24.39 41.65
CA GLU C 238 27.99 25.56 40.81
C GLU C 238 28.57 25.01 39.51
N PRO C 239 28.24 25.62 38.36
CA PRO C 239 28.73 25.20 37.04
C PRO C 239 30.17 24.68 36.93
N ASN C 240 30.39 23.80 35.94
CA ASN C 240 31.68 23.15 35.65
C ASN C 240 32.29 23.60 34.33
N TYR C 241 31.54 24.35 33.53
CA TYR C 241 32.01 24.75 32.21
C TYR C 241 33.16 25.77 32.08
N SER C 242 33.40 26.58 33.10
CA SER C 242 34.47 27.57 33.03
C SER C 242 35.82 26.90 32.73
N ALA C 243 36.67 27.65 32.02
CA ALA C 243 38.00 27.17 31.65
C ALA C 243 38.81 26.79 32.90
N LYS C 244 38.43 27.39 34.03
CA LYS C 244 39.10 27.11 35.28
C LYS C 244 38.93 25.62 35.59
N HIS C 245 37.68 25.16 35.51
CA HIS C 245 37.37 23.75 35.79
C HIS C 245 37.92 22.82 34.73
N VAL C 246 37.74 23.18 33.47
CA VAL C 246 38.25 22.37 32.37
C VAL C 246 39.71 22.07 32.65
N ALA C 247 40.43 23.11 33.08
CA ALA C 247 41.84 23.00 33.41
C ALA C 247 41.99 21.94 34.49
N GLU C 248 41.22 22.07 35.55
CA GLU C 248 41.24 21.12 36.67
C GLU C 248 41.01 19.70 36.16
N VAL C 249 39.88 19.49 35.49
CA VAL C 249 39.52 18.17 34.97
C VAL C 249 40.61 17.58 34.11
N LYS C 250 41.11 18.37 33.16
CA LYS C 250 42.18 17.93 32.26
C LYS C 250 43.34 17.38 33.08
N GLU C 251 43.57 18.00 34.24
CA GLU C 251 44.62 17.60 35.16
C GLU C 251 44.37 16.17 35.64
N GLY C 252 43.32 16.04 36.46
CA GLY C 252 42.93 14.77 37.02
C GLY C 252 42.92 13.62 36.02
N LEU C 253 42.45 13.88 34.81
CA LEU C 253 42.42 12.85 33.79
C LEU C 253 43.82 12.30 33.51
N ASN C 254 44.75 13.20 33.22
CA ASN C 254 46.13 12.79 32.95
C ASN C 254 46.71 12.15 34.19
N LYS C 255 46.44 12.74 35.34
CA LYS C 255 46.92 12.21 36.60
C LYS C 255 46.48 10.74 36.73
N ALA C 256 45.29 10.45 36.21
CA ALA C 256 44.74 9.10 36.26
C ALA C 256 45.19 8.26 35.07
N GLY C 257 45.89 8.89 34.13
CA GLY C 257 46.39 8.17 32.97
C GLY C 257 45.37 8.03 31.88
N LEU C 258 44.49 9.03 31.77
CA LEU C 258 43.44 9.01 30.77
C LEU C 258 43.47 10.28 29.94
N PRO C 259 43.19 10.17 28.63
CA PRO C 259 43.17 11.30 27.71
C PRO C 259 42.47 12.53 28.28
N ALA C 260 43.10 13.68 28.20
CA ALA C 260 42.48 14.90 28.72
C ALA C 260 41.43 15.42 27.73
N GLN C 261 40.23 14.84 27.81
CA GLN C 261 39.11 15.21 26.94
C GLN C 261 37.85 15.29 27.79
N VAL C 262 36.94 16.18 27.43
CA VAL C 262 35.72 16.32 28.19
C VAL C 262 34.56 16.80 27.36
N ILE C 264 30.96 18.93 27.59
CA ILE C 264 30.33 19.88 28.51
C ILE C 264 28.81 19.96 28.31
N ASP C 265 28.08 19.75 29.40
CA ASP C 265 26.62 19.79 29.36
C ASP C 265 26.12 21.19 29.67
N PHE C 266 25.65 21.89 28.64
CA PHE C 266 25.15 23.25 28.80
C PHE C 266 23.91 23.29 29.67
N SER C 267 23.22 22.17 29.79
CA SER C 267 22.00 22.15 30.58
C SER C 267 22.23 21.68 32.02
N HIS C 268 21.12 21.39 32.70
CA HIS C 268 21.12 20.92 34.09
C HIS C 268 21.83 21.83 35.08
N ALA C 269 22.82 21.29 35.79
CA ALA C 269 23.56 22.06 36.79
C ALA C 269 24.41 23.20 36.23
N ASN C 270 24.90 23.06 35.01
CA ASN C 270 25.70 24.10 34.39
C ASN C 270 24.80 25.23 33.91
N SER C 271 23.53 24.89 33.72
CA SER C 271 22.53 25.86 33.27
C SER C 271 21.76 26.41 34.46
N SER C 272 22.04 25.87 35.64
CA SER C 272 21.36 26.30 36.86
C SER C 272 19.86 26.06 36.72
N LYS C 273 19.51 24.98 36.03
CA LYS C 273 18.12 24.62 35.77
C LYS C 273 17.34 25.74 35.07
N GLN C 274 18.04 26.58 34.32
CA GLN C 274 17.42 27.68 33.58
C GLN C 274 17.75 27.52 32.10
N PHE C 275 16.85 26.88 31.35
CA PHE C 275 17.05 26.61 29.93
C PHE C 275 17.60 27.79 29.12
N LYS C 276 17.30 29.00 29.56
CA LYS C 276 17.76 30.23 28.91
C LYS C 276 19.29 30.30 28.98
N LYS C 277 19.83 30.04 30.18
CA LYS C 277 21.26 30.09 30.45
C LYS C 277 22.15 29.14 29.62
N GLN C 278 21.53 28.20 28.92
CA GLN C 278 22.31 27.28 28.10
C GLN C 278 23.00 28.10 27.01
N ASP C 280 24.18 31.09 27.39
CA ASP C 280 25.31 31.75 28.03
C ASP C 280 26.49 30.79 28.12
N VAL C 281 26.23 29.59 28.62
CA VAL C 281 27.26 28.57 28.74
C VAL C 281 27.88 28.36 27.36
N CYS C 282 27.04 28.45 26.33
CA CYS C 282 27.48 28.30 24.95
C CYS C 282 28.49 29.38 24.63
N ALA C 283 28.23 30.58 25.15
CA ALA C 283 29.13 31.71 24.95
C ALA C 283 30.53 31.41 25.51
N ASP C 284 30.59 31.09 26.81
CA ASP C 284 31.86 30.79 27.47
C ASP C 284 32.60 29.61 26.82
N VAL C 285 31.85 28.55 26.52
CA VAL C 285 32.46 27.38 25.91
C VAL C 285 32.89 27.63 24.48
N CYS C 286 32.06 28.32 23.70
CA CYS C 286 32.43 28.62 22.32
C CYS C 286 33.78 29.34 22.31
N GLN C 287 33.95 30.26 23.26
CA GLN C 287 35.19 31.02 23.37
C GLN C 287 36.35 30.07 23.61
N GLN C 288 36.27 29.28 24.69
CA GLN C 288 37.32 28.33 24.99
C GLN C 288 37.68 27.54 23.73
N ILE C 289 36.67 26.97 23.10
CA ILE C 289 36.87 26.20 21.87
C ILE C 289 37.67 26.99 20.84
N ALA C 290 37.14 28.15 20.44
CA ALA C 290 37.79 29.01 19.44
C ALA C 290 39.17 29.52 19.86
N GLY C 291 39.34 29.76 21.16
CA GLY C 291 40.62 30.26 21.65
C GLY C 291 41.72 29.21 21.69
N GLY C 292 41.54 28.13 20.93
CA GLY C 292 42.53 27.07 20.90
C GLY C 292 42.36 26.01 21.99
N GLU C 293 41.12 25.63 22.26
CA GLU C 293 40.84 24.60 23.27
C GLU C 293 40.46 23.27 22.62
N LYS C 294 41.38 22.32 22.72
CA LYS C 294 41.24 20.99 22.14
C LYS C 294 40.59 19.90 23.01
N ALA C 295 40.85 19.96 24.32
CA ALA C 295 40.33 19.00 25.28
C ALA C 295 38.83 18.79 25.16
N ILE C 296 38.12 19.84 24.79
CA ILE C 296 36.68 19.77 24.65
C ILE C 296 36.32 19.03 23.36
N ILE C 297 35.92 17.76 23.48
CA ILE C 297 35.54 16.96 22.30
C ILE C 297 34.02 16.96 22.03
N GLY C 298 33.22 17.49 22.95
CA GLY C 298 31.80 17.53 22.72
C GLY C 298 30.98 18.32 23.72
N VAL C 299 29.73 18.58 23.38
CA VAL C 299 28.82 19.31 24.27
C VAL C 299 27.45 18.63 24.31
N VAL C 301 23.23 19.60 24.75
CA VAL C 301 22.22 20.65 24.87
C VAL C 301 20.81 20.10 24.90
N GLU C 302 20.00 20.59 25.82
CA GLU C 302 18.61 20.15 25.89
C GLU C 302 17.75 21.12 25.11
N SER C 303 17.33 20.72 23.92
CA SER C 303 16.49 21.59 23.09
C SER C 303 15.34 20.80 22.47
N HIS C 304 14.26 21.51 22.17
CA HIS C 304 13.09 20.91 21.57
C HIS C 304 12.56 21.85 20.47
N LEU C 305 11.34 21.60 20.01
CA LEU C 305 10.70 22.41 18.99
C LEU C 305 10.19 23.68 19.64
N VAL C 306 9.74 23.56 20.89
CA VAL C 306 9.22 24.68 21.68
C VAL C 306 9.99 24.75 23.00
N GLU C 307 10.43 25.95 23.36
CA GLU C 307 11.19 26.17 24.59
C GLU C 307 10.40 25.97 25.88
N GLY C 308 11.14 25.90 26.98
CA GLY C 308 10.53 25.72 28.27
C GLY C 308 10.02 24.30 28.45
N ASN C 309 9.21 24.11 29.47
CA ASN C 309 8.64 22.80 29.75
C ASN C 309 7.20 23.03 30.16
N GLN C 310 6.50 21.96 30.50
CA GLN C 310 5.12 22.10 30.92
C GLN C 310 4.76 20.99 31.90
N SER C 311 3.77 21.26 32.74
CA SER C 311 3.34 20.30 33.73
C SER C 311 2.34 19.29 33.18
N LEU C 312 2.72 18.02 33.27
CA LEU C 312 1.88 16.93 32.81
C LEU C 312 1.06 16.49 34.02
N GLU C 313 1.68 16.56 35.21
CA GLU C 313 1.06 16.16 36.47
C GLU C 313 0.06 17.18 37.06
N SER C 314 -0.36 18.14 36.24
CA SER C 314 -1.31 19.15 36.71
C SER C 314 -2.61 19.04 35.92
N GLY C 315 -2.73 17.97 35.13
CA GLY C 315 -3.93 17.76 34.32
C GLY C 315 -4.11 18.85 33.28
N GLU C 316 -3.05 19.10 32.52
CA GLU C 316 -3.08 20.13 31.49
C GLU C 316 -2.89 19.58 30.07
N PRO C 317 -3.63 20.15 29.09
CA PRO C 317 -3.57 19.76 27.68
C PRO C 317 -2.18 20.04 27.10
N LEU C 318 -1.30 19.05 27.17
CA LEU C 318 0.07 19.19 26.68
C LEU C 318 0.16 19.86 25.30
N ALA C 319 1.16 20.73 25.15
CA ALA C 319 1.39 21.42 23.90
C ALA C 319 2.43 20.65 23.09
N TYR C 320 2.24 20.61 21.77
CA TYR C 320 3.14 19.89 20.88
C TYR C 320 4.56 20.42 20.83
N GLY C 321 5.52 19.50 20.83
CA GLY C 321 6.91 19.89 20.75
C GLY C 321 7.44 20.67 21.96
N LYS C 322 6.86 20.41 23.13
CA LYS C 322 7.31 21.09 24.35
C LYS C 322 7.57 20.02 25.40
N SER C 323 8.81 19.96 25.87
CA SER C 323 9.23 18.96 26.87
C SER C 323 8.37 18.97 28.12
N ILE C 324 8.10 17.79 28.67
CA ILE C 324 7.30 17.69 29.88
C ILE C 324 8.16 17.31 31.09
N THR C 325 9.46 17.53 30.95
CA THR C 325 10.43 17.29 32.02
C THR C 325 11.23 18.58 32.17
N ASP C 326 12.55 18.53 31.98
CA ASP C 326 13.37 19.75 32.10
C ASP C 326 13.06 20.71 30.96
N ALA C 327 13.24 22.00 31.22
CA ALA C 327 13.01 23.03 30.21
C ALA C 327 14.10 22.95 29.16
N CYS C 328 13.72 23.11 27.89
CA CYS C 328 14.67 23.05 26.78
C CYS C 328 14.57 24.32 25.95
N ILE C 329 15.68 24.73 25.32
CA ILE C 329 15.66 25.93 24.48
C ILE C 329 14.82 25.59 23.24
N GLY C 330 14.20 26.60 22.65
CA GLY C 330 13.38 26.38 21.48
C GLY C 330 14.22 26.01 20.27
N TRP C 331 13.59 25.83 19.12
CA TRP C 331 14.33 25.47 17.92
C TRP C 331 15.14 26.65 17.35
N GLU C 332 14.75 27.87 17.69
CA GLU C 332 15.47 29.05 17.21
C GLU C 332 16.87 29.09 17.80
N ASP C 333 16.92 29.11 19.12
CA ASP C 333 18.18 29.14 19.84
C ASP C 333 19.03 27.94 19.43
N THR C 334 18.39 26.77 19.34
CA THR C 334 19.07 25.54 18.95
C THR C 334 19.89 25.77 17.67
N ASP C 335 19.26 26.32 16.64
CA ASP C 335 19.95 26.57 15.39
C ASP C 335 21.09 27.56 15.56
N ALA C 336 20.78 28.73 16.11
CA ALA C 336 21.79 29.76 16.33
C ALA C 336 22.94 29.12 17.10
N LEU C 337 22.57 28.43 18.18
CA LEU C 337 23.50 27.74 19.06
C LEU C 337 24.47 26.86 18.29
N LEU C 338 23.91 25.92 17.53
CA LEU C 338 24.71 24.99 16.75
C LEU C 338 25.64 25.68 15.76
N ARG C 339 25.13 26.76 15.14
CA ARG C 339 25.91 27.52 14.20
C ARG C 339 27.15 28.10 14.89
N GLN C 340 26.95 28.70 16.07
CA GLN C 340 28.05 29.27 16.83
C GLN C 340 29.11 28.21 17.07
N LEU C 341 28.67 27.10 17.63
CA LEU C 341 29.54 25.97 17.92
C LEU C 341 30.32 25.60 16.68
N ALA C 342 29.62 25.50 15.55
CA ALA C 342 30.25 25.16 14.28
C ALA C 342 31.43 26.09 14.01
N ASN C 343 31.21 27.38 14.21
CA ASN C 343 32.25 28.38 13.99
C ASN C 343 33.41 28.28 14.98
N ALA C 344 33.09 28.12 16.26
CA ALA C 344 34.10 28.01 17.31
C ALA C 344 35.04 26.86 16.99
N VAL C 345 34.53 25.88 16.24
CA VAL C 345 35.31 24.73 15.84
C VAL C 345 36.12 25.12 14.62
N LYS C 346 35.59 26.09 13.88
CA LYS C 346 36.29 26.60 12.70
C LYS C 346 37.39 27.54 13.19
N ALA C 347 37.05 28.39 14.15
CA ALA C 347 38.04 29.31 14.71
C ALA C 347 39.19 28.44 15.20
N ARG C 348 38.92 27.60 16.19
CA ARG C 348 39.91 26.70 16.78
C ARG C 348 40.68 25.92 15.72
N ARG C 349 39.98 25.53 14.66
CA ARG C 349 40.59 24.77 13.58
C ARG C 349 41.94 25.37 13.24
N GLY C 350 42.00 26.70 13.26
CA GLY C 350 43.25 27.37 12.94
C GLY C 350 43.19 28.11 11.62
N ASN D 2 22.49 -13.57 14.65
CA ASN D 2 23.47 -12.49 14.47
C ASN D 2 22.81 -11.15 14.15
N TYR D 3 22.99 -10.17 15.03
CA TYR D 3 22.41 -8.86 14.79
C TYR D 3 23.50 -7.85 14.46
N GLN D 4 23.12 -6.87 13.67
CA GLN D 4 24.03 -5.83 13.23
C GLN D 4 24.38 -4.91 14.41
N ASN D 5 25.64 -4.49 14.51
CA ASN D 5 26.11 -3.58 15.56
C ASN D 5 25.85 -4.07 16.98
N ASP D 6 25.75 -5.39 17.15
CA ASP D 6 25.42 -5.96 18.45
C ASP D 6 26.55 -6.66 19.18
N ASP D 7 26.49 -6.58 20.52
CA ASP D 7 27.46 -7.21 21.40
C ASP D 7 28.92 -7.04 21.04
N LEU D 8 29.28 -5.89 20.46
CA LEU D 8 30.66 -5.65 20.06
C LEU D 8 31.66 -5.81 21.18
N ARG D 9 31.27 -5.53 22.41
CA ARG D 9 32.22 -5.67 23.52
C ARG D 9 31.84 -6.79 24.48
N ILE D 10 31.15 -7.82 23.97
CA ILE D 10 30.77 -8.94 24.83
C ILE D 10 31.62 -10.16 24.55
N LYS D 11 32.44 -10.55 25.52
CA LYS D 11 33.29 -11.73 25.36
C LYS D 11 32.44 -12.98 25.36
N GLU D 12 31.40 -12.98 26.16
CA GLU D 12 30.56 -14.17 26.27
C GLU D 12 29.36 -13.87 27.15
N ILE D 13 28.28 -14.63 26.97
CA ILE D 13 27.06 -14.47 27.74
C ILE D 13 26.37 -15.82 27.81
N LYS D 14 26.11 -16.34 29.00
CA LYS D 14 25.48 -17.64 29.09
C LYS D 14 24.30 -17.66 30.05
N GLU D 15 23.37 -18.59 29.82
CA GLU D 15 22.20 -18.73 30.66
C GLU D 15 22.62 -18.97 32.09
N LEU D 16 21.82 -18.43 33.00
CA LEU D 16 22.08 -18.56 34.43
C LEU D 16 20.91 -19.40 34.97
N LEU D 17 21.18 -20.36 35.86
CA LEU D 17 20.09 -21.17 36.43
C LEU D 17 18.92 -20.25 36.77
N PRO D 18 17.70 -20.61 36.36
CA PRO D 18 16.62 -19.70 36.72
C PRO D 18 16.39 -19.73 38.26
N PRO D 19 15.90 -18.64 38.85
CA PRO D 19 15.68 -18.65 40.29
C PRO D 19 14.93 -19.91 40.75
N VAL D 20 13.87 -20.25 40.05
CA VAL D 20 13.10 -21.42 40.46
C VAL D 20 13.94 -22.68 40.65
N ALA D 21 15.04 -22.81 39.90
CA ALA D 21 15.92 -23.97 40.04
C ALA D 21 16.56 -23.96 41.42
N LEU D 22 17.05 -22.80 41.84
CA LEU D 22 17.68 -22.66 43.15
C LEU D 22 16.64 -22.87 44.26
N LEU D 23 15.48 -22.23 44.12
CA LEU D 23 14.43 -22.39 45.11
C LEU D 23 13.99 -23.83 45.24
N GLU D 24 13.84 -24.51 44.11
CA GLU D 24 13.41 -25.91 44.11
C GLU D 24 14.43 -26.86 44.72
N LYS D 25 15.71 -26.59 44.50
CA LYS D 25 16.76 -27.45 45.05
C LYS D 25 17.01 -27.14 46.51
N PHE D 26 16.97 -25.85 46.84
CA PHE D 26 17.21 -25.42 48.21
C PHE D 26 16.03 -24.65 48.77
N PRO D 27 14.93 -25.35 49.06
CA PRO D 27 13.77 -24.65 49.59
C PRO D 27 13.99 -24.34 51.10
N ALA D 28 13.32 -23.31 51.58
CA ALA D 28 13.47 -22.96 52.98
C ALA D 28 12.87 -24.02 53.87
N THR D 29 13.65 -24.54 54.80
CA THR D 29 13.13 -25.51 55.77
C THR D 29 12.18 -24.72 56.67
N GLU D 30 11.41 -25.39 57.51
CA GLU D 30 10.47 -24.66 58.38
C GLU D 30 11.24 -23.73 59.31
N ASN D 31 12.37 -24.21 59.83
CA ASN D 31 13.19 -23.40 60.71
C ASN D 31 13.66 -22.16 59.98
N ALA D 32 14.37 -22.37 58.87
CA ALA D 32 14.87 -21.25 58.09
C ALA D 32 13.77 -20.22 57.84
N ALA D 33 12.59 -20.69 57.43
CA ALA D 33 11.53 -19.74 57.15
C ALA D 33 11.11 -18.97 58.40
N ASN D 34 11.11 -19.64 59.56
CA ASN D 34 10.76 -18.96 60.81
C ASN D 34 11.84 -17.93 61.11
N THR D 35 13.06 -18.42 61.23
CA THR D 35 14.20 -17.58 61.46
C THR D 35 14.05 -16.29 60.68
N VAL D 36 13.79 -16.40 59.39
CA VAL D 36 13.65 -15.22 58.55
C VAL D 36 12.44 -14.35 58.86
N ALA D 37 11.30 -14.98 59.10
CA ALA D 37 10.09 -14.23 59.39
C ALA D 37 10.23 -13.47 60.69
N HIS D 38 10.72 -14.17 61.70
CA HIS D 38 10.90 -13.59 63.02
C HIS D 38 11.91 -12.45 63.06
N ALA D 39 13.10 -12.67 62.51
CA ALA D 39 14.11 -11.62 62.53
C ALA D 39 13.67 -10.38 61.75
N ARG D 40 12.81 -10.56 60.77
CA ARG D 40 12.38 -9.41 60.02
C ARG D 40 11.38 -8.65 60.88
N LYS D 41 10.56 -9.38 61.63
CA LYS D 41 9.56 -8.77 62.48
C LYS D 41 10.25 -8.00 63.58
N ALA D 42 11.29 -8.61 64.14
CA ALA D 42 12.08 -8.02 65.22
C ALA D 42 12.71 -6.70 64.80
N ILE D 43 13.35 -6.69 63.65
CA ILE D 43 13.98 -5.48 63.15
C ILE D 43 12.91 -4.45 62.85
N HIS D 44 11.71 -4.91 62.50
CA HIS D 44 10.64 -3.98 62.23
C HIS D 44 10.30 -3.24 63.52
N LYS D 45 10.19 -3.98 64.63
CA LYS D 45 9.87 -3.35 65.91
C LYS D 45 10.93 -2.36 66.36
N ILE D 46 12.19 -2.74 66.23
CA ILE D 46 13.26 -1.83 66.61
C ILE D 46 13.12 -0.55 65.79
N LEU D 47 12.86 -0.67 64.50
CA LEU D 47 12.74 0.51 63.66
C LEU D 47 11.47 1.31 63.91
N LYS D 48 10.48 0.70 64.54
CA LYS D 48 9.21 1.38 64.80
C LYS D 48 9.29 2.05 66.19
N GLY D 49 10.41 1.83 66.86
CA GLY D 49 10.61 2.38 68.18
C GLY D 49 9.88 1.63 69.28
N ASN D 50 9.73 0.31 69.12
CA ASN D 50 9.03 -0.46 70.13
C ASN D 50 9.92 -1.53 70.70
N ASP D 51 11.22 -1.34 70.62
CA ASP D 51 12.14 -2.34 71.14
C ASP D 51 13.45 -1.63 71.44
N ASP D 52 13.80 -1.56 72.72
CA ASP D 52 15.03 -0.89 73.09
C ASP D 52 16.29 -1.66 72.71
N ARG D 53 16.15 -2.81 72.06
CA ARG D 53 17.32 -3.61 71.68
C ARG D 53 18.06 -3.05 70.48
N LEU D 54 19.26 -3.56 70.28
CA LEU D 54 20.13 -3.10 69.21
C LEU D 54 20.31 -4.15 68.09
N LEU D 55 20.13 -3.71 66.84
CA LEU D 55 20.32 -4.61 65.71
C LEU D 55 21.82 -4.68 65.48
N VAL D 56 22.37 -5.89 65.46
CA VAL D 56 23.81 -6.00 65.25
C VAL D 56 24.11 -6.87 64.03
N VAL D 57 24.54 -6.23 62.96
CA VAL D 57 24.91 -6.96 61.75
C VAL D 57 26.41 -7.19 61.82
N ILE D 58 26.80 -8.35 62.31
CA ILE D 58 28.20 -8.65 62.45
C ILE D 58 28.60 -9.91 61.67
N GLY D 59 29.79 -9.88 61.07
CA GLY D 59 30.27 -11.03 60.32
C GLY D 59 31.36 -10.69 59.32
N PRO D 60 31.98 -11.68 58.67
CA PRO D 60 33.06 -11.51 57.69
C PRO D 60 32.79 -10.42 56.67
N CYS D 61 33.85 -9.76 56.23
CA CYS D 61 33.71 -8.69 55.24
C CYS D 61 33.04 -9.27 54.01
N SER D 62 33.52 -10.44 53.62
CA SER D 62 33.03 -11.18 52.47
C SER D 62 33.28 -12.65 52.78
N ILE D 63 32.38 -13.52 52.32
CA ILE D 63 32.53 -14.95 52.57
C ILE D 63 33.18 -15.65 51.38
N HIS D 64 34.18 -16.46 51.66
CA HIS D 64 34.87 -17.17 50.60
C HIS D 64 34.97 -18.66 50.90
N ASP D 65 34.62 -19.03 52.12
CA ASP D 65 34.66 -20.44 52.50
C ASP D 65 33.50 -20.86 53.40
N PRO D 66 32.57 -21.65 52.83
CA PRO D 66 31.40 -22.15 53.55
C PRO D 66 31.72 -22.83 54.87
N VAL D 67 32.85 -23.53 54.91
CA VAL D 67 33.25 -24.24 56.12
C VAL D 67 33.46 -23.29 57.30
N ALA D 68 34.36 -22.32 57.10
CA ALA D 68 34.66 -21.34 58.14
C ALA D 68 33.41 -20.55 58.43
N ALA D 69 32.73 -20.12 57.36
CA ALA D 69 31.51 -19.35 57.50
C ALA D 69 30.48 -20.07 58.35
N LYS D 70 30.50 -21.39 58.35
CA LYS D 70 29.52 -22.14 59.13
C LYS D 70 30.00 -22.34 60.55
N GLU D 71 31.32 -22.32 60.73
CA GLU D 71 31.89 -22.46 62.07
C GLU D 71 31.64 -21.14 62.77
N TYR D 72 31.96 -20.06 62.08
CA TYR D 72 31.74 -18.73 62.58
C TYR D 72 30.27 -18.62 63.03
N ALA D 73 29.36 -19.01 62.15
CA ALA D 73 27.93 -18.96 62.44
C ALA D 73 27.59 -19.70 63.72
N THR D 74 28.18 -20.88 63.91
CA THR D 74 27.89 -21.66 65.11
C THR D 74 28.22 -20.87 66.38
N ARG D 75 29.35 -20.17 66.35
CA ARG D 75 29.80 -19.36 67.46
C ARG D 75 28.89 -18.14 67.66
N LEU D 76 28.73 -17.36 66.59
CA LEU D 76 27.89 -16.17 66.65
C LEU D 76 26.49 -16.52 67.11
N LEU D 77 26.06 -17.73 66.80
CA LEU D 77 24.72 -18.16 67.17
C LEU D 77 24.60 -18.32 68.67
N ALA D 78 25.69 -18.72 69.31
CA ALA D 78 25.67 -18.92 70.75
C ALA D 78 25.46 -17.57 71.44
N LEU D 79 26.30 -16.61 71.06
CA LEU D 79 26.22 -15.28 71.63
C LEU D 79 24.84 -14.72 71.34
N ARG D 80 24.33 -14.97 70.14
CA ARG D 80 23.02 -14.48 69.77
C ARG D 80 21.99 -14.89 70.80
N GLU D 81 22.08 -16.13 71.25
CA GLU D 81 21.12 -16.64 72.23
C GLU D 81 21.36 -16.04 73.58
N GLU D 82 22.63 -15.86 73.92
CA GLU D 82 23.03 -15.31 75.21
C GLU D 82 22.59 -13.84 75.36
N LEU D 83 23.09 -12.98 74.48
CA LEU D 83 22.79 -11.56 74.51
C LEU D 83 21.47 -11.20 73.86
N LYS D 84 20.58 -12.17 73.70
CA LYS D 84 19.32 -11.90 73.00
C LYS D 84 18.36 -10.88 73.60
N ASP D 85 18.64 -10.39 74.82
CA ASP D 85 17.73 -9.41 75.40
C ASP D 85 18.24 -8.00 75.17
N GLU D 86 19.53 -7.90 74.90
CA GLU D 86 20.18 -6.62 74.64
C GLU D 86 20.34 -6.43 73.14
N LEU D 87 20.67 -7.53 72.46
CA LEU D 87 20.89 -7.46 71.04
C LEU D 87 20.03 -8.38 70.20
N GLU D 88 19.97 -8.05 68.90
CA GLU D 88 19.27 -8.84 67.88
C GLU D 88 20.41 -9.07 66.90
N ILE D 89 21.19 -10.12 67.16
CA ILE D 89 22.34 -10.46 66.33
C ILE D 89 21.94 -11.10 64.99
N VAL D 90 22.55 -10.58 63.92
CA VAL D 90 22.29 -11.03 62.56
C VAL D 90 23.63 -11.13 61.82
N ARG D 92 26.50 -11.17 59.06
CA ARG D 92 26.76 -10.45 57.82
C ARG D 92 27.26 -11.49 56.83
N VAL D 93 26.38 -11.89 55.92
CA VAL D 93 26.73 -12.87 54.91
C VAL D 93 26.82 -12.13 53.58
N TYR D 94 27.99 -11.57 53.28
CA TYR D 94 28.20 -10.85 52.01
C TYR D 94 29.07 -11.73 51.13
N PHE D 95 28.84 -11.69 49.82
CA PHE D 95 29.60 -12.56 48.94
C PHE D 95 30.66 -11.89 48.10
N GLU D 96 30.52 -10.59 47.91
CA GLU D 96 31.49 -9.87 47.12
C GLU D 96 31.62 -8.41 47.55
N LYS D 97 32.81 -7.87 47.33
CA LYS D 97 33.06 -6.47 47.63
C LYS D 97 33.34 -5.73 46.34
N PRO D 98 32.52 -4.73 46.02
CA PRO D 98 32.72 -3.96 44.78
C PRO D 98 34.14 -3.42 44.69
N ARG D 99 34.80 -3.65 43.56
CA ARG D 99 36.16 -3.17 43.39
C ARG D 99 36.31 -2.39 42.09
N THR D 100 36.96 -1.23 42.14
N THR D 100 36.89 -1.20 42.24
CA THR D 100 37.11 -0.42 40.92
CA THR D 100 37.19 -0.28 41.15
C THR D 100 37.55 -1.18 39.65
C THR D 100 38.42 -0.90 40.53
N THR D 101 38.51 -2.09 39.74
N THR D 101 39.29 -1.41 41.41
CA THR D 101 38.98 -2.80 38.54
CA THR D 101 40.52 -2.06 40.99
C THR D 101 39.43 -4.26 38.69
C THR D 101 40.14 -3.47 40.55
N VAL D 102 40.29 -4.55 39.67
N VAL D 102 41.11 -4.37 40.50
CA VAL D 102 40.82 -5.91 39.86
CA VAL D 102 40.88 -5.75 40.08
C VAL D 102 40.45 -6.57 41.21
C VAL D 102 40.55 -6.57 41.34
N GLY D 103 40.61 -7.89 41.25
CA GLY D 103 40.32 -8.68 42.44
C GLY D 103 39.30 -9.79 42.29
N TRP D 104 39.25 -10.66 43.28
CA TRP D 104 38.31 -11.78 43.31
C TRP D 104 36.89 -11.22 43.22
N LYS D 105 36.09 -11.78 42.32
CA LYS D 105 34.74 -11.30 42.14
C LYS D 105 33.72 -11.85 43.14
N GLY D 106 34.18 -12.55 44.18
CA GLY D 106 33.25 -13.07 45.18
C GLY D 106 32.82 -14.52 45.06
N LEU D 107 32.17 -15.01 46.10
CA LEU D 107 31.70 -16.39 46.15
C LEU D 107 30.74 -16.77 45.03
N ILE D 108 29.84 -15.84 44.68
CA ILE D 108 28.85 -16.09 43.65
C ILE D 108 29.46 -16.08 42.26
N ASN D 109 30.11 -14.97 41.91
CA ASN D 109 30.71 -14.82 40.60
C ASN D 109 31.88 -15.75 40.32
N ASP D 110 32.59 -16.14 41.36
CA ASP D 110 33.76 -17.02 41.19
C ASP D 110 33.98 -17.83 42.47
N PRO D 111 33.14 -18.84 42.70
CA PRO D 111 33.19 -19.70 43.87
C PRO D 111 34.55 -20.34 44.14
N HIS D 112 35.25 -20.68 43.07
CA HIS D 112 36.54 -21.36 43.20
C HIS D 112 37.78 -20.48 43.23
N ASP D 114 39.45 -19.04 41.39
CA ASP D 114 40.46 -19.33 40.37
C ASP D 114 40.07 -18.77 39.03
N ASN D 115 39.20 -17.77 39.02
CA ASN D 115 38.75 -17.18 37.77
C ASN D 115 38.05 -18.14 36.81
N SER D 116 37.56 -19.25 37.34
CA SER D 116 36.83 -20.22 36.54
C SER D 116 35.42 -19.67 36.30
N PHE D 117 35.02 -18.72 37.16
CA PHE D 117 33.72 -18.06 37.09
C PHE D 117 32.51 -18.97 36.98
N GLN D 118 32.45 -19.97 37.86
CA GLN D 118 31.36 -20.92 37.89
C GLN D 118 30.22 -20.29 38.68
N ILE D 119 29.56 -19.29 38.11
CA ILE D 119 28.50 -18.61 38.82
C ILE D 119 27.30 -19.48 39.23
N ASN D 120 26.98 -20.49 38.45
CA ASN D 120 25.85 -21.33 38.84
C ASN D 120 26.24 -22.14 40.06
N ASP D 121 27.54 -22.34 40.25
CA ASP D 121 28.01 -23.06 41.42
C ASP D 121 27.92 -22.05 42.57
N GLY D 122 28.22 -20.79 42.24
CA GLY D 122 28.17 -19.74 43.22
C GLY D 122 26.80 -19.70 43.86
N LEU D 123 25.78 -19.54 43.01
CA LEU D 123 24.42 -19.47 43.51
C LEU D 123 24.09 -20.71 44.35
N ARG D 124 24.42 -21.91 43.88
CA ARG D 124 24.10 -23.08 44.67
C ARG D 124 24.82 -22.98 46.02
N ILE D 125 26.13 -22.71 45.98
CA ILE D 125 26.91 -22.60 47.21
C ILE D 125 26.34 -21.51 48.12
N ALA D 126 26.20 -20.30 47.58
CA ALA D 126 25.65 -19.18 48.35
C ALA D 126 24.30 -19.52 48.95
N ARG D 127 23.34 -19.89 48.11
CA ARG D 127 22.03 -20.21 48.63
C ARG D 127 22.00 -21.35 49.62
N LYS D 128 22.87 -22.34 49.45
CA LYS D 128 22.85 -23.43 50.41
C LYS D 128 23.44 -22.97 51.73
N LEU D 129 24.41 -22.05 51.66
CA LEU D 129 25.04 -21.53 52.87
C LEU D 129 24.01 -20.74 53.68
N LEU D 130 23.34 -19.78 53.02
CA LEU D 130 22.32 -18.98 53.68
C LEU D 130 21.26 -19.92 54.25
N LEU D 131 20.87 -20.92 53.46
CA LEU D 131 19.85 -21.86 53.91
C LEU D 131 20.26 -22.55 55.21
N ASP D 132 21.50 -23.04 55.27
CA ASP D 132 22.01 -23.72 56.46
C ASP D 132 22.06 -22.80 57.66
N ILE D 133 22.66 -21.62 57.48
CA ILE D 133 22.76 -20.64 58.54
C ILE D 133 21.36 -20.37 59.10
N ASN D 134 20.43 -19.97 58.24
CA ASN D 134 19.07 -19.68 58.68
C ASN D 134 18.45 -20.89 59.38
N ASP D 135 18.67 -22.08 58.83
CA ASP D 135 18.10 -23.28 59.40
C ASP D 135 18.55 -23.52 60.84
N SER D 136 19.78 -23.10 61.15
CA SER D 136 20.31 -23.29 62.49
C SER D 136 19.67 -22.30 63.48
N GLY D 137 19.01 -21.28 62.95
CA GLY D 137 18.35 -20.29 63.79
C GLY D 137 19.03 -18.92 63.75
N LEU D 138 20.06 -18.78 62.92
CA LEU D 138 20.78 -17.52 62.83
C LEU D 138 20.36 -16.72 61.59
N PRO D 139 19.70 -15.55 61.78
CA PRO D 139 19.27 -14.72 60.65
C PRO D 139 20.51 -14.28 59.91
N ALA D 140 20.33 -13.85 58.66
CA ALA D 140 21.46 -13.43 57.86
C ALA D 140 21.18 -12.11 57.23
N ALA D 141 22.22 -11.33 56.99
CA ALA D 141 22.07 -10.02 56.38
C ALA D 141 22.99 -10.01 55.19
N GLY D 142 22.49 -9.49 54.07
CA GLY D 142 23.31 -9.46 52.87
C GLY D 142 23.19 -8.12 52.19
N GLU D 143 23.91 -7.97 51.09
CA GLU D 143 23.88 -6.72 50.34
C GLU D 143 23.36 -7.05 48.96
N PHE D 144 22.77 -6.08 48.28
CA PHE D 144 22.25 -6.35 46.96
C PHE D 144 22.87 -5.38 45.99
N LEU D 145 23.77 -5.89 45.15
CA LEU D 145 24.48 -5.05 44.18
C LEU D 145 23.76 -4.86 42.86
N ASP D 146 22.84 -5.76 42.52
CA ASP D 146 22.06 -5.66 41.29
C ASP D 146 20.59 -5.99 41.52
N ILE D 148 18.94 -8.47 39.99
CA ILE D 148 18.60 -9.84 39.65
C ILE D 148 18.91 -10.82 40.75
N THR D 149 20.04 -10.64 41.39
CA THR D 149 20.44 -11.55 42.46
C THR D 149 19.36 -11.72 43.52
N PRO D 150 18.64 -10.62 43.87
CA PRO D 150 17.59 -10.75 44.90
C PRO D 150 16.71 -11.97 44.70
N GLN D 151 16.28 -12.20 43.44
CA GLN D 151 15.39 -13.30 43.14
C GLN D 151 15.88 -14.66 43.61
N TYR D 152 17.20 -14.84 43.63
CA TYR D 152 17.77 -16.12 44.07
C TYR D 152 18.00 -16.22 45.57
N LEU D 153 18.07 -15.09 46.28
CA LEU D 153 18.37 -15.18 47.70
C LEU D 153 17.54 -14.37 48.70
N ALA D 154 16.91 -13.28 48.25
CA ALA D 154 16.14 -12.44 49.17
C ALA D 154 15.29 -13.15 50.22
N ASP D 155 14.72 -14.31 49.87
CA ASP D 155 13.86 -15.01 50.81
C ASP D 155 14.61 -15.58 52.03
N LEU D 156 15.94 -15.48 51.99
CA LEU D 156 16.76 -15.96 53.10
C LEU D 156 17.47 -14.79 53.81
N SER D 158 17.19 -11.53 56.17
CA SER D 158 16.33 -10.96 57.22
C SER D 158 16.57 -9.45 57.22
N TRP D 159 17.65 -9.02 56.58
CA TRP D 159 18.01 -7.60 56.50
C TRP D 159 18.96 -7.40 55.30
N GLY D 160 18.85 -6.27 54.62
CA GLY D 160 19.73 -6.05 53.49
C GLY D 160 20.27 -4.63 53.43
N ALA D 161 21.39 -4.42 52.73
CA ALA D 161 22.00 -3.10 52.63
C ALA D 161 22.37 -2.66 51.22
N ILE D 162 22.05 -1.40 50.91
CA ILE D 162 22.39 -0.81 49.62
C ILE D 162 23.67 -0.01 49.88
N GLY D 163 24.79 -0.50 49.37
CA GLY D 163 26.08 0.15 49.57
C GLY D 163 26.22 1.62 49.20
N ALA D 164 27.30 2.21 49.70
CA ALA D 164 27.58 3.63 49.48
C ALA D 164 27.61 4.05 48.03
N ARG D 165 28.30 3.26 47.20
N ARG D 165 28.29 3.26 47.20
CA ARG D 165 28.42 3.57 45.78
CA ARG D 165 28.41 3.57 45.77
C ARG D 165 27.12 3.44 44.97
C ARG D 165 27.10 3.53 45.01
N THR D 166 26.07 2.91 45.59
CA THR D 166 24.77 2.77 44.92
C THR D 166 23.57 3.45 45.59
N THR D 167 23.74 3.91 46.83
CA THR D 167 22.66 4.57 47.54
C THR D 167 21.96 5.66 46.75
N GLU D 168 22.67 6.30 45.83
CA GLU D 168 22.06 7.38 45.05
C GLU D 168 21.49 6.93 43.70
N SER D 169 21.73 5.66 43.37
CA SER D 169 21.26 5.03 42.12
C SER D 169 19.76 4.85 42.20
N GLN D 170 19.01 5.42 41.24
CA GLN D 170 17.55 5.30 41.31
C GLN D 170 17.09 3.84 41.25
N VAL D 171 17.71 3.03 40.39
CA VAL D 171 17.34 1.63 40.26
C VAL D 171 17.49 0.89 41.57
N HIS D 172 18.60 1.13 42.28
CA HIS D 172 18.78 0.45 43.56
C HIS D 172 17.81 0.97 44.61
N ARG D 173 17.35 2.20 44.46
CA ARG D 173 16.37 2.70 45.40
C ARG D 173 15.07 1.96 45.09
N GLU D 174 14.70 1.94 43.80
CA GLU D 174 13.48 1.24 43.37
C GLU D 174 13.54 -0.21 43.85
N LEU D 175 14.65 -0.87 43.60
CA LEU D 175 14.79 -2.25 44.03
C LEU D 175 14.53 -2.36 45.53
N ALA D 176 15.03 -1.41 46.32
CA ALA D 176 14.84 -1.47 47.77
C ALA D 176 13.37 -1.34 48.13
N SER D 177 12.64 -0.59 47.33
CA SER D 177 11.22 -0.39 47.60
C SER D 177 10.44 -1.66 47.35
N GLY D 178 11.12 -2.70 46.87
CA GLY D 178 10.46 -3.97 46.59
C GLY D 178 10.98 -5.14 47.40
N LEU D 179 12.09 -4.97 48.13
CA LEU D 179 12.64 -6.08 48.92
C LEU D 179 11.70 -6.43 50.07
N SER D 180 11.66 -7.70 50.44
CA SER D 180 10.78 -8.14 51.51
C SER D 180 11.39 -8.01 52.88
N CYS D 181 12.51 -7.32 52.96
CA CYS D 181 13.22 -7.17 54.25
C CYS D 181 13.60 -5.71 54.48
N PRO D 182 13.96 -5.37 55.73
CA PRO D 182 14.36 -3.99 56.03
C PRO D 182 15.62 -3.70 55.24
N VAL D 183 15.76 -2.48 54.75
CA VAL D 183 16.92 -2.12 53.96
C VAL D 183 17.69 -1.00 54.63
N GLY D 184 19.02 -1.04 54.54
CA GLY D 184 19.82 0.00 55.10
C GLY D 184 20.67 0.68 54.04
N PHE D 185 20.46 1.99 53.83
CA PHE D 185 21.25 2.73 52.85
C PHE D 185 22.48 3.38 53.51
N LYS D 186 23.67 3.16 52.95
CA LYS D 186 24.90 3.74 53.47
C LYS D 186 25.05 5.18 52.97
N ASN D 187 25.73 6.02 53.75
CA ASN D 187 25.95 7.41 53.34
C ASN D 187 26.97 7.42 52.20
N GLY D 188 26.97 8.49 51.41
CA GLY D 188 27.91 8.58 50.30
C GLY D 188 29.34 8.26 50.68
N THR D 189 30.18 8.03 49.69
CA THR D 189 31.58 7.72 49.93
C THR D 189 32.30 8.84 50.69
N ASP D 190 32.10 10.07 50.23
CA ASP D 190 32.72 11.22 50.85
C ASP D 190 32.10 11.57 52.21
N GLY D 191 31.02 10.87 52.55
CA GLY D 191 30.36 11.14 53.82
C GLY D 191 28.99 11.80 53.68
N THR D 192 28.64 12.22 52.47
CA THR D 192 27.35 12.85 52.22
C THR D 192 26.20 12.08 52.85
N ILE D 193 25.37 12.79 53.59
CA ILE D 193 24.22 12.19 54.28
C ILE D 193 22.93 12.31 53.46
N LYS D 194 22.76 13.43 52.78
CA LYS D 194 21.55 13.66 51.98
C LYS D 194 21.17 12.49 51.06
N VAL D 195 22.12 11.97 50.29
CA VAL D 195 21.82 10.86 49.39
C VAL D 195 21.15 9.67 50.07
N ALA D 196 21.56 9.34 51.29
CA ALA D 196 20.93 8.21 51.98
C ALA D 196 19.56 8.56 52.55
N ILE D 197 19.33 9.85 52.80
CA ILE D 197 18.06 10.28 53.34
C ILE D 197 17.05 10.28 52.21
N ASP D 198 17.43 10.84 51.06
CA ASP D 198 16.51 10.83 49.92
C ASP D 198 16.17 9.38 49.60
N ALA D 199 17.18 8.51 49.62
CA ALA D 199 16.97 7.11 49.33
C ALA D 199 15.87 6.57 50.21
N ILE D 200 16.03 6.74 51.52
CA ILE D 200 15.04 6.25 52.45
C ILE D 200 13.63 6.68 52.06
N ASN D 201 13.46 7.95 51.71
CA ASN D 201 12.13 8.42 51.34
C ASN D 201 11.63 7.77 50.06
N ALA D 202 12.50 7.67 49.07
CA ALA D 202 12.12 7.05 47.80
C ALA D 202 11.72 5.58 48.00
N ALA D 203 12.56 4.80 48.68
CA ALA D 203 12.25 3.40 48.90
C ALA D 203 10.88 3.20 49.57
N GLY D 204 10.29 4.27 50.08
CA GLY D 204 9.01 4.11 50.76
C GLY D 204 7.85 4.25 49.80
N ALA D 205 8.15 4.67 48.58
CA ALA D 205 7.15 4.82 47.53
C ALA D 205 7.18 3.58 46.63
N PRO D 206 6.09 3.35 45.87
CA PRO D 206 5.97 2.19 44.96
C PRO D 206 6.71 2.57 43.70
N HIS D 207 7.49 1.63 43.15
CA HIS D 207 8.25 1.89 41.92
C HIS D 207 8.18 0.76 40.87
N CYS D 208 8.78 1.03 39.72
CA CYS D 208 8.85 0.05 38.62
C CYS D 208 10.33 -0.21 38.32
N PHE D 209 10.74 -1.47 38.21
CA PHE D 209 12.11 -1.74 37.80
C PHE D 209 12.19 -3.08 37.07
N LEU D 210 13.10 -3.21 36.10
CA LEU D 210 13.22 -4.45 35.34
C LEU D 210 14.11 -5.46 36.07
N SER D 211 13.79 -6.74 35.92
CA SER D 211 14.54 -7.80 36.57
C SER D 211 14.05 -9.10 35.92
N VAL D 212 13.96 -10.20 36.68
CA VAL D 212 13.45 -11.44 36.09
C VAL D 212 12.51 -12.18 36.97
N THR D 213 11.53 -12.82 36.35
CA THR D 213 10.54 -13.60 37.08
C THR D 213 11.24 -14.79 37.71
N LYS D 214 10.59 -15.45 38.66
CA LYS D 214 11.20 -16.60 39.31
C LYS D 214 11.56 -17.68 38.29
N TRP D 215 10.96 -17.60 37.11
CA TRP D 215 11.20 -18.57 36.05
C TRP D 215 12.40 -18.14 35.22
N GLY D 216 12.95 -16.99 35.54
CA GLY D 216 14.14 -16.53 34.84
C GLY D 216 13.92 -15.63 33.65
N HIS D 217 12.74 -15.09 33.47
CA HIS D 217 12.51 -14.28 32.26
C HIS D 217 12.41 -12.80 32.49
N SER D 218 12.98 -12.06 31.54
CA SER D 218 12.99 -10.62 31.59
C SER D 218 11.59 -10.19 31.99
N ALA D 219 11.49 -9.42 33.09
CA ALA D 219 10.20 -8.97 33.64
C ALA D 219 10.23 -7.54 34.16
N ILE D 220 9.04 -6.95 34.32
CA ILE D 220 8.96 -5.62 34.90
C ILE D 220 8.29 -5.79 36.27
N VAL D 221 8.95 -5.30 37.32
CA VAL D 221 8.44 -5.43 38.68
C VAL D 221 7.83 -4.14 39.20
N ASN D 222 6.64 -4.24 39.78
CA ASN D 222 5.95 -3.09 40.37
C ASN D 222 5.96 -3.29 41.88
N THR D 223 6.70 -2.46 42.61
CA THR D 223 6.80 -2.63 44.08
C THR D 223 5.68 -1.90 44.79
N SER D 224 5.61 -2.07 46.09
CA SER D 224 4.59 -1.40 46.86
C SER D 224 5.18 -0.44 47.91
N GLY D 225 6.49 -0.17 47.81
CA GLY D 225 7.14 0.73 48.78
C GLY D 225 7.64 -0.02 50.01
N ASN D 226 8.78 0.39 50.55
CA ASN D 226 9.35 -0.29 51.72
C ASN D 226 9.59 0.70 52.85
N GLY D 227 8.78 0.59 53.91
CA GLY D 227 8.91 1.52 55.01
C GLY D 227 9.93 1.14 56.06
N ASP D 228 10.61 0.02 55.89
CA ASP D 228 11.60 -0.38 56.87
C ASP D 228 13.02 -0.13 56.43
N CYS D 229 13.25 1.12 56.04
CA CYS D 229 14.58 1.54 55.60
C CYS D 229 15.16 2.56 56.57
N HIS D 230 16.47 2.48 56.75
CA HIS D 230 17.15 3.38 57.67
C HIS D 230 18.53 3.69 57.11
N ILE D 231 19.20 4.69 57.69
CA ILE D 231 20.52 5.08 57.23
C ILE D 231 21.59 4.26 57.93
N ILE D 232 22.77 4.22 57.31
CA ILE D 232 23.90 3.49 57.85
C ILE D 232 25.08 4.43 57.71
N LEU D 233 25.61 4.88 58.85
CA LEU D 233 26.74 5.77 58.86
C LEU D 233 27.96 4.90 58.79
N ARG D 234 28.75 5.08 57.74
CA ARG D 234 29.97 4.30 57.57
C ARG D 234 31.15 5.26 57.35
N GLY D 235 30.96 6.52 57.75
CA GLY D 235 32.01 7.51 57.61
C GLY D 235 32.28 7.98 56.20
N GLY D 236 32.99 9.10 56.08
CA GLY D 236 33.33 9.63 54.79
C GLY D 236 34.84 9.76 54.71
N LYS D 237 35.33 10.98 54.54
CA LYS D 237 36.77 11.22 54.49
C LYS D 237 37.27 11.18 55.95
N GLU D 238 36.30 11.26 56.87
CA GLU D 238 36.52 11.29 58.32
C GLU D 238 35.31 10.61 59.00
N PRO D 239 35.54 9.75 60.00
CA PRO D 239 34.45 9.05 60.69
C PRO D 239 33.15 9.82 60.96
N ASN D 240 32.04 9.07 61.02
CA ASN D 240 30.70 9.60 61.24
C ASN D 240 30.12 9.19 62.58
N TYR D 241 30.82 8.32 63.31
CA TYR D 241 30.26 7.82 64.55
C TYR D 241 30.12 8.74 65.75
N SER D 242 30.90 9.82 65.82
CA SER D 242 30.85 10.75 66.95
C SER D 242 29.45 11.32 67.22
N ALA D 243 29.11 11.53 68.49
CA ALA D 243 27.79 12.06 68.83
C ALA D 243 27.52 13.38 68.11
N LYS D 244 28.60 14.02 67.65
CA LYS D 244 28.47 15.28 66.94
C LYS D 244 27.67 15.05 65.67
N HIS D 245 28.17 14.14 64.84
CA HIS D 245 27.53 13.77 63.59
C HIS D 245 26.14 13.16 63.83
N VAL D 246 26.07 12.14 64.67
CA VAL D 246 24.81 11.49 64.97
C VAL D 246 23.76 12.55 65.25
N ALA D 247 24.17 13.64 65.88
CA ALA D 247 23.21 14.67 66.17
C ALA D 247 22.79 15.38 64.89
N GLU D 248 23.72 15.55 63.96
CA GLU D 248 23.41 16.19 62.67
C GLU D 248 22.44 15.32 61.88
N VAL D 249 22.79 14.03 61.79
CA VAL D 249 21.98 13.06 61.06
C VAL D 249 20.55 13.02 61.58
N LYS D 250 20.39 12.94 62.89
CA LYS D 250 19.06 12.89 63.47
C LYS D 250 18.28 14.12 63.07
N GLU D 251 19.00 15.23 62.87
CA GLU D 251 18.34 16.46 62.46
C GLU D 251 17.85 16.32 61.02
N GLY D 252 18.71 15.80 60.15
CA GLY D 252 18.37 15.62 58.76
C GLY D 252 17.15 14.74 58.57
N LEU D 253 17.14 13.61 59.25
CA LEU D 253 16.02 12.69 59.16
C LEU D 253 14.72 13.36 59.60
N ASN D 254 14.75 14.04 60.74
CA ASN D 254 13.55 14.69 61.24
C ASN D 254 13.08 15.77 60.27
N LYS D 255 14.01 16.46 59.65
CA LYS D 255 13.64 17.52 58.74
C LYS D 255 13.03 16.95 57.48
N ALA D 256 13.37 15.69 57.20
CA ALA D 256 12.84 15.00 56.03
C ALA D 256 11.67 14.11 56.50
N GLY D 257 11.02 14.53 57.58
CA GLY D 257 9.90 13.78 58.11
C GLY D 257 10.21 12.34 58.50
N LEU D 258 11.48 11.98 58.67
CA LEU D 258 11.85 10.61 59.05
C LEU D 258 12.33 10.48 60.50
N PRO D 259 12.09 9.32 61.13
CA PRO D 259 12.49 9.05 62.52
C PRO D 259 14.00 9.20 62.68
N ALA D 260 14.43 9.89 63.74
CA ALA D 260 15.86 10.09 63.94
C ALA D 260 16.51 8.81 64.42
N GLN D 261 16.80 7.91 63.48
CA GLN D 261 17.43 6.65 63.83
C GLN D 261 18.59 6.34 62.92
N VAL D 262 19.62 5.70 63.45
CA VAL D 262 20.78 5.38 62.62
C VAL D 262 21.48 4.10 63.03
N ILE D 264 25.29 2.40 62.95
CA ILE D 264 26.67 2.85 62.83
C ILE D 264 27.61 1.71 62.46
N ASP D 265 28.34 1.89 61.37
CA ASP D 265 29.27 0.88 60.88
C ASP D 265 30.65 1.13 61.49
N PHE D 266 31.04 0.27 62.44
CA PHE D 266 32.32 0.42 63.10
C PHE D 266 33.48 0.25 62.14
N SER D 267 33.24 -0.47 61.06
CA SER D 267 34.32 -0.72 60.11
C SER D 267 34.42 0.29 58.97
N HIS D 268 35.18 -0.07 57.93
CA HIS D 268 35.39 0.76 56.75
C HIS D 268 35.90 2.18 57.04
N ALA D 269 35.19 3.20 56.55
CA ALA D 269 35.62 4.60 56.76
C ALA D 269 35.57 5.08 58.21
N ASN D 270 34.71 4.50 59.05
CA ASN D 270 34.65 4.91 60.46
C ASN D 270 35.83 4.30 61.22
N SER D 271 36.38 3.23 60.66
CA SER D 271 37.50 2.53 61.25
C SER D 271 38.80 2.94 60.58
N SER D 272 38.71 3.88 59.66
CA SER D 272 39.89 4.34 58.91
C SER D 272 40.62 3.16 58.27
N LYS D 273 39.85 2.13 57.88
CA LYS D 273 40.39 0.94 57.26
C LYS D 273 41.39 0.22 58.16
N GLN D 274 41.22 0.35 59.47
CA GLN D 274 42.10 -0.29 60.44
C GLN D 274 41.23 -1.13 61.34
N PHE D 275 41.11 -2.41 61.01
CA PHE D 275 40.27 -3.33 61.76
C PHE D 275 40.35 -3.23 63.27
N LYS D 276 41.51 -2.84 63.79
CA LYS D 276 41.62 -2.76 65.24
C LYS D 276 40.87 -1.54 65.80
N LYS D 277 40.80 -0.48 65.01
CA LYS D 277 40.10 0.74 65.43
C LYS D 277 38.61 0.52 65.63
N GLN D 278 38.10 -0.61 65.15
CA GLN D 278 36.67 -0.89 65.32
C GLN D 278 36.38 -0.98 66.82
N ASP D 280 37.75 0.82 69.06
CA ASP D 280 37.69 2.20 69.55
C ASP D 280 36.32 2.81 69.25
N VAL D 281 35.84 2.66 68.02
CA VAL D 281 34.54 3.19 67.64
C VAL D 281 33.52 2.60 68.58
N CYS D 282 33.72 1.33 68.94
CA CYS D 282 32.82 0.63 69.84
C CYS D 282 32.75 1.35 71.18
N ALA D 283 33.89 1.89 71.60
CA ALA D 283 33.99 2.62 72.85
C ALA D 283 33.13 3.87 72.79
N ASP D 284 33.39 4.73 71.81
CA ASP D 284 32.63 5.95 71.64
C ASP D 284 31.14 5.68 71.49
N VAL D 285 30.78 4.67 70.70
CA VAL D 285 29.38 4.36 70.47
C VAL D 285 28.72 3.70 71.67
N CYS D 286 29.43 2.81 72.35
CA CYS D 286 28.85 2.19 73.53
C CYS D 286 28.60 3.33 74.50
N GLN D 287 29.48 4.33 74.44
CA GLN D 287 29.40 5.53 75.28
C GLN D 287 28.06 6.25 75.08
N GLN D 288 27.77 6.65 73.84
CA GLN D 288 26.52 7.34 73.54
C GLN D 288 25.33 6.46 73.89
N ILE D 289 25.43 5.17 73.58
CA ILE D 289 24.33 4.27 73.85
C ILE D 289 24.06 4.20 75.35
N ALA D 290 25.11 3.92 76.13
CA ALA D 290 24.97 3.84 77.58
C ALA D 290 24.46 5.19 78.07
N GLY D 291 24.94 6.26 77.43
CA GLY D 291 24.54 7.60 77.79
C GLY D 291 23.06 7.83 77.60
N GLY D 292 22.42 7.00 76.78
CA GLY D 292 20.99 7.16 76.55
C GLY D 292 20.65 7.62 75.15
N GLU D 293 21.58 7.40 74.22
CA GLU D 293 21.38 7.76 72.82
C GLU D 293 20.46 6.70 72.20
N LYS D 294 19.22 7.05 71.89
CA LYS D 294 18.34 6.05 71.33
C LYS D 294 18.20 6.11 69.81
N ALA D 295 18.96 6.99 69.18
CA ALA D 295 18.90 7.15 67.72
C ALA D 295 19.74 6.08 67.09
N ILE D 296 20.42 5.32 67.91
CA ILE D 296 21.27 4.27 67.42
C ILE D 296 20.54 2.96 67.56
N ILE D 297 19.86 2.52 66.49
CA ILE D 297 19.11 1.26 66.56
C ILE D 297 19.97 0.07 66.14
N GLY D 298 21.20 0.32 65.74
CA GLY D 298 22.04 -0.79 65.35
C GLY D 298 23.45 -0.43 64.93
N VAL D 299 24.32 -1.44 64.92
CA VAL D 299 25.70 -1.25 64.53
C VAL D 299 26.11 -2.35 63.57
N VAL D 301 29.58 -4.64 62.33
CA VAL D 301 30.97 -4.97 62.63
C VAL D 301 31.58 -6.03 61.71
N GLU D 302 32.71 -5.74 61.09
CA GLU D 302 33.36 -6.74 60.26
C GLU D 302 34.26 -7.63 61.14
N SER D 303 33.82 -8.85 61.42
CA SER D 303 34.62 -9.75 62.25
C SER D 303 34.63 -11.16 61.69
N HIS D 304 35.72 -11.89 61.95
CA HIS D 304 35.84 -13.26 61.48
C HIS D 304 36.38 -14.15 62.62
N LEU D 305 36.74 -15.38 62.29
CA LEU D 305 37.27 -16.30 63.31
C LEU D 305 38.64 -15.79 63.73
N VAL D 306 39.44 -15.40 62.74
CA VAL D 306 40.79 -14.88 62.96
C VAL D 306 40.84 -13.45 62.42
N GLU D 307 41.43 -12.56 63.22
CA GLU D 307 41.52 -11.16 62.82
C GLU D 307 42.42 -10.91 61.63
N GLY D 308 42.43 -9.67 61.17
CA GLY D 308 43.23 -9.29 60.03
C GLY D 308 42.73 -9.93 58.76
N ASN D 309 43.34 -9.57 57.64
CA ASN D 309 42.95 -10.14 56.37
C ASN D 309 44.19 -10.76 55.73
N GLN D 310 44.03 -11.25 54.51
CA GLN D 310 45.13 -11.86 53.78
C GLN D 310 44.87 -11.69 52.29
N SER D 311 45.82 -12.09 51.46
CA SER D 311 45.64 -11.92 50.04
C SER D 311 45.47 -13.25 49.32
N LEU D 312 44.91 -13.17 48.13
CA LEU D 312 44.67 -14.34 47.29
C LEU D 312 45.90 -14.47 46.38
N GLU D 313 46.29 -13.33 45.80
CA GLU D 313 47.44 -13.24 44.90
C GLU D 313 48.74 -13.77 45.49
N SER D 314 48.96 -13.56 46.79
CA SER D 314 50.18 -13.97 47.48
C SER D 314 50.72 -15.37 47.16
N GLY D 315 49.85 -16.28 46.73
CA GLY D 315 50.30 -17.62 46.40
C GLY D 315 50.48 -18.54 47.60
N GLU D 316 50.31 -18.00 48.80
CA GLU D 316 50.44 -18.79 50.03
C GLU D 316 49.07 -19.38 50.37
N PRO D 317 49.01 -20.68 50.71
CA PRO D 317 47.76 -21.39 51.06
C PRO D 317 46.90 -20.61 52.07
N LEU D 318 45.79 -20.04 51.61
CA LEU D 318 44.92 -19.25 52.48
C LEU D 318 44.79 -19.79 53.91
N ALA D 319 44.73 -18.87 54.87
CA ALA D 319 44.60 -19.24 56.27
C ALA D 319 43.13 -19.39 56.62
N TYR D 320 42.80 -20.45 57.35
CA TYR D 320 41.42 -20.69 57.73
C TYR D 320 40.80 -19.50 58.47
N GLY D 321 39.47 -19.39 58.40
CA GLY D 321 38.74 -18.33 59.07
C GLY D 321 39.34 -16.93 59.02
N LYS D 322 39.90 -16.55 57.88
CA LYS D 322 40.52 -15.23 57.77
C LYS D 322 40.13 -14.50 56.48
N SER D 323 39.58 -13.29 56.64
CA SER D 323 39.15 -12.48 55.49
C SER D 323 40.19 -12.37 54.37
N ILE D 324 39.71 -12.32 53.13
CA ILE D 324 40.59 -12.16 51.97
C ILE D 324 40.24 -10.85 51.29
N THR D 325 39.46 -10.03 51.99
CA THR D 325 39.06 -8.70 51.54
C THR D 325 39.45 -7.72 52.66
N ASP D 326 38.50 -6.99 53.21
CA ASP D 326 38.80 -6.06 54.28
C ASP D 326 39.22 -6.81 55.54
N ALA D 327 40.06 -6.17 56.35
CA ALA D 327 40.54 -6.77 57.59
C ALA D 327 39.40 -6.79 58.61
N CYS D 328 39.31 -7.86 59.37
CA CYS D 328 38.25 -8.00 60.38
C CYS D 328 38.87 -8.29 61.75
N ILE D 329 38.16 -7.92 62.82
CA ILE D 329 38.64 -8.20 64.16
C ILE D 329 38.47 -9.71 64.36
N GLY D 330 39.34 -10.32 65.16
CA GLY D 330 39.23 -11.76 65.39
C GLY D 330 38.01 -12.11 66.22
N TRP D 331 37.84 -13.40 66.53
CA TRP D 331 36.69 -13.82 67.32
C TRP D 331 36.74 -13.38 68.78
N GLU D 332 37.94 -13.27 69.34
CA GLU D 332 38.12 -12.85 70.73
C GLU D 332 37.58 -11.43 70.93
N ASP D 333 38.06 -10.48 70.13
CA ASP D 333 37.59 -9.11 70.25
C ASP D 333 36.10 -9.05 70.03
N THR D 334 35.62 -9.92 69.14
CA THR D 334 34.20 -9.98 68.80
C THR D 334 33.37 -10.30 70.03
N ASP D 335 33.68 -11.42 70.68
CA ASP D 335 32.92 -11.77 71.86
C ASP D 335 32.96 -10.61 72.86
N ALA D 336 34.12 -9.98 72.97
CA ALA D 336 34.30 -8.85 73.87
C ALA D 336 33.36 -7.71 73.47
N LEU D 337 33.57 -7.21 72.26
CA LEU D 337 32.78 -6.12 71.70
C LEU D 337 31.27 -6.34 71.80
N LEU D 338 30.81 -7.57 71.57
CA LEU D 338 29.39 -7.83 71.66
C LEU D 338 28.90 -7.65 73.08
N ARG D 339 29.70 -8.12 74.04
CA ARG D 339 29.32 -8.00 75.45
C ARG D 339 29.29 -6.54 75.93
N GLN D 340 30.18 -5.71 75.40
CA GLN D 340 30.18 -4.30 75.74
C GLN D 340 28.82 -3.77 75.29
N LEU D 341 28.58 -3.81 73.97
CA LEU D 341 27.32 -3.35 73.37
C LEU D 341 26.13 -3.84 74.18
N ALA D 342 26.19 -5.10 74.59
CA ALA D 342 25.13 -5.70 75.39
C ALA D 342 24.91 -4.83 76.62
N ASN D 343 25.99 -4.53 77.33
CA ASN D 343 25.90 -3.69 78.52
C ASN D 343 25.42 -2.29 78.12
N ALA D 344 26.08 -1.67 77.15
CA ALA D 344 25.68 -0.34 76.72
C ALA D 344 24.16 -0.30 76.60
N VAL D 345 23.58 -1.33 76.00
CA VAL D 345 22.13 -1.36 75.82
C VAL D 345 21.43 -1.44 77.15
N LYS D 346 22.02 -2.18 78.09
CA LYS D 346 21.46 -2.30 79.43
C LYS D 346 21.51 -0.89 80.06
N ALA D 347 22.71 -0.29 80.02
CA ALA D 347 22.95 1.04 80.56
C ALA D 347 21.85 1.98 80.11
N ARG D 348 21.68 2.13 78.80
CA ARG D 348 20.65 3.01 78.26
C ARG D 348 19.24 2.63 78.72
N ARG D 349 19.13 1.52 79.43
CA ARG D 349 17.84 1.05 79.90
C ARG D 349 17.55 1.47 81.35
N GLY D 350 18.62 1.62 82.13
CA GLY D 350 18.45 1.99 83.53
C GLY D 350 18.63 3.48 83.83
N ASN E 2 -1.19 19.05 -15.39
CA ASN E 2 0.20 18.57 -15.32
C ASN E 2 0.27 17.09 -14.97
N TYR E 3 0.87 16.30 -15.86
CA TYR E 3 1.01 14.86 -15.64
C TYR E 3 2.47 14.52 -15.45
N GLN E 4 2.73 13.50 -14.63
CA GLN E 4 4.10 13.07 -14.37
C GLN E 4 4.74 12.38 -15.58
N ASN E 5 6.04 12.60 -15.75
CA ASN E 5 6.80 12.00 -16.84
C ASN E 5 6.22 12.30 -18.23
N ASP E 6 5.41 13.35 -18.31
CA ASP E 6 4.73 13.70 -19.55
C ASP E 6 5.34 14.85 -20.34
N ASP E 7 5.25 14.74 -21.66
CA ASP E 7 5.74 15.74 -22.61
C ASP E 7 7.14 16.31 -22.36
N LEU E 8 8.04 15.50 -21.81
CA LEU E 8 9.39 15.98 -21.51
C LEU E 8 10.14 16.60 -22.69
N ARG E 9 9.91 16.14 -23.92
CA ARG E 9 10.62 16.72 -25.06
C ARG E 9 9.70 17.50 -25.98
N ILE E 10 8.57 17.96 -25.45
CA ILE E 10 7.62 18.74 -26.24
C ILE E 10 7.80 20.23 -25.98
N LYS E 11 8.32 20.95 -26.96
CA LYS E 11 8.52 22.41 -26.83
C LYS E 11 7.18 23.10 -26.76
N GLU E 12 6.24 22.64 -27.59
CA GLU E 12 4.92 23.25 -27.63
C GLU E 12 3.93 22.44 -28.47
N ILE E 13 2.66 22.48 -28.06
CA ILE E 13 1.60 21.78 -28.77
C ILE E 13 0.35 22.67 -28.77
N LYS E 14 -0.23 22.93 -29.95
CA LYS E 14 -1.42 23.77 -29.98
C LYS E 14 -2.52 23.23 -30.88
N GLU E 15 -3.77 23.52 -30.50
CA GLU E 15 -4.94 23.09 -31.26
C GLU E 15 -4.77 23.50 -32.72
N LEU E 16 -5.28 22.65 -33.60
CA LEU E 16 -5.20 22.89 -35.02
C LEU E 16 -6.65 23.03 -35.45
N LEU E 17 -6.92 23.99 -36.33
CA LEU E 17 -8.30 24.16 -36.80
C LEU E 17 -8.89 22.77 -37.08
N PRO E 18 -10.14 22.53 -36.69
CA PRO E 18 -10.66 21.19 -36.99
C PRO E 18 -10.94 21.09 -38.50
N PRO E 19 -10.90 19.88 -39.08
CA PRO E 19 -11.17 19.72 -40.51
C PRO E 19 -12.43 20.47 -40.94
N VAL E 20 -13.51 20.32 -40.17
CA VAL E 20 -14.78 20.97 -40.50
C VAL E 20 -14.65 22.50 -40.68
N ALA E 21 -13.70 23.13 -40.00
CA ALA E 21 -13.51 24.56 -40.17
C ALA E 21 -13.02 24.84 -41.59
N LEU E 22 -12.05 24.04 -42.05
CA LEU E 22 -11.52 24.21 -43.41
C LEU E 22 -12.58 23.88 -44.47
N LEU E 23 -13.34 22.81 -44.24
CA LEU E 23 -14.38 22.38 -45.15
C LEU E 23 -15.51 23.40 -45.23
N GLU E 24 -15.79 24.04 -44.10
CA GLU E 24 -16.86 25.04 -44.04
C GLU E 24 -16.48 26.36 -44.69
N LYS E 25 -15.21 26.75 -44.53
CA LYS E 25 -14.74 27.99 -45.13
C LYS E 25 -14.50 27.81 -46.62
N PHE E 26 -13.92 26.66 -46.99
CA PHE E 26 -13.62 26.37 -48.39
C PHE E 26 -14.30 25.11 -48.89
N PRO E 27 -15.63 25.17 -49.08
CA PRO E 27 -16.33 23.98 -49.57
C PRO E 27 -16.03 23.79 -51.07
N ALA E 28 -16.06 22.54 -51.55
CA ALA E 28 -15.79 22.29 -52.97
C ALA E 28 -16.92 22.85 -53.80
N THR E 29 -16.58 23.63 -54.83
CA THR E 29 -17.59 24.19 -55.72
C THR E 29 -18.15 23.05 -56.57
N GLU E 30 -19.19 23.30 -57.35
CA GLU E 30 -19.74 22.26 -58.21
C GLU E 30 -18.65 21.77 -59.17
N ASN E 31 -17.93 22.71 -59.78
CA ASN E 31 -16.84 22.36 -60.70
C ASN E 31 -15.80 21.51 -60.00
N ALA E 32 -15.21 22.08 -58.95
CA ALA E 32 -14.21 21.37 -58.19
C ALA E 32 -14.69 19.97 -57.85
N ALA E 33 -15.92 19.85 -57.35
CA ALA E 33 -16.45 18.54 -57.00
C ALA E 33 -16.43 17.63 -58.22
N ASN E 34 -16.84 18.15 -59.37
CA ASN E 34 -16.86 17.37 -60.60
C ASN E 34 -15.43 16.98 -60.97
N THR E 35 -14.61 17.99 -61.21
CA THR E 35 -13.22 17.77 -61.55
C THR E 35 -12.69 16.55 -60.80
N VAL E 36 -12.81 16.57 -59.48
CA VAL E 36 -12.34 15.49 -58.63
C VAL E 36 -12.99 14.15 -58.95
N ALA E 37 -14.32 14.16 -59.01
CA ALA E 37 -15.08 12.94 -59.28
C ALA E 37 -14.73 12.34 -60.62
N HIS E 38 -14.68 13.19 -61.64
CA HIS E 38 -14.38 12.73 -62.98
C HIS E 38 -12.96 12.19 -63.08
N ALA E 39 -11.97 12.97 -62.64
CA ALA E 39 -10.58 12.54 -62.69
C ALA E 39 -10.33 11.24 -61.92
N ARG E 40 -11.11 10.98 -60.89
CA ARG E 40 -10.93 9.75 -60.13
C ARG E 40 -11.48 8.59 -60.96
N LYS E 41 -12.66 8.79 -61.55
CA LYS E 41 -13.27 7.77 -62.38
C LYS E 41 -12.36 7.42 -63.54
N ALA E 42 -11.76 8.43 -64.16
CA ALA E 42 -10.85 8.27 -65.30
C ALA E 42 -9.66 7.39 -64.93
N ILE E 43 -8.95 7.78 -63.87
CA ILE E 43 -7.79 7.05 -63.41
C ILE E 43 -8.17 5.62 -63.06
N HIS E 44 -9.44 5.42 -62.69
CA HIS E 44 -9.92 4.09 -62.36
C HIS E 44 -10.02 3.24 -63.61
N LYS E 45 -10.47 3.86 -64.72
CA LYS E 45 -10.61 3.21 -66.02
C LYS E 45 -9.22 2.78 -66.48
N ILE E 46 -8.30 3.74 -66.52
CA ILE E 46 -6.92 3.46 -66.92
C ILE E 46 -6.32 2.30 -66.13
N LEU E 47 -6.58 2.26 -64.82
CA LEU E 47 -6.02 1.19 -63.99
C LEU E 47 -6.76 -0.12 -64.21
N LYS E 48 -8.00 0.00 -64.66
CA LYS E 48 -8.83 -1.18 -64.93
C LYS E 48 -8.49 -1.72 -66.33
N GLY E 49 -7.74 -0.94 -67.09
CA GLY E 49 -7.39 -1.34 -68.45
C GLY E 49 -8.36 -0.69 -69.44
N ASN E 50 -9.63 -0.63 -69.10
CA ASN E 50 -10.66 -0.05 -69.97
C ASN E 50 -10.38 1.33 -70.60
N ASP E 51 -9.14 1.79 -70.53
CA ASP E 51 -8.76 3.08 -71.14
C ASP E 51 -7.28 3.00 -71.51
N ASP E 52 -6.96 3.40 -72.73
CA ASP E 52 -5.57 3.33 -73.21
C ASP E 52 -4.73 4.58 -72.98
N ARG E 53 -5.33 5.62 -72.40
CA ARG E 53 -4.59 6.87 -72.15
C ARG E 53 -3.57 6.75 -71.03
N LEU E 54 -2.72 7.76 -70.93
CA LEU E 54 -1.67 7.75 -69.93
C LEU E 54 -1.90 8.78 -68.80
N LEU E 55 -1.80 8.34 -67.54
CA LEU E 55 -1.98 9.22 -66.39
C LEU E 55 -0.70 10.04 -66.25
N VAL E 56 -0.81 11.35 -66.20
CA VAL E 56 0.41 12.13 -66.08
C VAL E 56 0.39 13.08 -64.89
N VAL E 57 1.10 12.70 -63.84
CA VAL E 57 1.21 13.53 -62.64
C VAL E 57 2.42 14.41 -62.83
N ILE E 58 2.19 15.64 -63.27
CA ILE E 58 3.27 16.58 -63.51
C ILE E 58 3.05 17.89 -62.78
N GLY E 59 4.11 18.46 -62.24
CA GLY E 59 3.99 19.72 -61.53
C GLY E 59 5.21 19.99 -60.67
N PRO E 60 5.26 21.13 -59.98
CA PRO E 60 6.38 21.52 -59.12
C PRO E 60 6.71 20.46 -58.07
N CYS E 61 8.00 20.36 -57.73
CA CYS E 61 8.45 19.40 -56.72
C CYS E 61 7.69 19.65 -55.43
N SER E 62 7.58 20.93 -55.09
CA SER E 62 6.87 21.40 -53.90
C SER E 62 6.33 22.78 -54.25
N ILE E 63 5.19 23.12 -53.65
CA ILE E 63 4.55 24.41 -53.91
C ILE E 63 4.83 25.36 -52.75
N HIS E 64 5.38 26.53 -53.07
CA HIS E 64 5.68 27.50 -52.04
C HIS E 64 5.04 28.85 -52.33
N ASP E 65 4.43 28.98 -53.50
CA ASP E 65 3.82 30.23 -53.86
C ASP E 65 2.55 30.05 -54.67
N PRO E 66 1.39 30.26 -54.03
CA PRO E 66 0.08 30.12 -54.68
C PRO E 66 -0.04 30.84 -56.02
N VAL E 67 0.57 32.02 -56.13
CA VAL E 67 0.51 32.81 -57.36
C VAL E 67 1.12 32.08 -58.55
N ALA E 68 2.39 31.68 -58.40
CA ALA E 68 3.08 30.96 -59.47
C ALA E 68 2.34 29.66 -59.72
N ALA E 69 2.01 28.97 -58.63
CA ALA E 69 1.30 27.70 -58.69
C ALA E 69 0.00 27.78 -59.48
N LYS E 70 -0.68 28.91 -59.41
CA LYS E 70 -1.93 29.03 -60.14
C LYS E 70 -1.68 29.41 -61.58
N GLU E 71 -0.58 30.11 -61.83
CA GLU E 71 -0.22 30.50 -63.19
C GLU E 71 0.15 29.20 -63.88
N TYR E 72 1.02 28.44 -63.22
CA TYR E 72 1.47 27.16 -63.73
C TYR E 72 0.22 26.36 -64.09
N ALA E 73 -0.70 26.28 -63.14
CA ALA E 73 -1.94 25.54 -63.33
C ALA E 73 -2.66 26.00 -64.60
N THR E 74 -2.74 27.31 -64.81
CA THR E 74 -3.42 27.84 -65.98
C THR E 74 -2.83 27.27 -67.27
N ARG E 75 -1.50 27.22 -67.34
CA ARG E 75 -0.81 26.70 -68.50
C ARG E 75 -1.09 25.20 -68.64
N LEU E 76 -0.78 24.44 -67.60
CA LEU E 76 -0.98 23.01 -67.62
C LEU E 76 -2.42 22.65 -67.98
N LEU E 77 -3.37 23.49 -67.62
CA LEU E 77 -4.76 23.20 -67.91
C LEU E 77 -5.04 23.28 -69.42
N ALA E 78 -4.32 24.16 -70.11
CA ALA E 78 -4.49 24.32 -71.54
C ALA E 78 -4.08 23.03 -72.21
N LEU E 79 -2.86 22.59 -71.90
CA LEU E 79 -2.32 21.36 -72.46
C LEU E 79 -3.23 20.19 -72.08
N ARG E 80 -3.74 20.22 -70.84
CA ARG E 80 -4.61 19.16 -70.38
C ARG E 80 -5.77 18.98 -71.34
N GLU E 81 -6.32 20.09 -71.80
CA GLU E 81 -7.44 20.04 -72.72
C GLU E 81 -7.04 19.58 -74.11
N GLU E 82 -5.91 20.08 -74.59
CA GLU E 82 -5.36 19.76 -75.89
C GLU E 82 -5.06 18.26 -76.06
N LEU E 83 -4.14 17.75 -75.23
CA LEU E 83 -3.71 16.37 -75.26
C LEU E 83 -4.63 15.43 -74.49
N LYS E 84 -5.81 15.91 -74.12
CA LYS E 84 -6.74 15.10 -73.34
C LYS E 84 -7.13 13.73 -73.92
N ASP E 85 -7.02 13.58 -75.23
CA ASP E 85 -7.36 12.31 -75.86
C ASP E 85 -6.30 11.23 -75.67
N GLU E 86 -5.09 11.65 -75.30
CA GLU E 86 -4.00 10.72 -75.05
C GLU E 86 -3.63 10.69 -73.58
N LEU E 87 -3.45 11.88 -73.02
CA LEU E 87 -3.07 12.02 -71.63
C LEU E 87 -4.18 12.46 -70.69
N GLU E 88 -4.08 12.00 -69.45
CA GLU E 88 -5.01 12.38 -68.39
C GLU E 88 -4.07 13.17 -67.47
N ILE E 89 -3.91 14.45 -67.77
CA ILE E 89 -3.03 15.31 -67.00
C ILE E 89 -3.63 15.74 -65.66
N VAL E 90 -2.81 15.56 -64.62
CA VAL E 90 -3.16 15.87 -63.24
C VAL E 90 -1.99 16.61 -62.63
N ARG E 92 0.71 18.01 -60.03
CA ARG E 92 1.38 17.54 -58.82
C ARG E 92 1.42 18.68 -57.82
N VAL E 93 0.48 18.66 -56.88
CA VAL E 93 0.38 19.68 -55.85
C VAL E 93 0.88 19.12 -54.52
N TYR E 94 2.19 19.21 -54.32
CA TYR E 94 2.83 18.72 -53.09
C TYR E 94 3.25 19.94 -52.28
N PHE E 95 3.05 19.88 -50.96
CA PHE E 95 3.39 21.04 -50.13
C PHE E 95 4.70 20.94 -49.37
N GLU E 96 5.21 19.73 -49.21
CA GLU E 96 6.44 19.55 -48.47
C GLU E 96 7.22 18.33 -48.92
N LYS E 97 8.54 18.41 -48.79
CA LYS E 97 9.41 17.30 -49.13
C LYS E 97 10.09 16.81 -47.85
N PRO E 98 9.88 15.53 -47.50
CA PRO E 98 10.52 15.02 -46.28
C PRO E 98 12.03 15.22 -46.33
N ARG E 99 12.61 15.68 -45.24
CA ARG E 99 14.05 15.92 -45.18
C ARG E 99 14.62 15.30 -43.92
N THR E 100 15.63 14.44 -44.08
CA THR E 100 16.29 13.83 -42.93
C THR E 100 16.84 15.02 -42.16
N THR E 101 17.52 15.86 -42.94
CA THR E 101 18.18 17.08 -42.51
C THR E 101 17.20 18.15 -42.06
N VAL E 102 17.59 19.41 -42.26
CA VAL E 102 16.77 20.56 -41.91
C VAL E 102 16.16 21.08 -43.21
N GLY E 103 15.65 22.30 -43.21
CA GLY E 103 15.05 22.85 -44.41
C GLY E 103 13.63 23.28 -44.18
N TRP E 104 13.10 24.03 -45.15
CA TRP E 104 11.73 24.54 -45.12
C TRP E 104 10.76 23.39 -44.90
N LYS E 105 9.84 23.55 -43.96
CA LYS E 105 8.88 22.50 -43.67
C LYS E 105 7.63 22.45 -44.56
N GLY E 106 7.62 23.24 -45.64
CA GLY E 106 6.48 23.20 -46.53
C GLY E 106 5.44 24.30 -46.38
N LEU E 107 4.56 24.39 -47.37
CA LEU E 107 3.52 25.40 -47.39
C LEU E 107 2.57 25.30 -46.21
N ILE E 108 2.24 24.08 -45.81
CA ILE E 108 1.32 23.85 -44.70
C ILE E 108 1.97 24.15 -43.34
N ASN E 109 3.07 23.47 -43.06
CA ASN E 109 3.77 23.64 -41.79
C ASN E 109 4.40 25.01 -41.58
N ASP E 110 4.71 25.70 -42.65
CA ASP E 110 5.35 27.02 -42.53
C ASP E 110 5.09 27.81 -43.81
N PRO E 111 3.85 28.28 -44.00
CA PRO E 111 3.39 29.05 -45.15
C PRO E 111 4.30 30.21 -45.53
N HIS E 112 4.76 30.94 -44.52
CA HIS E 112 5.57 32.12 -44.74
C HIS E 112 7.09 31.92 -44.86
N ASP E 114 9.37 31.55 -43.10
CA ASP E 114 10.16 32.32 -42.14
C ASP E 114 10.16 31.65 -40.77
N ASN E 115 9.89 30.35 -40.75
CA ASN E 115 9.86 29.59 -39.51
C ASN E 115 8.84 30.08 -38.50
N SER E 116 7.85 30.84 -38.99
CA SER E 116 6.77 31.33 -38.13
C SER E 116 5.85 30.17 -37.80
N PHE E 117 5.89 29.15 -38.65
CA PHE E 117 5.08 27.95 -38.49
C PHE E 117 3.60 28.21 -38.27
N GLN E 118 3.01 29.02 -39.14
CA GLN E 118 1.59 29.36 -39.07
C GLN E 118 0.80 28.26 -39.77
N ILE E 119 0.82 27.06 -39.20
CA ILE E 119 0.14 25.94 -39.83
C ILE E 119 -1.35 26.12 -40.13
N ASN E 120 -2.10 26.85 -39.31
CA ASN E 120 -3.51 27.05 -39.61
C ASN E 120 -3.64 27.90 -40.87
N ASP E 121 -2.64 28.75 -41.12
CA ASP E 121 -2.64 29.56 -42.32
C ASP E 121 -2.27 28.63 -43.47
N GLY E 122 -1.39 27.67 -43.18
CA GLY E 122 -0.96 26.70 -44.18
C GLY E 122 -2.17 25.96 -44.70
N LEU E 123 -2.95 25.38 -43.79
CA LEU E 123 -4.13 24.63 -44.17
C LEU E 123 -5.07 25.52 -44.98
N ARG E 124 -5.29 26.76 -44.57
CA ARG E 124 -6.18 27.63 -45.32
C ARG E 124 -5.63 27.86 -46.73
N ILE E 125 -4.36 28.26 -46.80
CA ILE E 125 -3.68 28.51 -48.09
C ILE E 125 -3.72 27.26 -48.97
N ALA E 126 -3.16 26.16 -48.46
CA ALA E 126 -3.14 24.91 -49.19
C ALA E 126 -4.52 24.53 -49.69
N ARG E 127 -5.50 24.45 -48.79
CA ARG E 127 -6.84 24.07 -49.21
C ARG E 127 -7.48 25.03 -50.19
N LYS E 128 -7.19 26.31 -50.08
CA LYS E 128 -7.80 27.25 -51.01
C LYS E 128 -7.17 27.07 -52.39
N LEU E 129 -5.87 26.73 -52.41
CA LEU E 129 -5.15 26.54 -53.67
C LEU E 129 -5.70 25.33 -54.40
N LEU E 130 -5.81 24.22 -53.69
CA LEU E 130 -6.36 23.01 -54.29
C LEU E 130 -7.77 23.28 -54.79
N LEU E 131 -8.54 24.00 -54.00
CA LEU E 131 -9.90 24.31 -54.39
C LEU E 131 -9.90 25.10 -55.68
N ASP E 132 -9.06 26.13 -55.75
CA ASP E 132 -9.04 26.96 -56.95
C ASP E 132 -8.62 26.17 -58.17
N ILE E 133 -7.59 25.35 -58.02
CA ILE E 133 -7.10 24.52 -59.12
C ILE E 133 -8.21 23.60 -59.61
N ASN E 134 -8.79 22.83 -58.70
CA ASN E 134 -9.89 21.92 -59.06
C ASN E 134 -11.05 22.69 -59.68
N ASP E 135 -11.34 23.88 -59.16
CA ASP E 135 -12.45 24.65 -59.68
C ASP E 135 -12.25 25.02 -61.15
N SER E 136 -11.00 25.28 -61.53
CA SER E 136 -10.71 25.67 -62.92
C SER E 136 -10.81 24.47 -63.86
N GLY E 137 -10.91 23.27 -63.29
CA GLY E 137 -11.04 22.07 -64.10
C GLY E 137 -9.80 21.19 -64.11
N LEU E 138 -8.75 21.62 -63.42
CA LEU E 138 -7.52 20.84 -63.37
C LEU E 138 -7.41 19.97 -62.13
N PRO E 139 -7.44 18.62 -62.29
CA PRO E 139 -7.33 17.71 -61.14
C PRO E 139 -6.00 17.95 -60.46
N ALA E 140 -5.87 17.50 -59.22
CA ALA E 140 -4.63 17.69 -58.49
C ALA E 140 -4.20 16.38 -57.86
N ALA E 141 -2.89 16.18 -57.76
CA ALA E 141 -2.33 14.98 -57.17
C ALA E 141 -1.49 15.42 -55.98
N GLY E 142 -1.64 14.74 -54.85
CA GLY E 142 -0.88 15.13 -53.68
C GLY E 142 -0.32 13.93 -52.98
N GLU E 143 0.53 14.18 -51.99
CA GLU E 143 1.16 13.11 -51.23
C GLU E 143 0.63 13.17 -49.81
N PHE E 144 0.58 12.03 -49.13
CA PHE E 144 0.09 12.02 -47.77
C PHE E 144 1.15 11.45 -46.87
N LEU E 145 1.71 12.33 -46.04
CA LEU E 145 2.79 11.96 -45.13
C LEU E 145 2.31 11.53 -43.75
N ASP E 146 1.09 11.89 -43.38
CA ASP E 146 0.54 11.49 -42.09
C ASP E 146 -0.92 11.06 -42.18
N ILE E 148 -3.45 12.40 -40.56
CA ILE E 148 -4.38 13.46 -40.17
C ILE E 148 -4.63 14.48 -41.27
N THR E 149 -3.59 14.80 -42.02
CA THR E 149 -3.73 15.78 -43.09
C THR E 149 -4.84 15.43 -44.07
N PRO E 150 -5.01 14.12 -44.38
CA PRO E 150 -6.07 13.69 -45.32
C PRO E 150 -7.44 14.30 -45.03
N GLN E 151 -7.83 14.32 -43.77
CA GLN E 151 -9.13 14.86 -43.37
C GLN E 151 -9.37 16.29 -43.84
N TYR E 152 -8.29 17.05 -44.04
CA TYR E 152 -8.37 18.46 -44.47
C TYR E 152 -8.33 18.64 -45.99
N LEU E 153 -7.70 17.70 -46.69
CA LEU E 153 -7.57 17.92 -48.13
C LEU E 153 -8.00 16.81 -49.10
N ALA E 154 -7.96 15.56 -48.65
CA ALA E 154 -8.30 14.43 -49.50
C ALA E 154 -9.45 14.64 -50.49
N ASP E 155 -10.53 15.28 -50.05
CA ASP E 155 -11.68 15.50 -50.93
C ASP E 155 -11.38 16.34 -52.18
N LEU E 156 -10.17 16.91 -52.26
CA LEU E 156 -9.77 17.71 -53.42
C LEU E 156 -8.61 17.01 -54.18
N SER E 158 -7.33 14.01 -56.55
CA SER E 158 -7.87 13.09 -57.55
C SER E 158 -6.99 11.85 -57.58
N TRP E 159 -5.79 11.98 -57.04
CA TRP E 159 -4.81 10.90 -56.99
C TRP E 159 -3.86 11.21 -55.85
N GLY E 160 -3.30 10.20 -55.22
CA GLY E 160 -2.38 10.44 -54.12
C GLY E 160 -1.22 9.46 -54.11
N ALA E 161 -0.10 9.84 -53.51
CA ALA E 161 1.07 8.97 -53.47
C ALA E 161 1.66 8.77 -52.07
N ILE E 162 2.05 7.53 -51.77
CA ILE E 162 2.70 7.19 -50.51
C ILE E 162 4.19 7.06 -50.86
N GLY E 163 4.99 8.05 -50.45
CA GLY E 163 6.41 8.07 -50.74
C GLY E 163 7.23 6.83 -50.41
N ALA E 164 8.44 6.81 -50.98
CA ALA E 164 9.37 5.72 -50.80
C ALA E 164 9.69 5.40 -49.35
N ARG E 165 9.93 6.44 -48.56
CA ARG E 165 10.26 6.28 -47.14
C ARG E 165 9.14 5.76 -46.25
N THR E 166 7.91 5.73 -46.77
CA THR E 166 6.79 5.25 -45.98
C THR E 166 5.99 4.12 -46.60
N THR E 167 6.34 3.71 -47.82
CA THR E 167 5.63 2.62 -48.49
C THR E 167 5.55 1.33 -47.67
N GLU E 168 6.57 1.10 -46.85
CA GLU E 168 6.60 -0.12 -46.03
C GLU E 168 5.95 0.06 -44.66
N SER E 169 5.59 1.30 -44.32
CA SER E 169 4.94 1.64 -43.06
C SER E 169 3.50 1.09 -43.06
N GLN E 170 3.18 0.23 -42.09
CA GLN E 170 1.85 -0.36 -42.04
C GLN E 170 0.75 0.69 -41.90
N VAL E 171 0.99 1.72 -41.09
CA VAL E 171 0.00 2.78 -40.89
C VAL E 171 -0.32 3.46 -42.23
N HIS E 172 0.71 3.82 -42.98
CA HIS E 172 0.48 4.47 -44.27
C HIS E 172 -0.27 3.54 -45.22
N ARG E 173 -0.01 2.23 -45.12
CA ARG E 173 -0.73 1.31 -45.97
C ARG E 173 -2.19 1.31 -45.51
N GLU E 174 -2.41 1.24 -44.20
CA GLU E 174 -3.78 1.27 -43.68
C GLU E 174 -4.43 2.54 -44.15
N LEU E 175 -3.72 3.64 -44.02
CA LEU E 175 -4.24 4.93 -44.46
C LEU E 175 -4.67 4.84 -45.93
N ALA E 176 -3.78 4.34 -46.80
CA ALA E 176 -4.11 4.24 -48.22
C ALA E 176 -5.36 3.41 -48.47
N SER E 177 -5.59 2.40 -47.64
CA SER E 177 -6.76 1.54 -47.81
C SER E 177 -8.08 2.25 -47.51
N GLY E 178 -8.00 3.49 -47.04
CA GLY E 178 -9.19 4.26 -46.71
C GLY E 178 -9.30 5.56 -47.50
N LEU E 179 -8.26 5.92 -48.25
CA LEU E 179 -8.28 7.13 -49.07
C LEU E 179 -9.30 6.98 -50.19
N SER E 180 -10.03 8.05 -50.48
CA SER E 180 -11.06 8.03 -51.50
C SER E 180 -10.54 8.20 -52.91
N CYS E 181 -9.24 8.06 -53.10
CA CYS E 181 -8.66 8.23 -54.43
C CYS E 181 -7.60 7.17 -54.75
N PRO E 182 -7.23 7.06 -56.03
CA PRO E 182 -6.21 6.08 -56.41
C PRO E 182 -4.94 6.44 -55.67
N VAL E 183 -4.22 5.43 -55.21
CA VAL E 183 -2.99 5.67 -54.49
C VAL E 183 -1.83 4.96 -55.17
N GLY E 184 -0.69 5.64 -55.23
CA GLY E 184 0.48 5.04 -55.85
C GLY E 184 1.60 4.92 -54.84
N PHE E 185 2.11 3.71 -54.66
CA PHE E 185 3.20 3.44 -53.73
C PHE E 185 4.54 3.45 -54.44
N LYS E 186 5.47 4.29 -53.99
CA LYS E 186 6.78 4.34 -54.60
C LYS E 186 7.64 3.18 -54.12
N ASN E 187 8.58 2.71 -54.95
CA ASN E 187 9.43 1.61 -54.53
C ASN E 187 10.40 2.15 -53.47
N GLY E 188 11.01 1.25 -52.72
CA GLY E 188 11.95 1.65 -51.68
C GLY E 188 13.08 2.52 -52.17
N THR E 189 13.75 3.19 -51.24
CA THR E 189 14.86 4.08 -51.54
C THR E 189 15.98 3.44 -52.35
N ASP E 190 16.41 2.25 -51.92
CA ASP E 190 17.48 1.54 -52.61
C ASP E 190 17.02 0.89 -53.91
N GLY E 191 15.71 0.95 -54.18
CA GLY E 191 15.18 0.38 -55.40
C GLY E 191 14.30 -0.82 -55.17
N THR E 192 14.17 -1.24 -53.91
CA THR E 192 13.35 -2.39 -53.57
C THR E 192 11.93 -2.30 -54.12
N ILE E 193 11.51 -3.37 -54.78
CA ILE E 193 10.20 -3.44 -55.39
C ILE E 193 9.18 -4.18 -54.51
N LYS E 194 9.63 -5.17 -53.76
CA LYS E 194 8.76 -5.96 -52.91
C LYS E 194 7.90 -5.11 -51.99
N VAL E 195 8.53 -4.17 -51.29
CA VAL E 195 7.82 -3.29 -50.38
C VAL E 195 6.58 -2.66 -51.01
N ALA E 196 6.73 -2.13 -52.22
CA ALA E 196 5.60 -1.50 -52.91
C ALA E 196 4.55 -2.51 -53.34
N ILE E 197 4.98 -3.72 -53.67
CA ILE E 197 4.04 -4.75 -54.09
C ILE E 197 3.20 -5.16 -52.90
N ASP E 198 3.86 -5.43 -51.78
CA ASP E 198 3.15 -5.80 -50.57
C ASP E 198 2.17 -4.69 -50.20
N ALA E 199 2.64 -3.45 -50.28
CA ALA E 199 1.79 -2.32 -49.96
C ALA E 199 0.49 -2.37 -50.76
N ILE E 200 0.61 -2.59 -52.07
CA ILE E 200 -0.55 -2.64 -52.95
C ILE E 200 -1.58 -3.69 -52.52
N ASN E 201 -1.09 -4.83 -52.03
CA ASN E 201 -1.98 -5.90 -51.58
C ASN E 201 -2.64 -5.49 -50.26
N ALA E 202 -1.83 -5.00 -49.33
CA ALA E 202 -2.32 -4.56 -48.03
C ALA E 202 -3.38 -3.48 -48.21
N ALA E 203 -3.07 -2.46 -49.01
CA ALA E 203 -4.01 -1.37 -49.24
C ALA E 203 -5.31 -1.93 -49.82
N GLY E 204 -5.27 -3.16 -50.28
CA GLY E 204 -6.46 -3.76 -50.85
C GLY E 204 -7.42 -4.25 -49.78
N ALA E 205 -6.88 -4.54 -48.60
CA ALA E 205 -7.69 -5.05 -47.49
C ALA E 205 -8.25 -3.97 -46.58
N PRO E 206 -9.26 -4.32 -45.77
CA PRO E 206 -9.90 -3.40 -44.82
C PRO E 206 -8.97 -3.25 -43.61
N HIS E 207 -8.82 -2.03 -43.08
CA HIS E 207 -7.94 -1.81 -41.93
C HIS E 207 -8.46 -0.82 -40.89
N CYS E 208 -7.74 -0.76 -39.78
CA CYS E 208 -8.03 0.15 -38.66
C CYS E 208 -6.84 1.07 -38.44
N PHE E 209 -7.07 2.37 -38.35
CA PHE E 209 -5.98 3.28 -38.04
C PHE E 209 -6.58 4.48 -37.32
N LEU E 210 -5.80 5.08 -36.42
CA LEU E 210 -6.27 6.23 -35.64
C LEU E 210 -6.01 7.52 -36.42
N SER E 211 -6.89 8.50 -36.23
CA SER E 211 -6.76 9.78 -36.88
C SER E 211 -7.74 10.72 -36.15
N VAL E 212 -8.44 11.58 -36.88
CA VAL E 212 -9.39 12.45 -36.21
C VAL E 212 -10.64 12.58 -37.02
N THR E 213 -11.78 12.70 -36.32
CA THR E 213 -13.04 12.87 -37.00
C THR E 213 -13.00 14.22 -37.74
N LYS E 214 -14.04 14.54 -38.49
CA LYS E 214 -14.06 15.80 -39.21
C LYS E 214 -14.17 16.95 -38.22
N TRP E 215 -14.66 16.62 -37.02
CA TRP E 215 -14.83 17.60 -35.97
C TRP E 215 -13.52 17.85 -35.23
N GLY E 216 -12.47 17.14 -35.60
CA GLY E 216 -11.18 17.33 -34.97
C GLY E 216 -10.87 16.41 -33.80
N HIS E 217 -11.75 15.47 -33.49
CA HIS E 217 -11.51 14.59 -32.34
C HIS E 217 -10.84 13.26 -32.63
N SER E 218 -9.86 12.92 -31.81
CA SER E 218 -9.14 11.66 -31.95
C SER E 218 -10.16 10.55 -32.19
N ALA E 219 -9.98 9.79 -33.28
CA ALA E 219 -10.90 8.71 -33.67
C ALA E 219 -10.24 7.46 -34.26
N ILE E 220 -11.01 6.39 -34.33
CA ILE E 220 -10.51 5.16 -34.93
C ILE E 220 -11.26 4.96 -36.27
N VAL E 221 -10.49 4.82 -37.34
CA VAL E 221 -11.04 4.67 -38.68
C VAL E 221 -10.99 3.24 -39.20
N ASN E 222 -12.14 2.74 -39.67
CA ASN E 222 -12.24 1.39 -40.26
C ASN E 222 -12.43 1.59 -41.76
N THR E 223 -11.41 1.26 -42.54
CA THR E 223 -11.45 1.42 -44.00
C THR E 223 -12.14 0.25 -44.69
N SER E 224 -12.45 0.42 -45.97
CA SER E 224 -13.10 -0.64 -46.75
C SER E 224 -12.09 -1.43 -47.59
N GLY E 225 -11.03 -0.76 -48.02
CA GLY E 225 -10.02 -1.41 -48.84
C GLY E 225 -9.94 -0.61 -50.13
N ASN E 226 -8.75 -0.44 -50.67
CA ASN E 226 -8.58 0.35 -51.89
C ASN E 226 -8.00 -0.47 -53.04
N GLY E 227 -8.81 -0.69 -54.08
CA GLY E 227 -8.35 -1.47 -55.22
C GLY E 227 -7.63 -0.68 -56.29
N ASP E 228 -7.64 0.64 -56.17
CA ASP E 228 -6.99 1.49 -57.15
C ASP E 228 -5.59 1.94 -56.75
N CYS E 229 -4.79 0.98 -56.32
CA CYS E 229 -3.41 1.26 -55.93
C CYS E 229 -2.48 0.64 -56.95
N HIS E 230 -1.38 1.32 -57.22
CA HIS E 230 -0.40 0.84 -58.18
C HIS E 230 0.99 1.25 -57.74
N ILE E 231 2.01 0.69 -58.39
CA ILE E 231 3.38 1.01 -58.02
C ILE E 231 3.90 2.24 -58.78
N ILE E 232 4.98 2.82 -58.28
CA ILE E 232 5.58 3.99 -58.92
C ILE E 232 7.07 3.73 -58.86
N LEU E 233 7.69 3.57 -60.03
CA LEU E 233 9.13 3.31 -60.12
C LEU E 233 9.84 4.64 -60.15
N ARG E 234 10.59 4.92 -59.10
CA ARG E 234 11.31 6.18 -59.00
C ARG E 234 12.80 5.90 -58.87
N GLY E 235 13.16 4.66 -59.19
CA GLY E 235 14.55 4.24 -59.13
C GLY E 235 15.09 3.94 -57.75
N GLY E 236 16.29 3.37 -57.72
CA GLY E 236 16.97 3.05 -56.47
C GLY E 236 18.37 3.65 -56.51
N LYS E 237 19.38 2.79 -56.46
CA LYS E 237 20.77 3.25 -56.53
C LYS E 237 21.10 3.49 -58.00
N GLU E 238 20.25 2.96 -58.89
CA GLU E 238 20.36 3.08 -60.34
C GLU E 238 18.91 3.11 -60.87
N PRO E 239 18.62 3.93 -61.90
CA PRO E 239 17.28 4.03 -62.48
C PRO E 239 16.47 2.73 -62.66
N ASN E 240 15.14 2.89 -62.64
CA ASN E 240 14.17 1.80 -62.77
C ASN E 240 13.41 1.81 -64.09
N TYR E 241 13.48 2.93 -64.82
CA TYR E 241 12.71 3.07 -66.05
C TYR E 241 12.99 2.16 -67.25
N SER E 242 14.18 1.58 -67.36
CA SER E 242 14.47 0.70 -68.50
C SER E 242 13.44 -0.43 -68.64
N ALA E 243 13.20 -0.84 -69.89
CA ALA E 243 12.23 -1.91 -70.17
C ALA E 243 12.64 -3.19 -69.46
N LYS E 244 13.94 -3.32 -69.22
CA LYS E 244 14.48 -4.48 -68.55
C LYS E 244 13.79 -4.58 -67.19
N HIS E 245 13.77 -3.47 -66.45
CA HIS E 245 13.16 -3.39 -65.13
C HIS E 245 11.66 -3.57 -65.19
N VAL E 246 11.01 -2.71 -65.97
CA VAL E 246 9.56 -2.80 -66.14
C VAL E 246 9.19 -4.26 -66.39
N ALA E 247 10.06 -4.98 -67.07
CA ALA E 247 9.82 -6.38 -67.37
C ALA E 247 9.75 -7.16 -66.06
N GLU E 248 10.78 -7.01 -65.22
CA GLU E 248 10.88 -7.70 -63.92
C GLU E 248 9.67 -7.35 -63.04
N VAL E 249 9.45 -6.04 -62.88
CA VAL E 249 8.35 -5.52 -62.07
C VAL E 249 7.02 -6.13 -62.49
N LYS E 250 6.72 -6.08 -63.79
CA LYS E 250 5.48 -6.64 -64.32
C LYS E 250 5.27 -8.08 -63.87
N GLU E 251 6.38 -8.82 -63.76
CA GLU E 251 6.32 -10.21 -63.35
C GLU E 251 6.04 -10.32 -61.86
N GLY E 252 6.74 -9.50 -61.07
CA GLY E 252 6.53 -9.52 -59.63
C GLY E 252 5.06 -9.28 -59.32
N LEU E 253 4.47 -8.31 -60.01
CA LEU E 253 3.08 -7.98 -59.79
C LEU E 253 2.17 -9.17 -60.06
N ASN E 254 2.34 -9.82 -61.21
CA ASN E 254 1.52 -10.97 -61.55
C ASN E 254 1.82 -12.09 -60.56
N LYS E 255 3.09 -12.19 -60.17
CA LYS E 255 3.50 -13.22 -59.23
C LYS E 255 2.76 -13.03 -57.92
N ALA E 256 2.42 -11.78 -57.61
CA ALA E 256 1.70 -11.42 -56.40
C ALA E 256 0.19 -11.39 -56.59
N GLY E 257 -0.27 -11.71 -57.80
CA GLY E 257 -1.69 -11.70 -58.08
C GLY E 257 -2.25 -10.33 -58.37
N LEU E 258 -1.37 -9.39 -58.72
CA LEU E 258 -1.76 -8.01 -59.01
C LEU E 258 -1.52 -7.61 -60.46
N PRO E 259 -2.38 -6.75 -61.03
CA PRO E 259 -2.26 -6.26 -62.40
C PRO E 259 -0.84 -5.76 -62.70
N ALA E 260 -0.29 -6.18 -63.84
CA ALA E 260 1.05 -5.75 -64.22
C ALA E 260 0.93 -4.39 -64.88
N GLN E 261 0.97 -3.35 -64.06
CA GLN E 261 0.89 -1.97 -64.53
C GLN E 261 1.84 -1.18 -63.64
N VAL E 262 2.42 -0.12 -64.17
CA VAL E 262 3.34 0.68 -63.38
C VAL E 262 3.35 2.14 -63.81
N ILE E 264 5.95 5.49 -63.99
CA ILE E 264 7.38 5.75 -63.96
C ILE E 264 7.65 7.22 -63.67
N ASP E 265 8.45 7.45 -62.64
CA ASP E 265 8.80 8.80 -62.22
C ASP E 265 10.09 9.18 -62.95
N PHE E 266 9.99 10.14 -63.85
CA PHE E 266 11.16 10.57 -64.62
C PHE E 266 12.13 11.29 -63.73
N SER E 267 11.65 11.82 -62.61
CA SER E 267 12.50 12.58 -61.71
C SER E 267 13.14 11.75 -60.61
N HIS E 268 13.71 12.45 -59.63
CA HIS E 268 14.37 11.82 -58.48
C HIS E 268 15.47 10.81 -58.84
N ALA E 269 15.38 9.60 -58.30
CA ALA E 269 16.39 8.58 -58.56
C ALA E 269 16.50 8.13 -60.03
N ASN E 270 15.41 8.19 -60.78
CA ASN E 270 15.44 7.81 -62.20
C ASN E 270 16.10 8.90 -63.03
N SER E 271 16.13 10.11 -62.46
CA SER E 271 16.72 11.27 -63.12
C SER E 271 18.12 11.55 -62.55
N SER E 272 18.57 10.73 -61.61
CA SER E 272 19.88 10.89 -60.99
C SER E 272 20.00 12.29 -60.39
N LYS E 273 18.87 12.81 -59.91
CA LYS E 273 18.80 14.13 -59.31
C LYS E 273 19.25 15.24 -60.26
N GLN E 274 19.09 15.00 -61.55
CA GLN E 274 19.48 15.97 -62.57
C GLN E 274 18.26 16.26 -63.42
N PHE E 275 17.54 17.33 -63.08
CA PHE E 275 16.33 17.70 -63.78
C PHE E 275 16.39 17.62 -65.30
N LYS E 276 17.57 17.82 -65.88
CA LYS E 276 17.72 17.74 -67.33
C LYS E 276 17.46 16.32 -67.82
N LYS E 277 18.02 15.35 -67.10
CA LYS E 277 17.88 13.95 -67.44
C LYS E 277 16.45 13.44 -67.49
N GLN E 278 15.50 14.26 -67.05
CA GLN E 278 14.11 13.83 -67.10
C GLN E 278 13.71 13.70 -68.56
N ASP E 280 15.67 12.68 -70.94
CA ASP E 280 16.25 11.44 -71.45
C ASP E 280 15.39 10.25 -71.07
N VAL E 281 14.94 10.21 -69.81
CA VAL E 281 14.08 9.15 -69.32
C VAL E 281 12.81 9.14 -70.18
N CYS E 282 12.36 10.33 -70.56
CA CYS E 282 11.16 10.47 -71.38
C CYS E 282 11.42 9.78 -72.70
N ALA E 283 12.65 9.91 -73.20
CA ALA E 283 13.04 9.29 -74.45
C ALA E 283 12.89 7.78 -74.36
N ASP E 284 13.56 7.17 -73.38
CA ASP E 284 13.47 5.73 -73.21
C ASP E 284 12.05 5.24 -72.96
N VAL E 285 11.30 5.97 -72.14
CA VAL E 285 9.95 5.56 -71.82
C VAL E 285 8.98 5.73 -73.00
N CYS E 286 9.04 6.87 -73.68
CA CYS E 286 8.17 7.08 -74.84
C CYS E 286 8.39 5.92 -75.80
N GLN E 287 9.64 5.46 -75.85
CA GLN E 287 10.07 4.35 -76.70
C GLN E 287 9.29 3.09 -76.37
N GLN E 288 9.25 2.75 -75.09
CA GLN E 288 8.55 1.56 -74.64
C GLN E 288 7.06 1.66 -74.96
N ILE E 289 6.51 2.85 -74.73
CA ILE E 289 5.09 3.10 -74.96
C ILE E 289 4.72 2.99 -76.42
N ALA E 290 5.42 3.75 -77.26
CA ALA E 290 5.18 3.75 -78.70
C ALA E 290 5.40 2.32 -79.21
N GLY E 291 6.42 1.67 -78.66
CA GLY E 291 6.76 0.32 -79.05
C GLY E 291 5.80 -0.73 -78.53
N GLY E 292 4.61 -0.32 -78.11
CA GLY E 292 3.64 -1.28 -77.63
C GLY E 292 3.47 -1.57 -76.14
N GLU E 293 4.38 -1.11 -75.28
CA GLU E 293 4.24 -1.36 -73.83
C GLU E 293 2.94 -0.83 -73.21
N LYS E 294 2.11 -1.74 -72.70
CA LYS E 294 0.84 -1.35 -72.11
C LYS E 294 0.87 -1.28 -70.59
N ALA E 295 1.84 -1.92 -69.97
CA ALA E 295 1.96 -1.92 -68.51
C ALA E 295 2.17 -0.50 -67.96
N ILE E 296 2.79 0.36 -68.74
CA ILE E 296 3.02 1.73 -68.32
C ILE E 296 1.73 2.55 -68.38
N ILE E 297 1.02 2.66 -67.25
CA ILE E 297 -0.23 3.41 -67.20
C ILE E 297 -0.06 4.87 -66.78
N GLY E 298 1.17 5.25 -66.46
CA GLY E 298 1.39 6.64 -66.06
C GLY E 298 2.83 7.02 -65.83
N VAL E 299 3.07 8.33 -65.80
CA VAL E 299 4.41 8.85 -65.57
C VAL E 299 4.30 10.05 -64.64
N VAL E 301 6.32 13.73 -63.64
CA VAL E 301 7.37 14.67 -64.03
C VAL E 301 7.40 15.90 -63.15
N GLU E 302 8.60 16.24 -62.67
CA GLU E 302 8.73 17.42 -61.84
C GLU E 302 9.06 18.59 -62.78
N SER E 303 8.11 19.51 -62.93
CA SER E 303 8.33 20.67 -63.79
C SER E 303 7.68 21.91 -63.21
N HIS E 304 8.25 23.08 -63.51
CA HIS E 304 7.71 24.33 -63.01
C HIS E 304 7.70 25.34 -64.16
N LEU E 305 7.38 26.59 -63.85
CA LEU E 305 7.36 27.63 -64.89
C LEU E 305 8.79 27.85 -65.39
N VAL E 306 9.74 27.84 -64.46
CA VAL E 306 11.16 28.01 -64.77
C VAL E 306 11.92 26.77 -64.27
N GLU E 307 12.86 26.30 -65.07
CA GLU E 307 13.63 25.12 -64.71
C GLU E 307 14.61 25.34 -63.58
N GLY E 308 15.25 24.25 -63.18
CA GLY E 308 16.22 24.31 -62.10
C GLY E 308 15.56 24.64 -60.78
N ASN E 309 16.38 24.71 -59.72
CA ASN E 309 15.89 25.03 -58.40
C ASN E 309 16.67 26.21 -57.85
N GLN E 310 16.39 26.57 -56.61
CA GLN E 310 17.07 27.68 -55.95
C GLN E 310 17.01 27.45 -54.46
N SER E 311 17.75 28.26 -53.70
CA SER E 311 17.79 28.10 -52.25
C SER E 311 17.01 29.18 -51.51
N LEU E 312 16.56 28.83 -50.31
CA LEU E 312 15.81 29.73 -49.46
C LEU E 312 16.86 30.43 -48.60
N GLU E 313 17.82 29.65 -48.13
CA GLU E 313 18.91 30.12 -47.29
C GLU E 313 19.75 31.22 -47.93
N SER E 314 20.03 31.07 -49.23
CA SER E 314 20.86 32.03 -49.99
C SER E 314 20.68 33.52 -49.65
N GLY E 315 19.52 33.90 -49.13
CA GLY E 315 19.29 35.30 -48.79
C GLY E 315 18.90 36.16 -49.97
N GLU E 316 18.98 35.58 -51.17
CA GLU E 316 18.61 36.30 -52.38
C GLU E 316 17.11 36.17 -52.60
N PRO E 317 16.43 37.29 -52.90
CA PRO E 317 14.98 37.23 -53.12
C PRO E 317 14.63 36.15 -54.13
N LEU E 318 13.78 35.22 -53.70
CA LEU E 318 13.37 34.10 -54.54
C LEU E 318 12.94 34.49 -55.95
N ALA E 319 13.26 33.62 -56.91
CA ALA E 319 12.90 33.83 -58.29
C ALA E 319 11.49 33.29 -58.51
N TYR E 320 10.70 33.99 -59.31
CA TYR E 320 9.32 33.56 -59.58
C TYR E 320 9.29 32.21 -60.28
N GLY E 321 8.17 31.51 -60.17
CA GLY E 321 7.99 30.21 -60.79
C GLY E 321 9.23 29.32 -60.83
N LYS E 322 9.93 29.18 -59.71
CA LYS E 322 11.13 28.34 -59.68
C LYS E 322 11.23 27.55 -58.37
N SER E 323 11.29 26.22 -58.50
CA SER E 323 11.37 25.32 -57.34
C SER E 323 12.39 25.74 -56.28
N ILE E 324 12.08 25.48 -55.00
CA ILE E 324 12.99 25.79 -53.88
C ILE E 324 13.36 24.49 -53.17
N THR E 325 13.07 23.37 -53.84
CA THR E 325 13.40 22.03 -53.35
C THR E 325 14.16 21.33 -54.48
N ASP E 326 13.60 20.25 -55.03
CA ASP E 326 14.26 19.55 -56.15
C ASP E 326 14.21 20.37 -57.42
N ALA E 327 15.19 20.18 -58.30
CA ALA E 327 15.26 20.90 -59.56
C ALA E 327 14.21 20.35 -60.54
N CYS E 328 13.51 21.25 -61.23
CA CYS E 328 12.46 20.86 -62.18
C CYS E 328 12.77 21.37 -63.59
N ILE E 329 12.25 20.69 -64.62
CA ILE E 329 12.47 21.14 -65.99
C ILE E 329 11.60 22.38 -66.16
N GLY E 330 11.99 23.26 -67.07
CA GLY E 330 11.22 24.48 -67.31
C GLY E 330 9.90 24.21 -68.01
N TRP E 331 9.14 25.26 -68.27
CA TRP E 331 7.87 25.09 -68.94
C TRP E 331 8.05 24.73 -70.41
N GLU E 332 9.14 25.22 -70.99
CA GLU E 332 9.43 24.94 -72.40
C GLU E 332 9.57 23.43 -72.58
N ASP E 333 10.47 22.82 -71.83
CA ASP E 333 10.70 21.38 -71.91
C ASP E 333 9.41 20.61 -71.61
N THR E 334 8.66 21.12 -70.64
CA THR E 334 7.42 20.49 -70.24
C THR E 334 6.47 20.32 -71.43
N ASP E 335 6.09 21.43 -72.05
CA ASP E 335 5.19 21.39 -73.20
C ASP E 335 5.70 20.38 -74.22
N ALA E 336 7.02 20.35 -74.39
CA ALA E 336 7.64 19.44 -75.33
C ALA E 336 7.43 18.01 -74.85
N LEU E 337 7.95 17.71 -73.67
CA LEU E 337 7.85 16.38 -73.06
C LEU E 337 6.45 15.82 -73.05
N LEU E 338 5.46 16.68 -72.83
CA LEU E 338 4.08 16.24 -72.81
C LEU E 338 3.60 15.83 -74.20
N ARG E 339 3.91 16.66 -75.20
CA ARG E 339 3.53 16.36 -76.57
C ARG E 339 4.18 15.04 -76.99
N GLN E 340 5.46 14.89 -76.66
CA GLN E 340 6.16 13.66 -76.96
C GLN E 340 5.30 12.50 -76.44
N LEU E 341 5.12 12.44 -75.12
CA LEU E 341 4.34 11.39 -74.49
C LEU E 341 2.97 11.16 -75.13
N ALA E 342 2.30 12.24 -75.53
CA ALA E 342 0.98 12.13 -76.15
C ALA E 342 1.12 11.30 -77.42
N ASN E 343 2.09 11.67 -78.25
CA ASN E 343 2.37 10.95 -79.48
C ASN E 343 2.60 9.48 -79.18
N ALA E 344 3.45 9.21 -78.20
CA ALA E 344 3.78 7.84 -77.80
C ALA E 344 2.55 7.03 -77.37
N VAL E 345 1.51 7.72 -76.91
CA VAL E 345 0.29 7.04 -76.49
C VAL E 345 -0.51 6.72 -77.75
N LYS E 346 -0.35 7.60 -78.75
CA LYS E 346 -1.00 7.44 -80.05
C LYS E 346 -0.32 6.28 -80.77
N ALA E 347 1.01 6.29 -80.77
CA ALA E 347 1.81 5.24 -81.38
C ALA E 347 1.32 3.89 -80.87
N ARG E 348 1.35 3.70 -79.54
CA ARG E 348 0.91 2.46 -78.93
C ARG E 348 -0.51 2.13 -79.34
N ARG E 349 -1.25 3.16 -79.73
CA ARG E 349 -2.64 2.97 -80.12
C ARG E 349 -2.75 2.37 -81.52
N GLY E 350 -1.63 2.23 -82.22
CA GLY E 350 -1.66 1.64 -83.55
C GLY E 350 -0.31 1.19 -84.12
N ASN F 2 -22.64 16.05 -44.66
CA ASN F 2 -22.29 15.35 -45.90
C ASN F 2 -21.46 16.21 -46.86
N TYR F 3 -20.22 15.78 -47.12
CA TYR F 3 -19.30 16.48 -48.02
C TYR F 3 -19.11 15.69 -49.31
N GLN F 4 -18.95 16.39 -50.44
CA GLN F 4 -18.76 15.73 -51.71
C GLN F 4 -17.40 15.03 -51.80
N ASN F 5 -17.36 13.93 -52.55
CA ASN F 5 -16.15 13.13 -52.78
C ASN F 5 -15.41 12.75 -51.50
N ASP F 6 -16.16 12.70 -50.40
CA ASP F 6 -15.53 12.41 -49.12
C ASP F 6 -15.81 11.01 -48.56
N ASP F 7 -14.88 10.52 -47.76
CA ASP F 7 -14.97 9.21 -47.11
C ASP F 7 -15.54 8.05 -47.94
N LEU F 8 -15.20 8.00 -49.23
CA LEU F 8 -15.69 6.94 -50.12
C LEU F 8 -15.22 5.54 -49.73
N ARG F 9 -14.08 5.43 -49.05
CA ARG F 9 -13.65 4.10 -48.66
C ARG F 9 -13.61 3.94 -47.14
N ILE F 10 -14.46 4.71 -46.47
CA ILE F 10 -14.55 4.63 -45.02
C ILE F 10 -15.80 3.87 -44.57
N LYS F 11 -15.60 2.70 -43.96
CA LYS F 11 -16.71 1.89 -43.47
C LYS F 11 -17.37 2.57 -42.27
N GLU F 12 -16.52 3.08 -41.37
CA GLU F 12 -17.01 3.72 -40.17
C GLU F 12 -15.88 4.41 -39.40
N ILE F 13 -16.21 5.51 -38.74
CA ILE F 13 -15.25 6.26 -37.96
C ILE F 13 -15.96 6.69 -36.67
N LYS F 14 -15.35 6.36 -35.53
CA LYS F 14 -15.92 6.62 -34.21
C LYS F 14 -14.99 7.40 -33.29
N GLU F 15 -15.56 8.28 -32.46
CA GLU F 15 -14.78 9.07 -31.49
C GLU F 15 -14.13 8.10 -30.52
N LEU F 16 -12.88 8.40 -30.18
CA LEU F 16 -12.08 7.59 -29.28
C LEU F 16 -12.04 8.38 -27.97
N LEU F 17 -12.06 7.71 -26.82
CA LEU F 17 -11.97 8.42 -25.53
C LEU F 17 -10.79 9.38 -25.61
N PRO F 18 -10.97 10.63 -25.12
CA PRO F 18 -9.86 11.58 -25.17
C PRO F 18 -8.77 11.11 -24.21
N PRO F 19 -7.49 11.38 -24.54
CA PRO F 19 -6.41 10.95 -23.66
C PRO F 19 -6.65 11.30 -22.19
N VAL F 20 -7.12 12.52 -21.95
CA VAL F 20 -7.37 12.95 -20.59
C VAL F 20 -8.29 11.97 -19.86
N ALA F 21 -9.26 11.40 -20.55
CA ALA F 21 -10.18 10.45 -19.92
C ALA F 21 -9.40 9.27 -19.35
N LEU F 22 -8.47 8.74 -20.13
CA LEU F 22 -7.67 7.60 -19.70
C LEU F 22 -6.73 8.01 -18.57
N LEU F 23 -6.13 9.19 -18.70
CA LEU F 23 -5.20 9.66 -17.67
C LEU F 23 -5.94 9.88 -16.36
N GLU F 24 -7.13 10.47 -16.44
CA GLU F 24 -7.95 10.71 -15.26
C GLU F 24 -8.36 9.40 -14.59
N LYS F 25 -8.77 8.41 -15.36
CA LYS F 25 -9.19 7.16 -14.76
C LYS F 25 -8.00 6.35 -14.23
N PHE F 26 -6.90 6.33 -14.97
CA PHE F 26 -5.73 5.54 -14.55
C PHE F 26 -4.51 6.43 -14.41
N PRO F 27 -4.50 7.30 -13.40
CA PRO F 27 -3.35 8.16 -13.22
C PRO F 27 -2.20 7.34 -12.67
N ALA F 28 -0.99 7.80 -12.93
CA ALA F 28 0.19 7.11 -12.47
C ALA F 28 0.30 7.22 -10.95
N THR F 29 0.44 6.08 -10.28
CA THR F 29 0.61 6.10 -8.84
C THR F 29 2.00 6.67 -8.57
N GLU F 30 2.33 6.90 -7.30
CA GLU F 30 3.62 7.45 -6.98
C GLU F 30 4.70 6.46 -7.38
N ASN F 31 4.45 5.16 -7.16
CA ASN F 31 5.42 4.12 -7.53
C ASN F 31 5.58 4.11 -9.03
N ALA F 32 4.46 3.95 -9.73
CA ALA F 32 4.45 3.91 -11.17
C ALA F 32 5.25 5.10 -11.71
N ALA F 33 4.94 6.28 -11.23
CA ALA F 33 5.65 7.48 -11.67
C ALA F 33 7.15 7.33 -11.43
N ASN F 34 7.52 6.84 -10.25
CA ASN F 34 8.94 6.66 -9.92
C ASN F 34 9.59 5.69 -10.89
N THR F 35 9.04 4.48 -10.94
CA THR F 35 9.53 3.41 -11.80
C THR F 35 9.91 3.97 -13.16
N VAL F 36 8.96 4.68 -13.78
CA VAL F 36 9.17 5.28 -15.07
C VAL F 36 10.36 6.23 -15.05
N ALA F 37 10.29 7.26 -14.21
CA ALA F 37 11.35 8.25 -14.09
C ALA F 37 12.73 7.61 -13.88
N HIS F 38 12.81 6.70 -12.93
CA HIS F 38 14.07 6.06 -12.60
C HIS F 38 14.63 5.21 -13.74
N ALA F 39 13.79 4.42 -14.38
CA ALA F 39 14.22 3.55 -15.48
C ALA F 39 14.70 4.40 -16.65
N ARG F 40 14.00 5.50 -16.91
CA ARG F 40 14.42 6.36 -18.00
C ARG F 40 15.80 6.90 -17.70
N LYS F 41 15.96 7.46 -16.50
CA LYS F 41 17.24 8.02 -16.06
C LYS F 41 18.37 6.98 -16.16
N ALA F 42 18.07 5.74 -15.78
CA ALA F 42 19.03 4.65 -15.83
C ALA F 42 19.46 4.33 -17.26
N ILE F 43 18.48 4.25 -18.16
CA ILE F 43 18.78 3.95 -19.55
C ILE F 43 19.55 5.12 -20.12
N HIS F 44 19.35 6.31 -19.58
CA HIS F 44 20.05 7.48 -20.06
C HIS F 44 21.55 7.36 -19.80
N LYS F 45 21.89 6.90 -18.59
CA LYS F 45 23.30 6.72 -18.21
C LYS F 45 23.97 5.65 -19.04
N ILE F 46 23.33 4.50 -19.17
CA ILE F 46 23.89 3.43 -19.97
C ILE F 46 24.20 3.98 -21.37
N LEU F 47 23.30 4.80 -21.90
CA LEU F 47 23.50 5.38 -23.22
C LEU F 47 24.64 6.40 -23.24
N LYS F 48 25.02 6.93 -22.08
CA LYS F 48 26.12 7.88 -22.00
C LYS F 48 27.37 7.14 -21.55
N GLY F 49 27.28 5.82 -21.48
CA GLY F 49 28.39 4.99 -21.05
C GLY F 49 28.61 5.02 -19.55
N ASN F 50 28.12 6.08 -18.90
CA ASN F 50 28.27 6.26 -17.46
C ASN F 50 27.58 5.18 -16.63
N ASP F 51 27.61 3.95 -17.11
CA ASP F 51 27.02 2.80 -16.41
C ASP F 51 27.54 1.55 -17.10
N ASP F 52 27.93 0.58 -16.31
CA ASP F 52 28.50 -0.68 -16.79
C ASP F 52 27.48 -1.72 -17.23
N ARG F 53 26.22 -1.48 -16.89
CA ARG F 53 25.14 -2.44 -17.16
C ARG F 53 24.51 -2.56 -18.55
N LEU F 54 23.72 -3.63 -18.70
CA LEU F 54 23.04 -3.97 -19.95
C LEU F 54 21.51 -3.78 -19.89
N LEU F 55 20.96 -3.04 -20.84
CA LEU F 55 19.52 -2.83 -20.90
C LEU F 55 18.92 -4.08 -21.51
N VAL F 56 17.92 -4.64 -20.86
CA VAL F 56 17.33 -5.85 -21.40
C VAL F 56 15.82 -5.77 -21.55
N VAL F 57 15.37 -5.55 -22.78
CA VAL F 57 13.94 -5.46 -23.04
C VAL F 57 13.50 -6.87 -23.38
N ILE F 58 12.95 -7.57 -22.40
CA ILE F 58 12.50 -8.95 -22.62
C ILE F 58 11.02 -9.08 -22.28
N GLY F 59 10.30 -9.90 -23.02
CA GLY F 59 8.87 -10.06 -22.75
C GLY F 59 8.11 -10.62 -23.94
N PRO F 60 6.83 -10.96 -23.76
CA PRO F 60 6.00 -11.51 -24.85
C PRO F 60 6.15 -10.76 -26.15
N CYS F 61 5.95 -11.47 -27.27
CA CYS F 61 6.02 -10.86 -28.60
C CYS F 61 4.95 -9.78 -28.64
N SER F 62 3.76 -10.17 -28.19
CA SER F 62 2.59 -9.30 -28.10
C SER F 62 1.81 -9.76 -26.88
N ILE F 63 1.03 -8.85 -26.29
CA ILE F 63 0.24 -9.19 -25.11
C ILE F 63 -1.23 -9.28 -25.45
N HIS F 64 -1.83 -10.42 -25.10
CA HIS F 64 -3.25 -10.66 -25.36
C HIS F 64 -4.02 -10.98 -24.08
N ASP F 65 -3.29 -11.15 -22.98
CA ASP F 65 -3.90 -11.43 -21.68
C ASP F 65 -3.22 -10.69 -20.53
N PRO F 66 -3.91 -9.69 -19.98
CA PRO F 66 -3.48 -8.83 -18.86
C PRO F 66 -3.08 -9.66 -17.65
N VAL F 67 -3.87 -10.69 -17.38
CA VAL F 67 -3.62 -11.56 -16.24
C VAL F 67 -2.27 -12.25 -16.35
N ALA F 68 -2.03 -12.90 -17.50
CA ALA F 68 -0.77 -13.60 -17.72
C ALA F 68 0.35 -12.59 -17.85
N ALA F 69 0.02 -11.41 -18.41
CA ALA F 69 1.02 -10.37 -18.56
C ALA F 69 1.56 -10.00 -17.17
N LYS F 70 0.65 -9.84 -16.20
CA LYS F 70 1.06 -9.49 -14.83
C LYS F 70 1.81 -10.66 -14.22
N GLU F 71 1.35 -11.87 -14.49
CA GLU F 71 2.04 -13.05 -13.95
C GLU F 71 3.46 -13.11 -14.51
N TYR F 72 3.58 -12.90 -15.82
CA TYR F 72 4.88 -12.91 -16.44
C TYR F 72 5.67 -11.77 -15.79
N ALA F 73 5.03 -10.59 -15.78
CA ALA F 73 5.64 -9.40 -15.20
C ALA F 73 6.18 -9.65 -13.79
N THR F 74 5.43 -10.42 -13.00
CA THR F 74 5.85 -10.71 -11.63
C THR F 74 7.08 -11.61 -11.59
N ARG F 75 7.06 -12.68 -12.39
CA ARG F 75 8.20 -13.58 -12.42
C ARG F 75 9.44 -12.80 -12.84
N LEU F 76 9.21 -11.86 -13.75
CA LEU F 76 10.32 -11.07 -14.25
C LEU F 76 10.84 -10.11 -13.18
N LEU F 77 9.94 -9.41 -12.49
CA LEU F 77 10.36 -8.45 -11.47
C LEU F 77 11.25 -9.09 -10.41
N ALA F 78 11.07 -10.38 -10.19
CA ALA F 78 11.90 -11.09 -9.21
C ALA F 78 13.34 -11.08 -9.72
N LEU F 79 13.52 -11.58 -10.95
CA LEU F 79 14.84 -11.63 -11.58
C LEU F 79 15.46 -10.26 -11.77
N ARG F 80 14.61 -9.24 -11.97
CA ARG F 80 15.10 -7.87 -12.15
C ARG F 80 15.82 -7.43 -10.88
N GLU F 81 15.26 -7.81 -9.73
CA GLU F 81 15.83 -7.44 -8.43
C GLU F 81 17.09 -8.25 -8.17
N GLU F 82 17.01 -9.54 -8.46
CA GLU F 82 18.13 -10.45 -8.25
C GLU F 82 19.36 -10.18 -9.14
N LEU F 83 19.20 -9.47 -10.25
CA LEU F 83 20.32 -9.20 -11.15
C LEU F 83 20.47 -7.72 -11.47
N LYS F 84 19.80 -6.87 -10.69
CA LYS F 84 19.83 -5.43 -10.95
C LYS F 84 21.21 -4.79 -10.96
N ASP F 85 22.24 -5.54 -10.61
CA ASP F 85 23.58 -4.96 -10.59
C ASP F 85 24.31 -5.05 -11.92
N GLU F 86 23.89 -5.99 -12.77
CA GLU F 86 24.52 -6.16 -14.10
C GLU F 86 23.51 -5.86 -15.20
N LEU F 87 22.22 -6.01 -14.87
CA LEU F 87 21.17 -5.79 -15.85
C LEU F 87 20.10 -4.78 -15.44
N GLU F 88 19.55 -4.10 -16.43
CA GLU F 88 18.48 -3.14 -16.23
C GLU F 88 17.30 -3.75 -17.01
N ILE F 89 16.62 -4.71 -16.37
CA ILE F 89 15.50 -5.38 -17.00
C ILE F 89 14.24 -4.51 -17.13
N VAL F 90 13.72 -4.48 -18.36
CA VAL F 90 12.54 -3.73 -18.71
C VAL F 90 11.63 -4.69 -19.48
N ARG F 92 8.94 -6.04 -22.12
CA ARG F 92 8.47 -5.74 -23.46
C ARG F 92 6.95 -5.86 -23.47
N VAL F 93 6.28 -4.72 -23.39
CA VAL F 93 4.82 -4.73 -23.40
C VAL F 93 4.33 -4.17 -24.73
N TYR F 94 4.17 -5.05 -25.72
CA TYR F 94 3.71 -4.66 -27.05
C TYR F 94 2.28 -5.18 -27.21
N PHE F 95 1.39 -4.37 -27.75
CA PHE F 95 0.00 -4.80 -27.88
C PHE F 95 -0.40 -5.31 -29.25
N GLU F 96 0.43 -5.02 -30.25
CA GLU F 96 0.14 -5.45 -31.60
C GLU F 96 1.38 -5.61 -32.45
N LYS F 97 1.28 -6.52 -33.42
CA LYS F 97 2.36 -6.76 -34.37
C LYS F 97 1.82 -6.39 -35.75
N PRO F 98 2.48 -5.44 -36.45
CA PRO F 98 2.05 -5.02 -37.78
C PRO F 98 2.06 -6.21 -38.75
N ARG F 99 0.93 -6.47 -39.39
CA ARG F 99 0.84 -7.57 -40.33
C ARG F 99 0.50 -7.08 -41.72
N THR F 100 1.35 -7.42 -42.68
CA THR F 100 1.13 -7.06 -44.06
C THR F 100 -0.24 -7.69 -44.36
N THR F 101 -0.35 -8.94 -43.93
CA THR F 101 -1.54 -9.78 -44.09
C THR F 101 -2.72 -9.42 -43.16
N VAL F 102 -3.46 -10.45 -42.76
CA VAL F 102 -4.59 -10.31 -41.87
C VAL F 102 -4.14 -10.76 -40.48
N GLY F 103 -5.08 -11.02 -39.59
CA GLY F 103 -4.73 -11.46 -38.25
C GLY F 103 -5.26 -10.52 -37.18
N TRP F 104 -5.15 -10.97 -35.93
CA TRP F 104 -5.59 -10.20 -34.77
C TRP F 104 -4.92 -8.82 -34.75
N LYS F 105 -5.72 -7.78 -34.57
CA LYS F 105 -5.20 -6.41 -34.57
C LYS F 105 -4.61 -5.91 -33.24
N GLY F 106 -4.41 -6.80 -32.29
CA GLY F 106 -3.83 -6.40 -31.01
C GLY F 106 -4.79 -6.13 -29.87
N LEU F 107 -4.24 -6.06 -28.67
CA LEU F 107 -5.02 -5.82 -27.46
C LEU F 107 -5.81 -4.50 -27.47
N ILE F 108 -5.19 -3.44 -28.00
CA ILE F 108 -5.84 -2.13 -28.06
C ILE F 108 -6.94 -2.08 -29.10
N ASN F 109 -6.60 -2.44 -30.34
CA ASN F 109 -7.57 -2.40 -31.44
C ASN F 109 -8.70 -3.40 -31.32
N ASP F 110 -8.40 -4.56 -30.73
CA ASP F 110 -9.41 -5.59 -30.58
C ASP F 110 -9.13 -6.41 -29.33
N PRO F 111 -9.43 -5.84 -28.16
CA PRO F 111 -9.22 -6.46 -26.84
C PRO F 111 -9.77 -7.88 -26.70
N HIS F 112 -10.96 -8.10 -27.24
CA HIS F 112 -11.63 -9.38 -27.10
C HIS F 112 -11.34 -10.45 -28.16
N ASP F 114 -12.17 -11.02 -30.90
CA ASP F 114 -13.34 -11.53 -31.61
C ASP F 114 -13.81 -10.57 -32.69
N ASN F 115 -12.91 -9.69 -33.14
CA ASN F 115 -13.22 -8.70 -34.17
C ASN F 115 -14.33 -7.72 -33.78
N SER F 116 -14.57 -7.59 -32.48
CA SER F 116 -15.58 -6.67 -31.96
C SER F 116 -15.02 -5.25 -32.04
N PHE F 117 -13.69 -5.16 -32.06
CA PHE F 117 -12.97 -3.89 -32.14
C PHE F 117 -13.39 -2.85 -31.11
N GLN F 118 -13.42 -3.27 -29.85
CA GLN F 118 -13.77 -2.39 -28.74
C GLN F 118 -12.50 -1.62 -28.38
N ILE F 119 -12.09 -0.68 -29.21
CA ILE F 119 -10.84 0.02 -28.93
C ILE F 119 -10.82 0.84 -27.65
N ASN F 120 -11.96 1.38 -27.22
CA ASN F 120 -11.95 2.13 -25.97
C ASN F 120 -11.65 1.21 -24.79
N ASP F 121 -12.06 -0.05 -24.91
CA ASP F 121 -11.78 -1.03 -23.87
C ASP F 121 -10.32 -1.42 -23.97
N GLY F 122 -9.80 -1.34 -25.18
CA GLY F 122 -8.41 -1.69 -25.41
C GLY F 122 -7.55 -0.72 -24.65
N LEU F 123 -7.78 0.57 -24.90
CA LEU F 123 -7.02 1.61 -24.24
C LEU F 123 -7.13 1.43 -22.71
N ARG F 124 -8.35 1.25 -22.19
CA ARG F 124 -8.48 1.07 -20.75
C ARG F 124 -7.67 -0.12 -20.28
N ILE F 125 -7.81 -1.25 -20.97
CA ILE F 125 -7.09 -2.47 -20.59
C ILE F 125 -5.59 -2.30 -20.71
N ALA F 126 -5.15 -1.68 -21.79
CA ALA F 126 -3.73 -1.47 -22.03
C ALA F 126 -3.14 -0.58 -20.95
N ARG F 127 -3.71 0.61 -20.80
CA ARG F 127 -3.20 1.55 -19.82
C ARG F 127 -3.20 1.02 -18.39
N LYS F 128 -4.26 0.30 -18.02
CA LYS F 128 -4.30 -0.22 -16.67
C LYS F 128 -3.21 -1.25 -16.49
N LEU F 129 -2.97 -2.05 -17.54
CA LEU F 129 -1.93 -3.07 -17.49
C LEU F 129 -0.57 -2.45 -17.29
N LEU F 130 -0.29 -1.42 -18.08
CA LEU F 130 0.99 -0.72 -17.98
C LEU F 130 1.08 -0.10 -16.60
N LEU F 131 -0.01 0.51 -16.16
CA LEU F 131 -0.05 1.12 -14.85
C LEU F 131 0.30 0.12 -13.75
N ASP F 132 -0.37 -1.04 -13.75
CA ASP F 132 -0.12 -2.05 -12.72
C ASP F 132 1.31 -2.53 -12.76
N ILE F 133 1.81 -2.79 -13.96
CA ILE F 133 3.18 -3.28 -14.12
C ILE F 133 4.16 -2.30 -13.51
N ASN F 134 4.07 -1.03 -13.92
CA ASN F 134 4.94 0.01 -13.41
C ASN F 134 4.78 0.15 -11.90
N ASP F 135 3.53 0.16 -11.45
CA ASP F 135 3.26 0.29 -10.02
C ASP F 135 4.01 -0.74 -9.20
N SER F 136 4.18 -1.94 -9.75
CA SER F 136 4.89 -3.01 -9.05
C SER F 136 6.39 -2.76 -9.03
N GLY F 137 6.83 -1.78 -9.79
CA GLY F 137 8.25 -1.47 -9.84
C GLY F 137 8.95 -1.97 -11.08
N LEU F 138 8.21 -2.61 -11.99
CA LEU F 138 8.78 -3.14 -13.23
C LEU F 138 8.56 -2.16 -14.38
N PRO F 139 9.65 -1.61 -14.95
CA PRO F 139 9.58 -0.65 -16.07
C PRO F 139 9.03 -1.35 -17.30
N ALA F 140 8.37 -0.60 -18.17
CA ALA F 140 7.80 -1.18 -19.38
C ALA F 140 8.33 -0.55 -20.65
N ALA F 141 8.53 -1.39 -21.67
CA ALA F 141 9.01 -0.93 -22.96
C ALA F 141 7.90 -1.22 -23.95
N GLY F 142 7.61 -0.25 -24.81
CA GLY F 142 6.56 -0.44 -25.80
C GLY F 142 7.00 0.05 -27.17
N GLU F 143 6.16 -0.17 -28.16
CA GLU F 143 6.47 0.25 -29.52
C GLU F 143 5.45 1.28 -29.91
N PHE F 144 5.83 2.24 -30.75
CA PHE F 144 4.88 3.24 -31.17
C PHE F 144 4.67 3.15 -32.68
N LEU F 145 3.49 2.69 -33.06
CA LEU F 145 3.17 2.52 -34.46
C LEU F 145 2.54 3.73 -35.11
N ASP F 146 1.94 4.62 -34.31
CA ASP F 146 1.35 5.84 -34.86
C ASP F 146 1.69 7.05 -34.02
N ILE F 148 -0.67 9.05 -32.50
CA ILE F 148 -1.75 9.35 -31.58
C ILE F 148 -1.73 8.47 -30.33
N THR F 149 -1.38 7.20 -30.49
CA THR F 149 -1.35 6.31 -29.36
C THR F 149 -0.46 6.81 -28.20
N PRO F 150 0.69 7.42 -28.51
CA PRO F 150 1.57 7.90 -27.44
C PRO F 150 0.87 8.78 -26.38
N GLN F 151 -0.08 9.62 -26.82
CA GLN F 151 -0.82 10.49 -25.89
C GLN F 151 -1.56 9.70 -24.83
N TYR F 152 -1.86 8.43 -25.10
CA TYR F 152 -2.57 7.63 -24.11
C TYR F 152 -1.65 6.76 -23.25
N LEU F 153 -0.42 6.53 -23.68
CA LEU F 153 0.43 5.63 -22.91
C LEU F 153 1.90 6.01 -22.71
N ALA F 154 2.42 6.93 -23.51
CA ALA F 154 3.81 7.30 -23.39
C ALA F 154 4.30 7.54 -21.96
N ASP F 155 3.47 8.16 -21.13
CA ASP F 155 3.87 8.44 -19.74
C ASP F 155 4.13 7.21 -18.86
N LEU F 156 3.84 6.01 -19.37
CA LEU F 156 4.10 4.78 -18.62
C LEU F 156 5.21 3.99 -19.33
N SER F 158 9.08 3.49 -20.36
CA SER F 158 10.41 3.84 -19.87
C SER F 158 11.39 3.76 -21.04
N TRP F 159 10.93 3.16 -22.13
CA TRP F 159 11.72 2.98 -23.35
C TRP F 159 10.79 2.58 -24.49
N GLY F 160 11.04 3.12 -25.68
CA GLY F 160 10.18 2.80 -26.81
C GLY F 160 10.94 2.44 -28.06
N ALA F 161 10.29 1.73 -28.98
CA ALA F 161 10.96 1.32 -30.20
C ALA F 161 10.18 1.70 -31.46
N ILE F 162 10.91 2.10 -32.49
CA ILE F 162 10.33 2.42 -33.80
C ILE F 162 10.73 1.23 -34.68
N GLY F 163 9.73 0.44 -35.07
CA GLY F 163 9.95 -0.76 -35.89
C GLY F 163 10.69 -0.61 -37.21
N ALA F 164 11.22 -1.74 -37.69
CA ALA F 164 11.99 -1.77 -38.94
C ALA F 164 11.26 -1.14 -40.13
N ARG F 165 9.98 -1.48 -40.31
CA ARG F 165 9.20 -0.94 -41.41
C ARG F 165 8.84 0.55 -41.31
N THR F 166 9.12 1.19 -40.18
CA THR F 166 8.81 2.61 -40.03
C THR F 166 10.03 3.47 -39.68
N THR F 167 11.19 2.85 -39.48
CA THR F 167 12.42 3.58 -39.13
C THR F 167 12.80 4.68 -40.14
N GLU F 168 12.42 4.49 -41.39
CA GLU F 168 12.76 5.46 -42.41
C GLU F 168 11.66 6.50 -42.58
N SER F 169 10.49 6.23 -42.01
CA SER F 169 9.34 7.14 -42.09
C SER F 169 9.62 8.44 -41.37
N GLN F 170 9.58 9.56 -42.09
CA GLN F 170 9.86 10.85 -41.47
C GLN F 170 8.96 11.18 -40.28
N VAL F 171 7.65 10.94 -40.43
CA VAL F 171 6.72 11.23 -39.34
C VAL F 171 7.09 10.49 -38.07
N HIS F 172 7.51 9.24 -38.20
CA HIS F 172 7.86 8.47 -37.02
C HIS F 172 9.13 9.01 -36.39
N ARG F 173 10.04 9.52 -37.22
CA ARG F 173 11.29 10.07 -36.70
C ARG F 173 10.97 11.33 -35.91
N GLU F 174 10.10 12.17 -36.49
CA GLU F 174 9.70 13.39 -35.83
C GLU F 174 9.05 13.01 -34.51
N LEU F 175 8.17 12.01 -34.53
CA LEU F 175 7.50 11.55 -33.32
C LEU F 175 8.52 11.15 -32.26
N ALA F 176 9.57 10.43 -32.66
CA ALA F 176 10.59 10.00 -31.72
C ALA F 176 11.37 11.17 -31.14
N SER F 177 11.44 12.27 -31.88
CA SER F 177 12.16 13.42 -31.39
C SER F 177 11.33 14.17 -30.33
N GLY F 178 10.13 13.67 -30.06
CA GLY F 178 9.24 14.31 -29.08
C GLY F 178 8.80 13.40 -27.95
N LEU F 179 9.17 12.13 -28.02
CA LEU F 179 8.82 11.18 -26.97
C LEU F 179 9.67 11.46 -25.73
N SER F 180 9.05 11.35 -24.56
CA SER F 180 9.72 11.60 -23.29
C SER F 180 10.65 10.47 -22.83
N CYS F 181 10.86 9.46 -23.67
CA CYS F 181 11.70 8.34 -23.27
C CYS F 181 12.73 7.95 -24.32
N PRO F 182 13.70 7.11 -23.94
CA PRO F 182 14.72 6.70 -24.91
C PRO F 182 14.01 5.90 -26.00
N VAL F 183 14.42 6.12 -27.25
CA VAL F 183 13.84 5.43 -28.38
C VAL F 183 14.86 4.60 -29.12
N GLY F 184 14.44 3.42 -29.59
CA GLY F 184 15.35 2.56 -30.32
C GLY F 184 14.83 2.34 -31.73
N PHE F 185 15.67 2.61 -32.73
CA PHE F 185 15.29 2.42 -34.14
C PHE F 185 15.85 1.11 -34.67
N LYS F 186 14.99 0.25 -35.21
CA LYS F 186 15.46 -1.02 -35.76
C LYS F 186 16.03 -0.81 -37.17
N ASN F 187 16.92 -1.70 -37.61
CA ASN F 187 17.47 -1.58 -38.96
C ASN F 187 16.43 -2.05 -39.97
N GLY F 188 16.58 -1.65 -41.23
CA GLY F 188 15.63 -2.04 -42.26
C GLY F 188 15.31 -3.52 -42.34
N THR F 189 14.18 -3.85 -42.96
CA THR F 189 13.74 -5.24 -43.09
C THR F 189 14.81 -6.13 -43.70
N ASP F 190 15.42 -5.65 -44.78
CA ASP F 190 16.46 -6.38 -45.48
C ASP F 190 17.81 -6.38 -44.75
N GLY F 191 17.93 -5.54 -43.73
CA GLY F 191 19.18 -5.47 -42.97
C GLY F 191 19.87 -4.12 -43.08
N THR F 192 19.33 -3.24 -43.92
CA THR F 192 19.91 -1.92 -44.10
C THR F 192 20.14 -1.21 -42.76
N ILE F 193 21.35 -0.72 -42.59
CA ILE F 193 21.74 -0.02 -41.37
C ILE F 193 21.62 1.50 -41.46
N LYS F 194 21.86 2.04 -42.65
CA LYS F 194 21.82 3.49 -42.84
C LYS F 194 20.52 4.16 -42.39
N VAL F 195 19.38 3.53 -42.70
CA VAL F 195 18.07 4.08 -42.34
C VAL F 195 17.96 4.37 -40.84
N ALA F 196 18.41 3.42 -40.02
CA ALA F 196 18.37 3.57 -38.58
C ALA F 196 19.35 4.67 -38.11
N ILE F 197 20.48 4.78 -38.80
CA ILE F 197 21.48 5.79 -38.43
C ILE F 197 20.95 7.17 -38.71
N ASP F 198 20.36 7.35 -39.88
CA ASP F 198 19.80 8.65 -40.23
C ASP F 198 18.69 8.99 -39.25
N ALA F 199 17.89 7.98 -38.91
CA ALA F 199 16.78 8.14 -37.98
C ALA F 199 17.30 8.70 -36.66
N ILE F 200 18.34 8.06 -36.13
CA ILE F 200 18.93 8.50 -34.88
C ILE F 200 19.29 10.00 -34.93
N ASN F 201 19.89 10.43 -36.04
CA ASN F 201 20.27 11.84 -36.18
C ASN F 201 19.03 12.71 -36.27
N ALA F 202 18.06 12.30 -37.09
CA ALA F 202 16.84 13.07 -37.27
C ALA F 202 16.07 13.23 -35.97
N ALA F 203 15.99 12.14 -35.20
CA ALA F 203 15.30 12.15 -33.93
C ALA F 203 15.98 13.12 -32.98
N GLY F 204 17.26 13.40 -33.26
CA GLY F 204 18.02 14.31 -32.43
C GLY F 204 17.64 15.78 -32.57
N ALA F 205 16.98 16.13 -33.67
CA ALA F 205 16.60 17.53 -33.91
C ALA F 205 15.16 17.86 -33.54
N PRO F 206 14.80 19.15 -33.60
CA PRO F 206 13.45 19.59 -33.28
C PRO F 206 12.59 19.37 -34.51
N HIS F 207 11.32 19.00 -34.32
CA HIS F 207 10.44 18.77 -35.45
C HIS F 207 9.00 19.15 -35.16
N CYS F 208 8.18 19.08 -36.21
CA CYS F 208 6.76 19.37 -36.16
C CYS F 208 6.04 18.11 -36.62
N PHE F 209 4.91 17.81 -36.02
CA PHE F 209 4.11 16.68 -36.48
C PHE F 209 2.71 16.81 -35.92
N LEU F 210 1.72 16.36 -36.68
CA LEU F 210 0.34 16.45 -36.24
C LEU F 210 -0.01 15.27 -35.33
N SER F 211 -0.93 15.51 -34.40
CA SER F 211 -1.40 14.50 -33.46
C SER F 211 -2.61 15.08 -32.76
N VAL F 212 -2.85 14.72 -31.50
CA VAL F 212 -3.95 15.33 -30.77
C VAL F 212 -3.54 15.80 -29.38
N THR F 213 -4.19 16.88 -28.94
CA THR F 213 -3.94 17.43 -27.60
C THR F 213 -4.48 16.41 -26.61
N LYS F 214 -4.10 16.54 -25.35
CA LYS F 214 -4.58 15.61 -24.33
C LYS F 214 -6.10 15.61 -24.24
N TRP F 215 -6.74 16.68 -24.73
CA TRP F 215 -8.19 16.78 -24.73
C TRP F 215 -8.76 16.08 -25.97
N GLY F 216 -7.87 15.60 -26.85
CA GLY F 216 -8.31 14.91 -28.05
C GLY F 216 -8.55 15.72 -29.33
N HIS F 217 -8.20 17.00 -29.36
CA HIS F 217 -8.42 17.79 -30.57
C HIS F 217 -7.16 17.70 -31.43
N SER F 218 -7.36 17.71 -32.76
CA SER F 218 -6.24 17.62 -33.68
C SER F 218 -5.31 18.77 -33.36
N ALA F 219 -4.01 18.50 -33.33
CA ALA F 219 -3.04 19.53 -32.98
C ALA F 219 -1.68 19.38 -33.65
N ILE F 220 -0.89 20.46 -33.58
CA ILE F 220 0.45 20.41 -34.13
C ILE F 220 1.44 20.39 -32.97
N VAL F 221 2.30 19.39 -32.97
CA VAL F 221 3.29 19.21 -31.91
C VAL F 221 4.67 19.68 -32.36
N ASN F 222 5.29 20.56 -31.57
CA ASN F 222 6.65 21.05 -31.85
C ASN F 222 7.55 20.37 -30.83
N THR F 223 8.39 19.44 -31.27
CA THR F 223 9.30 18.73 -30.37
C THR F 223 10.57 19.50 -30.06
N SER F 224 11.34 19.00 -29.10
CA SER F 224 12.59 19.64 -28.72
C SER F 224 13.77 18.91 -29.34
N GLY F 225 13.69 17.58 -29.39
CA GLY F 225 14.78 16.80 -29.95
C GLY F 225 15.09 15.71 -28.94
N ASN F 226 15.39 14.51 -29.43
CA ASN F 226 15.67 13.40 -28.54
C ASN F 226 17.10 12.89 -28.73
N GLY F 227 17.91 13.01 -27.69
CA GLY F 227 19.28 12.55 -27.78
C GLY F 227 19.48 11.13 -27.29
N ASP F 228 18.43 10.54 -26.73
CA ASP F 228 18.54 9.18 -26.22
C ASP F 228 18.04 8.12 -27.19
N CYS F 229 18.51 8.19 -28.43
CA CYS F 229 18.10 7.21 -29.41
C CYS F 229 19.29 6.36 -29.80
N HIS F 230 19.04 5.08 -30.06
CA HIS F 230 20.09 4.18 -30.44
C HIS F 230 19.55 3.18 -31.47
N ILE F 231 20.45 2.41 -32.06
CA ILE F 231 20.05 1.44 -33.06
C ILE F 231 19.71 0.09 -32.44
N ILE F 232 18.93 -0.71 -33.17
CA ILE F 232 18.54 -2.04 -32.71
C ILE F 232 18.77 -2.97 -33.89
N LEU F 233 19.72 -3.89 -33.74
CA LEU F 233 20.03 -4.83 -34.80
C LEU F 233 19.10 -6.03 -34.63
N ARG F 234 18.24 -6.23 -35.61
CA ARG F 234 17.28 -7.32 -35.57
C ARG F 234 17.46 -8.21 -36.78
N GLY F 235 18.61 -8.07 -37.44
CA GLY F 235 18.89 -8.88 -38.60
C GLY F 235 18.24 -8.40 -39.89
N GLY F 236 18.66 -9.00 -40.99
CA GLY F 236 18.13 -8.69 -42.29
C GLY F 236 17.81 -10.02 -42.93
N LYS F 237 18.32 -10.25 -44.14
CA LYS F 237 18.08 -11.51 -44.82
C LYS F 237 18.89 -12.59 -44.08
N GLU F 238 19.87 -12.12 -43.30
CA GLU F 238 20.75 -12.97 -42.49
C GLU F 238 21.05 -12.17 -41.22
N PRO F 239 21.21 -12.85 -40.07
CA PRO F 239 21.50 -12.22 -38.77
C PRO F 239 22.52 -11.08 -38.72
N ASN F 240 22.32 -10.17 -37.78
CA ASN F 240 23.17 -8.98 -37.55
C ASN F 240 24.00 -9.06 -36.28
N TYR F 241 23.78 -10.08 -35.46
CA TYR F 241 24.46 -10.19 -34.18
C TYR F 241 25.95 -10.51 -34.12
N SER F 242 26.50 -11.13 -35.17
CA SER F 242 27.93 -11.47 -35.17
C SER F 242 28.82 -10.24 -34.92
N ALA F 243 29.97 -10.47 -34.28
CA ALA F 243 30.91 -9.38 -33.98
C ALA F 243 31.31 -8.67 -35.27
N LYS F 244 31.24 -9.40 -36.37
CA LYS F 244 31.56 -8.88 -37.69
C LYS F 244 30.67 -7.66 -37.95
N HIS F 245 29.37 -7.89 -37.93
CA HIS F 245 28.39 -6.83 -38.15
C HIS F 245 28.51 -5.74 -37.10
N VAL F 246 28.55 -6.13 -35.83
CA VAL F 246 28.67 -5.16 -34.75
C VAL F 246 29.83 -4.20 -35.05
N ALA F 247 30.90 -4.74 -35.61
CA ALA F 247 32.08 -3.95 -35.94
C ALA F 247 31.70 -2.89 -37.00
N GLU F 248 31.02 -3.34 -38.04
CA GLU F 248 30.61 -2.44 -39.12
C GLU F 248 29.72 -1.33 -38.58
N VAL F 249 28.68 -1.72 -37.86
CA VAL F 249 27.73 -0.77 -37.28
C VAL F 249 28.37 0.30 -36.39
N LYS F 250 29.38 -0.09 -35.61
CA LYS F 250 30.06 0.87 -34.73
C LYS F 250 30.82 1.86 -35.60
N GLU F 251 31.40 1.37 -36.70
CA GLU F 251 32.14 2.23 -37.62
C GLU F 251 31.20 3.19 -38.34
N GLY F 252 30.05 2.67 -38.78
CA GLY F 252 29.07 3.50 -39.48
C GLY F 252 28.56 4.60 -38.58
N LEU F 253 28.27 4.26 -37.33
CA LEU F 253 27.78 5.24 -36.35
C LEU F 253 28.80 6.36 -36.17
N ASN F 254 30.07 5.99 -35.99
CA ASN F 254 31.12 6.98 -35.83
C ASN F 254 31.09 7.93 -37.02
N LYS F 255 31.21 7.36 -38.21
CA LYS F 255 31.20 8.12 -39.46
C LYS F 255 30.04 9.10 -39.49
N ALA F 256 28.93 8.72 -38.85
CA ALA F 256 27.73 9.56 -38.81
C ALA F 256 27.75 10.61 -37.70
N GLY F 257 28.74 10.52 -36.81
CA GLY F 257 28.85 11.47 -35.72
C GLY F 257 28.09 11.00 -34.51
N LEU F 258 27.83 9.69 -34.46
CA LEU F 258 27.06 9.08 -33.38
C LEU F 258 27.84 8.08 -32.53
N PRO F 259 27.46 7.93 -31.25
CA PRO F 259 28.08 7.03 -30.27
C PRO F 259 28.02 5.55 -30.66
N ALA F 260 29.16 4.88 -30.68
CA ALA F 260 29.22 3.47 -31.06
C ALA F 260 28.54 2.53 -30.05
N GLN F 261 27.22 2.50 -30.07
CA GLN F 261 26.42 1.66 -29.17
C GLN F 261 25.28 0.99 -29.94
N VAL F 262 24.97 -0.24 -29.57
CA VAL F 262 23.90 -0.99 -30.24
C VAL F 262 23.16 -1.96 -29.34
N ILE F 264 20.96 -5.48 -29.41
CA ILE F 264 20.81 -6.61 -30.31
C ILE F 264 19.54 -7.42 -30.03
N ASP F 265 18.72 -7.60 -31.07
CA ASP F 265 17.48 -8.35 -30.93
C ASP F 265 17.72 -9.83 -31.22
N PHE F 266 17.74 -10.65 -30.18
CA PHE F 266 17.96 -12.09 -30.33
C PHE F 266 16.86 -12.77 -31.13
N SER F 267 15.71 -12.13 -31.22
CA SER F 267 14.59 -12.74 -31.94
C SER F 267 14.42 -12.22 -33.35
N HIS F 268 13.28 -12.57 -33.95
CA HIS F 268 12.94 -12.15 -35.30
C HIS F 268 13.95 -12.62 -36.36
N ALA F 269 14.48 -11.69 -37.13
CA ALA F 269 15.45 -12.01 -38.19
C ALA F 269 16.79 -12.58 -37.68
N ASN F 270 17.23 -12.18 -36.50
CA ASN F 270 18.49 -12.71 -35.97
C ASN F 270 18.28 -14.14 -35.50
N SER F 271 17.04 -14.47 -35.18
CA SER F 271 16.69 -15.81 -34.70
C SER F 271 16.17 -16.67 -35.84
N SER F 272 16.10 -16.09 -37.02
CA SER F 272 15.62 -16.82 -38.18
C SER F 272 14.20 -17.32 -37.92
N LYS F 273 13.44 -16.53 -37.16
CA LYS F 273 12.07 -16.87 -36.81
C LYS F 273 11.95 -18.21 -36.11
N GLN F 274 13.01 -18.60 -35.40
CA GLN F 274 13.03 -19.86 -34.65
C GLN F 274 13.34 -19.54 -33.19
N PHE F 275 12.30 -19.37 -32.39
CA PHE F 275 12.44 -19.01 -30.99
C PHE F 275 13.57 -19.75 -30.27
N LYS F 276 13.81 -21.00 -30.66
CA LYS F 276 14.88 -21.81 -30.05
C LYS F 276 16.25 -21.14 -30.23
N LYS F 277 16.49 -20.68 -31.45
CA LYS F 277 17.75 -20.03 -31.83
C LYS F 277 18.09 -18.78 -31.03
N GLN F 278 17.14 -18.25 -30.28
CA GLN F 278 17.42 -17.06 -29.49
C GLN F 278 18.50 -17.42 -28.47
N ASP F 280 20.93 -19.44 -28.99
CA ASP F 280 22.19 -19.49 -29.72
C ASP F 280 22.75 -18.07 -29.87
N VAL F 281 21.91 -17.16 -30.30
CA VAL F 281 22.34 -15.77 -30.48
C VAL F 281 22.92 -15.28 -29.15
N CYS F 282 22.27 -15.71 -28.07
CA CYS F 282 22.67 -15.35 -26.71
C CYS F 282 24.11 -15.82 -26.47
N ALA F 283 24.43 -17.00 -26.98
CA ALA F 283 25.76 -17.56 -26.84
C ALA F 283 26.78 -16.64 -27.49
N ASP F 284 26.58 -16.37 -28.78
CA ASP F 284 27.48 -15.50 -29.53
C ASP F 284 27.59 -14.11 -28.91
N VAL F 285 26.46 -13.55 -28.50
CA VAL F 285 26.44 -12.22 -27.92
C VAL F 285 27.03 -12.14 -26.50
N CYS F 286 26.70 -13.10 -25.63
CA CYS F 286 27.25 -13.10 -24.28
C CYS F 286 28.76 -13.10 -24.41
N GLN F 287 29.23 -13.86 -25.39
CA GLN F 287 30.66 -14.00 -25.68
C GLN F 287 31.29 -12.65 -26.00
N GLN F 288 30.70 -11.93 -26.95
CA GLN F 288 31.23 -10.63 -27.31
C GLN F 288 31.30 -9.75 -26.08
N ILE F 289 30.18 -9.66 -25.36
CA ILE F 289 30.09 -8.86 -24.14
C ILE F 289 31.16 -9.24 -23.13
N ALA F 290 31.27 -10.54 -22.86
CA ALA F 290 32.26 -11.04 -21.92
C ALA F 290 33.66 -10.74 -22.44
N GLY F 291 33.81 -10.74 -23.76
CA GLY F 291 35.10 -10.45 -24.37
C GLY F 291 35.46 -8.98 -24.41
N GLY F 292 34.87 -8.20 -23.51
CA GLY F 292 35.16 -6.78 -23.48
C GLY F 292 34.39 -5.94 -24.48
N GLU F 293 33.42 -6.54 -25.18
CA GLU F 293 32.62 -5.80 -26.15
C GLU F 293 31.71 -4.85 -25.38
N LYS F 294 31.97 -3.55 -25.50
CA LYS F 294 31.20 -2.55 -24.77
C LYS F 294 30.13 -1.80 -25.56
N ALA F 295 30.24 -1.80 -26.89
CA ALA F 295 29.26 -1.10 -27.71
C ALA F 295 27.87 -1.61 -27.39
N ILE F 296 27.78 -2.92 -27.16
CA ILE F 296 26.51 -3.57 -26.85
C ILE F 296 25.90 -3.07 -25.52
N ILE F 297 25.02 -2.06 -25.61
CA ILE F 297 24.39 -1.51 -24.41
C ILE F 297 23.09 -2.22 -24.01
N GLY F 298 22.61 -3.10 -24.87
CA GLY F 298 21.38 -3.80 -24.55
C GLY F 298 20.98 -4.89 -25.53
N VAL F 299 20.04 -5.71 -25.10
CA VAL F 299 19.54 -6.79 -25.95
C VAL F 299 18.02 -6.87 -25.86
N VAL F 301 14.74 -9.76 -26.11
CA VAL F 301 14.37 -11.17 -26.17
C VAL F 301 12.85 -11.37 -26.12
N GLU F 302 12.33 -12.22 -27.00
CA GLU F 302 10.89 -12.51 -26.97
C GLU F 302 10.67 -13.77 -26.14
N SER F 303 10.18 -13.59 -24.91
CA SER F 303 9.91 -14.72 -24.03
C SER F 303 8.55 -14.60 -23.37
N HIS F 304 8.01 -15.73 -22.95
CA HIS F 304 6.70 -15.76 -22.31
C HIS F 304 6.67 -16.82 -21.21
N LEU F 305 5.50 -17.05 -20.62
CA LEU F 305 5.37 -18.04 -19.58
C LEU F 305 5.58 -19.41 -20.22
N VAL F 306 4.68 -19.76 -21.14
CA VAL F 306 4.75 -21.02 -21.87
C VAL F 306 5.40 -20.73 -23.23
N GLU F 307 6.36 -21.57 -23.62
CA GLU F 307 7.08 -21.36 -24.88
C GLU F 307 6.31 -21.65 -26.17
N GLY F 308 6.88 -21.17 -27.28
CA GLY F 308 6.29 -21.36 -28.58
C GLY F 308 5.29 -20.27 -28.91
N ASN F 309 4.29 -20.63 -29.71
CA ASN F 309 3.24 -19.71 -30.10
C ASN F 309 2.04 -20.56 -30.48
N GLN F 310 0.89 -19.92 -30.65
CA GLN F 310 -0.33 -20.64 -31.02
C GLN F 310 -1.14 -19.78 -31.98
N SER F 311 -2.18 -20.38 -32.56
CA SER F 311 -3.03 -19.69 -33.50
C SER F 311 -4.37 -19.32 -32.90
N LEU F 312 -4.82 -18.10 -33.19
CA LEU F 312 -6.09 -17.59 -32.69
C LEU F 312 -7.21 -18.39 -33.32
N GLU F 313 -7.23 -18.41 -34.66
CA GLU F 313 -8.22 -19.15 -35.42
C GLU F 313 -7.90 -20.64 -35.33
N SER F 314 -7.48 -21.09 -34.15
CA SER F 314 -7.12 -22.50 -33.93
C SER F 314 -8.30 -23.29 -33.38
N GLY F 315 -9.49 -22.69 -33.43
CA GLY F 315 -10.69 -23.34 -32.94
C GLY F 315 -10.49 -24.17 -31.68
N GLU F 316 -9.91 -23.57 -30.66
CA GLU F 316 -9.64 -24.25 -29.40
C GLU F 316 -9.33 -23.22 -28.31
N PRO F 317 -9.99 -23.32 -27.15
CA PRO F 317 -9.81 -22.40 -26.01
C PRO F 317 -8.32 -22.17 -25.66
N LEU F 318 -7.75 -21.10 -26.23
CA LEU F 318 -6.35 -20.71 -26.06
C LEU F 318 -5.57 -21.26 -24.86
N ALA F 319 -4.30 -21.56 -25.09
CA ALA F 319 -3.40 -22.07 -24.06
C ALA F 319 -2.92 -20.92 -23.21
N TYR F 320 -2.92 -21.09 -21.89
CA TYR F 320 -2.47 -20.03 -20.99
C TYR F 320 -0.98 -19.73 -21.14
N GLY F 321 -0.64 -18.45 -20.99
CA GLY F 321 0.75 -18.02 -21.07
C GLY F 321 1.51 -18.31 -22.35
N LYS F 322 0.81 -18.49 -23.47
CA LYS F 322 1.48 -18.75 -24.74
C LYS F 322 1.09 -17.72 -25.78
N SER F 323 2.10 -17.18 -26.47
CA SER F 323 1.90 -16.16 -27.48
C SER F 323 1.05 -16.58 -28.68
N ILE F 324 0.28 -15.65 -29.25
CA ILE F 324 -0.52 -15.95 -30.43
C ILE F 324 0.03 -15.19 -31.64
N THR F 325 1.29 -14.76 -31.53
CA THR F 325 2.00 -14.07 -32.60
C THR F 325 3.32 -14.84 -32.75
N ASP F 326 4.45 -14.14 -32.69
CA ASP F 326 5.74 -14.81 -32.81
C ASP F 326 5.98 -15.79 -31.67
N ALA F 327 6.80 -16.80 -31.95
CA ALA F 327 7.15 -17.81 -30.96
C ALA F 327 8.16 -17.23 -29.99
N CYS F 328 7.98 -17.53 -28.70
CA CYS F 328 8.86 -17.03 -27.66
C CYS F 328 9.46 -18.17 -26.84
N ILE F 329 10.65 -17.95 -26.28
CA ILE F 329 11.24 -18.98 -25.46
C ILE F 329 10.35 -19.07 -24.21
N GLY F 330 10.28 -20.26 -23.61
CA GLY F 330 9.47 -20.44 -22.42
C GLY F 330 10.11 -19.82 -21.19
N TRP F 331 9.46 -19.95 -20.03
CA TRP F 331 10.04 -19.35 -18.85
C TRP F 331 11.42 -19.85 -18.47
N GLU F 332 11.60 -21.17 -18.37
CA GLU F 332 12.90 -21.72 -18.00
C GLU F 332 14.03 -21.16 -18.87
N ASP F 333 13.83 -21.18 -20.18
CA ASP F 333 14.84 -20.66 -21.11
C ASP F 333 15.09 -19.21 -20.74
N THR F 334 14.00 -18.50 -20.49
CA THR F 334 14.04 -17.08 -20.13
C THR F 334 14.88 -16.84 -18.88
N ASP F 335 14.69 -17.70 -17.87
CA ASP F 335 15.43 -17.58 -16.61
C ASP F 335 16.92 -17.83 -16.82
N ALA F 336 17.25 -18.92 -17.51
CA ALA F 336 18.64 -19.26 -17.79
C ALA F 336 19.30 -18.15 -18.61
N LEU F 337 18.67 -17.80 -19.73
CA LEU F 337 19.16 -16.76 -20.63
C LEU F 337 19.63 -15.51 -19.87
N LEU F 338 18.70 -14.81 -19.22
CA LEU F 338 19.03 -13.61 -18.46
C LEU F 338 20.28 -13.79 -17.59
N ARG F 339 20.37 -14.95 -16.96
CA ARG F 339 21.51 -15.26 -16.08
C ARG F 339 22.84 -15.25 -16.83
N GLN F 340 22.86 -15.85 -18.02
CA GLN F 340 24.06 -15.87 -18.85
C GLN F 340 24.49 -14.43 -19.09
N LEU F 341 23.51 -13.61 -19.48
CA LEU F 341 23.76 -12.21 -19.77
C LEU F 341 24.32 -11.51 -18.54
N ALA F 342 23.80 -11.87 -17.37
CA ALA F 342 24.25 -11.29 -16.11
C ALA F 342 25.75 -11.54 -15.92
N ASN F 343 26.17 -12.79 -16.07
CA ASN F 343 27.57 -13.15 -15.92
C ASN F 343 28.38 -12.49 -17.01
N ALA F 344 27.90 -12.60 -18.25
CA ALA F 344 28.60 -12.00 -19.38
C ALA F 344 28.88 -10.53 -19.10
N VAL F 345 27.97 -9.89 -18.38
CA VAL F 345 28.13 -8.49 -18.03
C VAL F 345 29.23 -8.37 -16.98
N LYS F 346 29.30 -9.37 -16.09
CA LYS F 346 30.32 -9.39 -15.06
C LYS F 346 31.68 -9.47 -15.73
N ALA F 347 31.82 -10.45 -16.62
CA ALA F 347 33.06 -10.66 -17.35
C ALA F 347 33.58 -9.36 -17.96
N ARG F 348 32.80 -8.77 -18.85
CA ARG F 348 33.17 -7.51 -19.50
C ARG F 348 33.62 -6.48 -18.47
N ARG F 349 33.20 -6.69 -17.22
CA ARG F 349 33.53 -5.77 -16.13
C ARG F 349 34.81 -6.18 -15.38
N GLY F 350 34.63 -6.93 -14.30
CA GLY F 350 35.77 -7.37 -13.51
C GLY F 350 36.94 -7.85 -14.35
N ASN G 2 -22.61 3.74 -22.67
CA ASN G 2 -23.83 3.66 -21.86
C ASN G 2 -23.56 3.77 -20.35
N TYR G 3 -24.10 4.84 -19.75
CA TYR G 3 -23.96 5.11 -18.30
C TYR G 3 -25.29 4.86 -17.58
N GLN G 4 -25.24 4.36 -16.35
CA GLN G 4 -26.48 4.10 -15.61
C GLN G 4 -27.16 5.38 -15.15
N ASN G 5 -28.49 5.35 -15.10
CA ASN G 5 -29.32 6.48 -14.66
C ASN G 5 -29.03 7.75 -15.46
N ASP G 6 -28.52 7.58 -16.68
CA ASP G 6 -28.17 8.73 -17.51
C ASP G 6 -29.14 9.00 -18.66
N ASP G 7 -29.26 10.28 -19.01
CA ASP G 7 -30.10 10.75 -20.11
C ASP G 7 -31.51 10.16 -20.24
N LEU G 8 -32.13 9.80 -19.12
CA LEU G 8 -33.47 9.22 -19.16
C LEU G 8 -34.50 10.08 -19.87
N ARG G 9 -34.38 11.39 -19.82
CA ARG G 9 -35.36 12.23 -20.51
C ARG G 9 -34.77 12.95 -21.72
N ILE G 10 -33.72 12.38 -22.30
CA ILE G 10 -33.09 12.99 -23.47
C ILE G 10 -33.49 12.25 -24.74
N LYS G 11 -34.30 12.91 -25.58
CA LYS G 11 -34.73 12.30 -26.83
C LYS G 11 -33.56 12.16 -27.76
N GLU G 12 -32.73 13.19 -27.80
CA GLU G 12 -31.57 13.16 -28.68
C GLU G 12 -30.63 14.33 -28.42
N ILE G 13 -29.34 14.10 -28.65
CA ILE G 13 -28.32 15.13 -28.45
C ILE G 13 -27.23 15.00 -29.53
N LYS G 14 -27.03 16.04 -30.32
CA LYS G 14 -26.04 15.96 -31.39
C LYS G 14 -25.03 17.11 -31.42
N GLU G 15 -23.81 16.80 -31.83
CA GLU G 15 -22.74 17.80 -31.92
C GLU G 15 -23.23 19.00 -32.71
N LEU G 16 -22.78 20.17 -32.31
CA LEU G 16 -23.14 21.42 -32.97
C LEU G 16 -21.83 21.90 -33.60
N LEU G 17 -21.89 22.53 -34.77
CA LEU G 17 -20.66 23.04 -35.39
C LEU G 17 -19.89 23.84 -34.34
N PRO G 18 -18.57 23.65 -34.27
CA PRO G 18 -17.82 24.42 -33.26
C PRO G 18 -17.82 25.89 -33.65
N PRO G 19 -17.83 26.81 -32.66
CA PRO G 19 -17.84 28.23 -33.01
C PRO G 19 -16.84 28.57 -34.12
N VAL G 20 -15.61 28.09 -33.97
CA VAL G 20 -14.55 28.36 -34.93
C VAL G 20 -14.95 28.07 -36.37
N ALA G 21 -15.82 27.09 -36.58
CA ALA G 21 -16.27 26.77 -37.93
C ALA G 21 -17.12 27.94 -38.44
N LEU G 22 -18.04 28.45 -37.62
CA LEU G 22 -18.87 29.59 -38.05
C LEU G 22 -18.00 30.83 -38.29
N LEU G 23 -17.02 31.05 -37.42
CA LEU G 23 -16.11 32.21 -37.55
C LEU G 23 -15.22 32.13 -38.80
N GLU G 24 -14.81 30.92 -39.14
CA GLU G 24 -13.97 30.68 -40.31
C GLU G 24 -14.77 30.85 -41.59
N LYS G 25 -16.01 30.38 -41.60
CA LYS G 25 -16.83 30.49 -42.79
C LYS G 25 -17.34 31.91 -42.97
N PHE G 26 -17.78 32.53 -41.88
CA PHE G 26 -18.30 33.89 -41.96
C PHE G 26 -17.53 34.90 -41.16
N PRO G 27 -16.31 35.23 -41.61
CA PRO G 27 -15.53 36.21 -40.87
C PRO G 27 -16.21 37.56 -41.01
N ALA G 28 -15.84 38.49 -40.15
CA ALA G 28 -16.41 39.81 -40.23
C ALA G 28 -15.57 40.50 -41.28
N THR G 29 -16.21 41.33 -42.09
CA THR G 29 -15.49 42.06 -43.13
C THR G 29 -15.02 43.39 -42.52
N GLU G 30 -14.00 44.00 -43.12
CA GLU G 30 -13.53 45.27 -42.59
C GLU G 30 -14.73 46.09 -42.18
N ASN G 31 -15.69 46.26 -43.07
CA ASN G 31 -16.89 47.03 -42.77
C ASN G 31 -17.66 46.47 -41.58
N ALA G 32 -17.91 45.17 -41.59
CA ALA G 32 -18.65 44.57 -40.49
C ALA G 32 -17.93 44.82 -39.16
N ALA G 33 -16.62 44.56 -39.13
CA ALA G 33 -15.80 44.76 -37.91
C ALA G 33 -15.87 46.18 -37.39
N ASN G 34 -15.65 47.15 -38.27
CA ASN G 34 -15.70 48.55 -37.89
C ASN G 34 -17.09 48.91 -37.41
N THR G 35 -18.09 48.56 -38.19
CA THR G 35 -19.45 48.88 -37.80
C THR G 35 -19.70 48.53 -36.34
N VAL G 36 -19.06 47.46 -35.88
CA VAL G 36 -19.19 46.99 -34.50
C VAL G 36 -18.34 47.83 -33.51
N ALA G 37 -17.06 47.99 -33.82
CA ALA G 37 -16.17 48.75 -32.94
C ALA G 37 -16.73 50.14 -32.71
N HIS G 38 -17.25 50.74 -33.76
CA HIS G 38 -17.80 52.07 -33.70
C HIS G 38 -19.10 52.18 -32.90
N ALA G 39 -20.04 51.29 -33.16
CA ALA G 39 -21.32 51.34 -32.46
C ALA G 39 -21.12 50.97 -30.99
N ARG G 40 -20.09 50.18 -30.70
CA ARG G 40 -19.84 49.83 -29.31
C ARG G 40 -19.26 51.06 -28.59
N LYS G 41 -18.35 51.75 -29.27
CA LYS G 41 -17.74 52.96 -28.73
C LYS G 41 -18.82 54.00 -28.45
N ALA G 42 -19.57 54.36 -29.49
CA ALA G 42 -20.65 55.33 -29.39
C ALA G 42 -21.62 55.05 -28.24
N ILE G 43 -22.06 53.80 -28.10
CA ILE G 43 -22.99 53.46 -27.04
C ILE G 43 -22.29 53.65 -25.71
N HIS G 44 -20.97 53.56 -25.72
CA HIS G 44 -20.20 53.73 -24.51
C HIS G 44 -20.19 55.22 -24.18
N LYS G 45 -19.90 56.03 -25.19
CA LYS G 45 -19.86 57.47 -25.03
C LYS G 45 -21.18 57.99 -24.49
N ILE G 46 -22.26 57.29 -24.83
CA ILE G 46 -23.59 57.67 -24.36
C ILE G 46 -23.80 57.26 -22.90
N LEU G 47 -23.45 56.02 -22.55
CA LEU G 47 -23.59 55.55 -21.18
C LEU G 47 -22.65 56.31 -20.24
N LYS G 48 -21.60 56.87 -20.83
CA LYS G 48 -20.57 57.64 -20.13
C LYS G 48 -21.16 59.00 -19.73
N GLY G 49 -22.04 59.51 -20.58
CA GLY G 49 -22.66 60.79 -20.32
C GLY G 49 -22.06 61.85 -21.21
N ASN G 50 -21.37 61.44 -22.27
CA ASN G 50 -20.76 62.42 -23.16
C ASN G 50 -21.46 62.53 -24.49
N ASP G 51 -22.68 62.01 -24.59
CA ASP G 51 -23.43 62.11 -25.83
C ASP G 51 -24.89 62.25 -25.48
N ASP G 52 -25.50 63.32 -25.94
CA ASP G 52 -26.89 63.60 -25.66
C ASP G 52 -27.77 62.83 -26.62
N ARG G 53 -27.17 62.25 -27.66
CA ARG G 53 -27.94 61.49 -28.62
C ARG G 53 -28.64 60.33 -27.93
N LEU G 54 -29.60 59.73 -28.64
CA LEU G 54 -30.40 58.65 -28.11
C LEU G 54 -30.11 57.30 -28.78
N LEU G 55 -29.86 56.27 -27.97
CA LEU G 55 -29.61 54.94 -28.52
C LEU G 55 -30.97 54.38 -28.89
N VAL G 56 -31.13 53.94 -30.13
CA VAL G 56 -32.42 53.40 -30.53
C VAL G 56 -32.32 51.99 -31.07
N VAL G 57 -32.73 51.02 -30.25
CA VAL G 57 -32.73 49.62 -30.67
C VAL G 57 -34.11 49.33 -31.25
N ILE G 58 -34.24 49.48 -32.56
CA ILE G 58 -35.52 49.27 -33.22
C ILE G 58 -35.44 48.17 -34.27
N GLY G 59 -36.48 47.33 -34.34
CA GLY G 59 -36.48 46.26 -35.32
C GLY G 59 -37.51 45.20 -35.06
N PRO G 60 -37.64 44.19 -35.95
CA PRO G 60 -38.61 43.09 -35.82
C PRO G 60 -38.56 42.40 -34.46
N CYS G 61 -39.71 42.00 -33.94
CA CYS G 61 -39.76 41.30 -32.66
C CYS G 61 -38.82 40.11 -32.71
N SER G 62 -38.92 39.35 -33.80
CA SER G 62 -38.09 38.19 -34.05
C SER G 62 -37.91 38.09 -35.56
N ILE G 63 -36.75 37.59 -35.99
CA ILE G 63 -36.46 37.45 -37.41
C ILE G 63 -36.66 36.02 -37.91
N HIS G 64 -37.49 35.86 -38.93
CA HIS G 64 -37.76 34.54 -39.50
C HIS G 64 -37.45 34.47 -40.99
N ASP G 65 -37.15 35.62 -41.60
CA ASP G 65 -36.82 35.65 -43.02
C ASP G 65 -35.72 36.63 -43.39
N PRO G 66 -34.53 36.11 -43.68
CA PRO G 66 -33.34 36.87 -44.05
C PRO G 66 -33.62 37.92 -45.11
N VAL G 67 -34.47 37.57 -46.07
CA VAL G 67 -34.81 38.48 -47.16
C VAL G 67 -35.48 39.74 -46.64
N ALA G 68 -36.56 39.58 -45.87
CA ALA G 68 -37.27 40.73 -45.33
C ALA G 68 -36.35 41.49 -44.39
N ALA G 69 -35.62 40.73 -43.57
CA ALA G 69 -34.68 41.31 -42.61
C ALA G 69 -33.67 42.24 -43.28
N LYS G 70 -33.13 41.82 -44.42
CA LYS G 70 -32.15 42.64 -45.11
C LYS G 70 -32.80 43.85 -45.81
N GLU G 71 -34.07 43.72 -46.18
CA GLU G 71 -34.76 44.82 -46.85
C GLU G 71 -35.05 45.85 -45.77
N TYR G 72 -35.47 45.35 -44.63
CA TYR G 72 -35.77 46.19 -43.49
C TYR G 72 -34.50 46.96 -43.14
N ALA G 73 -33.40 46.23 -42.98
CA ALA G 73 -32.12 46.84 -42.65
C ALA G 73 -31.78 47.95 -43.65
N THR G 74 -31.97 47.68 -44.94
CA THR G 74 -31.67 48.67 -45.97
C THR G 74 -32.39 49.99 -45.70
N ARG G 75 -33.66 49.90 -45.31
CA ARG G 75 -34.44 51.09 -45.03
C ARG G 75 -33.93 51.76 -43.76
N LEU G 76 -33.88 51.00 -42.67
CA LEU G 76 -33.43 51.51 -41.39
C LEU G 76 -32.06 52.16 -41.53
N LEU G 77 -31.20 51.56 -42.35
CA LEU G 77 -29.85 52.11 -42.55
C LEU G 77 -29.90 53.53 -43.09
N ALA G 78 -30.88 53.82 -43.95
CA ALA G 78 -31.01 55.15 -44.54
C ALA G 78 -31.35 56.15 -43.44
N LEU G 79 -32.38 55.84 -42.64
CA LEU G 79 -32.78 56.72 -41.55
C LEU G 79 -31.61 56.85 -40.57
N ARG G 80 -30.93 55.74 -40.30
CA ARG G 80 -29.78 55.75 -39.41
C ARG G 80 -28.82 56.87 -39.81
N GLU G 81 -28.57 57.01 -41.10
CA GLU G 81 -27.66 58.06 -41.56
C GLU G 81 -28.28 59.45 -41.55
N GLU G 82 -29.55 59.52 -41.89
CA GLU G 82 -30.23 60.80 -41.91
C GLU G 82 -30.35 61.43 -40.53
N LEU G 83 -30.56 60.60 -39.50
CA LEU G 83 -30.72 61.10 -38.14
C LEU G 83 -29.52 60.83 -37.21
N LYS G 84 -28.39 60.43 -37.78
CA LYS G 84 -27.21 60.12 -36.98
C LYS G 84 -26.81 61.20 -36.00
N ASP G 85 -27.28 62.42 -36.22
CA ASP G 85 -26.93 63.53 -35.35
C ASP G 85 -27.71 63.55 -34.04
N GLU G 86 -28.94 63.04 -34.07
CA GLU G 86 -29.77 63.02 -32.89
C GLU G 86 -29.90 61.61 -32.35
N LEU G 87 -29.84 60.63 -33.24
CA LEU G 87 -30.00 59.24 -32.83
C LEU G 87 -28.87 58.32 -33.25
N GLU G 88 -28.73 57.25 -32.49
CA GLU G 88 -27.74 56.23 -32.76
C GLU G 88 -28.63 55.02 -33.02
N ILE G 89 -28.97 54.81 -34.29
CA ILE G 89 -29.85 53.70 -34.65
C ILE G 89 -29.15 52.35 -34.75
N VAL G 90 -29.74 51.35 -34.06
CA VAL G 90 -29.22 50.00 -34.03
C VAL G 90 -30.36 49.04 -34.28
N ARG G 92 -32.66 45.75 -34.22
CA ARG G 92 -33.02 44.70 -33.27
C ARG G 92 -33.05 43.38 -34.03
N VAL G 93 -31.96 42.63 -33.94
CA VAL G 93 -31.88 41.35 -34.63
C VAL G 93 -32.04 40.20 -33.64
N TYR G 94 -33.28 39.87 -33.32
CA TYR G 94 -33.58 38.78 -32.39
C TYR G 94 -34.04 37.56 -33.18
N PHE G 95 -33.55 36.38 -32.81
CA PHE G 95 -33.90 35.16 -33.52
C PHE G 95 -34.97 34.30 -32.88
N GLU G 96 -35.25 34.53 -31.61
CA GLU G 96 -36.25 33.75 -30.91
C GLU G 96 -36.84 34.44 -29.70
N LYS G 97 -38.11 34.14 -29.43
CA LYS G 97 -38.80 34.68 -28.27
C LYS G 97 -39.14 33.54 -27.32
N PRO G 98 -38.69 33.63 -26.06
CA PRO G 98 -38.97 32.59 -25.07
C PRO G 98 -40.47 32.41 -24.88
N ARG G 99 -40.96 31.18 -25.08
CA ARG G 99 -42.38 30.89 -24.93
C ARG G 99 -42.54 29.83 -23.86
N THR G 100 -43.50 30.00 -22.97
CA THR G 100 -43.70 29.04 -21.89
C THR G 100 -43.80 27.57 -22.37
N THR G 101 -44.24 27.32 -23.61
CA THR G 101 -44.31 25.94 -24.12
C THR G 101 -44.32 25.75 -25.63
N VAL G 102 -45.46 26.00 -26.27
CA VAL G 102 -45.59 25.83 -27.72
C VAL G 102 -45.15 27.04 -28.54
N GLY G 103 -44.83 26.80 -29.81
CA GLY G 103 -44.42 27.87 -30.69
C GLY G 103 -43.11 27.64 -31.42
N TRP G 104 -42.92 28.38 -32.52
CA TRP G 104 -41.70 28.28 -33.32
C TRP G 104 -40.49 28.57 -32.45
N LYS G 105 -39.46 27.74 -32.56
CA LYS G 105 -38.26 27.91 -31.75
C LYS G 105 -37.21 28.88 -32.28
N GLY G 106 -37.60 29.69 -33.27
CA GLY G 106 -36.68 30.68 -33.80
C GLY G 106 -35.82 30.30 -34.98
N LEU G 107 -35.25 31.32 -35.62
CA LEU G 107 -34.40 31.12 -36.79
C LEU G 107 -33.22 30.19 -36.55
N ILE G 108 -32.60 30.27 -35.37
CA ILE G 108 -31.44 29.41 -35.09
C ILE G 108 -31.85 27.97 -34.81
N ASN G 109 -32.74 27.77 -33.83
CA ASN G 109 -33.17 26.42 -33.45
C ASN G 109 -33.95 25.69 -34.52
N ASP G 110 -34.70 26.41 -35.34
CA ASP G 110 -35.51 25.78 -36.38
C ASP G 110 -35.65 26.77 -37.54
N PRO G 111 -34.60 26.90 -38.35
CA PRO G 111 -34.51 27.80 -39.51
C PRO G 111 -35.67 27.70 -40.48
N HIS G 112 -36.08 26.46 -40.75
CA HIS G 112 -37.13 26.19 -41.70
C HIS G 112 -38.56 26.19 -41.19
N ASP G 114 -40.30 24.41 -39.73
CA ASP G 114 -41.04 23.18 -39.99
C ASP G 114 -40.67 22.10 -38.99
N ASN G 115 -40.16 22.50 -37.84
CA ASN G 115 -39.79 21.56 -36.80
C ASN G 115 -38.69 20.58 -37.22
N SER G 116 -37.95 20.91 -38.28
CA SER G 116 -36.85 20.09 -38.78
C SER G 116 -35.66 20.25 -37.82
N PHE G 117 -35.63 21.37 -37.13
CA PHE G 117 -34.60 21.69 -36.15
C PHE G 117 -33.17 21.58 -36.68
N GLN G 118 -32.93 22.24 -37.81
CA GLN G 118 -31.62 22.27 -38.46
C GLN G 118 -30.81 23.41 -37.81
N ILE G 119 -30.47 23.25 -36.54
CA ILE G 119 -29.75 24.30 -35.83
C ILE G 119 -28.42 24.72 -36.47
N ASN G 120 -27.70 23.79 -37.10
CA ASN G 120 -26.44 24.18 -37.74
C ASN G 120 -26.69 25.09 -38.93
N ASP G 121 -27.89 25.01 -39.48
CA ASP G 121 -28.27 25.87 -40.61
C ASP G 121 -28.67 27.20 -39.99
N GLY G 122 -29.21 27.12 -38.79
CA GLY G 122 -29.63 28.33 -38.10
C GLY G 122 -28.40 29.17 -37.84
N LEU G 123 -27.38 28.55 -37.25
CA LEU G 123 -26.17 29.28 -36.95
C LEU G 123 -25.58 29.87 -38.22
N ARG G 124 -25.63 29.11 -39.32
CA ARG G 124 -25.09 29.64 -40.57
C ARG G 124 -25.92 30.79 -41.12
N ILE G 125 -27.24 30.66 -41.05
CA ILE G 125 -28.13 31.69 -41.54
C ILE G 125 -28.06 32.92 -40.64
N ALA G 126 -28.19 32.70 -39.33
CA ALA G 126 -28.13 33.77 -38.32
C ALA G 126 -26.83 34.54 -38.43
N ARG G 127 -25.70 33.84 -38.31
CA ARG G 127 -24.44 34.55 -38.41
C ARG G 127 -24.23 35.27 -39.74
N LYS G 128 -24.70 34.68 -40.85
CA LYS G 128 -24.51 35.35 -42.14
C LYS G 128 -25.33 36.62 -42.23
N LEU G 129 -26.55 36.56 -41.68
CA LEU G 129 -27.45 37.71 -41.69
C LEU G 129 -26.82 38.88 -40.90
N LEU G 130 -26.35 38.59 -39.70
CA LEU G 130 -25.71 39.59 -38.86
C LEU G 130 -24.54 40.13 -39.64
N LEU G 131 -23.73 39.22 -40.18
CA LEU G 131 -22.56 39.64 -40.94
C LEU G 131 -22.93 40.61 -42.06
N ASP G 132 -23.97 40.29 -42.82
CA ASP G 132 -24.36 41.16 -43.91
C ASP G 132 -24.85 42.50 -43.41
N ILE G 133 -25.72 42.48 -42.40
CA ILE G 133 -26.24 43.73 -41.84
C ILE G 133 -25.07 44.62 -41.42
N ASN G 134 -24.20 44.08 -40.57
CA ASN G 134 -23.04 44.82 -40.10
C ASN G 134 -22.21 45.30 -41.29
N ASP G 135 -21.94 44.42 -42.24
CA ASP G 135 -21.12 44.81 -43.39
C ASP G 135 -21.71 46.02 -44.13
N SER G 136 -23.04 46.19 -44.06
CA SER G 136 -23.68 47.32 -44.73
C SER G 136 -23.50 48.60 -43.93
N GLY G 137 -23.07 48.48 -42.69
CA GLY G 137 -22.85 49.64 -41.86
C GLY G 137 -23.91 49.86 -40.80
N LEU G 138 -24.84 48.91 -40.67
CA LEU G 138 -25.91 49.00 -39.69
C LEU G 138 -25.62 48.12 -38.49
N PRO G 139 -25.39 48.72 -37.30
CA PRO G 139 -25.10 47.94 -36.08
C PRO G 139 -26.28 47.03 -35.78
N ALA G 140 -26.04 45.98 -35.01
CA ALA G 140 -27.11 45.07 -34.68
C ALA G 140 -27.16 44.80 -33.19
N ALA G 141 -28.36 44.69 -32.66
CA ALA G 141 -28.55 44.42 -31.25
C ALA G 141 -29.27 43.09 -31.15
N GLY G 142 -28.80 42.23 -30.25
CA GLY G 142 -29.42 40.95 -30.10
C GLY G 142 -29.67 40.65 -28.65
N GLU G 143 -30.20 39.47 -28.36
CA GLU G 143 -30.50 39.05 -27.00
C GLU G 143 -29.76 37.76 -26.76
N PHE G 144 -29.35 37.52 -25.53
CA PHE G 144 -28.62 36.31 -25.22
C PHE G 144 -29.39 35.49 -24.20
N LEU G 145 -29.92 34.36 -24.64
CA LEU G 145 -30.71 33.50 -23.77
C LEU G 145 -29.89 32.45 -23.06
N ASP G 146 -28.73 32.08 -23.62
CA ASP G 146 -27.88 31.07 -23.01
C ASP G 146 -26.43 31.49 -22.94
N ILE G 148 -23.92 29.78 -24.35
CA ILE G 148 -23.18 29.18 -25.44
C ILE G 148 -23.33 29.94 -26.75
N THR G 149 -24.54 30.34 -27.05
CA THR G 149 -24.79 31.07 -28.29
C THR G 149 -23.83 32.26 -28.49
N PRO G 150 -23.53 33.01 -27.41
CA PRO G 150 -22.62 34.15 -27.56
C PRO G 150 -21.36 33.83 -28.35
N GLN G 151 -20.81 32.64 -28.09
CA GLN G 151 -19.58 32.24 -28.77
C GLN G 151 -19.67 32.27 -30.31
N TYR G 152 -20.89 32.07 -30.84
CA TYR G 152 -21.12 32.07 -32.28
C TYR G 152 -21.52 33.42 -32.88
N LEU G 153 -22.07 34.32 -32.07
CA LEU G 153 -22.52 35.60 -32.63
C LEU G 153 -22.07 36.91 -31.97
N ALA G 154 -21.69 36.86 -30.69
CA ALA G 154 -21.29 38.05 -29.95
C ALA G 154 -20.47 39.06 -30.72
N ASP G 155 -19.43 38.60 -31.40
CA ASP G 155 -18.58 39.51 -32.17
C ASP G 155 -19.27 40.37 -33.23
N LEU G 156 -20.56 40.12 -33.46
CA LEU G 156 -21.29 40.92 -34.45
C LEU G 156 -22.36 41.78 -33.75
N SER G 158 -23.43 44.76 -31.34
CA SER G 158 -22.93 46.04 -30.86
C SER G 158 -23.58 46.37 -29.53
N TRP G 159 -24.68 45.69 -29.24
CA TRP G 159 -25.42 45.88 -28.01
C TRP G 159 -26.20 44.61 -27.73
N GLY G 160 -26.33 44.26 -26.46
CA GLY G 160 -27.07 43.04 -26.14
C GLY G 160 -28.05 43.26 -25.00
N ALA G 161 -29.03 42.37 -24.88
CA ALA G 161 -30.02 42.49 -23.83
C ALA G 161 -30.29 41.18 -23.10
N ILE G 162 -30.42 41.28 -21.78
CA ILE G 162 -30.76 40.13 -20.93
C ILE G 162 -32.25 40.31 -20.61
N GLY G 163 -33.09 39.45 -21.15
CA GLY G 163 -34.53 39.55 -20.93
C GLY G 163 -35.03 39.53 -19.50
N ALA G 164 -36.24 40.01 -19.30
CA ALA G 164 -36.88 40.09 -17.98
C ALA G 164 -36.86 38.79 -17.20
N ARG G 165 -37.23 37.69 -17.86
CA ARG G 165 -37.28 36.39 -17.22
C ARG G 165 -35.92 35.86 -16.73
N THR G 166 -34.83 36.45 -17.21
CA THR G 166 -33.52 35.99 -16.80
C THR G 166 -32.66 37.02 -16.07
N THR G 167 -33.10 38.27 -16.04
CA THR G 167 -32.37 39.36 -15.38
C THR G 167 -31.90 39.03 -13.96
N GLU G 168 -32.66 38.21 -13.27
CA GLU G 168 -32.30 37.85 -11.90
C GLU G 168 -31.46 36.56 -11.85
N SER G 169 -31.31 35.90 -13.00
CA SER G 169 -30.53 34.66 -13.09
C SER G 169 -29.04 34.95 -12.94
N GLN G 170 -28.40 34.34 -11.95
CA GLN G 170 -27.00 34.61 -11.72
C GLN G 170 -26.11 34.31 -12.93
N VAL G 171 -26.34 33.17 -13.57
CA VAL G 171 -25.55 32.78 -14.73
C VAL G 171 -25.58 33.84 -15.81
N HIS G 172 -26.77 34.32 -16.14
CA HIS G 172 -26.89 35.37 -17.15
C HIS G 172 -26.20 36.66 -16.72
N ARG G 173 -26.17 36.93 -15.43
CA ARG G 173 -25.50 38.13 -14.95
C ARG G 173 -24.00 37.91 -15.17
N GLU G 174 -23.49 36.76 -14.73
CA GLU G 174 -22.08 36.42 -14.92
C GLU G 174 -21.76 36.50 -16.42
N LEU G 175 -22.66 35.98 -17.24
CA LEU G 175 -22.47 36.02 -18.68
C LEU G 175 -22.28 37.46 -19.12
N ALA G 176 -23.23 38.32 -18.74
CA ALA G 176 -23.18 39.74 -19.11
C ALA G 176 -21.92 40.44 -18.65
N SER G 177 -21.27 39.92 -17.61
CA SER G 177 -20.06 40.54 -17.11
C SER G 177 -18.89 40.22 -18.03
N GLY G 178 -19.10 39.27 -18.94
CA GLY G 178 -18.06 38.88 -19.88
C GLY G 178 -18.34 39.25 -21.33
N LEU G 179 -19.55 39.73 -21.62
CA LEU G 179 -19.87 40.11 -22.99
C LEU G 179 -19.06 41.33 -23.43
N SER G 180 -18.62 41.34 -24.68
CA SER G 180 -17.81 42.42 -25.18
C SER G 180 -18.60 43.63 -25.60
N CYS G 181 -19.88 43.65 -25.28
CA CYS G 181 -20.72 44.79 -25.69
C CYS G 181 -21.60 45.31 -24.55
N PRO G 182 -22.15 46.53 -24.71
CA PRO G 182 -23.01 47.05 -23.65
C PRO G 182 -24.17 46.08 -23.51
N VAL G 183 -24.61 45.84 -22.27
CA VAL G 183 -25.72 44.95 -22.00
C VAL G 183 -26.85 45.71 -21.31
N GLY G 184 -28.10 45.44 -21.71
CA GLY G 184 -29.22 46.10 -21.09
C GLY G 184 -30.07 45.05 -20.36
N PHE G 185 -30.28 45.24 -19.06
CA PHE G 185 -31.11 44.32 -18.27
C PHE G 185 -32.55 44.84 -18.18
N LYS G 186 -33.53 44.00 -18.48
CA LYS G 186 -34.92 44.40 -18.41
C LYS G 186 -35.46 44.22 -17.00
N ASN G 187 -36.43 45.04 -16.61
CA ASN G 187 -37.00 44.92 -15.27
C ASN G 187 -37.86 43.66 -15.21
N GLY G 188 -38.07 43.15 -14.00
CA GLY G 188 -38.88 41.95 -13.81
C GLY G 188 -40.21 41.95 -14.55
N THR G 189 -40.77 40.75 -14.73
CA THR G 189 -42.04 40.60 -15.43
C THR G 189 -43.16 41.45 -14.81
N ASP G 190 -43.30 41.35 -13.50
CA ASP G 190 -44.33 42.10 -12.78
C ASP G 190 -44.02 43.60 -12.68
N GLY G 191 -42.81 44.01 -13.10
CA GLY G 191 -42.44 45.41 -13.04
C GLY G 191 -41.30 45.72 -12.08
N THR G 192 -40.92 44.71 -11.29
CA THR G 192 -39.83 44.84 -10.31
C THR G 192 -38.61 45.51 -10.94
N ILE G 193 -38.05 46.48 -10.21
CA ILE G 193 -36.89 47.21 -10.68
C ILE G 193 -35.60 46.74 -10.01
N LYS G 194 -35.69 46.38 -8.73
CA LYS G 194 -34.52 45.95 -7.98
C LYS G 194 -33.68 44.91 -8.70
N VAL G 195 -34.32 43.88 -9.24
CA VAL G 195 -33.61 42.81 -9.95
C VAL G 195 -32.67 43.36 -11.03
N ALA G 196 -33.17 44.29 -11.85
CA ALA G 196 -32.36 44.86 -12.92
C ALA G 196 -31.22 45.71 -12.36
N ILE G 197 -31.43 46.32 -11.21
CA ILE G 197 -30.42 47.15 -10.60
C ILE G 197 -29.29 46.28 -10.05
N ASP G 198 -29.66 45.26 -9.28
CA ASP G 198 -28.66 44.34 -8.73
C ASP G 198 -27.87 43.73 -9.89
N ALA G 199 -28.60 43.36 -10.94
CA ALA G 199 -27.98 42.78 -12.12
C ALA G 199 -26.85 43.69 -12.58
N ILE G 200 -27.19 44.93 -12.85
CA ILE G 200 -26.22 45.92 -13.31
C ILE G 200 -24.96 45.94 -12.44
N ASN G 201 -25.15 45.87 -11.12
CA ASN G 201 -24.01 45.90 -10.20
C ASN G 201 -23.20 44.64 -10.33
N ALA G 202 -23.87 43.49 -10.35
CA ALA G 202 -23.20 42.19 -10.49
C ALA G 202 -22.42 42.10 -11.83
N ALA G 203 -23.06 42.56 -12.91
CA ALA G 203 -22.45 42.55 -14.23
C ALA G 203 -21.19 43.38 -14.23
N GLY G 204 -21.08 44.26 -13.25
CA GLY G 204 -19.93 45.13 -13.16
C GLY G 204 -18.72 44.45 -12.55
N ALA G 205 -18.92 43.30 -11.92
CA ALA G 205 -17.80 42.58 -11.29
C ALA G 205 -17.26 41.41 -12.13
N PRO G 206 -16.13 40.83 -11.70
CA PRO G 206 -15.49 39.70 -12.37
C PRO G 206 -16.22 38.43 -11.96
N HIS G 207 -16.46 37.53 -12.91
CA HIS G 207 -17.17 36.28 -12.58
C HIS G 207 -16.60 35.03 -13.29
N CYS G 208 -17.16 33.88 -12.92
CA CYS G 208 -16.81 32.58 -13.48
C CYS G 208 -18.09 31.91 -13.97
N PHE G 209 -18.09 31.41 -15.20
CA PHE G 209 -19.25 30.69 -15.70
C PHE G 209 -18.82 29.66 -16.73
N LEU G 210 -19.58 28.58 -16.84
CA LEU G 210 -19.26 27.53 -17.78
C LEU G 210 -19.84 27.80 -19.17
N SER G 211 -19.13 27.37 -20.21
CA SER G 211 -19.55 27.56 -21.59
C SER G 211 -18.64 26.71 -22.46
N VAL G 212 -18.35 27.15 -23.68
CA VAL G 212 -17.42 26.39 -24.53
C VAL G 212 -16.38 27.28 -25.20
N THR G 213 -15.18 26.72 -25.36
CA THR G 213 -14.09 27.43 -26.02
C THR G 213 -14.51 27.68 -27.47
N LYS G 214 -13.71 28.45 -28.19
CA LYS G 214 -14.04 28.71 -29.59
C LYS G 214 -13.95 27.39 -30.39
N TRP G 215 -13.23 26.41 -29.84
CA TRP G 215 -13.10 25.12 -30.48
C TRP G 215 -14.31 24.24 -30.12
N GLY G 216 -15.22 24.75 -29.29
CA GLY G 216 -16.38 23.96 -28.92
C GLY G 216 -16.24 23.02 -27.72
N HIS G 217 -15.15 23.08 -26.96
CA HIS G 217 -15.01 22.20 -25.79
C HIS G 217 -15.53 22.89 -24.54
N SER G 218 -16.15 22.11 -23.65
CA SER G 218 -16.69 22.68 -22.45
C SER G 218 -15.54 23.42 -21.76
N ALA G 219 -15.80 24.64 -21.32
CA ALA G 219 -14.78 25.46 -20.68
C ALA G 219 -15.29 26.28 -19.51
N ILE G 220 -14.35 26.81 -18.74
CA ILE G 220 -14.68 27.69 -17.64
C ILE G 220 -14.20 29.08 -18.06
N VAL G 221 -15.11 30.05 -18.07
CA VAL G 221 -14.80 31.42 -18.47
C VAL G 221 -14.66 32.36 -17.27
N ASN G 222 -13.56 33.11 -17.22
CA ASN G 222 -13.30 34.08 -16.15
C ASN G 222 -13.45 35.48 -16.77
N THR G 223 -14.50 36.22 -16.39
CA THR G 223 -14.68 37.56 -16.97
C THR G 223 -13.97 38.65 -16.21
N SER G 224 -13.94 39.83 -16.81
CA SER G 224 -13.28 40.97 -16.19
C SER G 224 -14.25 42.04 -15.70
N GLY G 225 -15.54 41.83 -15.93
CA GLY G 225 -16.52 42.81 -15.48
C GLY G 225 -16.92 43.69 -16.64
N ASN G 226 -18.18 44.09 -16.67
CA ASN G 226 -18.71 44.93 -17.74
C ASN G 226 -19.39 46.15 -17.11
N GLY G 227 -18.84 47.33 -17.37
CA GLY G 227 -19.41 48.54 -16.81
C GLY G 227 -20.34 49.27 -17.74
N ASP G 228 -20.58 48.74 -18.93
CA ASP G 228 -21.49 49.41 -19.85
C ASP G 228 -22.86 48.73 -19.88
N CYS G 229 -23.42 48.54 -18.69
CA CYS G 229 -24.73 47.95 -18.52
C CYS G 229 -25.71 49.03 -18.08
N HIS G 230 -27.00 48.83 -18.36
CA HIS G 230 -28.01 49.80 -17.99
C HIS G 230 -29.34 49.10 -17.94
N ILE G 231 -30.32 49.74 -17.32
CA ILE G 231 -31.65 49.16 -17.19
C ILE G 231 -32.55 49.42 -18.41
N ILE G 232 -33.53 48.53 -18.59
CA ILE G 232 -34.48 48.66 -19.69
C ILE G 232 -35.88 48.53 -19.11
N LEU G 233 -36.65 49.62 -19.18
CA LEU G 233 -38.02 49.66 -18.66
C LEU G 233 -38.97 49.18 -19.73
N ARG G 234 -39.54 48.01 -19.50
CA ARG G 234 -40.47 47.39 -20.43
C ARG G 234 -41.82 47.20 -19.76
N GLY G 235 -42.02 47.91 -18.66
CA GLY G 235 -43.28 47.82 -17.93
C GLY G 235 -43.47 46.50 -17.20
N GLY G 236 -44.49 46.46 -16.36
CA GLY G 236 -44.80 45.26 -15.62
C GLY G 236 -46.30 45.08 -15.69
N LYS G 237 -46.93 44.97 -14.52
CA LYS G 237 -48.38 44.83 -14.46
C LYS G 237 -48.96 46.05 -15.19
N GLU G 238 -48.29 47.19 -15.02
CA GLU G 238 -48.68 48.44 -15.66
C GLU G 238 -47.42 49.07 -16.24
N PRO G 239 -47.55 49.83 -17.35
CA PRO G 239 -46.41 50.48 -18.00
C PRO G 239 -45.42 51.21 -17.07
N ASN G 240 -44.18 51.34 -17.56
CA ASN G 240 -43.08 51.97 -16.82
C ASN G 240 -42.60 53.28 -17.40
N TYR G 241 -43.07 53.64 -18.59
CA TYR G 241 -42.58 54.84 -19.25
C TYR G 241 -42.89 56.23 -18.69
N SER G 242 -43.93 56.36 -17.86
CA SER G 242 -44.28 57.67 -17.31
C SER G 242 -43.12 58.30 -16.55
N ALA G 243 -43.08 59.63 -16.56
CA ALA G 243 -42.03 60.38 -15.88
C ALA G 243 -42.04 60.06 -14.39
N LYS G 244 -43.18 59.58 -13.91
CA LYS G 244 -43.36 59.20 -12.50
C LYS G 244 -42.39 58.08 -12.17
N HIS G 245 -42.48 56.99 -12.94
CA HIS G 245 -41.64 55.82 -12.77
C HIS G 245 -40.18 56.18 -13.04
N VAL G 246 -39.94 56.81 -14.19
CA VAL G 246 -38.60 57.24 -14.57
C VAL G 246 -37.89 57.93 -13.42
N ALA G 247 -38.60 58.82 -12.72
CA ALA G 247 -38.03 59.56 -11.60
C ALA G 247 -37.74 58.61 -10.45
N GLU G 248 -38.59 57.62 -10.28
CA GLU G 248 -38.43 56.64 -9.22
C GLU G 248 -37.20 55.78 -9.50
N VAL G 249 -37.10 55.31 -10.75
CA VAL G 249 -35.98 54.47 -11.18
C VAL G 249 -34.65 55.18 -11.03
N LYS G 250 -34.60 56.44 -11.46
CA LYS G 250 -33.39 57.26 -11.37
C LYS G 250 -32.84 57.31 -9.96
N GLU G 251 -33.72 57.27 -8.97
CA GLU G 251 -33.27 57.31 -7.58
C GLU G 251 -32.76 55.95 -7.17
N GLY G 252 -33.52 54.91 -7.51
CA GLY G 252 -33.08 53.57 -7.16
C GLY G 252 -31.66 53.33 -7.62
N LEU G 253 -31.37 53.81 -8.83
CA LEU G 253 -30.03 53.68 -9.41
C LEU G 253 -28.99 54.43 -8.58
N ASN G 254 -29.22 55.71 -8.34
CA ASN G 254 -28.28 56.51 -7.54
C ASN G 254 -28.15 55.89 -6.18
N LYS G 255 -29.28 55.51 -5.61
CA LYS G 255 -29.30 54.91 -4.29
C LYS G 255 -28.41 53.67 -4.28
N ALA G 256 -28.28 53.03 -5.44
CA ALA G 256 -27.46 51.82 -5.60
C ALA G 256 -26.05 52.13 -6.09
N GLY G 257 -25.74 53.42 -6.23
CA GLY G 257 -24.42 53.84 -6.67
C GLY G 257 -24.17 53.73 -8.17
N LEU G 258 -25.24 53.70 -8.95
CA LEU G 258 -25.12 53.59 -10.39
C LEU G 258 -25.67 54.84 -11.04
N PRO G 259 -25.18 55.16 -12.24
CA PRO G 259 -25.65 56.35 -12.96
C PRO G 259 -27.17 56.29 -13.16
N ALA G 260 -27.83 57.43 -13.13
CA ALA G 260 -29.28 57.46 -13.33
C ALA G 260 -29.56 57.58 -14.82
N GLN G 261 -29.61 56.44 -15.50
CA GLN G 261 -29.89 56.40 -16.93
C GLN G 261 -30.76 55.20 -17.19
N VAL G 262 -31.67 55.33 -18.14
CA VAL G 262 -32.60 54.24 -18.46
C VAL G 262 -32.96 54.19 -19.94
N ILE G 264 -36.07 52.99 -22.46
CA ILE G 264 -37.50 52.67 -22.39
C ILE G 264 -37.97 51.86 -23.59
N ASP G 265 -38.63 50.75 -23.29
CA ASP G 265 -39.15 49.85 -24.31
C ASP G 265 -40.61 50.23 -24.61
N PHE G 266 -40.84 50.84 -25.77
CA PHE G 266 -42.19 51.24 -26.16
C PHE G 266 -43.13 50.06 -26.36
N SER G 267 -42.56 48.89 -26.61
CA SER G 267 -43.37 47.71 -26.86
C SER G 267 -43.63 46.87 -25.60
N HIS G 268 -44.08 45.64 -25.81
CA HIS G 268 -44.38 44.69 -24.74
C HIS G 268 -45.29 45.28 -23.66
N ALA G 269 -44.97 45.06 -22.40
CA ALA G 269 -45.78 45.54 -21.28
C ALA G 269 -46.03 47.06 -21.23
N ASN G 270 -45.16 47.86 -21.85
CA ASN G 270 -45.37 49.30 -21.87
C ASN G 270 -46.38 49.65 -22.96
N SER G 271 -46.54 48.72 -23.90
CA SER G 271 -47.46 48.89 -25.01
C SER G 271 -48.75 48.11 -24.77
N SER G 272 -48.80 47.41 -23.65
CA SER G 272 -49.96 46.60 -23.29
C SER G 272 -50.26 45.59 -24.40
N LYS G 273 -49.20 45.11 -25.03
CA LYS G 273 -49.29 44.12 -26.11
C LYS G 273 -50.13 44.61 -27.29
N GLN G 274 -50.15 45.93 -27.50
CA GLN G 274 -50.89 46.52 -28.60
C GLN G 274 -49.94 47.36 -29.43
N PHE G 275 -49.34 46.76 -30.45
CA PHE G 275 -48.38 47.44 -31.29
C PHE G 275 -48.73 48.88 -31.67
N LYS G 276 -50.03 49.21 -31.66
CA LYS G 276 -50.48 50.56 -32.00
C LYS G 276 -50.05 51.54 -30.91
N LYS G 277 -50.21 51.13 -29.66
CA LYS G 277 -49.87 51.94 -28.50
C LYS G 277 -48.41 52.36 -28.40
N GLN G 278 -47.54 51.76 -29.21
CA GLN G 278 -46.13 52.14 -29.18
C GLN G 278 -46.01 53.59 -29.59
N ASP G 280 -48.17 55.89 -28.86
CA ASP G 280 -48.60 56.70 -27.73
C ASP G 280 -47.45 56.83 -26.73
N VAL G 281 -46.80 55.71 -26.41
CA VAL G 281 -45.68 55.71 -25.48
C VAL G 281 -44.62 56.68 -26.04
N CYS G 282 -44.46 56.69 -27.35
CA CYS G 282 -43.50 57.57 -28.01
C CYS G 282 -43.85 59.03 -27.73
N ALA G 283 -45.15 59.32 -27.69
CA ALA G 283 -45.60 60.68 -27.41
C ALA G 283 -45.16 61.08 -26.00
N ASP G 284 -45.51 60.30 -24.99
CA ASP G 284 -45.16 60.58 -23.60
C ASP G 284 -43.64 60.68 -23.41
N VAL G 285 -42.90 59.74 -23.99
CA VAL G 285 -41.45 59.73 -23.86
C VAL G 285 -40.80 60.88 -24.61
N CYS G 286 -41.22 61.14 -25.84
CA CYS G 286 -40.65 62.25 -26.61
C CYS G 286 -40.82 63.52 -25.80
N GLN G 287 -41.91 63.54 -25.03
CA GLN G 287 -42.26 64.68 -24.16
C GLN G 287 -41.15 64.89 -23.14
N GLN G 288 -40.90 63.87 -22.33
CA GLN G 288 -39.88 63.92 -21.30
C GLN G 288 -38.54 64.33 -21.88
N ILE G 289 -38.11 63.64 -22.93
CA ILE G 289 -36.85 63.94 -23.58
C ILE G 289 -36.77 65.40 -24.00
N ALA G 290 -37.74 65.86 -24.78
CA ALA G 290 -37.75 67.26 -25.21
C ALA G 290 -37.83 68.18 -23.99
N GLY G 291 -38.43 67.67 -22.92
CA GLY G 291 -38.58 68.44 -21.70
C GLY G 291 -37.35 68.40 -20.80
N GLY G 292 -36.19 68.19 -21.41
CA GLY G 292 -34.94 68.15 -20.65
C GLY G 292 -34.58 66.87 -19.91
N GLU G 293 -35.35 65.81 -20.07
CA GLU G 293 -35.02 64.55 -19.38
C GLU G 293 -33.76 63.94 -19.98
N LYS G 294 -32.70 63.87 -19.18
CA LYS G 294 -31.43 63.33 -19.64
C LYS G 294 -31.14 61.89 -19.22
N ALA G 295 -31.95 61.35 -18.30
CA ALA G 295 -31.73 59.99 -17.83
C ALA G 295 -32.13 58.96 -18.88
N ILE G 296 -32.93 59.40 -19.86
CA ILE G 296 -33.36 58.52 -20.94
C ILE G 296 -32.28 58.48 -22.02
N ILE G 297 -31.42 57.45 -21.98
CA ILE G 297 -30.35 57.33 -22.97
C ILE G 297 -30.76 56.53 -24.19
N GLY G 298 -31.89 55.83 -24.10
CA GLY G 298 -32.33 55.06 -25.25
C GLY G 298 -33.73 54.50 -25.19
N VAL G 299 -34.22 54.09 -26.36
CA VAL G 299 -35.56 53.52 -26.46
C VAL G 299 -35.49 52.24 -27.29
N VAL G 301 -37.97 49.83 -29.87
CA VAL G 301 -39.22 49.77 -30.62
C VAL G 301 -39.33 48.55 -31.54
N GLU G 302 -40.44 47.81 -31.41
CA GLU G 302 -40.67 46.64 -32.26
C GLU G 302 -41.37 47.11 -33.53
N SER G 303 -40.65 47.05 -34.66
CA SER G 303 -41.21 47.47 -35.93
C SER G 303 -40.73 46.58 -37.08
N HIS G 304 -41.57 46.44 -38.10
CA HIS G 304 -41.21 45.63 -39.26
C HIS G 304 -41.61 46.37 -40.52
N LEU G 305 -41.46 45.73 -41.68
CA LEU G 305 -41.84 46.32 -42.96
C LEU G 305 -43.35 46.54 -43.01
N VAL G 306 -44.09 45.58 -42.48
CA VAL G 306 -45.55 45.62 -42.43
C VAL G 306 -45.94 45.50 -40.96
N GLU G 307 -46.97 46.26 -40.55
CA GLU G 307 -47.42 46.25 -39.18
C GLU G 307 -48.17 45.00 -38.76
N GLY G 308 -48.55 44.96 -37.48
CA GLY G 308 -49.26 43.81 -36.97
C GLY G 308 -48.42 42.57 -37.11
N ASN G 309 -48.94 41.46 -36.61
CA ASN G 309 -48.25 40.19 -36.69
C ASN G 309 -49.13 39.17 -37.41
N GLN G 310 -48.68 37.93 -37.46
CA GLN G 310 -49.43 36.86 -38.09
C GLN G 310 -49.07 35.55 -37.41
N SER G 311 -49.76 34.48 -37.79
CA SER G 311 -49.52 33.18 -37.19
C SER G 311 -48.81 32.22 -38.15
N LEU G 312 -48.14 31.22 -37.58
CA LEU G 312 -47.42 30.22 -38.37
C LEU G 312 -48.36 29.02 -38.54
N GLU G 313 -49.10 28.71 -37.48
CA GLU G 313 -50.05 27.60 -37.45
C GLU G 313 -51.19 27.76 -38.46
N SER G 314 -51.64 29.00 -38.65
CA SER G 314 -52.74 29.34 -39.56
C SER G 314 -52.79 28.55 -40.88
N GLY G 315 -51.62 28.13 -41.36
CA GLY G 315 -51.59 27.38 -42.61
C GLY G 315 -51.65 28.29 -43.82
N GLU G 316 -51.86 29.58 -43.59
CA GLU G 316 -51.91 30.54 -44.68
C GLU G 316 -50.49 30.98 -44.99
N PRO G 317 -50.12 30.99 -46.28
CA PRO G 317 -48.77 31.39 -46.71
C PRO G 317 -48.36 32.68 -46.01
N LEU G 318 -47.25 32.63 -45.28
CA LEU G 318 -46.78 33.81 -44.55
C LEU G 318 -46.64 35.08 -45.38
N ALA G 319 -47.09 36.19 -44.82
CA ALA G 319 -47.01 37.48 -45.47
C ALA G 319 -45.57 37.96 -45.37
N TYR G 320 -45.16 38.77 -46.34
CA TYR G 320 -43.80 39.29 -46.37
C TYR G 320 -43.60 40.42 -45.38
N GLY G 321 -42.40 40.53 -44.85
CA GLY G 321 -42.07 41.58 -43.90
C GLY G 321 -43.10 41.76 -42.80
N LYS G 322 -43.64 40.67 -42.28
CA LYS G 322 -44.63 40.77 -41.21
C LYS G 322 -44.30 39.79 -40.08
N SER G 323 -44.17 40.31 -38.86
CA SER G 323 -43.82 39.50 -37.69
C SER G 323 -44.68 38.25 -37.51
N ILE G 324 -44.08 37.19 -36.97
CA ILE G 324 -44.80 35.95 -36.71
C ILE G 324 -44.80 35.68 -35.21
N THR G 325 -44.44 36.72 -34.45
CA THR G 325 -44.41 36.65 -32.98
C THR G 325 -45.23 37.86 -32.51
N ASP G 326 -44.59 38.79 -31.78
CA ASP G 326 -45.29 39.99 -31.31
C ASP G 326 -45.62 40.93 -32.47
N ALA G 327 -46.69 41.70 -32.29
CA ALA G 327 -47.12 42.66 -33.31
C ALA G 327 -46.17 43.85 -33.31
N CYS G 328 -45.81 44.32 -34.51
CA CYS G 328 -44.90 45.45 -34.68
C CYS G 328 -45.59 46.56 -35.46
N ILE G 329 -45.15 47.80 -35.29
CA ILE G 329 -45.72 48.89 -36.06
C ILE G 329 -45.18 48.74 -37.47
N GLY G 330 -45.86 49.33 -38.44
CA GLY G 330 -45.42 49.23 -39.83
C GLY G 330 -44.24 50.13 -40.10
N TRP G 331 -43.73 50.12 -41.33
CA TRP G 331 -42.59 50.97 -41.65
C TRP G 331 -42.99 52.44 -41.72
N GLU G 332 -44.25 52.69 -42.03
CA GLU G 332 -44.75 54.07 -42.11
C GLU G 332 -44.65 54.72 -40.73
N ASP G 333 -45.20 54.05 -39.72
CA ASP G 333 -45.16 54.57 -38.36
C ASP G 333 -43.73 54.69 -37.88
N THR G 334 -42.91 53.71 -38.25
CA THR G 334 -41.51 53.69 -37.87
C THR G 334 -40.83 55.01 -38.26
N ASP G 335 -40.76 55.27 -39.57
CA ASP G 335 -40.15 56.50 -40.07
C ASP G 335 -40.68 57.74 -39.33
N ALA G 336 -41.96 57.71 -39.00
CA ALA G 336 -42.58 58.83 -38.28
C ALA G 336 -42.01 58.92 -36.88
N LEU G 337 -42.15 57.82 -36.13
CA LEU G 337 -41.67 57.72 -34.75
C LEU G 337 -40.19 58.08 -34.57
N LEU G 338 -39.36 57.65 -35.52
CA LEU G 338 -37.94 57.94 -35.45
C LEU G 338 -37.69 59.43 -35.56
N ARG G 339 -38.38 60.07 -36.50
CA ARG G 339 -38.22 61.51 -36.69
C ARG G 339 -38.72 62.28 -35.47
N GLN G 340 -39.73 61.74 -34.79
CA GLN G 340 -40.26 62.39 -33.58
C GLN G 340 -39.16 62.41 -32.55
N LEU G 341 -38.63 61.22 -32.27
CA LEU G 341 -37.55 61.06 -31.30
C LEU G 341 -36.40 62.00 -31.68
N ALA G 342 -36.08 62.06 -32.97
CA ALA G 342 -35.00 62.92 -33.47
C ALA G 342 -35.19 64.36 -33.02
N ASN G 343 -36.39 64.89 -33.22
CA ASN G 343 -36.70 66.26 -32.83
C ASN G 343 -36.71 66.38 -31.31
N ALA G 344 -37.32 65.42 -30.62
CA ALA G 344 -37.37 65.43 -29.16
C ALA G 344 -35.95 65.55 -28.61
N VAL G 345 -35.00 64.94 -29.31
CA VAL G 345 -33.59 64.99 -28.92
C VAL G 345 -33.01 66.37 -29.20
N LYS G 346 -33.49 67.01 -30.27
CA LYS G 346 -33.04 68.36 -30.61
C LYS G 346 -33.53 69.29 -29.50
N ALA G 347 -34.78 69.11 -29.10
CA ALA G 347 -35.39 69.90 -28.04
C ALA G 347 -34.53 69.83 -26.78
N ARG G 348 -34.49 68.64 -26.18
CA ARG G 348 -33.69 68.44 -24.98
C ARG G 348 -32.35 69.16 -25.09
N ARG G 349 -31.84 69.21 -26.32
CA ARG G 349 -30.55 69.83 -26.61
C ARG G 349 -30.63 71.35 -26.73
N GLY G 350 -30.69 71.84 -27.95
CA GLY G 350 -30.75 73.27 -28.19
C GLY G 350 -31.64 74.03 -27.23
N ASN H 2 -7.01 34.84 -32.89
CA ASN H 2 -7.60 36.11 -32.49
C ASN H 2 -8.72 36.53 -33.43
N TYR H 3 -9.86 36.90 -32.85
CA TYR H 3 -11.00 37.33 -33.66
C TYR H 3 -11.37 38.78 -33.37
N GLN H 4 -11.71 39.52 -34.42
CA GLN H 4 -12.09 40.90 -34.26
C GLN H 4 -13.20 41.08 -33.21
N ASN H 5 -13.10 42.14 -32.40
CA ASN H 5 -14.10 42.47 -31.38
C ASN H 5 -14.59 41.30 -30.55
N ASP H 6 -13.67 40.38 -30.25
CA ASP H 6 -14.03 39.18 -29.53
C ASP H 6 -13.38 39.08 -28.16
N ASP H 7 -14.08 38.46 -27.22
CA ASP H 7 -13.59 38.27 -25.87
C ASP H 7 -12.96 39.49 -25.20
N LEU H 8 -13.45 40.68 -25.54
CA LEU H 8 -12.90 41.90 -24.98
C LEU H 8 -12.98 41.99 -23.46
N ARG H 9 -13.99 41.37 -22.85
CA ARG H 9 -14.09 41.41 -21.40
C ARG H 9 -13.85 40.06 -20.76
N ILE H 10 -12.96 39.26 -21.34
CA ILE H 10 -12.65 37.92 -20.80
C ILE H 10 -11.24 37.86 -20.22
N LYS H 11 -11.15 37.68 -18.91
CA LYS H 11 -9.83 37.60 -18.27
C LYS H 11 -9.13 36.34 -18.73
N GLU H 12 -9.87 35.24 -18.78
CA GLU H 12 -9.28 33.99 -19.15
C GLU H 12 -10.37 32.94 -19.29
N ILE H 13 -10.08 31.93 -20.13
CA ILE H 13 -11.00 30.83 -20.39
C ILE H 13 -10.15 29.59 -20.64
N LYS H 14 -10.41 28.52 -19.91
CA LYS H 14 -9.64 27.30 -20.07
C LYS H 14 -10.53 26.07 -20.18
N GLU H 15 -10.02 25.03 -20.84
CA GLU H 15 -10.76 23.78 -21.02
C GLU H 15 -11.13 23.19 -19.67
N LEU H 16 -12.30 22.57 -19.63
CA LEU H 16 -12.81 21.93 -18.43
C LEU H 16 -12.82 20.44 -18.73
N LEU H 17 -12.30 19.60 -17.82
CA LEU H 17 -12.33 18.16 -18.04
C LEU H 17 -13.66 17.78 -18.69
N PRO H 18 -13.63 16.97 -19.75
CA PRO H 18 -14.91 16.60 -20.37
C PRO H 18 -15.70 15.67 -19.43
N PRO H 19 -17.04 15.75 -19.45
CA PRO H 19 -17.86 14.90 -18.58
C PRO H 19 -17.36 13.47 -18.56
N VAL H 20 -17.09 12.91 -19.74
CA VAL H 20 -16.61 11.53 -19.83
C VAL H 20 -15.40 11.25 -18.92
N ALA H 21 -14.54 12.23 -18.73
CA ALA H 21 -13.37 12.05 -17.87
C ALA H 21 -13.83 11.78 -16.44
N LEU H 22 -14.80 12.57 -15.98
CA LEU H 22 -15.35 12.39 -14.63
C LEU H 22 -16.10 11.06 -14.50
N LEU H 23 -16.92 10.76 -15.49
CA LEU H 23 -17.69 9.50 -15.48
C LEU H 23 -16.77 8.29 -15.54
N GLU H 24 -15.64 8.40 -16.25
CA GLU H 24 -14.71 7.28 -16.35
C GLU H 24 -13.94 7.07 -15.06
N LYS H 25 -13.53 8.17 -14.42
CA LYS H 25 -12.79 8.09 -13.17
C LYS H 25 -13.65 7.69 -11.97
N PHE H 26 -14.90 8.19 -11.95
CA PHE H 26 -15.83 7.92 -10.86
C PHE H 26 -17.14 7.39 -11.39
N PRO H 27 -17.13 6.13 -11.88
CA PRO H 27 -18.35 5.54 -12.41
C PRO H 27 -19.25 5.15 -11.24
N ALA H 28 -20.55 5.10 -11.49
CA ALA H 28 -21.51 4.74 -10.46
C ALA H 28 -21.36 3.26 -10.11
N THR H 29 -21.14 2.98 -8.82
CA THR H 29 -21.03 1.59 -8.35
C THR H 29 -22.41 0.96 -8.50
N GLU H 30 -22.54 -0.34 -8.24
CA GLU H 30 -23.87 -0.95 -8.38
C GLU H 30 -24.83 -0.38 -7.34
N ASN H 31 -24.33 -0.19 -6.11
CA ASN H 31 -25.15 0.37 -5.06
C ASN H 31 -25.61 1.76 -5.46
N ALA H 32 -24.64 2.64 -5.67
CA ALA H 32 -24.91 4.01 -6.07
C ALA H 32 -25.97 4.04 -7.17
N ALA H 33 -25.78 3.24 -8.21
CA ALA H 33 -26.75 3.21 -9.31
C ALA H 33 -28.14 2.83 -8.80
N ASN H 34 -28.20 1.85 -7.90
CA ASN H 34 -29.49 1.41 -7.34
C ASN H 34 -30.11 2.53 -6.51
N THR H 35 -29.32 3.05 -5.56
CA THR H 35 -29.77 4.12 -4.71
C THR H 35 -30.49 5.16 -5.56
N VAL H 36 -29.82 5.61 -6.62
CA VAL H 36 -30.37 6.61 -7.52
C VAL H 36 -31.64 6.18 -8.23
N ALA H 37 -31.63 5.00 -8.84
CA ALA H 37 -32.81 4.53 -9.58
C ALA H 37 -34.00 4.34 -8.65
N HIS H 38 -33.74 3.79 -7.47
CA HIS H 38 -34.77 3.53 -6.47
C HIS H 38 -35.38 4.81 -5.90
N ALA H 39 -34.52 5.71 -5.42
CA ALA H 39 -34.98 6.98 -4.87
C ALA H 39 -35.79 7.78 -5.90
N ARG H 40 -35.40 7.71 -7.17
CA ARG H 40 -36.15 8.43 -8.19
C ARG H 40 -37.52 7.79 -8.34
N LYS H 41 -37.55 6.46 -8.42
CA LYS H 41 -38.81 5.73 -8.57
C LYS H 41 -39.75 6.05 -7.40
N ALA H 42 -39.18 6.09 -6.19
CA ALA H 42 -39.93 6.38 -4.98
C ALA H 42 -40.58 7.76 -5.03
N ILE H 43 -39.78 8.78 -5.33
CA ILE H 43 -40.28 10.13 -5.42
C ILE H 43 -41.35 10.21 -6.52
N HIS H 44 -41.23 9.33 -7.50
CA HIS H 44 -42.20 9.33 -8.59
C HIS H 44 -43.59 8.92 -8.10
N LYS H 45 -43.61 7.93 -7.20
CA LYS H 45 -44.87 7.45 -6.64
C LYS H 45 -45.48 8.50 -5.73
N ILE H 46 -44.67 9.06 -4.82
CA ILE H 46 -45.16 10.10 -3.92
C ILE H 46 -45.82 11.21 -4.74
N LEU H 47 -45.20 11.58 -5.86
CA LEU H 47 -45.74 12.64 -6.71
C LEU H 47 -47.03 12.27 -7.42
N LYS H 48 -47.44 11.01 -7.31
CA LYS H 48 -48.68 10.59 -7.93
C LYS H 48 -49.61 9.91 -6.93
N GLY H 49 -49.45 10.28 -5.66
CA GLY H 49 -50.27 9.73 -4.60
C GLY H 49 -50.25 8.22 -4.39
N ASN H 50 -49.40 7.54 -5.14
CA ASN H 50 -49.30 6.08 -5.05
C ASN H 50 -48.47 5.72 -3.84
N ASP H 51 -48.23 6.70 -2.98
CA ASP H 51 -47.46 6.48 -1.77
C ASP H 51 -47.75 7.62 -0.82
N ASP H 52 -48.04 7.28 0.43
CA ASP H 52 -48.39 8.26 1.46
C ASP H 52 -47.22 8.77 2.28
N ARG H 53 -46.00 8.62 1.77
CA ARG H 53 -44.85 9.11 2.53
C ARG H 53 -44.47 10.54 2.15
N LEU H 54 -43.60 11.12 2.96
CA LEU H 54 -43.13 12.49 2.78
C LEU H 54 -41.68 12.57 2.30
N LEU H 55 -41.45 13.29 1.20
CA LEU H 55 -40.10 13.47 0.68
C LEU H 55 -39.41 14.51 1.55
N VAL H 56 -38.21 14.21 2.03
CA VAL H 56 -37.52 15.15 2.88
C VAL H 56 -36.10 15.45 2.42
N VAL H 57 -35.93 16.58 1.74
CA VAL H 57 -34.61 17.00 1.26
C VAL H 57 -33.96 17.79 2.39
N ILE H 58 -33.15 17.11 3.19
CA ILE H 58 -32.50 17.75 4.31
C ILE H 58 -30.98 17.61 4.27
N GLY H 59 -30.28 18.71 4.57
CA GLY H 59 -28.83 18.68 4.55
C GLY H 59 -28.26 20.08 4.55
N PRO H 60 -26.93 20.21 4.65
CA PRO H 60 -26.25 21.52 4.68
C PRO H 60 -26.72 22.50 3.60
N CYS H 61 -26.64 23.78 3.93
CA CYS H 61 -27.04 24.83 3.00
C CYS H 61 -26.18 24.64 1.76
N SER H 62 -24.88 24.45 1.99
CA SER H 62 -23.90 24.24 0.95
C SER H 62 -22.81 23.36 1.54
N ILE H 63 -22.15 22.57 0.71
CA ILE H 63 -21.09 21.70 1.18
C ILE H 63 -19.71 22.28 0.85
N HIS H 64 -18.85 22.34 1.87
CA HIS H 64 -17.50 22.89 1.72
C HIS H 64 -16.44 21.94 2.25
N ASP H 65 -16.86 20.84 2.86
CA ASP H 65 -15.92 19.86 3.38
C ASP H 65 -16.47 18.46 3.28
N PRO H 66 -15.92 17.66 2.37
CA PRO H 66 -16.34 16.28 2.14
C PRO H 66 -16.35 15.47 3.43
N VAL H 67 -15.33 15.66 4.28
CA VAL H 67 -15.22 14.91 5.53
C VAL H 67 -16.46 15.04 6.42
N ALA H 68 -16.84 16.28 6.73
CA ALA H 68 -18.01 16.56 7.54
C ALA H 68 -19.27 16.08 6.82
N ALA H 69 -19.31 16.34 5.51
CA ALA H 69 -20.44 15.97 4.68
C ALA H 69 -20.69 14.46 4.69
N LYS H 70 -19.61 13.69 4.76
CA LYS H 70 -19.71 12.23 4.76
C LYS H 70 -20.12 11.74 6.14
N GLU H 71 -19.70 12.47 7.17
CA GLU H 71 -20.06 12.09 8.54
C GLU H 71 -21.54 12.40 8.70
N TYR H 72 -21.92 13.57 8.21
CA TYR H 72 -23.31 14.00 8.28
C TYR H 72 -24.15 12.95 7.57
N ALA H 73 -23.70 12.55 6.37
CA ALA H 73 -24.42 11.55 5.57
C ALA H 73 -24.58 10.23 6.33
N THR H 74 -23.57 9.84 7.11
CA THR H 74 -23.62 8.61 7.90
C THR H 74 -24.79 8.67 8.86
N ARG H 75 -24.89 9.79 9.58
CA ARG H 75 -25.96 10.00 10.54
C ARG H 75 -27.34 10.03 9.88
N LEU H 76 -27.50 10.89 8.87
CA LEU H 76 -28.77 11.00 8.16
C LEU H 76 -29.21 9.66 7.59
N LEU H 77 -28.24 8.83 7.19
CA LEU H 77 -28.53 7.53 6.62
C LEU H 77 -29.19 6.61 7.64
N ALA H 78 -28.77 6.72 8.90
CA ALA H 78 -29.34 5.92 9.96
C ALA H 78 -30.82 6.25 10.12
N LEU H 79 -31.12 7.53 10.28
CA LEU H 79 -32.49 8.00 10.43
C LEU H 79 -33.27 7.62 9.19
N ARG H 80 -32.62 7.70 8.04
CA ARG H 80 -33.28 7.33 6.78
C ARG H 80 -33.83 5.91 6.84
N GLU H 81 -33.03 5.00 7.41
CA GLU H 81 -33.44 3.61 7.55
C GLU H 81 -34.53 3.44 8.59
N GLU H 82 -34.38 4.17 9.68
CA GLU H 82 -35.35 4.13 10.76
C GLU H 82 -36.73 4.60 10.32
N LEU H 83 -36.84 5.90 10.03
CA LEU H 83 -38.10 6.50 9.62
C LEU H 83 -38.48 6.21 8.18
N LYS H 84 -37.87 5.18 7.60
CA LYS H 84 -38.12 4.84 6.19
C LYS H 84 -39.55 4.55 5.79
N ASP H 85 -40.44 4.34 6.76
CA ASP H 85 -41.83 4.04 6.44
C ASP H 85 -42.70 5.27 6.27
N GLU H 86 -42.35 6.34 6.98
CA GLU H 86 -43.10 7.58 6.90
C GLU H 86 -42.39 8.57 6.00
N LEU H 87 -41.07 8.48 5.96
CA LEU H 87 -40.30 9.40 5.16
C LEU H 87 -39.44 8.77 4.08
N GLU H 88 -39.01 9.61 3.15
CA GLU H 88 -38.12 9.23 2.06
C GLU H 88 -37.05 10.29 2.18
N ILE H 89 -36.10 10.06 3.08
CA ILE H 89 -35.02 11.00 3.31
C ILE H 89 -33.99 11.03 2.19
N VAL H 90 -33.66 12.26 1.77
CA VAL H 90 -32.70 12.51 0.71
C VAL H 90 -31.79 13.63 1.17
N ARG H 92 -29.42 16.85 1.12
CA ARG H 92 -29.28 18.07 0.35
C ARG H 92 -27.78 18.29 0.09
N VAL H 93 -27.34 17.94 -1.11
CA VAL H 93 -25.94 18.12 -1.47
C VAL H 93 -25.85 19.27 -2.46
N TYR H 94 -25.68 20.48 -1.94
CA TYR H 94 -25.55 21.68 -2.78
C TYR H 94 -24.12 22.14 -2.61
N PHE H 95 -23.51 22.59 -3.70
CA PHE H 95 -22.11 23.02 -3.66
C PHE H 95 -21.88 24.52 -3.69
N GLU H 96 -22.92 25.27 -4.03
CA GLU H 96 -22.80 26.71 -4.09
C GLU H 96 -24.13 27.43 -3.94
N LYS H 97 -24.05 28.64 -3.39
CA LYS H 97 -25.22 29.48 -3.21
C LYS H 97 -25.03 30.74 -4.04
N PRO H 98 -25.98 31.04 -4.93
CA PRO H 98 -25.90 32.23 -5.79
C PRO H 98 -25.81 33.54 -4.98
N ARG H 99 -24.78 34.34 -5.25
CA ARG H 99 -24.59 35.60 -4.54
C ARG H 99 -24.43 36.73 -5.55
N THR H 100 -24.75 37.96 -5.16
N THR H 100 -24.76 37.95 -5.12
CA THR H 100 -24.66 39.08 -6.11
CA THR H 100 -24.66 39.14 -5.94
C THR H 100 -23.27 39.34 -6.71
C THR H 100 -23.26 39.75 -5.82
N THR H 101 -22.21 39.27 -5.89
N THR H 101 -22.93 40.17 -4.61
CA THR H 101 -20.87 39.53 -6.38
CA THR H 101 -21.64 40.79 -4.30
C THR H 101 -19.77 38.80 -5.61
C THR H 101 -20.46 39.82 -4.53
N VAL H 102 -19.50 39.24 -4.39
N VAL H 102 -19.71 39.57 -3.46
CA VAL H 102 -18.46 38.64 -3.55
CA VAL H 102 -18.56 38.66 -3.51
C VAL H 102 -18.96 37.42 -2.77
C VAL H 102 -18.98 37.41 -2.72
N GLY H 103 -18.01 36.59 -2.36
CA GLY H 103 -18.32 35.39 -1.60
C GLY H 103 -17.74 34.14 -2.25
N TRP H 104 -17.51 33.12 -1.43
CA TRP H 104 -16.99 31.84 -1.90
C TRP H 104 -17.89 31.34 -3.04
N LYS H 105 -17.28 30.90 -4.13
CA LYS H 105 -18.06 30.42 -5.27
C LYS H 105 -18.50 28.96 -5.22
N GLY H 106 -18.30 28.29 -4.08
CA GLY H 106 -18.72 26.91 -3.96
C GLY H 106 -17.63 25.86 -4.07
N LEU H 107 -17.97 24.62 -3.71
CA LEU H 107 -17.04 23.51 -3.74
C LEU H 107 -16.49 23.24 -5.15
N ILE H 108 -17.37 23.33 -6.15
CA ILE H 108 -16.99 23.09 -7.53
C ILE H 108 -16.10 24.20 -8.07
N ASN H 109 -16.62 25.43 -8.10
CA ASN H 109 -15.86 26.58 -8.60
C ASN H 109 -14.58 26.95 -7.87
N ASP H 110 -14.50 26.62 -6.59
CA ASP H 110 -13.32 26.95 -5.79
C ASP H 110 -13.24 25.99 -4.61
N PRO H 111 -12.88 24.73 -4.86
CA PRO H 111 -12.77 23.67 -3.87
C PRO H 111 -11.93 24.03 -2.65
N HIS H 112 -10.88 24.80 -2.89
CA HIS H 112 -9.96 25.16 -1.82
C HIS H 112 -10.28 26.43 -1.03
N ASP H 114 -9.85 29.30 -1.41
CA ASP H 114 -8.74 30.25 -1.38
C ASP H 114 -8.65 31.01 -2.69
N ASN H 115 -9.75 31.04 -3.44
CA ASN H 115 -9.79 31.73 -4.72
C ASN H 115 -8.82 31.18 -5.77
N SER H 116 -8.37 29.94 -5.57
CA SER H 116 -7.47 29.30 -6.51
C SER H 116 -8.30 28.87 -7.73
N PHE H 117 -9.59 28.69 -7.50
CA PHE H 117 -10.54 28.31 -8.55
C PHE H 117 -10.15 27.04 -9.32
N GLN H 118 -9.81 26.00 -8.58
CA GLN H 118 -9.44 24.72 -9.16
C GLN H 118 -10.73 23.98 -9.49
N ILE H 119 -11.47 24.47 -10.48
CA ILE H 119 -12.75 23.83 -10.84
C ILE H 119 -12.67 22.37 -11.26
N ASN H 120 -11.58 21.96 -11.90
CA ASN H 120 -11.47 20.57 -12.29
C ASN H 120 -11.37 19.72 -11.02
N ASP H 121 -10.72 20.26 -10.01
CA ASP H 121 -10.62 19.56 -8.73
C ASP H 121 -12.03 19.55 -8.15
N GLY H 122 -12.71 20.67 -8.34
CA GLY H 122 -14.07 20.82 -7.87
C GLY H 122 -14.89 19.66 -8.36
N LEU H 123 -14.97 19.51 -9.67
CA LEU H 123 -15.74 18.41 -10.26
C LEU H 123 -15.31 17.05 -9.72
N ARG H 124 -14.01 16.84 -9.55
CA ARG H 124 -13.56 15.57 -9.03
C ARG H 124 -14.06 15.36 -7.61
N ILE H 125 -13.85 16.36 -6.75
CA ILE H 125 -14.28 16.27 -5.36
C ILE H 125 -15.79 16.15 -5.24
N ALA H 126 -16.50 17.02 -5.95
CA ALA H 126 -17.96 17.00 -5.94
C ALA H 126 -18.51 15.65 -6.41
N ARG H 127 -18.08 15.18 -7.58
CA ARG H 127 -18.59 13.90 -8.07
C ARG H 127 -18.20 12.72 -7.18
N LYS H 128 -17.00 12.72 -6.62
CA LYS H 128 -16.61 11.61 -5.77
C LYS H 128 -17.50 11.59 -4.52
N LEU H 129 -17.76 12.76 -3.96
CA LEU H 129 -18.60 12.89 -2.78
C LEU H 129 -19.98 12.32 -3.07
N LEU H 130 -20.64 12.82 -4.11
CA LEU H 130 -21.95 12.30 -4.47
C LEU H 130 -21.86 10.79 -4.63
N LEU H 131 -20.85 10.33 -5.35
CA LEU H 131 -20.68 8.90 -5.55
C LEU H 131 -20.66 8.14 -4.23
N ASP H 132 -19.75 8.52 -3.32
CA ASP H 132 -19.66 7.85 -2.03
C ASP H 132 -21.01 7.84 -1.32
N ILE H 133 -21.63 9.02 -1.22
CA ILE H 133 -22.91 9.16 -0.54
C ILE H 133 -23.89 8.15 -1.11
N ASN H 134 -24.11 8.20 -2.41
CA ASN H 134 -25.03 7.29 -3.05
C ASN H 134 -24.65 5.83 -2.79
N ASP H 135 -23.36 5.53 -2.92
CA ASP H 135 -22.88 4.16 -2.71
C ASP H 135 -23.22 3.61 -1.34
N SER H 136 -23.33 4.50 -0.34
CA SER H 136 -23.66 4.07 1.01
C SER H 136 -25.16 3.80 1.11
N GLY H 137 -25.91 4.24 0.10
CA GLY H 137 -27.34 4.00 0.11
C GLY H 137 -28.18 5.24 0.38
N LEU H 138 -27.53 6.38 0.60
CA LEU H 138 -28.24 7.64 0.88
C LEU H 138 -28.41 8.49 -0.38
N PRO H 139 -29.65 8.60 -0.91
CA PRO H 139 -29.93 9.38 -2.12
C PRO H 139 -29.48 10.82 -1.92
N ALA H 140 -29.19 11.51 -3.02
CA ALA H 140 -28.75 12.90 -2.91
C ALA H 140 -29.62 13.81 -3.76
N ALA H 141 -29.79 15.04 -3.28
CA ALA H 141 -30.58 16.03 -3.98
C ALA H 141 -29.66 17.20 -4.24
N GLY H 142 -29.75 17.77 -5.44
CA GLY H 142 -28.91 18.90 -5.78
C GLY H 142 -29.65 19.96 -6.55
N GLU H 143 -28.98 21.08 -6.78
CA GLU H 143 -29.55 22.19 -7.51
C GLU H 143 -28.76 22.34 -8.80
N PHE H 144 -29.42 22.81 -9.85
CA PHE H 144 -28.69 22.99 -11.09
C PHE H 144 -28.75 24.45 -11.45
N LEU H 145 -27.59 25.11 -11.45
CA LEU H 145 -27.53 26.52 -11.77
C LEU H 145 -27.27 26.82 -13.23
N ASP H 146 -26.76 25.85 -13.97
CA ASP H 146 -26.48 26.05 -15.40
C ASP H 146 -26.82 24.83 -16.22
N ILE H 148 -24.67 23.08 -18.10
CA ILE H 148 -23.50 22.24 -18.34
C ILE H 148 -23.14 21.33 -17.17
N THR H 149 -23.29 21.84 -15.96
CA THR H 149 -22.97 21.04 -14.80
C THR H 149 -23.69 19.70 -14.74
N PRO H 150 -24.97 19.67 -15.16
CA PRO H 150 -25.73 18.40 -15.13
C PRO H 150 -24.97 17.23 -15.76
N GLN H 151 -24.38 17.44 -16.94
CA GLN H 151 -23.63 16.39 -17.61
C GLN H 151 -22.61 15.69 -16.71
N TYR H 152 -22.05 16.42 -15.73
CA TYR H 152 -21.06 15.84 -14.83
C TYR H 152 -21.62 15.18 -13.58
N LEU H 153 -22.83 15.54 -13.16
CA LEU H 153 -23.37 14.96 -11.91
C LEU H 153 -24.83 14.46 -11.88
N ALA H 154 -25.64 14.86 -12.85
CA ALA H 154 -27.05 14.46 -12.91
C ALA H 154 -27.33 12.97 -12.65
N ASP H 155 -26.43 12.10 -13.13
CA ASP H 155 -26.61 10.67 -12.94
C ASP H 155 -26.52 10.25 -11.47
N LEU H 156 -26.08 11.15 -10.61
CA LEU H 156 -25.99 10.84 -9.18
C LEU H 156 -27.02 11.63 -8.36
N SER H 158 -30.90 12.21 -7.32
CA SER H 158 -32.16 11.47 -7.25
C SER H 158 -33.32 12.49 -7.29
N TRP H 159 -32.97 13.75 -7.08
CA TRP H 159 -33.94 14.86 -7.08
C TRP H 159 -33.17 16.17 -7.27
N GLY H 160 -33.73 17.07 -8.08
CA GLY H 160 -33.05 18.35 -8.32
C GLY H 160 -33.95 19.55 -8.19
N ALA H 161 -33.35 20.72 -7.94
CA ALA H 161 -34.10 21.96 -7.75
C ALA H 161 -33.67 23.15 -8.61
N ILE H 162 -34.65 23.86 -9.17
CA ILE H 162 -34.37 25.06 -9.96
C ILE H 162 -34.71 26.23 -9.03
N GLY H 163 -33.66 26.89 -8.53
CA GLY H 163 -33.82 28.00 -7.61
C GLY H 163 -34.79 29.12 -7.98
N ALA H 164 -35.17 29.88 -6.97
CA ALA H 164 -36.11 30.99 -7.15
C ALA H 164 -35.66 32.00 -8.20
N ARG H 165 -34.37 32.35 -8.17
N ARG H 165 -34.37 32.35 -8.17
CA ARG H 165 -33.82 33.31 -9.11
CA ARG H 165 -33.81 33.31 -9.13
C ARG H 165 -33.79 32.83 -10.57
C ARG H 165 -33.85 32.83 -10.58
N THR H 166 -34.05 31.53 -10.79
CA THR H 166 -34.06 30.98 -12.15
C THR H 166 -35.33 30.27 -12.59
N THR H 167 -36.30 30.11 -11.68
CA THR H 167 -37.55 29.43 -11.99
C THR H 167 -38.26 29.99 -13.22
N GLU H 168 -38.11 31.29 -13.44
CA GLU H 168 -38.75 31.94 -14.57
C GLU H 168 -37.88 31.94 -15.83
N SER H 169 -36.64 31.49 -15.70
CA SER H 169 -35.71 31.43 -16.84
C SER H 169 -36.10 30.32 -17.81
N GLN H 170 -36.41 30.66 -19.05
CA GLN H 170 -36.81 29.63 -20.00
C GLN H 170 -35.78 28.53 -20.17
N VAL H 171 -34.50 28.90 -20.26
CA VAL H 171 -33.44 27.91 -20.43
C VAL H 171 -33.42 26.90 -19.29
N HIS H 172 -33.62 27.36 -18.05
CA HIS H 172 -33.60 26.42 -16.95
C HIS H 172 -34.83 25.55 -16.96
N ARG H 173 -35.92 26.06 -17.52
CA ARG H 173 -37.14 25.27 -17.62
C ARG H 173 -36.86 24.16 -18.63
N GLU H 174 -36.35 24.55 -19.81
CA GLU H 174 -35.99 23.61 -20.86
C GLU H 174 -35.04 22.56 -20.27
N LEU H 175 -34.01 23.01 -19.56
CA LEU H 175 -33.06 22.09 -18.92
C LEU H 175 -33.80 21.09 -18.02
N ALA H 176 -34.75 21.58 -17.22
CA ALA H 176 -35.51 20.72 -16.31
C ALA H 176 -36.32 19.68 -17.07
N SER H 177 -36.77 20.04 -18.27
CA SER H 177 -37.58 19.13 -19.08
C SER H 177 -36.73 17.98 -19.61
N GLY H 178 -35.44 18.04 -19.35
CA GLY H 178 -34.55 17.00 -19.82
C GLY H 178 -33.77 16.27 -18.73
N LEU H 179 -33.91 16.74 -17.50
CA LEU H 179 -33.22 16.08 -16.41
C LEU H 179 -33.86 14.71 -16.18
N SER H 180 -33.05 13.72 -15.81
CA SER H 180 -33.53 12.36 -15.59
C SER H 180 -34.10 12.16 -14.18
N CYS H 181 -34.30 13.24 -13.44
CA CYS H 181 -34.81 13.13 -12.08
C CYS H 181 -35.94 14.12 -11.82
N PRO H 182 -36.69 13.92 -10.74
CA PRO H 182 -37.79 14.84 -10.41
C PRO H 182 -37.18 16.21 -10.14
N VAL H 183 -37.85 17.25 -10.61
CA VAL H 183 -37.35 18.60 -10.41
C VAL H 183 -38.33 19.43 -9.59
N GLY H 184 -37.79 20.26 -8.71
CA GLY H 184 -38.62 21.12 -7.89
C GLY H 184 -38.34 22.59 -8.17
N PHE H 185 -39.34 23.33 -8.62
CA PHE H 185 -39.17 24.76 -8.90
C PHE H 185 -39.59 25.59 -7.68
N LYS H 186 -38.76 26.53 -7.28
CA LYS H 186 -39.08 27.38 -6.16
C LYS H 186 -39.92 28.57 -6.61
N ASN H 187 -40.72 29.11 -5.71
CA ASN H 187 -41.55 30.26 -6.07
C ASN H 187 -40.63 31.48 -6.13
N GLY H 188 -41.04 32.50 -6.86
CA GLY H 188 -40.24 33.72 -6.99
C GLY H 188 -39.72 34.28 -5.68
N THR H 189 -38.71 35.16 -5.79
CA THR H 189 -38.09 35.77 -4.61
C THR H 189 -39.08 36.52 -3.73
N ASP H 190 -39.94 37.32 -4.35
CA ASP H 190 -40.94 38.11 -3.63
C ASP H 190 -42.12 37.26 -3.17
N GLY H 191 -42.16 35.99 -3.57
CA GLY H 191 -43.24 35.12 -3.17
C GLY H 191 -44.15 34.69 -4.30
N THR H 192 -43.96 35.27 -5.49
CA THR H 192 -44.76 34.93 -6.66
C THR H 192 -44.87 33.42 -6.88
N ILE H 193 -46.09 32.94 -7.07
CA ILE H 193 -46.34 31.52 -7.29
C ILE H 193 -46.46 31.18 -8.78
N LYS H 194 -47.08 32.08 -9.54
CA LYS H 194 -47.30 31.92 -10.98
C LYS H 194 -46.08 31.38 -11.74
N VAL H 195 -44.92 32.00 -11.52
CA VAL H 195 -43.67 31.63 -12.17
C VAL H 195 -43.32 30.15 -12.02
N ALA H 196 -43.47 29.63 -10.80
CA ALA H 196 -43.16 28.23 -10.55
C ALA H 196 -44.21 27.31 -11.16
N ILE H 197 -45.43 27.81 -11.30
CA ILE H 197 -46.52 27.03 -11.88
C ILE H 197 -46.30 26.91 -13.38
N ASP H 198 -46.01 28.03 -14.03
CA ASP H 198 -45.76 28.03 -15.47
C ASP H 198 -44.57 27.13 -15.76
N ALA H 199 -43.56 27.21 -14.90
CA ALA H 199 -42.36 26.41 -15.03
C ALA H 199 -42.73 24.94 -15.08
N ILE H 200 -43.48 24.49 -14.08
CA ILE H 200 -43.89 23.11 -14.01
C ILE H 200 -44.56 22.65 -15.31
N ASN H 201 -45.38 23.52 -15.89
CA ASN H 201 -46.06 23.17 -17.15
C ASN H 201 -45.04 23.11 -18.28
N ALA H 202 -44.20 24.13 -18.38
CA ALA H 202 -43.18 24.16 -19.42
C ALA H 202 -42.26 22.94 -19.33
N ALA H 203 -41.80 22.61 -18.11
CA ALA H 203 -40.91 21.47 -17.91
C ALA H 203 -41.55 20.19 -18.43
N GLY H 204 -42.87 20.18 -18.52
CA GLY H 204 -43.56 19.00 -18.99
C GLY H 204 -43.46 18.76 -20.48
N ALA H 205 -43.24 19.83 -21.24
CA ALA H 205 -43.15 19.74 -22.69
C ALA H 205 -41.73 19.45 -23.17
N PRO H 206 -41.57 19.08 -24.45
CA PRO H 206 -40.25 18.79 -25.04
C PRO H 206 -39.60 20.12 -25.38
N HIS H 207 -38.27 20.19 -25.26
CA HIS H 207 -37.57 21.44 -25.56
C HIS H 207 -36.18 21.23 -26.15
N CYS H 208 -35.59 22.32 -26.62
CA CYS H 208 -34.24 22.31 -27.19
C CYS H 208 -33.41 23.29 -26.35
N PHE H 209 -32.19 22.90 -25.99
CA PHE H 209 -31.33 23.82 -25.28
C PHE H 209 -29.88 23.44 -25.56
N LEU H 210 -28.98 24.41 -25.59
CA LEU H 210 -27.58 24.12 -25.87
C LEU H 210 -26.82 23.72 -24.61
N SER H 211 -25.84 22.84 -24.77
CA SER H 211 -25.02 22.35 -23.68
C SER H 211 -23.85 21.60 -24.31
N VAL H 212 -23.34 20.57 -23.66
CA VAL H 212 -22.23 19.83 -24.25
C VAL H 212 -22.45 18.31 -24.16
N THR H 213 -22.00 17.60 -25.18
CA THR H 213 -22.12 16.15 -25.20
C THR H 213 -21.29 15.62 -24.06
N LYS H 214 -21.38 14.33 -23.80
CA LYS H 214 -20.59 13.72 -22.73
C LYS H 214 -19.11 13.82 -23.07
N TRP H 215 -18.82 14.03 -24.35
CA TRP H 215 -17.43 14.15 -24.78
C TRP H 215 -16.98 15.60 -24.60
N GLY H 216 -17.89 16.43 -24.10
CA GLY H 216 -17.58 17.81 -23.83
C GLY H 216 -17.64 18.75 -25.01
N HIS H 217 -18.44 18.44 -26.02
CA HIS H 217 -18.50 19.34 -27.17
C HIS H 217 -19.81 20.08 -27.24
N SER H 218 -19.73 21.35 -27.63
CA SER H 218 -20.91 22.17 -27.75
C SER H 218 -21.94 21.33 -28.51
N ALA H 219 -23.14 21.21 -27.95
CA ALA H 219 -24.18 20.38 -28.53
C ALA H 219 -25.59 20.90 -28.30
N ILE H 220 -26.52 20.46 -29.13
CA ILE H 220 -27.91 20.85 -28.95
C ILE H 220 -28.63 19.64 -28.36
N VAL H 221 -29.38 19.88 -27.28
CA VAL H 221 -30.12 18.83 -26.61
C VAL H 221 -31.62 18.93 -26.83
N ASN H 222 -32.23 17.83 -27.25
CA ASN H 222 -33.68 17.75 -27.49
C ASN H 222 -34.27 16.89 -26.38
N THR H 223 -35.01 17.52 -25.46
CA THR H 223 -35.60 16.80 -24.34
C THR H 223 -36.94 16.20 -24.72
N SER H 224 -37.40 15.28 -23.88
CA SER H 224 -38.67 14.59 -24.07
C SER H 224 -39.79 15.27 -23.29
N GLY H 225 -39.45 15.84 -22.14
CA GLY H 225 -40.45 16.49 -21.31
C GLY H 225 -40.40 15.79 -19.97
N ASN H 226 -40.54 16.56 -18.90
CA ASN H 226 -40.48 15.97 -17.56
C ASN H 226 -41.82 16.19 -16.86
N GLY H 227 -42.38 15.11 -16.34
CA GLY H 227 -43.66 15.17 -15.66
C GLY H 227 -43.54 15.04 -14.16
N ASP H 228 -42.31 14.90 -13.66
CA ASP H 228 -42.09 14.77 -12.23
C ASP H 228 -41.60 16.08 -11.63
N CYS H 229 -42.26 17.17 -12.02
CA CYS H 229 -41.91 18.49 -11.52
C CYS H 229 -42.99 18.94 -10.54
N HIS H 230 -42.58 19.66 -9.50
CA HIS H 230 -43.51 20.16 -8.51
C HIS H 230 -43.04 21.52 -8.02
N ILE H 231 -43.85 22.20 -7.22
CA ILE H 231 -43.47 23.50 -6.71
C ILE H 231 -42.80 23.38 -5.34
N ILE H 232 -42.06 24.40 -4.96
CA ILE H 232 -41.38 24.42 -3.67
C ILE H 232 -41.64 25.79 -3.07
N LEU H 233 -42.37 25.82 -1.95
CA LEU H 233 -42.69 27.07 -1.28
C LEU H 233 -41.54 27.39 -0.32
N ARG H 234 -40.88 28.52 -0.56
CA ARG H 234 -39.77 28.96 0.24
C ARG H 234 -40.00 30.37 0.75
N GLY H 235 -41.25 30.81 0.68
CA GLY H 235 -41.60 32.13 1.14
C GLY H 235 -41.22 33.26 0.20
N GLY H 236 -41.74 34.44 0.49
CA GLY H 236 -41.46 35.63 -0.30
C GLY H 236 -41.04 36.70 0.69
N LYS H 237 -41.77 37.81 0.73
CA LYS H 237 -41.46 38.88 1.67
C LYS H 237 -41.92 38.43 3.05
N GLU H 238 -42.74 37.37 3.05
CA GLU H 238 -43.27 36.76 4.26
C GLU H 238 -43.61 35.31 3.96
N PRO H 239 -43.36 34.41 4.92
CA PRO H 239 -43.61 32.96 4.80
C PRO H 239 -44.78 32.49 3.94
N ASN H 240 -44.62 31.30 3.37
CA ASN H 240 -45.60 30.64 2.50
C ASN H 240 -46.15 29.37 3.11
N TYR H 241 -45.59 28.95 4.24
CA TYR H 241 -46.02 27.69 4.85
C TYR H 241 -47.38 27.66 5.52
N SER H 242 -47.93 28.83 5.84
CA SER H 242 -49.23 28.93 6.49
C SER H 242 -50.30 28.21 5.69
N ALA H 243 -51.18 27.49 6.38
CA ALA H 243 -52.24 26.73 5.72
C ALA H 243 -53.00 27.55 4.69
N LYS H 244 -53.06 28.86 4.91
CA LYS H 244 -53.77 29.77 4.02
C LYS H 244 -53.11 29.74 2.64
N HIS H 245 -51.78 29.83 2.65
CA HIS H 245 -50.98 29.82 1.44
C HIS H 245 -51.12 28.49 0.72
N VAL H 246 -50.84 27.41 1.46
CA VAL H 246 -50.94 26.07 0.90
C VAL H 246 -52.23 25.95 0.09
N ALA H 247 -53.32 26.45 0.67
CA ALA H 247 -54.63 26.42 0.02
C ALA H 247 -54.61 27.15 -1.32
N GLU H 248 -54.19 28.42 -1.29
CA GLU H 248 -54.12 29.24 -2.49
C GLU H 248 -53.28 28.56 -3.55
N VAL H 249 -52.18 27.94 -3.12
CA VAL H 249 -51.28 27.27 -4.03
C VAL H 249 -51.94 26.05 -4.66
N LYS H 250 -52.58 25.22 -3.84
CA LYS H 250 -53.24 24.03 -4.35
C LYS H 250 -54.25 24.35 -5.45
N GLU H 251 -54.89 25.51 -5.34
CA GLU H 251 -55.88 25.93 -6.33
C GLU H 251 -55.22 26.42 -7.60
N GLY H 252 -54.22 27.30 -7.46
CA GLY H 252 -53.53 27.79 -8.64
C GLY H 252 -53.07 26.61 -9.47
N LEU H 253 -52.61 25.56 -8.81
CA LEU H 253 -52.15 24.37 -9.50
C LEU H 253 -53.27 23.72 -10.30
N ASN H 254 -54.36 23.37 -9.61
CA ASN H 254 -55.48 22.74 -10.29
C ASN H 254 -55.97 23.65 -11.40
N LYS H 255 -56.01 24.95 -11.11
CA LYS H 255 -56.46 25.94 -12.08
C LYS H 255 -55.60 25.87 -13.33
N ALA H 256 -54.34 25.48 -13.15
CA ALA H 256 -53.41 25.37 -14.26
C ALA H 256 -53.46 23.98 -14.86
N GLY H 257 -54.15 23.07 -14.19
CA GLY H 257 -54.26 21.71 -14.68
C GLY H 257 -53.15 20.81 -14.19
N LEU H 258 -52.60 21.15 -13.03
CA LEU H 258 -51.50 20.37 -12.45
C LEU H 258 -51.90 19.85 -11.08
N PRO H 259 -51.34 18.70 -10.68
CA PRO H 259 -51.64 18.10 -9.39
C PRO H 259 -51.44 19.15 -8.28
N ALA H 260 -52.35 19.17 -7.31
CA ALA H 260 -52.24 20.13 -6.20
C ALA H 260 -51.33 19.53 -5.12
N GLN H 261 -50.03 19.62 -5.35
CA GLN H 261 -49.01 19.10 -4.44
C GLN H 261 -47.92 20.15 -4.28
N VAL H 262 -47.33 20.20 -3.09
CA VAL H 262 -46.30 21.18 -2.82
C VAL H 262 -45.27 20.69 -1.82
N ILE H 264 -42.60 22.19 1.02
CA ILE H 264 -42.39 23.40 1.82
C ILE H 264 -40.97 23.52 2.35
N ASP H 265 -40.36 24.66 2.08
CA ASP H 265 -38.99 24.92 2.53
C ASP H 265 -39.03 25.60 3.90
N PHE H 266 -38.66 24.87 4.94
CA PHE H 266 -38.66 25.41 6.30
C PHE H 266 -37.61 26.50 6.48
N SER H 267 -36.62 26.53 5.59
CA SER H 267 -35.56 27.53 5.70
C SER H 267 -35.74 28.72 4.77
N HIS H 268 -34.70 29.55 4.70
CA HIS H 268 -34.69 30.74 3.85
C HIS H 268 -35.79 31.74 4.19
N ALA H 269 -36.59 32.13 3.20
CA ALA H 269 -37.66 33.10 3.43
C ALA H 269 -38.77 32.64 4.40
N ASN H 270 -39.07 31.34 4.44
CA ASN H 270 -40.10 30.83 5.35
C ASN H 270 -39.58 30.81 6.79
N SER H 271 -38.26 30.83 6.92
CA SER H 271 -37.59 30.83 8.22
C SER H 271 -37.12 32.22 8.58
N SER H 272 -37.42 33.19 7.72
CA SER H 272 -37.04 34.58 7.94
C SER H 272 -35.54 34.68 8.17
N LYS H 273 -34.78 33.79 7.53
CA LYS H 273 -33.33 33.76 7.65
C LYS H 273 -32.88 33.53 9.10
N GLN H 274 -33.69 32.80 9.86
CA GLN H 274 -33.36 32.50 11.25
C GLN H 274 -33.45 30.99 11.42
N PHE H 275 -32.31 30.31 11.29
CA PHE H 275 -32.25 28.86 11.38
C PHE H 275 -33.06 28.24 12.51
N LYS H 276 -33.20 28.98 13.61
CA LYS H 276 -33.97 28.49 14.75
C LYS H 276 -35.44 28.33 14.34
N LYS H 277 -35.98 29.33 13.65
CA LYS H 277 -37.37 29.34 13.21
C LYS H 277 -37.79 28.18 12.31
N GLN H 278 -36.83 27.37 11.87
CA GLN H 278 -37.17 26.23 11.03
C GLN H 278 -37.96 25.24 11.90
N ASP H 280 -40.08 26.07 14.18
CA ASP H 280 -41.44 26.60 14.28
C ASP H 280 -42.24 26.24 13.04
N VAL H 281 -41.65 26.49 11.87
CA VAL H 281 -42.31 26.17 10.62
C VAL H 281 -42.68 24.69 10.62
N CYS H 282 -41.82 23.89 11.27
CA CYS H 282 -42.03 22.45 11.38
C CYS H 282 -43.31 22.20 12.18
N ALA H 283 -43.50 23.01 13.22
CA ALA H 283 -44.68 22.90 14.08
C ALA H 283 -45.94 23.09 13.23
N ASP H 284 -46.06 24.27 12.60
CA ASP H 284 -47.20 24.58 11.76
C ASP H 284 -47.44 23.55 10.65
N VAL H 285 -46.37 23.14 9.98
CA VAL H 285 -46.49 22.17 8.90
C VAL H 285 -46.83 20.76 9.39
N CYS H 286 -46.20 20.31 10.47
CA CYS H 286 -46.50 18.99 11.00
C CYS H 286 -47.99 18.91 11.30
N GLN H 287 -48.55 20.01 11.78
CA GLN H 287 -49.97 20.07 12.10
C GLN H 287 -50.81 19.88 10.85
N GLN H 288 -50.48 20.61 9.79
CA GLN H 288 -51.22 20.48 8.54
C GLN H 288 -51.22 19.05 8.06
N ILE H 289 -50.03 18.45 8.06
CA ILE H 289 -49.88 17.07 7.62
C ILE H 289 -50.67 16.15 8.54
N ALA H 290 -50.39 16.22 9.83
CA ALA H 290 -51.10 15.39 10.80
C ALA H 290 -52.60 15.61 10.64
N GLY H 291 -52.98 16.85 10.33
CA GLY H 291 -54.38 17.20 10.15
C GLY H 291 -54.99 16.79 8.81
N GLY H 292 -54.43 15.74 8.21
CA GLY H 292 -54.97 15.27 6.94
C GLY H 292 -54.57 15.99 5.66
N GLU H 293 -53.63 16.93 5.73
CA GLU H 293 -53.21 17.65 4.52
C GLU H 293 -52.35 16.74 3.64
N LYS H 294 -52.91 16.35 2.49
CA LYS H 294 -52.19 15.46 1.59
C LYS H 294 -51.42 16.15 0.47
N ALA H 295 -51.72 17.42 0.21
CA ALA H 295 -51.03 18.15 -0.85
C ALA H 295 -49.54 18.31 -0.54
N ILE H 296 -49.19 18.31 0.73
CA ILE H 296 -47.80 18.43 1.15
C ILE H 296 -47.06 17.10 0.93
N ILE H 297 -46.37 16.97 -0.20
CA ILE H 297 -45.65 15.74 -0.51
C ILE H 297 -44.20 15.76 -0.05
N GLY H 298 -43.73 16.93 0.39
CA GLY H 298 -42.36 17.00 0.85
C GLY H 298 -41.98 18.28 1.54
N VAL H 299 -40.85 18.26 2.23
CA VAL H 299 -40.33 19.43 2.93
C VAL H 299 -38.82 19.53 2.68
N VAL H 301 -35.20 21.08 4.60
CA VAL H 301 -34.61 21.63 5.82
C VAL H 301 -33.11 21.76 5.74
N GLU H 302 -32.60 22.95 6.04
CA GLU H 302 -31.15 23.17 6.04
C GLU H 302 -30.61 22.82 7.41
N SER H 303 -29.87 21.71 7.49
CA SER H 303 -29.30 21.27 8.76
C SER H 303 -27.89 20.70 8.56
N HIS H 304 -27.07 20.79 9.59
CA HIS H 304 -25.70 20.30 9.52
C HIS H 304 -25.38 19.54 10.79
N LEU H 305 -24.10 19.24 11.00
CA LEU H 305 -23.66 18.55 12.20
C LEU H 305 -23.79 19.51 13.38
N VAL H 306 -23.18 20.67 13.22
CA VAL H 306 -23.20 21.73 14.22
C VAL H 306 -24.12 22.84 13.71
N GLU H 307 -25.03 23.31 14.57
CA GLU H 307 -25.97 24.36 14.20
C GLU H 307 -25.30 25.71 13.95
N GLY H 308 -26.11 26.65 13.45
CA GLY H 308 -25.61 27.97 13.16
C GLY H 308 -24.83 28.00 11.86
N ASN H 309 -23.96 28.99 11.74
CA ASN H 309 -23.14 29.14 10.55
C ASN H 309 -21.98 30.06 10.89
N GLN H 310 -20.92 30.00 10.09
CA GLN H 310 -19.75 30.83 10.32
C GLN H 310 -19.34 31.57 9.06
N SER H 311 -18.30 32.38 9.18
CA SER H 311 -17.81 33.15 8.07
C SER H 311 -16.41 32.72 7.64
N LEU H 312 -16.28 32.38 6.36
CA LEU H 312 -15.00 31.98 5.82
C LEU H 312 -14.10 33.21 5.87
N GLU H 313 -14.69 34.36 5.61
CA GLU H 313 -13.97 35.63 5.62
C GLU H 313 -13.75 36.16 7.05
N SER H 314 -12.90 35.47 7.81
CA SER H 314 -12.61 35.89 9.18
C SER H 314 -11.12 35.81 9.50
N GLY H 315 -10.44 34.79 8.97
CA GLY H 315 -9.01 34.64 9.22
C GLY H 315 -8.70 33.50 10.16
N GLU H 316 -9.58 33.26 11.13
CA GLU H 316 -9.41 32.18 12.10
C GLU H 316 -10.08 30.91 11.55
N PRO H 317 -9.48 29.73 11.82
CA PRO H 317 -9.99 28.43 11.34
C PRO H 317 -11.51 28.28 11.34
N LEU H 318 -11.99 27.29 10.59
CA LEU H 318 -13.42 27.02 10.50
C LEU H 318 -13.80 25.89 11.44
N ALA H 319 -15.04 25.93 11.91
CA ALA H 319 -15.54 24.90 12.81
C ALA H 319 -15.87 23.68 11.95
N TYR H 320 -15.79 22.49 12.56
CA TYR H 320 -16.11 21.28 11.83
C TYR H 320 -17.62 21.10 11.77
N GLY H 321 -18.11 20.65 10.62
CA GLY H 321 -19.53 20.44 10.44
C GLY H 321 -20.38 21.66 10.75
N LYS H 322 -20.00 22.81 10.24
CA LYS H 322 -20.73 24.05 10.48
C LYS H 322 -20.79 24.92 9.20
N SER H 323 -21.99 25.07 8.66
CA SER H 323 -22.20 25.85 7.42
C SER H 323 -21.38 27.14 7.32
N ILE H 324 -21.00 27.49 6.09
CA ILE H 324 -20.25 28.73 5.86
C ILE H 324 -21.08 29.65 4.97
N THR H 325 -22.35 29.31 4.82
CA THR H 325 -23.30 30.10 4.04
C THR H 325 -24.51 30.37 4.94
N ASP H 326 -25.68 29.84 4.59
CA ASP H 326 -26.86 30.05 5.43
C ASP H 326 -26.75 29.26 6.72
N ALA H 327 -27.40 29.76 7.78
CA ALA H 327 -27.39 29.09 9.07
C ALA H 327 -28.30 27.86 9.02
N CYS H 328 -27.84 26.79 9.65
CA CYS H 328 -28.59 25.52 9.67
C CYS H 328 -28.82 25.06 11.10
N ILE H 329 -29.87 24.28 11.30
CA ILE H 329 -30.14 23.75 12.63
C ILE H 329 -29.11 22.65 12.89
N GLY H 330 -28.70 22.49 14.14
CA GLY H 330 -27.73 21.47 14.48
C GLY H 330 -28.29 20.08 14.22
N TRP H 331 -27.51 19.06 14.55
CA TRP H 331 -27.95 17.68 14.35
C TRP H 331 -29.00 17.25 15.38
N GLU H 332 -28.86 17.74 16.61
CA GLU H 332 -29.82 17.42 17.66
C GLU H 332 -31.22 17.77 17.19
N ASP H 333 -31.44 19.04 16.83
CA ASP H 333 -32.75 19.50 16.35
C ASP H 333 -33.20 18.71 15.14
N THR H 334 -32.24 18.34 14.28
CA THR H 334 -32.54 17.59 13.08
C THR H 334 -33.23 16.27 13.42
N ASP H 335 -32.59 15.47 14.26
CA ASP H 335 -33.15 14.19 14.67
C ASP H 335 -34.55 14.39 15.23
N ALA H 336 -34.70 15.45 16.02
CA ALA H 336 -35.98 15.77 16.62
C ALA H 336 -36.99 16.06 15.52
N LEU H 337 -36.72 17.13 14.76
CA LEU H 337 -37.58 17.57 13.66
C LEU H 337 -37.99 16.43 12.73
N LEU H 338 -37.06 15.53 12.43
CA LEU H 338 -37.34 14.42 11.54
C LEU H 338 -38.38 13.47 12.13
N ARG H 339 -38.24 13.18 13.42
CA ARG H 339 -39.18 12.31 14.10
C ARG H 339 -40.57 12.95 14.16
N GLN H 340 -40.62 14.26 14.39
CA GLN H 340 -41.91 14.97 14.43
C GLN H 340 -42.63 14.71 13.11
N LEU H 341 -41.94 15.02 12.01
CA LEU H 341 -42.48 14.82 10.67
C LEU H 341 -42.92 13.37 10.52
N ALA H 342 -42.11 12.45 11.03
CA ALA H 342 -42.42 11.03 10.95
C ALA H 342 -43.80 10.78 11.55
N ASN H 343 -44.01 11.28 12.77
CA ASN H 343 -45.28 11.10 13.47
C ASN H 343 -46.41 11.83 12.75
N ALA H 344 -46.15 13.06 12.34
CA ALA H 344 -47.15 13.86 11.62
C ALA H 344 -47.62 13.08 10.40
N VAL H 345 -46.71 12.33 9.79
CA VAL H 345 -47.04 11.53 8.62
C VAL H 345 -47.90 10.33 9.04
N LYS H 346 -47.61 9.80 10.23
CA LYS H 346 -48.38 8.67 10.77
C LYS H 346 -49.82 9.13 10.96
N ALA H 347 -49.96 10.30 11.58
CA ALA H 347 -51.24 10.91 11.85
C ALA H 347 -52.08 11.00 10.58
N ARG H 348 -51.59 11.75 9.59
CA ARG H 348 -52.30 11.92 8.33
C ARG H 348 -52.75 10.57 7.76
N ARG H 349 -52.07 9.51 8.18
CA ARG H 349 -52.33 8.16 7.72
C ARG H 349 -53.33 7.38 8.60
N GLY H 350 -52.81 6.73 9.64
CA GLY H 350 -53.67 5.96 10.53
C GLY H 350 -54.88 6.75 10.99
#